data_2MMV
#
_entry.id   2MMV
#
_entity_poly.entity_id   1
_entity_poly.type   'polypeptide(L)'
_entity_poly.pdbx_seq_one_letter_code
;GSHMTEQPKTRVSVRIYGQDYTIVGAESPAHIRLVAAFVDDKMHEFSEKQPMLDVPKLAVLTAVQIASEYLKLKEEYQRL
REQLKK
;
_entity_poly.pdbx_strand_id   A,B
#
# COMPACT_ATOMS: atom_id res chain seq x y z
N GLY A 1 -5.65 33.93 -23.59
CA GLY A 1 -6.09 32.66 -22.95
C GLY A 1 -6.75 32.91 -21.62
N SER A 2 -7.71 32.06 -21.29
CA SER A 2 -8.43 32.16 -20.02
C SER A 2 -8.09 30.99 -19.12
N HIS A 3 -8.54 31.03 -17.87
CA HIS A 3 -8.24 29.94 -16.94
C HIS A 3 -9.50 29.44 -16.26
N MET A 4 -9.50 28.17 -15.87
CA MET A 4 -10.65 27.55 -15.22
C MET A 4 -10.43 27.45 -13.72
N THR A 5 -11.48 27.75 -12.96
CA THR A 5 -11.43 27.70 -11.51
C THR A 5 -11.65 26.28 -10.98
N GLU A 6 -10.73 25.39 -11.29
CA GLU A 6 -10.82 24.01 -10.84
C GLU A 6 -9.52 23.55 -10.21
N GLN A 7 -9.60 22.61 -9.30
CA GLN A 7 -8.43 22.08 -8.62
C GLN A 7 -8.47 20.55 -8.64
N PRO A 8 -7.83 19.93 -9.65
CA PRO A 8 -7.81 18.47 -9.80
C PRO A 8 -6.78 17.81 -8.88
N LYS A 9 -6.64 16.49 -9.02
CA LYS A 9 -5.70 15.72 -8.21
C LYS A 9 -4.27 16.22 -8.46
N THR A 10 -3.65 16.76 -7.42
CA THR A 10 -2.29 17.26 -7.53
C THR A 10 -1.27 16.15 -7.36
N ARG A 11 -0.14 16.29 -8.03
CA ARG A 11 0.91 15.29 -7.96
C ARG A 11 2.12 15.87 -7.22
N VAL A 12 2.93 15.02 -6.65
CA VAL A 12 4.09 15.47 -5.91
C VAL A 12 5.29 14.53 -6.13
N SER A 13 6.49 15.11 -6.10
CA SER A 13 7.70 14.34 -6.27
C SER A 13 8.33 14.04 -4.91
N VAL A 14 8.43 12.75 -4.59
CA VAL A 14 9.01 12.33 -3.32
C VAL A 14 10.26 11.50 -3.55
N ARG A 15 10.97 11.17 -2.49
CA ARG A 15 12.19 10.38 -2.58
C ARG A 15 12.06 9.11 -1.75
N ILE A 16 12.10 7.96 -2.42
CA ILE A 16 12.00 6.67 -1.76
C ILE A 16 13.18 5.80 -2.15
N TYR A 17 13.87 5.27 -1.13
CA TYR A 17 15.03 4.40 -1.33
C TYR A 17 16.14 5.11 -2.13
N GLY A 18 16.14 6.44 -2.06
CA GLY A 18 17.15 7.22 -2.76
C GLY A 18 16.69 7.73 -4.12
N GLN A 19 15.65 7.12 -4.67
CA GLN A 19 15.15 7.53 -5.98
C GLN A 19 13.97 8.49 -5.85
N ASP A 20 13.80 9.37 -6.83
CA ASP A 20 12.71 10.34 -6.83
C ASP A 20 11.56 9.85 -7.70
N TYR A 21 10.34 10.00 -7.19
CA TYR A 21 9.14 9.57 -7.92
C TYR A 21 8.04 10.61 -7.81
N THR A 22 7.31 10.80 -8.90
CA THR A 22 6.21 11.77 -8.92
C THR A 22 4.87 11.04 -9.07
N ILE A 23 4.14 10.93 -7.97
CA ILE A 23 2.84 10.26 -7.99
C ILE A 23 1.74 11.21 -7.54
N VAL A 24 0.50 10.73 -7.60
CA VAL A 24 -0.64 11.54 -7.22
C VAL A 24 -0.85 11.49 -5.70
N GLY A 25 -0.84 12.66 -5.06
CA GLY A 25 -1.04 12.71 -3.63
C GLY A 25 -2.50 12.90 -3.27
N ALA A 26 -3.05 14.03 -3.69
CA ALA A 26 -4.45 14.36 -3.44
C ALA A 26 -4.79 14.39 -1.95
N GLU A 27 -3.98 15.11 -1.18
CA GLU A 27 -4.19 15.25 0.25
C GLU A 27 -3.25 16.32 0.80
N SER A 28 -3.36 16.60 2.09
CA SER A 28 -2.53 17.60 2.77
C SER A 28 -1.05 17.48 2.41
N PRO A 29 -0.37 18.63 2.23
CA PRO A 29 1.05 18.68 1.87
C PRO A 29 1.95 18.02 2.93
N ALA A 30 1.43 17.91 4.15
CA ALA A 30 2.18 17.30 5.23
C ALA A 30 1.94 15.80 5.27
N HIS A 31 0.81 15.39 4.68
CA HIS A 31 0.44 13.98 4.65
C HIS A 31 1.30 13.23 3.64
N ILE A 32 1.37 13.79 2.43
CA ILE A 32 2.15 13.20 1.35
C ILE A 32 3.62 13.02 1.75
N ARG A 33 4.07 13.80 2.74
CA ARG A 33 5.45 13.74 3.20
C ARG A 33 5.71 12.45 3.99
N LEU A 34 4.73 12.01 4.75
CA LEU A 34 4.89 10.80 5.55
C LEU A 34 4.62 9.54 4.73
N VAL A 35 3.95 9.71 3.58
CA VAL A 35 3.65 8.59 2.70
C VAL A 35 4.94 7.91 2.23
N ALA A 36 5.86 8.72 1.72
CA ALA A 36 7.14 8.22 1.23
C ALA A 36 7.96 7.62 2.35
N ALA A 37 8.00 8.30 3.48
CA ALA A 37 8.76 7.84 4.65
C ALA A 37 8.27 6.47 5.13
N PHE A 38 6.97 6.26 5.07
CA PHE A 38 6.36 5.01 5.50
C PHE A 38 6.86 3.84 4.64
N VAL A 39 6.92 4.05 3.34
CA VAL A 39 7.39 3.02 2.42
C VAL A 39 8.89 2.82 2.54
N ASP A 40 9.61 3.93 2.63
CA ASP A 40 11.07 3.91 2.75
C ASP A 40 11.50 3.16 4.00
N ASP A 41 10.86 3.49 5.13
CA ASP A 41 11.15 2.85 6.40
C ASP A 41 10.82 1.37 6.36
N LYS A 42 9.69 1.04 5.74
CA LYS A 42 9.25 -0.34 5.63
C LYS A 42 10.23 -1.15 4.79
N MET A 43 10.73 -0.54 3.72
CA MET A 43 11.70 -1.21 2.85
C MET A 43 13.01 -1.41 3.60
N HIS A 44 13.39 -0.42 4.38
CA HIS A 44 14.64 -0.48 5.14
C HIS A 44 14.61 -1.61 6.16
N GLU A 45 13.47 -1.78 6.85
CA GLU A 45 13.34 -2.82 7.86
C GLU A 45 13.35 -4.22 7.24
N PHE A 46 13.03 -4.32 5.96
CA PHE A 46 13.02 -5.61 5.28
C PHE A 46 14.33 -5.85 4.54
N SER A 47 15.04 -4.77 4.22
CA SER A 47 16.32 -4.85 3.53
C SER A 47 17.35 -5.57 4.40
N GLU A 48 17.26 -5.33 5.71
CA GLU A 48 18.17 -5.94 6.67
C GLU A 48 17.84 -7.41 6.90
N LYS A 49 16.62 -7.81 6.55
CA LYS A 49 16.21 -9.20 6.72
C LYS A 49 16.61 -10.03 5.52
N GLN A 50 16.69 -9.36 4.37
CA GLN A 50 17.07 -10.00 3.10
C GLN A 50 16.19 -11.21 2.80
N PRO A 51 14.90 -10.97 2.43
CA PRO A 51 13.97 -12.05 2.11
C PRO A 51 14.42 -12.87 0.91
N MET A 52 14.47 -12.24 -0.27
CA MET A 52 14.88 -12.92 -1.49
C MET A 52 16.22 -12.42 -1.97
N LEU A 53 16.82 -11.49 -1.22
CA LEU A 53 18.13 -10.91 -1.54
C LEU A 53 18.14 -10.23 -2.91
N ASP A 54 17.20 -9.33 -3.15
CA ASP A 54 17.12 -8.62 -4.42
C ASP A 54 16.34 -7.32 -4.26
N VAL A 55 16.68 -6.32 -5.07
CA VAL A 55 16.05 -5.00 -5.00
C VAL A 55 14.55 -5.03 -5.38
N PRO A 56 14.18 -5.56 -6.57
CA PRO A 56 12.76 -5.60 -6.99
C PRO A 56 11.91 -6.47 -6.07
N LYS A 57 12.53 -7.49 -5.47
CA LYS A 57 11.83 -8.39 -4.58
C LYS A 57 11.63 -7.73 -3.21
N LEU A 58 12.29 -6.61 -3.00
CA LEU A 58 12.18 -5.88 -1.74
C LEU A 58 11.00 -4.91 -1.78
N ALA A 59 10.94 -4.11 -2.84
CA ALA A 59 9.90 -3.11 -3.00
C ALA A 59 8.51 -3.74 -3.17
N VAL A 60 8.45 -4.85 -3.88
CA VAL A 60 7.17 -5.52 -4.10
C VAL A 60 6.66 -6.19 -2.83
N LEU A 61 7.59 -6.54 -1.94
CA LEU A 61 7.23 -7.19 -0.68
C LEU A 61 6.52 -6.19 0.23
N THR A 62 7.02 -4.97 0.26
CA THR A 62 6.45 -3.93 1.08
C THR A 62 5.10 -3.47 0.51
N ALA A 63 5.00 -3.45 -0.82
CA ALA A 63 3.79 -3.03 -1.50
C ALA A 63 2.60 -3.91 -1.12
N VAL A 64 2.80 -5.22 -1.15
CA VAL A 64 1.75 -6.16 -0.82
C VAL A 64 1.40 -6.15 0.67
N GLN A 65 2.39 -5.88 1.53
CA GLN A 65 2.14 -5.85 2.96
C GLN A 65 1.40 -4.58 3.35
N ILE A 66 1.77 -3.47 2.72
CA ILE A 66 1.13 -2.19 2.98
C ILE A 66 -0.35 -2.26 2.63
N ALA A 67 -0.64 -2.92 1.51
CA ALA A 67 -2.01 -3.07 1.05
C ALA A 67 -2.85 -3.92 2.01
N SER A 68 -2.28 -5.03 2.48
CA SER A 68 -2.99 -5.93 3.38
C SER A 68 -3.25 -5.29 4.75
N GLU A 69 -2.24 -4.63 5.30
CA GLU A 69 -2.37 -4.01 6.62
C GLU A 69 -3.35 -2.83 6.60
N TYR A 70 -3.65 -2.31 5.41
CA TYR A 70 -4.58 -1.19 5.30
C TYR A 70 -5.95 -1.66 4.86
N LEU A 71 -6.02 -2.81 4.19
CA LEU A 71 -7.29 -3.37 3.73
C LEU A 71 -8.16 -3.71 4.94
N LYS A 72 -7.53 -4.26 5.96
CA LYS A 72 -8.22 -4.63 7.20
C LYS A 72 -8.81 -3.41 7.90
N LEU A 73 -8.21 -2.25 7.65
CA LEU A 73 -8.67 -1.02 8.28
C LEU A 73 -9.93 -0.50 7.59
N LYS A 74 -9.89 -0.42 6.27
CA LYS A 74 -11.04 0.07 5.51
C LYS A 74 -12.20 -0.92 5.63
N GLU A 75 -11.87 -2.19 5.85
CA GLU A 75 -12.87 -3.24 6.00
C GLU A 75 -13.69 -3.01 7.27
N GLU A 76 -13.02 -2.61 8.34
CA GLU A 76 -13.68 -2.36 9.62
C GLU A 76 -14.72 -1.27 9.45
N TYR A 77 -14.38 -0.23 8.71
CA TYR A 77 -15.28 0.89 8.47
C TYR A 77 -16.57 0.42 7.82
N GLN A 78 -16.45 -0.52 6.90
CA GLN A 78 -17.60 -1.05 6.19
C GLN A 78 -18.47 -1.91 7.10
N ARG A 79 -17.82 -2.65 7.98
CA ARG A 79 -18.54 -3.55 8.89
C ARG A 79 -19.18 -2.75 10.03
N LEU A 80 -18.47 -1.74 10.49
CA LEU A 80 -18.93 -0.90 11.57
C LEU A 80 -20.17 -0.10 11.18
N ARG A 81 -20.14 0.50 9.99
CA ARG A 81 -21.26 1.30 9.53
C ARG A 81 -22.47 0.44 9.19
N GLU A 82 -22.24 -0.77 8.73
CA GLU A 82 -23.34 -1.67 8.38
C GLU A 82 -24.05 -2.13 9.65
N GLN A 83 -23.30 -2.23 10.74
CA GLN A 83 -23.86 -2.65 12.01
C GLN A 83 -24.66 -1.51 12.64
N LEU A 84 -24.29 -0.29 12.28
CA LEU A 84 -24.98 0.90 12.79
C LEU A 84 -26.30 1.09 12.05
N LYS A 85 -26.37 0.54 10.85
CA LYS A 85 -27.58 0.63 10.05
C LYS A 85 -28.55 -0.48 10.39
N LYS A 86 -28.12 -1.39 11.25
CA LYS A 86 -28.95 -2.51 11.65
C LYS A 86 -29.66 -2.18 12.96
N GLY B 1 4.39 -33.87 24.98
CA GLY B 1 3.69 -33.10 23.93
C GLY B 1 2.59 -32.22 24.50
N SER B 2 2.45 -31.02 23.95
CA SER B 2 1.44 -30.08 24.40
C SER B 2 1.07 -29.13 23.26
N HIS B 3 -0.18 -28.65 23.27
CA HIS B 3 -0.65 -27.75 22.24
C HIS B 3 -1.42 -26.59 22.84
N MET B 4 -0.93 -25.38 22.60
CA MET B 4 -1.57 -24.18 23.12
C MET B 4 -2.70 -23.76 22.19
N THR B 5 -3.86 -23.49 22.76
CA THR B 5 -5.01 -23.07 21.98
C THR B 5 -4.95 -21.57 21.65
N GLU B 6 -4.16 -21.24 20.64
CA GLU B 6 -3.99 -19.86 20.23
C GLU B 6 -4.12 -19.74 18.71
N GLN B 7 -4.39 -18.53 18.24
CA GLN B 7 -4.52 -18.28 16.82
C GLN B 7 -3.84 -16.96 16.44
N PRO B 8 -2.53 -17.01 16.15
CA PRO B 8 -1.78 -15.82 15.76
C PRO B 8 -2.04 -15.44 14.30
N LYS B 9 -1.36 -14.40 13.82
CA LYS B 9 -1.52 -13.96 12.45
C LYS B 9 -0.92 -14.98 11.49
N THR B 10 -1.76 -15.55 10.63
CA THR B 10 -1.29 -16.53 9.67
C THR B 10 -0.64 -15.85 8.47
N ARG B 11 0.20 -16.60 7.75
CA ARG B 11 0.88 -16.07 6.59
C ARG B 11 0.38 -16.77 5.34
N VAL B 12 0.46 -16.09 4.21
CA VAL B 12 -0.02 -16.65 2.96
C VAL B 12 0.98 -16.44 1.82
N SER B 13 1.05 -17.43 0.92
CA SER B 13 1.94 -17.36 -0.23
C SER B 13 1.12 -17.07 -1.49
N VAL B 14 1.54 -16.07 -2.25
CA VAL B 14 0.84 -15.69 -3.46
C VAL B 14 1.83 -15.37 -4.58
N ARG B 15 1.34 -15.36 -5.81
CA ARG B 15 2.18 -15.07 -6.97
C ARG B 15 2.02 -13.63 -7.42
N ILE B 16 2.98 -12.79 -7.08
CA ILE B 16 2.94 -11.38 -7.45
C ILE B 16 3.94 -11.08 -8.55
N TYR B 17 3.42 -10.62 -9.68
CA TYR B 17 4.23 -10.26 -10.85
C TYR B 17 4.99 -11.47 -11.42
N GLY B 18 4.55 -12.67 -11.05
CA GLY B 18 5.18 -13.87 -11.55
C GLY B 18 5.97 -14.63 -10.49
N GLN B 19 6.35 -13.96 -9.43
CA GLN B 19 7.13 -14.61 -8.37
C GLN B 19 6.26 -14.89 -7.15
N ASP B 20 6.64 -15.92 -6.40
CA ASP B 20 5.91 -16.31 -5.20
C ASP B 20 6.44 -15.60 -3.97
N TYR B 21 5.55 -15.04 -3.17
CA TYR B 21 5.93 -14.35 -1.96
C TYR B 21 5.02 -14.74 -0.80
N THR B 22 5.59 -14.88 0.38
CA THR B 22 4.83 -15.24 1.56
C THR B 22 4.81 -14.07 2.54
N ILE B 23 3.63 -13.53 2.77
CA ILE B 23 3.46 -12.39 3.65
C ILE B 23 2.36 -12.64 4.67
N VAL B 24 2.20 -11.72 5.60
CA VAL B 24 1.18 -11.85 6.63
C VAL B 24 -0.21 -11.52 6.08
N GLY B 25 -1.15 -12.42 6.29
CA GLY B 25 -2.51 -12.21 5.82
C GLY B 25 -3.50 -12.99 6.65
N ALA B 26 -3.91 -12.41 7.77
CA ALA B 26 -4.84 -13.06 8.68
C ALA B 26 -6.25 -12.51 8.54
N GLU B 27 -6.51 -11.84 7.44
CA GLU B 27 -7.83 -11.27 7.20
C GLU B 27 -8.84 -12.36 6.84
N SER B 28 -8.78 -12.85 5.61
CA SER B 28 -9.68 -13.90 5.16
C SER B 28 -9.14 -14.53 3.88
N PRO B 29 -9.43 -15.82 3.65
CA PRO B 29 -8.97 -16.58 2.48
C PRO B 29 -9.26 -15.87 1.15
N ALA B 30 -10.47 -15.36 1.00
CA ALA B 30 -10.86 -14.69 -0.24
C ALA B 30 -10.25 -13.28 -0.32
N HIS B 31 -10.20 -12.58 0.80
CA HIS B 31 -9.66 -11.22 0.84
C HIS B 31 -8.17 -11.21 0.49
N ILE B 32 -7.43 -12.16 1.02
CA ILE B 32 -5.98 -12.23 0.78
C ILE B 32 -5.65 -12.54 -0.68
N ARG B 33 -6.63 -13.07 -1.42
CA ARG B 33 -6.42 -13.41 -2.83
C ARG B 33 -6.38 -12.16 -3.70
N LEU B 34 -7.20 -11.18 -3.36
CA LEU B 34 -7.25 -9.95 -4.14
C LEU B 34 -6.12 -9.00 -3.78
N VAL B 35 -5.46 -9.26 -2.66
CA VAL B 35 -4.34 -8.41 -2.23
C VAL B 35 -3.20 -8.49 -3.23
N ALA B 36 -2.84 -9.71 -3.61
CA ALA B 36 -1.78 -9.93 -4.57
C ALA B 36 -2.18 -9.39 -5.94
N ALA B 37 -3.43 -9.64 -6.31
CA ALA B 37 -3.97 -9.19 -7.58
C ALA B 37 -3.98 -7.67 -7.67
N PHE B 38 -4.17 -7.01 -6.53
CA PHE B 38 -4.20 -5.55 -6.48
C PHE B 38 -2.85 -4.97 -6.90
N VAL B 39 -1.78 -5.53 -6.35
CA VAL B 39 -0.43 -5.08 -6.66
C VAL B 39 -0.05 -5.52 -8.07
N ASP B 40 -0.36 -6.77 -8.39
CA ASP B 40 -0.06 -7.34 -9.69
C ASP B 40 -0.71 -6.53 -10.80
N ASP B 41 -1.97 -6.19 -10.62
CA ASP B 41 -2.73 -5.41 -11.60
C ASP B 41 -2.17 -4.01 -11.73
N LYS B 42 -1.96 -3.34 -10.59
CA LYS B 42 -1.44 -1.98 -10.59
C LYS B 42 -0.03 -1.93 -11.20
N MET B 43 0.78 -2.94 -10.94
CA MET B 43 2.13 -2.99 -11.50
C MET B 43 2.08 -3.22 -13.00
N HIS B 44 1.18 -4.10 -13.42
CA HIS B 44 1.03 -4.43 -14.84
C HIS B 44 0.55 -3.22 -15.64
N GLU B 45 -0.38 -2.46 -15.07
CA GLU B 45 -0.91 -1.30 -15.75
C GLU B 45 0.14 -0.19 -15.87
N PHE B 46 1.09 -0.17 -14.95
CA PHE B 46 2.16 0.83 -14.96
C PHE B 46 3.32 0.37 -15.83
N SER B 47 3.42 -0.94 -16.05
CA SER B 47 4.48 -1.52 -16.87
C SER B 47 4.44 -1.00 -18.30
N GLU B 48 3.25 -0.63 -18.78
CA GLU B 48 3.10 -0.14 -20.13
C GLU B 48 3.37 1.37 -20.22
N LYS B 49 3.37 2.03 -19.06
CA LYS B 49 3.62 3.48 -19.02
C LYS B 49 5.11 3.75 -19.07
N GLN B 50 5.89 2.80 -18.53
CA GLN B 50 7.34 2.90 -18.50
C GLN B 50 7.82 4.22 -17.88
N PRO B 51 7.46 4.49 -16.63
CA PRO B 51 7.84 5.73 -15.96
C PRO B 51 9.34 5.81 -15.70
N MET B 52 9.91 4.73 -15.17
CA MET B 52 11.33 4.69 -14.88
C MET B 52 12.06 3.64 -15.73
N LEU B 53 11.30 2.89 -16.54
CA LEU B 53 11.86 1.85 -17.39
C LEU B 53 12.72 0.90 -16.57
N ASP B 54 12.16 0.45 -15.44
CA ASP B 54 12.87 -0.44 -14.54
C ASP B 54 11.86 -1.19 -13.66
N VAL B 55 12.14 -2.45 -13.36
CA VAL B 55 11.24 -3.25 -12.54
C VAL B 55 11.25 -2.84 -11.05
N PRO B 56 12.43 -2.78 -10.39
CA PRO B 56 12.51 -2.37 -8.97
C PRO B 56 11.83 -1.03 -8.72
N LYS B 57 12.08 -0.08 -9.60
CA LYS B 57 11.51 1.26 -9.50
C LYS B 57 9.99 1.21 -9.66
N LEU B 58 9.52 0.27 -10.46
CA LEU B 58 8.10 0.12 -10.72
C LEU B 58 7.38 -0.45 -9.50
N ALA B 59 8.00 -1.43 -8.85
CA ALA B 59 7.44 -2.08 -7.68
C ALA B 59 7.24 -1.10 -6.52
N VAL B 60 8.19 -0.20 -6.33
CA VAL B 60 8.10 0.77 -5.26
C VAL B 60 7.19 1.93 -5.66
N LEU B 61 7.05 2.14 -6.96
CA LEU B 61 6.20 3.20 -7.49
C LEU B 61 4.74 2.92 -7.15
N THR B 62 4.35 1.67 -7.33
CA THR B 62 2.99 1.26 -7.04
C THR B 62 2.75 1.21 -5.52
N ALA B 63 3.80 0.86 -4.78
CA ALA B 63 3.72 0.77 -3.32
C ALA B 63 3.30 2.10 -2.72
N VAL B 64 3.99 3.17 -3.10
CA VAL B 64 3.68 4.49 -2.58
C VAL B 64 2.32 4.97 -3.08
N GLN B 65 1.94 4.54 -4.28
CA GLN B 65 0.67 4.93 -4.86
C GLN B 65 -0.48 4.30 -4.06
N ILE B 66 -0.36 3.01 -3.78
CA ILE B 66 -1.36 2.28 -3.02
C ILE B 66 -1.54 2.92 -1.64
N ALA B 67 -0.42 3.24 -1.00
CA ALA B 67 -0.44 3.85 0.31
C ALA B 67 -1.16 5.20 0.30
N SER B 68 -0.90 6.00 -0.73
CA SER B 68 -1.51 7.32 -0.85
C SER B 68 -3.03 7.26 -0.95
N GLU B 69 -3.54 6.34 -1.77
CA GLU B 69 -4.99 6.22 -1.97
C GLU B 69 -5.68 5.53 -0.79
N TYR B 70 -4.92 4.86 0.06
CA TYR B 70 -5.50 4.16 1.21
C TYR B 70 -5.32 4.94 2.52
N LEU B 71 -4.26 5.73 2.61
CA LEU B 71 -3.99 6.52 3.80
C LEU B 71 -5.06 7.59 4.01
N LYS B 72 -5.51 8.21 2.93
CA LYS B 72 -6.53 9.24 3.01
C LYS B 72 -7.87 8.62 3.39
N LEU B 73 -8.02 7.33 3.13
CA LEU B 73 -9.26 6.61 3.45
C LEU B 73 -9.38 6.41 4.96
N LYS B 74 -8.31 5.94 5.59
CA LYS B 74 -8.33 5.72 7.04
C LYS B 74 -8.44 7.06 7.77
N GLU B 75 -7.99 8.12 7.12
CA GLU B 75 -8.06 9.45 7.69
C GLU B 75 -9.49 9.94 7.72
N GLU B 76 -10.16 9.85 6.57
CA GLU B 76 -11.56 10.27 6.46
C GLU B 76 -12.39 9.53 7.50
N TYR B 77 -12.07 8.25 7.66
CA TYR B 77 -12.74 7.38 8.63
C TYR B 77 -12.69 8.00 10.03
N GLN B 78 -11.50 8.45 10.41
CA GLN B 78 -11.30 9.04 11.72
C GLN B 78 -11.98 10.41 11.85
N ARG B 79 -12.10 11.12 10.75
CA ARG B 79 -12.70 12.45 10.76
C ARG B 79 -14.21 12.38 11.01
N LEU B 80 -14.89 11.55 10.24
CA LEU B 80 -16.35 11.42 10.39
C LEU B 80 -16.71 10.79 11.73
N ARG B 81 -15.82 9.97 12.26
CA ARG B 81 -16.07 9.30 13.53
C ARG B 81 -15.87 10.27 14.70
N GLU B 82 -14.92 11.19 14.56
CA GLU B 82 -14.66 12.16 15.61
C GLU B 82 -15.77 13.19 15.70
N GLN B 83 -16.34 13.54 14.54
CA GLN B 83 -17.42 14.53 14.50
C GLN B 83 -18.72 13.92 15.04
N LEU B 84 -18.76 12.60 15.11
CA LEU B 84 -19.92 11.89 15.62
C LEU B 84 -19.84 11.78 17.13
N LYS B 85 -18.73 12.26 17.68
CA LYS B 85 -18.51 12.22 19.12
C LYS B 85 -18.53 13.63 19.68
N LYS B 86 -19.10 14.56 18.92
CA LYS B 86 -19.19 15.95 19.36
C LYS B 86 -20.53 16.21 20.02
N GLY A 1 -7.61 27.92 -27.39
CA GLY A 1 -8.68 26.91 -27.24
C GLY A 1 -9.53 27.15 -26.02
N SER A 2 -9.14 26.54 -24.91
CA SER A 2 -9.86 26.71 -23.66
C SER A 2 -9.40 27.99 -22.96
N HIS A 3 -10.27 29.00 -22.95
CA HIS A 3 -9.95 30.27 -22.32
C HIS A 3 -10.19 30.19 -20.82
N MET A 4 -10.90 29.15 -20.40
CA MET A 4 -11.20 28.93 -18.99
C MET A 4 -9.99 28.32 -18.28
N THR A 5 -10.04 28.32 -16.95
CA THR A 5 -8.97 27.77 -16.15
C THR A 5 -9.30 26.36 -15.69
N GLU A 6 -8.52 25.38 -16.14
CA GLU A 6 -8.72 23.99 -15.78
C GLU A 6 -7.89 23.64 -14.55
N GLN A 7 -8.45 22.80 -13.69
CA GLN A 7 -7.76 22.37 -12.48
C GLN A 7 -7.36 20.90 -12.61
N PRO A 8 -6.09 20.64 -12.96
CA PRO A 8 -5.58 19.28 -13.14
C PRO A 8 -4.99 18.70 -11.85
N LYS A 9 -4.47 17.48 -11.97
CA LYS A 9 -3.86 16.80 -10.84
C LYS A 9 -2.40 17.25 -10.68
N THR A 10 -1.97 17.40 -9.44
CA THR A 10 -0.60 17.83 -9.17
C THR A 10 0.27 16.64 -8.77
N ARG A 11 1.56 16.76 -9.04
CA ARG A 11 2.51 15.71 -8.70
C ARG A 11 3.48 16.20 -7.64
N VAL A 12 4.05 15.25 -6.90
CA VAL A 12 4.99 15.58 -5.84
C VAL A 12 6.22 14.67 -5.93
N SER A 13 7.39 15.24 -5.69
CA SER A 13 8.62 14.46 -5.73
C SER A 13 9.08 14.15 -4.30
N VAL A 14 9.00 12.88 -3.93
CA VAL A 14 9.41 12.46 -2.59
C VAL A 14 10.68 11.62 -2.66
N ARG A 15 11.23 11.26 -1.51
CA ARG A 15 12.45 10.46 -1.48
C ARG A 15 12.24 9.18 -0.68
N ILE A 16 12.50 8.04 -1.32
CA ILE A 16 12.35 6.73 -0.68
C ILE A 16 13.58 5.87 -0.96
N TYR A 17 14.19 5.37 0.12
CA TYR A 17 15.38 4.52 0.04
C TYR A 17 16.56 5.28 -0.56
N GLY A 18 16.49 6.60 -0.50
CA GLY A 18 17.56 7.44 -1.02
C GLY A 18 17.28 7.95 -2.42
N GLN A 19 16.31 7.35 -3.11
CA GLN A 19 15.97 7.77 -4.46
C GLN A 19 14.72 8.63 -4.46
N ASP A 20 14.63 9.54 -5.41
CA ASP A 20 13.48 10.42 -5.54
C ASP A 20 12.44 9.83 -6.49
N TYR A 21 11.18 9.99 -6.15
CA TYR A 21 10.08 9.47 -6.96
C TYR A 21 8.96 10.47 -7.08
N THR A 22 8.43 10.62 -8.29
CA THR A 22 7.33 11.53 -8.54
C THR A 22 6.00 10.77 -8.47
N ILE A 23 5.13 11.20 -7.58
CA ILE A 23 3.83 10.56 -7.42
C ILE A 23 2.71 11.59 -7.48
N VAL A 24 1.47 11.12 -7.55
CA VAL A 24 0.32 12.01 -7.63
C VAL A 24 -0.26 12.28 -6.26
N GLY A 25 -0.14 13.52 -5.80
CA GLY A 25 -0.64 13.89 -4.49
C GLY A 25 -1.63 15.03 -4.58
N ALA A 26 -2.84 14.72 -5.05
CA ALA A 26 -3.88 15.72 -5.18
C ALA A 26 -4.81 15.74 -3.97
N GLU A 27 -4.38 15.09 -2.90
CA GLU A 27 -5.18 15.04 -1.68
C GLU A 27 -4.75 16.16 -0.71
N SER A 28 -3.52 16.08 -0.24
CA SER A 28 -2.98 17.09 0.68
C SER A 28 -1.46 17.02 0.72
N PRO A 29 -0.79 18.18 0.78
CA PRO A 29 0.67 18.25 0.84
C PRO A 29 1.23 17.71 2.17
N ALA A 30 0.34 17.42 3.10
CA ALA A 30 0.73 16.92 4.41
C ALA A 30 0.86 15.41 4.41
N HIS A 31 -0.19 14.72 3.97
CA HIS A 31 -0.19 13.25 3.95
C HIS A 31 0.87 12.71 3.00
N ILE A 32 0.96 13.30 1.82
CA ILE A 32 1.92 12.86 0.80
C ILE A 32 3.37 13.12 1.23
N ARG A 33 3.55 13.79 2.36
CA ARG A 33 4.87 14.08 2.87
C ARG A 33 5.35 12.96 3.81
N LEU A 34 4.38 12.24 4.38
CA LEU A 34 4.71 11.16 5.32
C LEU A 34 4.60 9.78 4.69
N VAL A 35 3.86 9.68 3.58
CA VAL A 35 3.69 8.39 2.90
C VAL A 35 5.02 7.80 2.43
N ALA A 36 5.95 8.68 2.07
CA ALA A 36 7.26 8.27 1.60
C ALA A 36 8.06 7.61 2.72
N ALA A 37 8.09 8.27 3.88
CA ALA A 37 8.81 7.77 5.04
C ALA A 37 8.20 6.45 5.52
N PHE A 38 6.90 6.31 5.33
CA PHE A 38 6.18 5.11 5.72
C PHE A 38 6.72 3.89 4.97
N VAL A 39 6.78 4.01 3.65
CA VAL A 39 7.26 2.93 2.80
C VAL A 39 8.77 2.73 2.98
N ASP A 40 9.48 3.83 3.21
CA ASP A 40 10.92 3.79 3.41
C ASP A 40 11.26 2.87 4.57
N ASP A 41 10.50 2.99 5.65
CA ASP A 41 10.68 2.17 6.83
C ASP A 41 10.35 0.72 6.54
N LYS A 42 9.23 0.52 5.84
CA LYS A 42 8.77 -0.81 5.48
C LYS A 42 9.83 -1.56 4.68
N MET A 43 10.32 -0.96 3.60
CA MET A 43 11.33 -1.59 2.76
C MET A 43 12.60 -1.87 3.57
N HIS A 44 12.90 -0.98 4.51
CA HIS A 44 14.09 -1.12 5.34
C HIS A 44 13.96 -2.33 6.28
N GLU A 45 12.78 -2.53 6.85
CA GLU A 45 12.55 -3.62 7.79
C GLU A 45 12.39 -4.96 7.05
N PHE A 46 11.89 -4.93 5.82
CA PHE A 46 11.71 -6.16 5.06
C PHE A 46 13.04 -6.63 4.48
N SER A 47 13.98 -5.70 4.37
CA SER A 47 15.31 -6.00 3.85
C SER A 47 16.04 -7.00 4.75
N GLU A 48 15.83 -6.88 6.06
CA GLU A 48 16.49 -7.78 7.01
C GLU A 48 15.80 -9.15 7.03
N LYS A 49 14.59 -9.21 6.48
CA LYS A 49 13.84 -10.46 6.42
C LYS A 49 14.43 -11.39 5.38
N GLN A 50 14.96 -10.82 4.32
CA GLN A 50 15.57 -11.59 3.22
C GLN A 50 14.57 -12.58 2.63
N PRO A 51 13.58 -12.10 1.87
CA PRO A 51 12.57 -12.95 1.26
C PRO A 51 13.10 -13.63 0.01
N MET A 52 13.32 -12.85 -1.03
CA MET A 52 13.81 -13.37 -2.30
C MET A 52 15.29 -13.00 -2.50
N LEU A 53 15.84 -12.30 -1.51
CA LEU A 53 17.23 -11.87 -1.53
C LEU A 53 17.56 -11.04 -2.77
N ASP A 54 16.64 -10.19 -3.18
CA ASP A 54 16.83 -9.35 -4.35
C ASP A 54 16.14 -8.02 -4.15
N VAL A 55 16.70 -6.95 -4.73
CA VAL A 55 16.15 -5.61 -4.58
C VAL A 55 14.76 -5.45 -5.22
N PRO A 56 14.59 -5.70 -6.54
CA PRO A 56 13.29 -5.56 -7.20
C PRO A 56 12.23 -6.48 -6.60
N LYS A 57 12.67 -7.59 -6.01
CA LYS A 57 11.78 -8.56 -5.42
C LYS A 57 11.42 -8.19 -3.98
N LEU A 58 12.07 -7.15 -3.47
CA LEU A 58 11.82 -6.68 -2.11
C LEU A 58 10.72 -5.62 -2.12
N ALA A 59 10.76 -4.76 -3.13
CA ALA A 59 9.78 -3.70 -3.27
C ALA A 59 8.38 -4.27 -3.48
N VAL A 60 8.28 -5.32 -4.28
CA VAL A 60 6.99 -5.96 -4.54
C VAL A 60 6.42 -6.56 -3.27
N LEU A 61 7.29 -7.08 -2.41
CA LEU A 61 6.87 -7.68 -1.15
C LEU A 61 6.33 -6.59 -0.23
N THR A 62 7.00 -5.46 -0.23
CA THR A 62 6.61 -4.34 0.59
C THR A 62 5.26 -3.77 0.13
N ALA A 63 5.10 -3.70 -1.19
CA ALA A 63 3.88 -3.17 -1.80
C ALA A 63 2.65 -3.99 -1.43
N VAL A 64 2.75 -5.31 -1.61
CA VAL A 64 1.62 -6.19 -1.30
C VAL A 64 1.31 -6.21 0.20
N GLN A 65 2.36 -6.13 1.03
CA GLN A 65 2.16 -6.13 2.48
C GLN A 65 1.34 -4.94 2.91
N ILE A 66 1.71 -3.75 2.43
CA ILE A 66 1.01 -2.52 2.76
C ILE A 66 -0.47 -2.63 2.37
N ALA A 67 -0.73 -3.27 1.24
CA ALA A 67 -2.10 -3.46 0.76
C ALA A 67 -2.93 -4.22 1.78
N SER A 68 -2.44 -5.39 2.20
CA SER A 68 -3.15 -6.20 3.18
C SER A 68 -3.28 -5.48 4.52
N GLU A 69 -2.24 -4.74 4.89
CA GLU A 69 -2.21 -4.00 6.15
C GLU A 69 -3.28 -2.91 6.18
N TYR A 70 -3.64 -2.40 5.01
CA TYR A 70 -4.64 -1.34 4.92
C TYR A 70 -6.01 -1.88 4.50
N LEU A 71 -6.03 -3.06 3.90
CA LEU A 71 -7.30 -3.67 3.45
C LEU A 71 -8.17 -3.99 4.66
N LYS A 72 -7.55 -4.43 5.75
CA LYS A 72 -8.28 -4.75 6.97
C LYS A 72 -8.78 -3.49 7.66
N LEU A 73 -8.16 -2.36 7.32
CA LEU A 73 -8.52 -1.08 7.92
C LEU A 73 -9.84 -0.58 7.33
N LYS A 74 -10.03 -0.78 6.03
CA LYS A 74 -11.27 -0.35 5.40
C LYS A 74 -12.37 -1.36 5.67
N GLU A 75 -11.96 -2.59 5.99
CA GLU A 75 -12.91 -3.66 6.29
C GLU A 75 -13.64 -3.36 7.60
N GLU A 76 -12.88 -2.99 8.63
CA GLU A 76 -13.46 -2.68 9.92
C GLU A 76 -14.35 -1.45 9.84
N TYR A 77 -14.04 -0.56 8.90
CA TYR A 77 -14.81 0.66 8.71
C TYR A 77 -16.26 0.34 8.35
N GLN A 78 -16.45 -0.45 7.31
CA GLN A 78 -17.79 -0.81 6.87
C GLN A 78 -18.47 -1.74 7.88
N ARG A 79 -17.66 -2.50 8.60
CA ARG A 79 -18.18 -3.45 9.59
C ARG A 79 -18.72 -2.69 10.80
N LEU A 80 -18.04 -1.61 11.13
CA LEU A 80 -18.43 -0.78 12.26
C LEU A 80 -19.74 -0.04 11.95
N ARG A 81 -19.81 0.51 10.75
CA ARG A 81 -20.97 1.27 10.31
C ARG A 81 -22.21 0.38 10.18
N GLU A 82 -22.06 -0.77 9.54
CA GLU A 82 -23.20 -1.67 9.33
C GLU A 82 -23.73 -2.23 10.65
N GLN A 83 -22.85 -2.41 11.62
CA GLN A 83 -23.25 -2.93 12.92
C GLN A 83 -24.09 -1.92 13.68
N LEU A 84 -23.96 -0.65 13.29
CA LEU A 84 -24.69 0.42 13.92
C LEU A 84 -25.94 0.77 13.11
N LYS A 85 -25.80 0.78 11.79
CA LYS A 85 -26.90 1.12 10.89
C LYS A 85 -27.94 0.01 10.83
N LYS A 86 -27.49 -1.21 10.58
CA LYS A 86 -28.40 -2.36 10.49
C LYS A 86 -28.81 -2.84 11.87
N GLY B 1 8.15 -27.53 28.33
CA GLY B 1 7.39 -26.27 28.48
C GLY B 1 5.93 -26.44 28.09
N SER B 2 5.38 -25.41 27.47
CA SER B 2 3.99 -25.42 27.03
C SER B 2 3.70 -26.64 26.14
N HIS B 3 2.61 -27.34 26.41
CA HIS B 3 2.24 -28.51 25.64
C HIS B 3 1.53 -28.13 24.35
N MET B 4 0.50 -27.31 24.45
CA MET B 4 -0.25 -26.91 23.25
C MET B 4 -0.65 -25.43 23.28
N THR B 5 -0.06 -24.67 24.19
CA THR B 5 -0.37 -23.25 24.30
C THR B 5 0.45 -22.43 23.30
N GLU B 6 0.05 -22.45 22.04
CA GLU B 6 0.75 -21.72 20.99
C GLU B 6 -0.21 -21.27 19.89
N GLN B 7 -0.16 -19.99 19.57
CA GLN B 7 -1.00 -19.41 18.53
C GLN B 7 -0.24 -18.31 17.79
N PRO B 8 0.48 -18.68 16.73
CA PRO B 8 1.24 -17.73 15.93
C PRO B 8 0.42 -17.16 14.77
N LYS B 9 1.06 -16.31 13.96
CA LYS B 9 0.39 -15.72 12.81
C LYS B 9 0.46 -16.67 11.62
N THR B 10 -0.31 -16.38 10.58
CA THR B 10 -0.32 -17.23 9.41
C THR B 10 0.14 -16.44 8.18
N ARG B 11 0.78 -17.13 7.26
CA ARG B 11 1.29 -16.51 6.05
C ARG B 11 0.67 -17.18 4.82
N VAL B 12 0.56 -16.44 3.74
CA VAL B 12 -0.04 -16.97 2.52
C VAL B 12 0.87 -16.75 1.32
N SER B 13 0.81 -17.66 0.36
CA SER B 13 1.62 -17.57 -0.85
C SER B 13 0.75 -17.13 -2.03
N VAL B 14 1.15 -16.07 -2.71
CA VAL B 14 0.41 -15.55 -3.84
C VAL B 14 1.35 -15.26 -5.02
N ARG B 15 0.78 -15.00 -6.19
CA ARG B 15 1.57 -14.71 -7.37
C ARG B 15 1.38 -13.26 -7.80
N ILE B 16 2.47 -12.50 -7.83
CA ILE B 16 2.42 -11.09 -8.22
C ILE B 16 3.49 -10.77 -9.24
N TYR B 17 3.08 -10.14 -10.34
CA TYR B 17 4.00 -9.75 -11.42
C TYR B 17 4.68 -10.96 -12.05
N GLY B 18 4.02 -12.11 -11.95
CA GLY B 18 4.56 -13.32 -12.54
C GLY B 18 5.21 -14.25 -11.52
N GLN B 19 5.92 -13.69 -10.56
CA GLN B 19 6.59 -14.49 -9.55
C GLN B 19 5.70 -14.73 -8.34
N ASP B 20 6.06 -15.69 -7.50
CA ASP B 20 5.30 -16.01 -6.31
C ASP B 20 6.00 -15.48 -5.06
N TYR B 21 5.19 -14.99 -4.12
CA TYR B 21 5.72 -14.43 -2.89
C TYR B 21 4.88 -14.88 -1.70
N THR B 22 5.48 -14.89 -0.52
CA THR B 22 4.79 -15.28 0.70
C THR B 22 4.72 -14.11 1.66
N ILE B 23 3.53 -13.72 2.07
CA ILE B 23 3.35 -12.60 2.97
C ILE B 23 2.43 -12.99 4.12
N VAL B 24 2.23 -12.06 5.05
CA VAL B 24 1.39 -12.29 6.21
C VAL B 24 -0.08 -12.08 5.86
N GLY B 25 -0.91 -13.07 6.16
CA GLY B 25 -2.33 -12.97 5.87
C GLY B 25 -3.19 -13.17 7.09
N ALA B 26 -2.87 -12.45 8.16
CA ALA B 26 -3.61 -12.56 9.41
C ALA B 26 -4.86 -11.68 9.40
N GLU B 27 -5.82 -12.04 8.56
CA GLU B 27 -7.07 -11.31 8.47
C GLU B 27 -8.17 -12.24 7.96
N SER B 28 -8.06 -12.67 6.70
CA SER B 28 -9.03 -13.58 6.11
C SER B 28 -8.48 -14.18 4.82
N PRO B 29 -8.74 -15.47 4.56
CA PRO B 29 -8.25 -16.16 3.37
C PRO B 29 -8.88 -15.63 2.08
N ALA B 30 -9.83 -14.70 2.22
CA ALA B 30 -10.50 -14.12 1.06
C ALA B 30 -9.84 -12.81 0.63
N HIS B 31 -9.69 -11.89 1.57
CA HIS B 31 -9.10 -10.58 1.27
C HIS B 31 -7.64 -10.70 0.86
N ILE B 32 -6.90 -11.56 1.54
CA ILE B 32 -5.48 -11.75 1.25
C ILE B 32 -5.23 -12.38 -0.12
N ARG B 33 -6.31 -12.81 -0.77
CA ARG B 33 -6.19 -13.42 -2.09
C ARG B 33 -6.42 -12.38 -3.18
N LEU B 34 -7.13 -11.31 -2.84
CA LEU B 34 -7.42 -10.27 -3.83
C LEU B 34 -6.37 -9.16 -3.78
N VAL B 35 -5.67 -9.05 -2.65
CA VAL B 35 -4.63 -8.02 -2.49
C VAL B 35 -3.49 -8.23 -3.48
N ALA B 36 -3.25 -9.49 -3.82
CA ALA B 36 -2.18 -9.83 -4.77
C ALA B 36 -2.48 -9.24 -6.14
N ALA B 37 -3.68 -9.51 -6.63
CA ALA B 37 -4.10 -9.02 -7.94
C ALA B 37 -4.27 -7.50 -7.92
N PHE B 38 -4.51 -6.95 -6.73
CA PHE B 38 -4.67 -5.52 -6.56
C PHE B 38 -3.38 -4.79 -6.90
N VAL B 39 -2.28 -5.29 -6.35
CA VAL B 39 -0.97 -4.71 -6.58
C VAL B 39 -0.44 -5.08 -7.96
N ASP B 40 -0.73 -6.30 -8.39
CA ASP B 40 -0.28 -6.80 -9.69
C ASP B 40 -0.74 -5.88 -10.82
N ASP B 41 -2.00 -5.50 -10.76
CA ASP B 41 -2.60 -4.62 -11.76
C ASP B 41 -1.95 -3.24 -11.75
N LYS B 42 -1.69 -2.72 -10.54
CA LYS B 42 -1.08 -1.40 -10.39
C LYS B 42 0.33 -1.38 -10.97
N MET B 43 1.09 -2.45 -10.77
CA MET B 43 2.44 -2.54 -11.30
C MET B 43 2.42 -2.58 -12.82
N HIS B 44 1.28 -2.99 -13.37
CA HIS B 44 1.12 -3.06 -14.81
C HIS B 44 0.62 -1.72 -15.34
N GLU B 45 -0.15 -1.01 -14.52
CA GLU B 45 -0.70 0.29 -14.91
C GLU B 45 0.37 1.38 -14.85
N PHE B 46 1.37 1.18 -14.00
CA PHE B 46 2.45 2.16 -13.87
C PHE B 46 3.63 1.82 -14.76
N SER B 47 3.69 0.58 -15.24
CA SER B 47 4.77 0.14 -16.12
C SER B 47 4.78 1.00 -17.39
N GLU B 48 3.60 1.24 -17.92
CA GLU B 48 3.44 2.05 -19.13
C GLU B 48 3.80 3.52 -18.89
N LYS B 49 3.90 3.91 -17.63
CA LYS B 49 4.22 5.29 -17.29
C LYS B 49 5.71 5.57 -17.49
N GLN B 50 6.52 4.53 -17.32
CA GLN B 50 7.97 4.62 -17.48
C GLN B 50 8.57 5.76 -16.65
N PRO B 51 8.77 5.54 -15.35
CA PRO B 51 9.34 6.54 -14.45
C PRO B 51 10.85 6.65 -14.61
N MET B 52 11.56 5.65 -14.08
CA MET B 52 13.01 5.62 -14.16
C MET B 52 13.47 4.56 -15.15
N LEU B 53 12.49 3.97 -15.85
CA LEU B 53 12.76 2.93 -16.84
C LEU B 53 13.52 1.76 -16.20
N ASP B 54 12.98 1.25 -15.09
CA ASP B 54 13.59 0.14 -14.38
C ASP B 54 12.56 -0.56 -13.51
N VAL B 55 12.66 -1.89 -13.44
CA VAL B 55 11.72 -2.69 -12.65
C VAL B 55 11.76 -2.36 -11.15
N PRO B 56 12.94 -2.43 -10.47
CA PRO B 56 13.03 -2.11 -9.04
C PRO B 56 12.56 -0.69 -8.72
N LYS B 57 12.73 0.21 -9.67
CA LYS B 57 12.34 1.60 -9.50
C LYS B 57 10.85 1.79 -9.81
N LEU B 58 10.20 0.72 -10.24
CA LEU B 58 8.77 0.76 -10.56
C LEU B 58 7.95 0.20 -9.41
N ALA B 59 8.39 -0.93 -8.87
CA ALA B 59 7.69 -1.58 -7.77
C ALA B 59 7.62 -0.68 -6.54
N VAL B 60 8.70 0.04 -6.27
CA VAL B 60 8.74 0.94 -5.12
C VAL B 60 7.81 2.14 -5.35
N LEU B 61 7.63 2.50 -6.61
CA LEU B 61 6.78 3.63 -6.98
C LEU B 61 5.32 3.26 -6.74
N THR B 62 4.97 2.01 -7.01
CA THR B 62 3.62 1.54 -6.82
C THR B 62 3.33 1.34 -5.34
N ALA B 63 4.35 0.90 -4.60
CA ALA B 63 4.22 0.66 -3.17
C ALA B 63 3.77 1.93 -2.44
N VAL B 64 4.42 3.04 -2.76
CA VAL B 64 4.09 4.32 -2.14
C VAL B 64 2.73 4.82 -2.62
N GLN B 65 2.40 4.56 -3.89
CA GLN B 65 1.12 4.98 -4.45
C GLN B 65 -0.02 4.31 -3.69
N ILE B 66 0.12 3.00 -3.47
CA ILE B 66 -0.89 2.24 -2.74
C ILE B 66 -1.07 2.82 -1.34
N ALA B 67 0.05 3.19 -0.72
CA ALA B 67 0.03 3.76 0.61
C ALA B 67 -0.73 5.08 0.62
N SER B 68 -0.38 5.99 -0.30
CA SER B 68 -1.04 7.29 -0.38
C SER B 68 -2.52 7.15 -0.72
N GLU B 69 -2.85 6.17 -1.56
CA GLU B 69 -4.23 5.93 -1.96
C GLU B 69 -5.08 5.45 -0.79
N TYR B 70 -4.48 4.77 0.17
CA TYR B 70 -5.21 4.27 1.31
C TYR B 70 -5.07 5.20 2.52
N LEU B 71 -4.08 6.10 2.47
CA LEU B 71 -3.85 7.04 3.57
C LEU B 71 -5.02 8.01 3.67
N LYS B 72 -5.57 8.38 2.52
CA LYS B 72 -6.71 9.29 2.48
C LYS B 72 -7.98 8.59 2.96
N LEU B 73 -7.95 7.26 2.93
CA LEU B 73 -9.09 6.46 3.36
C LEU B 73 -9.20 6.50 4.88
N LYS B 74 -8.08 6.30 5.57
CA LYS B 74 -8.07 6.32 7.03
C LYS B 74 -8.36 7.73 7.54
N GLU B 75 -8.11 8.72 6.70
CA GLU B 75 -8.37 10.11 7.07
C GLU B 75 -9.88 10.34 7.08
N GLU B 76 -10.56 9.85 6.05
CA GLU B 76 -12.01 9.98 5.96
C GLU B 76 -12.66 9.22 7.10
N TYR B 77 -12.12 8.03 7.38
CA TYR B 77 -12.60 7.16 8.45
C TYR B 77 -12.64 7.88 9.79
N GLN B 78 -11.64 8.70 10.06
CA GLN B 78 -11.59 9.43 11.32
C GLN B 78 -12.35 10.76 11.25
N ARG B 79 -12.23 11.46 10.14
CA ARG B 79 -12.85 12.77 9.97
C ARG B 79 -14.37 12.71 9.94
N LEU B 80 -14.94 11.70 9.28
CA LEU B 80 -16.39 11.60 9.19
C LEU B 80 -17.02 11.16 10.52
N ARG B 81 -16.26 10.42 11.31
CA ARG B 81 -16.77 9.94 12.60
C ARG B 81 -16.80 11.08 13.62
N GLU B 82 -15.70 11.82 13.72
CA GLU B 82 -15.63 12.94 14.65
C GLU B 82 -16.57 14.06 14.19
N GLN B 83 -16.89 14.06 12.91
CA GLN B 83 -17.77 15.06 12.35
C GLN B 83 -19.23 14.77 12.71
N LEU B 84 -19.47 13.58 13.22
CA LEU B 84 -20.82 13.17 13.60
C LEU B 84 -20.98 13.14 15.11
N LYS B 85 -19.88 12.87 15.81
CA LYS B 85 -19.92 12.78 17.26
C LYS B 85 -19.45 14.08 17.92
N LYS B 86 -18.58 14.81 17.25
CA LYS B 86 -18.05 16.06 17.78
C LYS B 86 -18.57 17.24 16.96
N GLY A 1 0.09 34.75 -21.24
CA GLY A 1 -1.16 34.75 -20.46
C GLY A 1 -1.00 34.05 -19.13
N SER A 2 -1.10 34.80 -18.05
CA SER A 2 -0.96 34.26 -16.71
C SER A 2 -2.33 34.02 -16.11
N HIS A 3 -2.95 32.90 -16.48
CA HIS A 3 -4.27 32.56 -15.99
C HIS A 3 -4.24 31.25 -15.23
N MET A 4 -4.95 31.18 -14.12
CA MET A 4 -4.99 29.97 -13.31
C MET A 4 -6.30 29.23 -13.52
N THR A 5 -6.25 27.92 -13.42
CA THR A 5 -7.41 27.09 -13.58
C THR A 5 -7.73 26.37 -12.27
N GLU A 6 -8.53 25.32 -12.35
CA GLU A 6 -8.87 24.53 -11.19
C GLU A 6 -7.66 23.70 -10.78
N GLN A 7 -7.59 23.33 -9.50
CA GLN A 7 -6.47 22.54 -9.03
C GLN A 7 -6.86 21.07 -8.90
N PRO A 8 -6.39 20.23 -9.82
CA PRO A 8 -6.68 18.80 -9.81
C PRO A 8 -5.60 18.01 -9.07
N LYS A 9 -5.70 16.69 -9.12
CA LYS A 9 -4.71 15.84 -8.46
C LYS A 9 -3.38 15.89 -9.19
N THR A 10 -2.53 16.81 -8.76
CA THR A 10 -1.21 16.98 -9.34
C THR A 10 -0.23 15.95 -8.76
N ARG A 11 1.04 16.06 -9.12
CA ARG A 11 2.04 15.13 -8.64
C ARG A 11 3.09 15.83 -7.79
N VAL A 12 3.65 15.08 -6.85
CA VAL A 12 4.65 15.61 -5.94
C VAL A 12 5.92 14.75 -5.98
N SER A 13 7.07 15.38 -5.80
CA SER A 13 8.34 14.69 -5.78
C SER A 13 8.79 14.41 -4.35
N VAL A 14 9.14 13.17 -4.07
CA VAL A 14 9.58 12.77 -2.74
C VAL A 14 10.77 11.82 -2.83
N ARG A 15 11.45 11.58 -1.71
CA ARG A 15 12.59 10.69 -1.70
C ARG A 15 12.26 9.37 -0.98
N ILE A 16 12.45 8.26 -1.67
CA ILE A 16 12.19 6.94 -1.09
C ILE A 16 13.37 6.00 -1.33
N TYR A 17 13.90 5.46 -0.25
CA TYR A 17 15.04 4.52 -0.30
C TYR A 17 16.28 5.17 -0.89
N GLY A 18 16.36 6.51 -0.81
CA GLY A 18 17.51 7.23 -1.32
C GLY A 18 17.30 7.79 -2.72
N GLN A 19 16.28 7.29 -3.41
CA GLN A 19 15.99 7.75 -4.76
C GLN A 19 14.79 8.70 -4.76
N ASP A 20 14.77 9.66 -5.66
CA ASP A 20 13.67 10.60 -5.75
C ASP A 20 12.63 10.10 -6.74
N TYR A 21 11.37 10.23 -6.38
CA TYR A 21 10.28 9.78 -7.22
C TYR A 21 9.18 10.83 -7.28
N THR A 22 8.28 10.69 -8.23
CA THR A 22 7.18 11.61 -8.39
C THR A 22 5.88 10.85 -8.61
N ILE A 23 4.89 11.09 -7.76
CA ILE A 23 3.61 10.41 -7.85
C ILE A 23 2.45 11.38 -7.64
N VAL A 24 1.25 10.95 -7.98
CA VAL A 24 0.07 11.76 -7.83
C VAL A 24 -0.34 11.82 -6.36
N GLY A 25 -0.37 13.03 -5.80
CA GLY A 25 -0.74 13.18 -4.42
C GLY A 25 -1.02 14.62 -4.04
N ALA A 26 -2.28 15.02 -4.19
CA ALA A 26 -2.69 16.37 -3.85
C ALA A 26 -3.64 16.36 -2.67
N GLU A 27 -3.72 15.20 -2.03
CA GLU A 27 -4.60 14.98 -0.88
C GLU A 27 -4.26 15.98 0.23
N SER A 28 -3.01 15.98 0.65
CA SER A 28 -2.55 16.88 1.68
C SER A 28 -1.04 17.04 1.59
N PRO A 29 -0.55 18.28 1.48
CA PRO A 29 0.89 18.56 1.37
C PRO A 29 1.67 18.08 2.59
N ALA A 30 0.96 17.91 3.69
CA ALA A 30 1.58 17.44 4.93
C ALA A 30 1.54 15.91 4.99
N HIS A 31 0.42 15.33 4.60
CA HIS A 31 0.26 13.87 4.61
C HIS A 31 1.18 13.20 3.59
N ILE A 32 1.27 13.78 2.39
CA ILE A 32 2.12 13.21 1.33
C ILE A 32 3.59 13.16 1.73
N ARG A 33 3.97 13.97 2.71
CA ARG A 33 5.36 13.98 3.17
C ARG A 33 5.68 12.72 3.97
N LEU A 34 4.75 12.29 4.80
CA LEU A 34 4.96 11.10 5.61
C LEU A 34 4.65 9.83 4.81
N VAL A 35 3.96 10.00 3.69
CA VAL A 35 3.62 8.87 2.82
C VAL A 35 4.90 8.20 2.31
N ALA A 36 5.83 9.03 1.85
CA ALA A 36 7.11 8.54 1.35
C ALA A 36 7.92 7.90 2.47
N ALA A 37 7.92 8.55 3.62
CA ALA A 37 8.65 8.07 4.79
C ALA A 37 8.09 6.74 5.29
N PHE A 38 6.79 6.55 5.09
CA PHE A 38 6.12 5.32 5.51
C PHE A 38 6.67 4.13 4.72
N VAL A 39 6.71 4.29 3.39
CA VAL A 39 7.22 3.22 2.52
C VAL A 39 8.71 3.05 2.73
N ASP A 40 9.40 4.16 2.96
CA ASP A 40 10.84 4.14 3.18
C ASP A 40 11.15 3.30 4.42
N ASP A 41 10.45 3.57 5.51
CA ASP A 41 10.64 2.84 6.76
C ASP A 41 10.25 1.38 6.61
N LYS A 42 9.12 1.13 5.94
CA LYS A 42 8.64 -0.23 5.73
C LYS A 42 9.68 -1.05 4.99
N MET A 43 10.10 -0.57 3.82
CA MET A 43 11.11 -1.26 3.03
C MET A 43 12.42 -1.34 3.81
N HIS A 44 12.72 -0.30 4.57
CA HIS A 44 13.94 -0.23 5.37
C HIS A 44 14.00 -1.36 6.38
N GLU A 45 12.95 -1.50 7.19
CA GLU A 45 12.91 -2.55 8.20
C GLU A 45 12.74 -3.92 7.56
N PHE A 46 12.26 -3.94 6.33
CA PHE A 46 12.06 -5.19 5.62
C PHE A 46 13.38 -5.67 5.00
N SER A 47 14.29 -4.73 4.77
CA SER A 47 15.61 -5.04 4.20
C SER A 47 16.42 -5.93 5.14
N GLU A 48 16.02 -5.97 6.41
CA GLU A 48 16.70 -6.78 7.42
C GLU A 48 16.26 -8.24 7.31
N LYS A 49 15.07 -8.47 6.78
CA LYS A 49 14.54 -9.82 6.65
C LYS A 49 15.16 -10.56 5.48
N GLN A 50 15.26 -9.87 4.34
CA GLN A 50 15.83 -10.43 3.12
C GLN A 50 15.20 -11.79 2.77
N PRO A 51 13.90 -11.81 2.45
CA PRO A 51 13.21 -13.06 2.12
C PRO A 51 13.69 -13.66 0.80
N MET A 52 13.80 -12.82 -0.23
CA MET A 52 14.27 -13.29 -1.53
C MET A 52 15.67 -12.80 -1.81
N LEU A 53 16.19 -11.94 -0.91
CA LEU A 53 17.54 -11.37 -1.03
C LEU A 53 17.73 -10.71 -2.40
N ASP A 54 16.87 -9.75 -2.70
CA ASP A 54 16.93 -9.03 -3.96
C ASP A 54 16.13 -7.73 -3.84
N VAL A 55 16.60 -6.68 -4.50
CA VAL A 55 15.94 -5.37 -4.42
C VAL A 55 14.53 -5.37 -5.03
N PRO A 56 14.35 -5.80 -6.31
CA PRO A 56 13.03 -5.82 -6.93
C PRO A 56 12.03 -6.66 -6.15
N LYS A 57 12.51 -7.76 -5.57
CA LYS A 57 11.68 -8.65 -4.79
C LYS A 57 11.25 -7.99 -3.48
N LEU A 58 12.15 -7.21 -2.91
CA LEU A 58 11.87 -6.52 -1.65
C LEU A 58 10.81 -5.46 -1.86
N ALA A 59 10.90 -4.76 -2.98
CA ALA A 59 9.97 -3.70 -3.31
C ALA A 59 8.56 -4.23 -3.53
N VAL A 60 8.41 -5.25 -4.37
CA VAL A 60 7.09 -5.82 -4.65
C VAL A 60 6.47 -6.44 -3.40
N LEU A 61 7.31 -7.02 -2.55
CA LEU A 61 6.85 -7.65 -1.34
C LEU A 61 6.47 -6.62 -0.28
N THR A 62 7.06 -5.43 -0.38
CA THR A 62 6.75 -4.35 0.55
C THR A 62 5.41 -3.71 0.19
N ALA A 63 5.13 -3.64 -1.11
CA ALA A 63 3.88 -3.05 -1.61
C ALA A 63 2.67 -3.85 -1.17
N VAL A 64 2.73 -5.17 -1.35
CA VAL A 64 1.62 -6.04 -0.99
C VAL A 64 1.37 -6.01 0.53
N GLN A 65 2.42 -5.82 1.32
CA GLN A 65 2.29 -5.75 2.78
C GLN A 65 1.40 -4.57 3.14
N ILE A 66 1.77 -3.41 2.62
CA ILE A 66 1.03 -2.17 2.85
C ILE A 66 -0.43 -2.34 2.41
N ALA A 67 -0.62 -2.91 1.23
CA ALA A 67 -1.94 -3.13 0.68
C ALA A 67 -2.80 -4.01 1.58
N SER A 68 -2.22 -5.11 2.06
CA SER A 68 -2.94 -6.05 2.93
C SER A 68 -3.43 -5.35 4.21
N GLU A 69 -2.54 -4.58 4.83
CA GLU A 69 -2.86 -3.89 6.07
C GLU A 69 -3.95 -2.83 5.92
N TYR A 70 -4.05 -2.20 4.76
CA TYR A 70 -5.03 -1.16 4.56
C TYR A 70 -6.32 -1.66 3.89
N LEU A 71 -6.23 -2.74 3.13
CA LEU A 71 -7.40 -3.30 2.46
C LEU A 71 -8.42 -3.76 3.49
N LYS A 72 -7.95 -4.26 4.63
CA LYS A 72 -8.83 -4.72 5.68
C LYS A 72 -9.46 -3.55 6.42
N LEU A 73 -8.86 -2.37 6.28
CA LEU A 73 -9.35 -1.17 6.95
C LEU A 73 -10.54 -0.59 6.18
N LYS A 74 -10.43 -0.56 4.86
CA LYS A 74 -11.50 -0.02 4.04
C LYS A 74 -12.72 -0.92 4.06
N GLU A 75 -12.51 -2.22 4.23
CA GLU A 75 -13.62 -3.17 4.25
C GLU A 75 -14.42 -3.05 5.54
N GLU A 76 -13.75 -2.79 6.66
CA GLU A 76 -14.46 -2.64 7.93
C GLU A 76 -15.17 -1.30 7.97
N TYR A 77 -14.62 -0.33 7.24
CA TYR A 77 -15.20 1.01 7.17
C TYR A 77 -16.60 0.93 6.57
N GLN A 78 -16.71 0.31 5.41
CA GLN A 78 -18.00 0.16 4.74
C GLN A 78 -18.90 -0.78 5.53
N ARG A 79 -18.31 -1.78 6.15
CA ARG A 79 -19.04 -2.77 6.94
C ARG A 79 -19.76 -2.15 8.13
N LEU A 80 -19.07 -1.33 8.91
CA LEU A 80 -19.68 -0.71 10.08
C LEU A 80 -20.57 0.46 9.70
N ARG A 81 -20.30 1.07 8.55
CA ARG A 81 -21.08 2.21 8.08
C ARG A 81 -22.44 1.78 7.54
N GLU A 82 -22.45 0.71 6.73
CA GLU A 82 -23.70 0.22 6.14
C GLU A 82 -24.66 -0.26 7.22
N GLN A 83 -24.11 -0.70 8.35
CA GLN A 83 -24.91 -1.18 9.46
C GLN A 83 -25.72 -0.04 10.07
N LEU A 84 -25.24 1.18 9.92
CA LEU A 84 -25.92 2.35 10.48
C LEU A 84 -26.75 3.08 9.43
N LYS A 85 -26.78 2.54 8.22
CA LYS A 85 -27.55 3.15 7.14
C LYS A 85 -28.70 2.25 6.73
N LYS A 86 -28.70 1.04 7.27
CA LYS A 86 -29.72 0.04 6.96
C LYS A 86 -30.63 -0.15 8.16
N GLY B 1 3.07 -34.45 20.48
CA GLY B 1 1.70 -34.84 20.07
C GLY B 1 0.96 -33.70 19.39
N SER B 2 0.22 -34.02 18.34
CA SER B 2 -0.53 -33.03 17.59
C SER B 2 -1.62 -32.40 18.46
N HIS B 3 -1.37 -31.18 18.93
CA HIS B 3 -2.33 -30.47 19.77
C HIS B 3 -2.84 -29.23 19.05
N MET B 4 -3.90 -28.63 19.59
CA MET B 4 -4.47 -27.44 18.98
C MET B 4 -3.86 -26.19 19.59
N THR B 5 -3.73 -25.16 18.76
CA THR B 5 -3.16 -23.90 19.19
C THR B 5 -4.05 -22.75 18.77
N GLU B 6 -3.66 -21.54 19.13
CA GLU B 6 -4.42 -20.35 18.78
C GLU B 6 -4.16 -19.99 17.32
N GLN B 7 -4.99 -19.10 16.77
CA GLN B 7 -4.84 -18.71 15.37
C GLN B 7 -4.39 -17.25 15.25
N PRO B 8 -3.07 -17.03 15.08
CA PRO B 8 -2.50 -15.71 14.92
C PRO B 8 -2.37 -15.33 13.45
N LYS B 9 -1.70 -14.22 13.16
CA LYS B 9 -1.52 -13.79 11.79
C LYS B 9 -0.54 -14.72 11.06
N THR B 10 -1.10 -15.77 10.47
CA THR B 10 -0.33 -16.76 9.73
C THR B 10 0.20 -16.17 8.42
N ARG B 11 1.10 -16.91 7.78
CA ARG B 11 1.68 -16.49 6.52
C ARG B 11 0.94 -17.10 5.34
N VAL B 12 0.90 -16.38 4.22
CA VAL B 12 0.21 -16.83 3.02
C VAL B 12 1.09 -16.60 1.79
N SER B 13 1.10 -17.56 0.89
CA SER B 13 1.89 -17.45 -0.34
C SER B 13 0.96 -17.24 -1.54
N VAL B 14 1.24 -16.21 -2.33
CA VAL B 14 0.43 -15.90 -3.49
C VAL B 14 1.30 -15.48 -4.67
N ARG B 15 0.67 -15.32 -5.83
CA ARG B 15 1.37 -14.95 -7.04
C ARG B 15 1.34 -13.44 -7.29
N ILE B 16 2.50 -12.87 -7.61
CA ILE B 16 2.63 -11.45 -7.91
C ILE B 16 3.61 -11.28 -9.07
N TYR B 17 3.12 -10.79 -10.20
CA TYR B 17 3.93 -10.56 -11.39
C TYR B 17 4.61 -11.84 -11.88
N GLY B 18 3.86 -12.94 -11.84
CA GLY B 18 4.37 -14.21 -12.30
C GLY B 18 5.30 -14.89 -11.32
N GLN B 19 5.48 -14.30 -10.15
CA GLN B 19 6.36 -14.88 -9.14
C GLN B 19 5.57 -15.19 -7.88
N ASP B 20 6.10 -16.08 -7.04
CA ASP B 20 5.42 -16.46 -5.81
C ASP B 20 6.13 -15.84 -4.60
N TYR B 21 5.34 -15.27 -3.70
CA TYR B 21 5.88 -14.64 -2.51
C TYR B 21 5.05 -15.01 -1.29
N THR B 22 5.69 -15.04 -0.13
CA THR B 22 5.02 -15.37 1.12
C THR B 22 4.92 -14.13 2.02
N ILE B 23 3.71 -13.75 2.35
CA ILE B 23 3.46 -12.59 3.21
C ILE B 23 2.68 -13.01 4.45
N VAL B 24 2.33 -12.04 5.28
CA VAL B 24 1.60 -12.31 6.50
C VAL B 24 0.18 -11.75 6.40
N GLY B 25 -0.82 -12.62 6.47
CA GLY B 25 -2.20 -12.19 6.38
C GLY B 25 -3.17 -13.27 6.80
N ALA B 26 -4.08 -12.92 7.71
CA ALA B 26 -5.07 -13.89 8.20
C ALA B 26 -6.43 -13.23 8.41
N GLU B 27 -6.66 -12.13 7.71
CA GLU B 27 -7.92 -11.41 7.80
C GLU B 27 -9.04 -12.27 7.24
N SER B 28 -8.83 -12.75 6.03
CA SER B 28 -9.79 -13.60 5.35
C SER B 28 -9.11 -14.25 4.14
N PRO B 29 -9.27 -15.57 3.96
CA PRO B 29 -8.66 -16.32 2.86
C PRO B 29 -8.98 -15.73 1.49
N ALA B 30 -10.18 -15.18 1.35
CA ALA B 30 -10.60 -14.60 0.07
C ALA B 30 -9.95 -13.23 -0.16
N HIS B 31 -9.94 -12.39 0.89
CA HIS B 31 -9.39 -11.05 0.78
C HIS B 31 -7.89 -11.08 0.52
N ILE B 32 -7.16 -11.90 1.28
CA ILE B 32 -5.71 -12.01 1.13
C ILE B 32 -5.31 -12.52 -0.26
N ARG B 33 -6.26 -13.15 -0.95
CA ARG B 33 -5.98 -13.68 -2.28
C ARG B 33 -6.12 -12.61 -3.35
N LEU B 34 -6.92 -11.58 -3.09
CA LEU B 34 -7.11 -10.51 -4.07
C LEU B 34 -6.13 -9.37 -3.83
N VAL B 35 -5.50 -9.37 -2.66
CA VAL B 35 -4.52 -8.34 -2.33
C VAL B 35 -3.36 -8.38 -3.32
N ALA B 36 -2.89 -9.58 -3.61
CA ALA B 36 -1.80 -9.78 -4.54
C ALA B 36 -2.23 -9.34 -5.94
N ALA B 37 -3.44 -9.71 -6.34
CA ALA B 37 -3.97 -9.36 -7.65
C ALA B 37 -4.08 -7.85 -7.81
N PHE B 38 -4.40 -7.16 -6.71
CA PHE B 38 -4.52 -5.71 -6.73
C PHE B 38 -3.19 -5.07 -7.09
N VAL B 39 -2.12 -5.55 -6.47
CA VAL B 39 -0.78 -5.03 -6.73
C VAL B 39 -0.29 -5.50 -8.09
N ASP B 40 -0.63 -6.74 -8.42
CA ASP B 40 -0.25 -7.36 -9.69
C ASP B 40 -0.71 -6.51 -10.86
N ASP B 41 -2.01 -6.18 -10.89
CA ASP B 41 -2.55 -5.37 -11.96
C ASP B 41 -2.07 -3.93 -11.86
N LYS B 42 -1.78 -3.47 -10.64
CA LYS B 42 -1.31 -2.12 -10.41
C LYS B 42 0.03 -1.89 -11.12
N MET B 43 0.99 -2.77 -10.86
CA MET B 43 2.31 -2.64 -11.49
C MET B 43 2.24 -2.96 -12.98
N HIS B 44 1.30 -3.82 -13.34
CA HIS B 44 1.08 -4.19 -14.74
C HIS B 44 0.50 -3.01 -15.52
N GLU B 45 -0.08 -2.07 -14.80
CA GLU B 45 -0.66 -0.88 -15.42
C GLU B 45 0.39 0.21 -15.54
N PHE B 46 1.28 0.30 -14.56
CA PHE B 46 2.31 1.33 -14.57
C PHE B 46 3.52 0.93 -15.40
N SER B 47 3.63 -0.35 -15.72
CA SER B 47 4.74 -0.84 -16.53
C SER B 47 4.67 -0.22 -17.92
N GLU B 48 3.45 0.08 -18.37
CA GLU B 48 3.22 0.70 -19.67
C GLU B 48 3.74 2.13 -19.68
N LYS B 49 3.79 2.74 -18.50
CA LYS B 49 4.28 4.11 -18.38
C LYS B 49 5.79 4.10 -18.21
N GLN B 50 6.24 3.33 -17.21
CA GLN B 50 7.66 3.16 -16.90
C GLN B 50 8.43 4.49 -16.89
N PRO B 51 8.25 5.31 -15.85
CA PRO B 51 8.92 6.61 -15.74
C PRO B 51 10.38 6.51 -15.31
N MET B 52 10.73 5.39 -14.67
CA MET B 52 12.10 5.19 -14.20
C MET B 52 12.83 4.12 -15.03
N LEU B 53 12.10 3.47 -15.93
CA LEU B 53 12.66 2.43 -16.82
C LEU B 53 13.44 1.37 -16.04
N ASP B 54 12.87 0.89 -14.95
CA ASP B 54 13.52 -0.14 -14.13
C ASP B 54 12.48 -0.88 -13.30
N VAL B 55 12.66 -2.18 -13.14
CA VAL B 55 11.72 -3.02 -12.40
C VAL B 55 11.56 -2.61 -10.93
N PRO B 56 12.66 -2.61 -10.12
CA PRO B 56 12.58 -2.23 -8.70
C PRO B 56 12.06 -0.81 -8.50
N LYS B 57 12.36 0.06 -9.45
CA LYS B 57 11.93 1.46 -9.37
C LYS B 57 10.44 1.57 -9.68
N LEU B 58 9.93 0.62 -10.45
CA LEU B 58 8.52 0.59 -10.80
C LEU B 58 7.70 0.07 -9.63
N ALA B 59 8.23 -0.95 -8.98
CA ALA B 59 7.57 -1.57 -7.84
C ALA B 59 7.39 -0.59 -6.69
N VAL B 60 8.48 0.10 -6.32
CA VAL B 60 8.44 1.07 -5.23
C VAL B 60 7.51 2.24 -5.59
N LEU B 61 7.38 2.50 -6.89
CA LEU B 61 6.53 3.56 -7.38
C LEU B 61 5.07 3.25 -7.05
N THR B 62 4.64 2.06 -7.44
CA THR B 62 3.27 1.64 -7.19
C THR B 62 3.00 1.47 -5.69
N ALA B 63 4.04 1.11 -4.94
CA ALA B 63 3.94 0.90 -3.50
C ALA B 63 3.49 2.17 -2.79
N VAL B 64 4.15 3.28 -3.10
CA VAL B 64 3.81 4.56 -2.48
C VAL B 64 2.46 5.08 -2.96
N GLN B 65 2.07 4.69 -4.16
CA GLN B 65 0.78 5.11 -4.72
C GLN B 65 -0.36 4.42 -3.99
N ILE B 66 -0.22 3.10 -3.83
CA ILE B 66 -1.22 2.30 -3.11
C ILE B 66 -1.36 2.83 -1.68
N ALA B 67 -0.23 3.15 -1.08
CA ALA B 67 -0.20 3.68 0.28
C ALA B 67 -1.00 4.98 0.38
N SER B 68 -0.74 5.91 -0.51
CA SER B 68 -1.42 7.21 -0.52
C SER B 68 -2.94 7.04 -0.64
N GLU B 69 -3.37 6.12 -1.50
CA GLU B 69 -4.79 5.87 -1.72
C GLU B 69 -5.53 5.51 -0.43
N TYR B 70 -4.97 4.59 0.34
CA TYR B 70 -5.61 4.13 1.57
C TYR B 70 -5.21 4.96 2.79
N LEU B 71 -4.04 5.59 2.76
CA LEU B 71 -3.60 6.40 3.90
C LEU B 71 -4.53 7.58 4.14
N LYS B 72 -5.09 8.14 3.07
CA LYS B 72 -6.02 9.25 3.21
C LYS B 72 -7.39 8.72 3.63
N LEU B 73 -7.64 7.46 3.31
CA LEU B 73 -8.90 6.81 3.64
C LEU B 73 -8.98 6.57 5.15
N LYS B 74 -7.90 6.03 5.71
CA LYS B 74 -7.86 5.74 7.14
C LYS B 74 -7.91 7.04 7.94
N GLU B 75 -7.40 8.12 7.35
CA GLU B 75 -7.39 9.43 7.99
C GLU B 75 -8.83 9.92 8.14
N GLU B 76 -9.57 9.86 7.05
CA GLU B 76 -10.96 10.27 7.03
C GLU B 76 -11.78 9.39 7.95
N TYR B 77 -11.39 8.12 8.01
CA TYR B 77 -12.05 7.12 8.86
C TYR B 77 -12.06 7.57 10.32
N GLN B 78 -10.99 8.23 10.74
CA GLN B 78 -10.88 8.72 12.10
C GLN B 78 -11.62 10.05 12.25
N ARG B 79 -11.49 10.88 11.24
CA ARG B 79 -12.10 12.21 11.21
C ARG B 79 -13.62 12.18 11.38
N LEU B 80 -14.32 11.46 10.51
CA LEU B 80 -15.77 11.41 10.56
C LEU B 80 -16.29 10.63 11.76
N ARG B 81 -15.47 9.74 12.31
CA ARG B 81 -15.88 8.93 13.44
C ARG B 81 -15.64 9.65 14.77
N GLU B 82 -14.58 10.44 14.83
CA GLU B 82 -14.26 11.17 16.05
C GLU B 82 -15.26 12.29 16.30
N GLN B 83 -15.76 12.89 15.23
CA GLN B 83 -16.73 13.97 15.34
C GLN B 83 -18.07 13.44 15.83
N LEU B 84 -18.27 12.14 15.67
CA LEU B 84 -19.50 11.49 16.10
C LEU B 84 -19.40 11.00 17.53
N LYS B 85 -18.19 11.00 18.08
CA LYS B 85 -17.98 10.54 19.44
C LYS B 85 -17.70 11.72 20.37
N LYS B 86 -17.48 12.89 19.78
CA LYS B 86 -17.18 14.09 20.54
C LYS B 86 -18.46 14.85 20.87
N GLY A 1 -2.14 31.06 -25.86
CA GLY A 1 -3.49 30.43 -25.80
C GLY A 1 -4.14 30.60 -24.45
N SER A 2 -5.42 30.94 -24.44
CA SER A 2 -6.14 31.14 -23.21
C SER A 2 -7.34 30.19 -23.14
N HIS A 3 -7.50 29.54 -21.99
CA HIS A 3 -8.59 28.61 -21.77
C HIS A 3 -8.94 28.54 -20.30
N MET A 4 -9.97 27.78 -19.96
CA MET A 4 -10.38 27.63 -18.57
C MET A 4 -9.30 26.94 -17.76
N THR A 5 -8.72 27.66 -16.82
CA THR A 5 -7.67 27.12 -15.99
C THR A 5 -8.23 26.58 -14.67
N GLU A 6 -8.55 25.29 -14.69
CA GLU A 6 -9.11 24.62 -13.50
C GLU A 6 -8.00 24.09 -12.61
N GLN A 7 -8.38 23.48 -11.50
CA GLN A 7 -7.43 22.92 -10.56
C GLN A 7 -7.49 21.40 -10.59
N PRO A 8 -6.56 20.76 -11.30
CA PRO A 8 -6.50 19.31 -11.41
C PRO A 8 -5.70 18.68 -10.27
N LYS A 9 -5.55 17.36 -10.32
CA LYS A 9 -4.81 16.64 -9.31
C LYS A 9 -3.31 16.80 -9.56
N THR A 10 -2.69 17.68 -8.80
CA THR A 10 -1.27 17.96 -8.95
C THR A 10 -0.41 16.77 -8.50
N ARG A 11 0.83 16.76 -8.95
CA ARG A 11 1.76 15.70 -8.61
C ARG A 11 2.86 16.21 -7.69
N VAL A 12 3.49 15.30 -6.97
CA VAL A 12 4.56 15.63 -6.05
C VAL A 12 5.73 14.68 -6.24
N SER A 13 6.94 15.19 -6.08
CA SER A 13 8.14 14.39 -6.21
C SER A 13 8.72 14.09 -4.84
N VAL A 14 8.79 12.82 -4.49
CA VAL A 14 9.32 12.40 -3.19
C VAL A 14 10.47 11.41 -3.38
N ARG A 15 11.28 11.26 -2.34
CA ARG A 15 12.43 10.36 -2.40
C ARG A 15 12.25 9.16 -1.48
N ILE A 16 12.43 7.96 -2.03
CA ILE A 16 12.30 6.74 -1.26
C ILE A 16 13.53 5.86 -1.51
N TYR A 17 14.21 5.48 -0.43
CA TYR A 17 15.40 4.63 -0.50
C TYR A 17 16.50 5.27 -1.34
N GLY A 18 16.51 6.59 -1.43
CA GLY A 18 17.54 7.28 -2.18
C GLY A 18 17.09 7.75 -3.55
N GLN A 19 16.13 7.07 -4.16
CA GLN A 19 15.67 7.44 -5.49
C GLN A 19 14.40 8.29 -5.40
N ASP A 20 14.31 9.29 -6.26
CA ASP A 20 13.15 10.18 -6.28
C ASP A 20 12.15 9.77 -7.35
N TYR A 21 10.88 9.84 -7.00
CA TYR A 21 9.81 9.47 -7.92
C TYR A 21 8.71 10.52 -7.89
N THR A 22 7.97 10.63 -8.99
CA THR A 22 6.89 11.58 -9.09
C THR A 22 5.54 10.87 -8.99
N ILE A 23 4.77 11.19 -7.97
CA ILE A 23 3.47 10.58 -7.76
C ILE A 23 2.39 11.64 -7.64
N VAL A 24 1.15 11.22 -7.46
CA VAL A 24 0.04 12.14 -7.34
C VAL A 24 -0.09 12.65 -5.90
N GLY A 25 -0.35 13.94 -5.75
CA GLY A 25 -0.48 14.52 -4.43
C GLY A 25 -1.81 15.23 -4.26
N ALA A 26 -2.89 14.52 -4.57
CA ALA A 26 -4.22 15.07 -4.46
C ALA A 26 -4.91 14.67 -3.16
N GLU A 27 -4.57 15.37 -2.09
CA GLU A 27 -5.16 15.11 -0.78
C GLU A 27 -4.75 16.20 0.21
N SER A 28 -3.44 16.28 0.49
CA SER A 28 -2.90 17.27 1.41
C SER A 28 -1.38 17.34 1.24
N PRO A 29 -0.85 18.52 0.90
CA PRO A 29 0.60 18.72 0.68
C PRO A 29 1.47 18.22 1.83
N ALA A 30 1.02 18.39 3.06
CA ALA A 30 1.78 17.96 4.22
C ALA A 30 1.65 16.45 4.46
N HIS A 31 0.45 15.93 4.22
CA HIS A 31 0.15 14.52 4.43
C HIS A 31 0.94 13.63 3.46
N ILE A 32 1.08 14.09 2.22
CA ILE A 32 1.79 13.35 1.18
C ILE A 32 3.30 13.33 1.39
N ARG A 33 3.79 14.08 2.38
CA ARG A 33 5.22 14.12 2.66
C ARG A 33 5.65 12.93 3.51
N LEU A 34 4.76 12.50 4.40
CA LEU A 34 5.06 11.38 5.28
C LEU A 34 4.83 10.05 4.59
N VAL A 35 4.08 10.08 3.48
CA VAL A 35 3.79 8.87 2.72
C VAL A 35 5.09 8.16 2.30
N ALA A 36 5.99 8.95 1.74
CA ALA A 36 7.28 8.41 1.28
C ALA A 36 8.08 7.84 2.45
N ALA A 37 8.12 8.57 3.56
CA ALA A 37 8.87 8.14 4.74
C ALA A 37 8.30 6.85 5.31
N PHE A 38 7.00 6.68 5.21
CA PHE A 38 6.32 5.49 5.71
C PHE A 38 6.79 4.25 4.97
N VAL A 39 6.75 4.31 3.63
CA VAL A 39 7.18 3.19 2.80
C VAL A 39 8.68 2.98 2.91
N ASP A 40 9.41 4.08 3.01
CA ASP A 40 10.86 4.05 3.14
C ASP A 40 11.27 3.25 4.37
N ASP A 41 10.54 3.45 5.46
CA ASP A 41 10.80 2.76 6.72
C ASP A 41 10.39 1.29 6.62
N LYS A 42 9.24 1.04 6.01
CA LYS A 42 8.74 -0.33 5.87
C LYS A 42 9.73 -1.21 5.11
N MET A 43 10.37 -0.64 4.09
CA MET A 43 11.33 -1.36 3.29
C MET A 43 12.62 -1.62 4.07
N HIS A 44 12.91 -0.75 5.03
CA HIS A 44 14.12 -0.87 5.84
C HIS A 44 14.17 -2.21 6.60
N GLU A 45 13.10 -2.51 7.33
CA GLU A 45 13.05 -3.75 8.12
C GLU A 45 13.02 -4.99 7.23
N PHE A 46 12.43 -4.86 6.04
CA PHE A 46 12.33 -6.00 5.13
C PHE A 46 13.67 -6.26 4.43
N SER A 47 14.51 -5.24 4.32
CA SER A 47 15.82 -5.41 3.69
C SER A 47 16.68 -6.38 4.49
N GLU A 48 16.41 -6.45 5.79
CA GLU A 48 17.14 -7.33 6.69
C GLU A 48 16.63 -8.78 6.57
N LYS A 49 15.42 -8.94 6.06
CA LYS A 49 14.82 -10.26 5.93
C LYS A 49 15.38 -11.02 4.73
N GLN A 50 15.57 -10.30 3.62
CA GLN A 50 16.11 -10.87 2.39
C GLN A 50 15.32 -12.11 1.95
N PRO A 51 14.10 -11.93 1.42
CA PRO A 51 13.26 -13.05 0.98
C PRO A 51 13.75 -13.67 -0.33
N MET A 52 14.03 -12.83 -1.32
CA MET A 52 14.50 -13.31 -2.62
C MET A 52 15.86 -12.72 -2.95
N LEU A 53 16.46 -12.03 -1.98
CA LEU A 53 17.76 -11.39 -2.15
C LEU A 53 17.82 -10.54 -3.42
N ASP A 54 16.79 -9.71 -3.61
CA ASP A 54 16.73 -8.84 -4.78
C ASP A 54 15.91 -7.60 -4.48
N VAL A 55 16.38 -6.46 -4.97
CA VAL A 55 15.73 -5.17 -4.75
C VAL A 55 14.28 -5.13 -5.26
N PRO A 56 14.02 -5.43 -6.56
CA PRO A 56 12.66 -5.42 -7.12
C PRO A 56 11.71 -6.33 -6.36
N LYS A 57 12.23 -7.46 -5.87
CA LYS A 57 11.43 -8.42 -5.14
C LYS A 57 11.08 -7.89 -3.75
N LEU A 58 11.89 -6.95 -3.26
CA LEU A 58 11.65 -6.35 -1.95
C LEU A 58 10.62 -5.24 -2.03
N ALA A 59 10.71 -4.46 -3.09
CA ALA A 59 9.79 -3.34 -3.32
C ALA A 59 8.36 -3.83 -3.51
N VAL A 60 8.20 -4.94 -4.22
CA VAL A 60 6.86 -5.49 -4.45
C VAL A 60 6.35 -6.18 -3.18
N LEU A 61 7.27 -6.66 -2.36
CA LEU A 61 6.93 -7.33 -1.12
C LEU A 61 6.31 -6.35 -0.13
N THR A 62 6.85 -5.14 -0.11
CA THR A 62 6.35 -4.12 0.79
C THR A 62 4.99 -3.61 0.31
N ALA A 63 4.82 -3.56 -1.01
CA ALA A 63 3.58 -3.10 -1.60
C ALA A 63 2.41 -3.98 -1.18
N VAL A 64 2.58 -5.29 -1.31
CA VAL A 64 1.53 -6.24 -0.95
C VAL A 64 1.28 -6.25 0.56
N GLN A 65 2.35 -6.03 1.34
CA GLN A 65 2.22 -6.01 2.80
C GLN A 65 1.40 -4.79 3.23
N ILE A 66 1.79 -3.62 2.76
CA ILE A 66 1.09 -2.38 3.08
C ILE A 66 -0.37 -2.48 2.63
N ALA A 67 -0.58 -3.03 1.44
CA ALA A 67 -1.91 -3.19 0.90
C ALA A 67 -2.77 -4.04 1.83
N SER A 68 -2.24 -5.18 2.23
CA SER A 68 -2.96 -6.09 3.13
C SER A 68 -3.25 -5.44 4.47
N GLU A 69 -2.26 -4.69 4.98
CA GLU A 69 -2.40 -4.01 6.26
C GLU A 69 -3.54 -2.99 6.26
N TYR A 70 -3.65 -2.22 5.18
CA TYR A 70 -4.68 -1.19 5.08
C TYR A 70 -6.00 -1.75 4.54
N LEU A 71 -5.94 -2.84 3.79
CA LEU A 71 -7.16 -3.44 3.22
C LEU A 71 -8.06 -3.97 4.32
N LYS A 72 -7.47 -4.53 5.37
CA LYS A 72 -8.24 -5.08 6.47
C LYS A 72 -8.79 -3.96 7.37
N LEU A 73 -8.34 -2.75 7.09
CA LEU A 73 -8.79 -1.59 7.85
C LEU A 73 -9.96 -0.90 7.18
N LYS A 74 -9.91 -0.81 5.86
CA LYS A 74 -10.98 -0.16 5.11
C LYS A 74 -12.25 -1.02 5.07
N GLU A 75 -12.10 -2.31 5.39
CA GLU A 75 -13.24 -3.20 5.39
C GLU A 75 -14.00 -3.13 6.72
N GLU A 76 -13.26 -2.98 7.82
CA GLU A 76 -13.90 -2.91 9.14
C GLU A 76 -14.67 -1.61 9.27
N TYR A 77 -14.24 -0.57 8.55
CA TYR A 77 -14.93 0.71 8.56
C TYR A 77 -16.36 0.54 8.07
N GLN A 78 -16.51 -0.28 7.05
CA GLN A 78 -17.82 -0.53 6.46
C GLN A 78 -18.68 -1.39 7.40
N ARG A 79 -18.02 -2.23 8.20
CA ARG A 79 -18.70 -3.12 9.12
C ARG A 79 -19.54 -2.36 10.15
N LEU A 80 -18.91 -1.41 10.84
CA LEU A 80 -19.62 -0.62 11.84
C LEU A 80 -20.60 0.34 11.20
N ARG A 81 -20.34 0.69 9.95
CA ARG A 81 -21.22 1.61 9.23
C ARG A 81 -22.49 0.89 8.76
N GLU A 82 -22.34 -0.33 8.27
CA GLU A 82 -23.48 -1.11 7.79
C GLU A 82 -24.34 -1.60 8.96
N GLN A 83 -23.70 -1.77 10.12
CA GLN A 83 -24.38 -2.23 11.31
C GLN A 83 -25.28 -1.13 11.88
N LEU A 84 -24.93 0.12 11.58
CA LEU A 84 -25.69 1.26 12.06
C LEU A 84 -26.92 1.51 11.19
N LYS A 85 -26.97 0.85 10.05
CA LYS A 85 -28.09 1.02 9.13
C LYS A 85 -29.17 -0.04 9.38
N LYS A 86 -29.05 -1.17 8.70
CA LYS A 86 -30.01 -2.26 8.83
C LYS A 86 -29.38 -3.58 8.42
N GLY B 1 9.73 -33.40 22.52
CA GLY B 1 9.33 -32.32 23.45
C GLY B 1 7.94 -31.82 23.15
N SER B 2 7.08 -31.82 24.16
CA SER B 2 5.71 -31.37 24.00
C SER B 2 5.51 -29.99 24.63
N HIS B 3 4.93 -29.08 23.87
CA HIS B 3 4.66 -27.74 24.35
C HIS B 3 3.28 -27.28 23.86
N MET B 4 2.67 -26.36 24.58
CA MET B 4 1.36 -25.85 24.21
C MET B 4 1.45 -25.00 22.95
N THR B 5 0.68 -25.36 21.95
CA THR B 5 0.69 -24.65 20.68
C THR B 5 -0.50 -23.70 20.59
N GLU B 6 -0.31 -22.58 19.92
CA GLU B 6 -1.35 -21.58 19.74
C GLU B 6 -1.57 -21.30 18.27
N GLN B 7 -2.47 -20.38 17.97
CA GLN B 7 -2.77 -20.01 16.60
C GLN B 7 -2.38 -18.56 16.34
N PRO B 8 -1.13 -18.34 15.90
CA PRO B 8 -0.62 -17.00 15.61
C PRO B 8 -0.90 -16.58 14.17
N LYS B 9 -0.37 -15.43 13.77
CA LYS B 9 -0.57 -14.94 12.40
C LYS B 9 0.10 -15.88 11.41
N THR B 10 -0.64 -16.32 10.42
CA THR B 10 -0.12 -17.24 9.43
C THR B 10 0.48 -16.46 8.25
N ARG B 11 1.15 -17.18 7.36
CA ARG B 11 1.76 -16.58 6.20
C ARG B 11 1.17 -17.19 4.93
N VAL B 12 1.16 -16.42 3.87
CA VAL B 12 0.63 -16.88 2.59
C VAL B 12 1.58 -16.57 1.45
N SER B 13 1.62 -17.44 0.46
CA SER B 13 2.48 -17.25 -0.70
C SER B 13 1.64 -16.99 -1.94
N VAL B 14 1.73 -15.78 -2.49
CA VAL B 14 0.95 -15.42 -3.67
C VAL B 14 1.87 -14.95 -4.79
N ARG B 15 1.43 -15.14 -6.03
CA ARG B 15 2.21 -14.75 -7.19
C ARG B 15 1.81 -13.36 -7.67
N ILE B 16 2.79 -12.48 -7.78
CA ILE B 16 2.53 -11.12 -8.24
C ILE B 16 3.53 -10.75 -9.34
N TYR B 17 3.00 -10.49 -10.53
CA TYR B 17 3.79 -10.11 -11.69
C TYR B 17 4.74 -11.23 -12.13
N GLY B 18 4.39 -12.47 -11.83
CA GLY B 18 5.22 -13.59 -12.24
C GLY B 18 5.80 -14.38 -11.09
N GLN B 19 6.48 -13.69 -10.17
CA GLN B 19 7.11 -14.35 -9.04
C GLN B 19 6.18 -14.39 -7.83
N ASP B 20 6.30 -15.45 -7.03
CA ASP B 20 5.47 -15.59 -5.84
C ASP B 20 6.31 -15.36 -4.59
N TYR B 21 5.73 -14.69 -3.61
CA TYR B 21 6.41 -14.36 -2.37
C TYR B 21 5.53 -14.71 -1.17
N THR B 22 6.14 -14.85 -0.01
CA THR B 22 5.42 -15.18 1.20
C THR B 22 5.24 -13.94 2.09
N ILE B 23 4.00 -13.63 2.42
CA ILE B 23 3.69 -12.49 3.26
C ILE B 23 2.84 -12.93 4.43
N VAL B 24 2.58 -12.00 5.36
CA VAL B 24 1.78 -12.30 6.53
C VAL B 24 0.28 -12.15 6.25
N GLY B 25 -0.47 -13.20 6.53
CA GLY B 25 -1.90 -13.17 6.31
C GLY B 25 -2.66 -13.05 7.62
N ALA B 26 -2.80 -11.82 8.11
CA ALA B 26 -3.50 -11.56 9.35
C ALA B 26 -4.99 -11.32 9.12
N GLU B 27 -5.53 -11.95 8.10
CA GLU B 27 -6.94 -11.80 7.76
C GLU B 27 -7.46 -13.08 7.12
N SER B 28 -8.67 -13.03 6.57
CA SER B 28 -9.27 -14.17 5.92
C SER B 28 -8.40 -14.68 4.76
N PRO B 29 -8.26 -16.00 4.63
CA PRO B 29 -7.44 -16.64 3.59
C PRO B 29 -7.74 -16.16 2.16
N ALA B 30 -9.01 -15.87 1.90
CA ALA B 30 -9.41 -15.40 0.57
C ALA B 30 -9.20 -13.90 0.43
N HIS B 31 -9.29 -13.18 1.54
CA HIS B 31 -9.11 -11.73 1.53
C HIS B 31 -7.68 -11.37 1.17
N ILE B 32 -6.75 -12.24 1.57
CA ILE B 32 -5.33 -12.04 1.28
C ILE B 32 -4.97 -12.57 -0.11
N ARG B 33 -5.97 -13.00 -0.86
CA ARG B 33 -5.74 -13.50 -2.21
C ARG B 33 -6.01 -12.40 -3.22
N LEU B 34 -7.05 -11.61 -2.98
CA LEU B 34 -7.40 -10.52 -3.87
C LEU B 34 -6.31 -9.46 -3.87
N VAL B 35 -5.56 -9.39 -2.76
CA VAL B 35 -4.48 -8.43 -2.61
C VAL B 35 -3.45 -8.64 -3.71
N ALA B 36 -3.19 -9.91 -4.00
CA ALA B 36 -2.24 -10.28 -5.03
C ALA B 36 -2.63 -9.70 -6.39
N ALA B 37 -3.90 -9.91 -6.76
CA ALA B 37 -4.41 -9.42 -8.03
C ALA B 37 -4.42 -7.89 -8.06
N PHE B 38 -4.63 -7.30 -6.88
CA PHE B 38 -4.65 -5.85 -6.76
C PHE B 38 -3.29 -5.24 -7.10
N VAL B 39 -2.24 -5.82 -6.55
CA VAL B 39 -0.88 -5.32 -6.79
C VAL B 39 -0.43 -5.68 -8.20
N ASP B 40 -0.84 -6.86 -8.66
CA ASP B 40 -0.50 -7.33 -9.99
C ASP B 40 -1.00 -6.36 -11.05
N ASP B 41 -2.25 -5.96 -10.93
CA ASP B 41 -2.87 -5.02 -11.86
C ASP B 41 -2.29 -3.62 -11.69
N LYS B 42 -2.07 -3.23 -10.43
CA LYS B 42 -1.53 -1.91 -10.11
C LYS B 42 -0.19 -1.67 -10.80
N MET B 43 0.65 -2.69 -10.84
CA MET B 43 1.96 -2.55 -11.48
C MET B 43 1.82 -2.48 -13.00
N HIS B 44 0.76 -3.07 -13.52
CA HIS B 44 0.51 -3.08 -14.96
C HIS B 44 0.26 -1.67 -15.51
N GLU B 45 -0.32 -0.79 -14.68
CA GLU B 45 -0.61 0.57 -15.11
C GLU B 45 0.66 1.39 -15.24
N PHE B 46 1.59 1.20 -14.30
CA PHE B 46 2.84 1.95 -14.31
C PHE B 46 3.79 1.40 -15.37
N SER B 47 3.62 0.15 -15.74
CA SER B 47 4.46 -0.47 -16.76
C SER B 47 4.23 0.19 -18.12
N GLU B 48 3.10 0.87 -18.26
CA GLU B 48 2.77 1.57 -19.49
C GLU B 48 3.33 2.99 -19.44
N LYS B 49 3.42 3.52 -18.23
CA LYS B 49 3.94 4.87 -18.03
C LYS B 49 5.44 4.90 -18.29
N GLN B 50 6.14 3.90 -17.74
CA GLN B 50 7.59 3.77 -17.91
C GLN B 50 8.31 5.01 -17.38
N PRO B 51 8.41 5.16 -16.04
CA PRO B 51 9.06 6.30 -15.42
C PRO B 51 10.59 6.23 -15.54
N MET B 52 11.19 5.36 -14.74
CA MET B 52 12.65 5.21 -14.76
C MET B 52 13.02 3.99 -15.58
N LEU B 53 11.99 3.33 -16.13
CA LEU B 53 12.16 2.13 -16.95
C LEU B 53 13.02 1.08 -16.25
N ASP B 54 12.52 0.58 -15.14
CA ASP B 54 13.22 -0.44 -14.36
C ASP B 54 12.24 -1.13 -13.43
N VAL B 55 12.47 -2.42 -13.16
CA VAL B 55 11.60 -3.21 -12.30
C VAL B 55 11.54 -2.68 -10.85
N PRO B 56 12.69 -2.57 -10.14
CA PRO B 56 12.69 -2.08 -8.75
C PRO B 56 12.07 -0.69 -8.61
N LYS B 57 12.31 0.17 -9.60
CA LYS B 57 11.78 1.54 -9.57
C LYS B 57 10.28 1.53 -9.82
N LEU B 58 9.79 0.45 -10.40
CA LEU B 58 8.37 0.30 -10.71
C LEU B 58 7.62 -0.29 -9.51
N ALA B 59 8.17 -1.36 -8.96
CA ALA B 59 7.57 -2.05 -7.83
C ALA B 59 7.44 -1.14 -6.60
N VAL B 60 8.43 -0.28 -6.40
CA VAL B 60 8.41 0.65 -5.27
C VAL B 60 7.41 1.78 -5.52
N LEU B 61 7.18 2.09 -6.78
CA LEU B 61 6.25 3.14 -7.16
C LEU B 61 4.83 2.74 -6.81
N THR B 62 4.53 1.47 -7.00
CA THR B 62 3.21 0.94 -6.67
C THR B 62 2.99 0.96 -5.17
N ALA B 63 4.06 0.65 -4.43
CA ALA B 63 4.01 0.61 -2.98
C ALA B 63 3.61 1.96 -2.39
N VAL B 64 4.26 3.01 -2.85
CA VAL B 64 3.98 4.36 -2.36
C VAL B 64 2.61 4.85 -2.87
N GLN B 65 2.19 4.36 -4.02
CA GLN B 65 0.91 4.75 -4.60
C GLN B 65 -0.23 4.14 -3.79
N ILE B 66 -0.14 2.83 -3.54
CA ILE B 66 -1.17 2.13 -2.77
C ILE B 66 -1.28 2.71 -1.38
N ALA B 67 -0.14 3.05 -0.79
CA ALA B 67 -0.09 3.63 0.54
C ALA B 67 -0.87 4.94 0.60
N SER B 68 -0.67 5.80 -0.39
CA SER B 68 -1.35 7.09 -0.42
C SER B 68 -2.83 6.92 -0.75
N GLU B 69 -3.14 5.98 -1.64
CA GLU B 69 -4.51 5.71 -2.03
C GLU B 69 -5.35 5.23 -0.84
N TYR B 70 -4.72 4.50 0.07
CA TYR B 70 -5.42 3.97 1.24
C TYR B 70 -5.26 4.86 2.47
N LEU B 71 -4.19 5.64 2.52
CA LEU B 71 -3.94 6.52 3.66
C LEU B 71 -5.04 7.57 3.78
N LYS B 72 -5.49 8.10 2.66
CA LYS B 72 -6.54 9.12 2.65
C LYS B 72 -7.87 8.55 3.16
N LEU B 73 -7.96 7.22 3.19
CA LEU B 73 -9.17 6.55 3.64
C LEU B 73 -9.18 6.48 5.17
N LYS B 74 -8.07 6.05 5.76
CA LYS B 74 -7.99 5.96 7.21
C LYS B 74 -7.99 7.34 7.84
N GLU B 75 -7.61 8.34 7.05
CA GLU B 75 -7.58 9.71 7.52
C GLU B 75 -9.00 10.23 7.74
N GLU B 76 -9.86 10.06 6.75
CA GLU B 76 -11.24 10.51 6.85
C GLU B 76 -12.01 9.67 7.87
N TYR B 77 -11.59 8.43 8.04
CA TYR B 77 -12.21 7.52 8.99
C TYR B 77 -12.20 8.09 10.41
N GLN B 78 -11.06 8.64 10.80
CA GLN B 78 -10.92 9.20 12.13
C GLN B 78 -11.50 10.60 12.24
N ARG B 79 -12.08 11.09 11.15
CA ARG B 79 -12.67 12.42 11.13
C ARG B 79 -14.16 12.36 11.41
N LEU B 80 -14.89 11.56 10.65
CA LEU B 80 -16.33 11.44 10.81
C LEU B 80 -16.69 10.73 12.13
N ARG B 81 -15.70 10.16 12.78
CA ARG B 81 -15.93 9.47 14.04
C ARG B 81 -15.62 10.39 15.23
N GLU B 82 -14.62 11.26 15.06
CA GLU B 82 -14.25 12.19 16.12
C GLU B 82 -15.29 13.29 16.24
N GLN B 83 -15.95 13.59 15.12
CA GLN B 83 -16.97 14.62 15.07
C GLN B 83 -18.19 14.24 15.91
N LEU B 84 -18.33 12.95 16.19
CA LEU B 84 -19.46 12.47 16.96
C LEU B 84 -19.08 12.32 18.43
N LYS B 85 -17.91 12.80 18.79
CA LYS B 85 -17.45 12.71 20.17
C LYS B 85 -17.61 14.05 20.88
N LYS B 86 -16.58 14.87 20.81
CA LYS B 86 -16.59 16.19 21.45
C LYS B 86 -15.74 17.15 20.65
N GLY A 1 4.98 23.43 -17.66
CA GLY A 1 3.80 24.33 -17.54
C GLY A 1 2.53 23.55 -17.30
N SER A 2 1.59 24.15 -16.57
CA SER A 2 0.33 23.50 -16.26
C SER A 2 -0.60 23.50 -17.48
N HIS A 3 -0.83 24.68 -18.05
CA HIS A 3 -1.71 24.85 -19.21
C HIS A 3 -3.10 24.31 -18.91
N MET A 4 -3.59 24.59 -17.71
CA MET A 4 -4.90 24.14 -17.28
C MET A 4 -5.57 25.17 -16.38
N THR A 5 -6.87 25.33 -16.55
CA THR A 5 -7.64 26.26 -15.75
C THR A 5 -8.05 25.63 -14.43
N GLU A 6 -8.58 24.43 -14.51
CA GLU A 6 -9.01 23.70 -13.32
C GLU A 6 -7.82 23.01 -12.66
N GLN A 7 -7.92 22.76 -11.37
CA GLN A 7 -6.86 22.11 -10.63
C GLN A 7 -7.23 20.66 -10.31
N PRO A 8 -6.69 19.71 -11.08
CA PRO A 8 -6.95 18.30 -10.89
C PRO A 8 -5.95 17.70 -9.89
N LYS A 9 -5.96 16.38 -9.74
CA LYS A 9 -5.03 15.71 -8.84
C LYS A 9 -3.59 16.13 -9.18
N THR A 10 -2.88 16.65 -8.19
CA THR A 10 -1.51 17.09 -8.40
C THR A 10 -0.52 15.95 -8.23
N ARG A 11 0.67 16.12 -8.80
CA ARG A 11 1.71 15.11 -8.72
C ARG A 11 2.90 15.66 -7.95
N VAL A 12 3.33 14.95 -6.91
CA VAL A 12 4.44 15.38 -6.09
C VAL A 12 5.63 14.43 -6.24
N SER A 13 6.83 14.97 -6.15
CA SER A 13 8.03 14.17 -6.27
C SER A 13 8.60 13.86 -4.88
N VAL A 14 8.59 12.58 -4.51
CA VAL A 14 9.08 12.17 -3.20
C VAL A 14 10.30 11.26 -3.35
N ARG A 15 11.09 11.15 -2.31
CA ARG A 15 12.28 10.31 -2.35
C ARG A 15 12.11 9.06 -1.49
N ILE A 16 12.25 7.89 -2.10
CA ILE A 16 12.12 6.63 -1.40
C ILE A 16 13.30 5.72 -1.72
N TYR A 17 13.98 5.26 -0.68
CA TYR A 17 15.15 4.38 -0.81
C TYR A 17 16.29 5.09 -1.52
N GLY A 18 16.22 6.43 -1.56
CA GLY A 18 17.27 7.21 -2.19
C GLY A 18 16.89 7.76 -3.55
N GLN A 19 15.91 7.14 -4.20
CA GLN A 19 15.47 7.57 -5.52
C GLN A 19 14.26 8.49 -5.43
N ASP A 20 14.05 9.30 -6.46
CA ASP A 20 12.91 10.22 -6.50
C ASP A 20 11.82 9.66 -7.41
N TYR A 21 10.57 9.81 -6.97
CA TYR A 21 9.43 9.31 -7.73
C TYR A 21 8.31 10.35 -7.78
N THR A 22 7.71 10.51 -8.95
CA THR A 22 6.60 11.44 -9.12
C THR A 22 5.27 10.69 -8.98
N ILE A 23 4.56 10.95 -7.89
CA ILE A 23 3.29 10.28 -7.63
C ILE A 23 2.16 11.28 -7.46
N VAL A 24 0.94 10.78 -7.41
CA VAL A 24 -0.23 11.63 -7.24
C VAL A 24 -0.40 11.98 -5.77
N GLY A 25 -0.57 13.27 -5.49
CA GLY A 25 -0.72 13.71 -4.12
C GLY A 25 -1.99 14.49 -3.88
N ALA A 26 -3.12 13.80 -3.86
CA ALA A 26 -4.41 14.44 -3.62
C ALA A 26 -4.67 14.57 -2.12
N GLU A 27 -3.60 14.41 -1.36
CA GLU A 27 -3.66 14.49 0.10
C GLU A 27 -3.09 15.82 0.57
N SER A 28 -2.93 15.96 1.89
CA SER A 28 -2.37 17.18 2.46
C SER A 28 -0.88 17.29 2.12
N PRO A 29 -0.38 18.51 1.90
CA PRO A 29 1.03 18.77 1.55
C PRO A 29 2.03 18.17 2.53
N ALA A 30 1.67 18.12 3.81
CA ALA A 30 2.57 17.56 4.81
C ALA A 30 2.32 16.08 5.00
N HIS A 31 1.16 15.62 4.57
CA HIS A 31 0.78 14.22 4.70
C HIS A 31 1.47 13.37 3.62
N ILE A 32 1.45 13.88 2.39
CA ILE A 32 2.06 13.17 1.25
C ILE A 32 3.57 12.98 1.43
N ARG A 33 4.18 13.79 2.29
CA ARG A 33 5.61 13.68 2.52
C ARG A 33 5.93 12.54 3.47
N LEU A 34 5.04 12.27 4.42
CA LEU A 34 5.28 11.18 5.38
C LEU A 34 4.95 9.84 4.73
N VAL A 35 4.16 9.88 3.64
CA VAL A 35 3.78 8.68 2.91
C VAL A 35 5.03 7.92 2.48
N ALA A 36 5.95 8.64 1.87
CA ALA A 36 7.20 8.07 1.38
C ALA A 36 8.04 7.49 2.52
N ALA A 37 8.12 8.24 3.63
CA ALA A 37 8.89 7.80 4.78
C ALA A 37 8.31 6.53 5.39
N PHE A 38 6.99 6.39 5.31
CA PHE A 38 6.30 5.23 5.84
C PHE A 38 6.70 3.98 5.08
N VAL A 39 6.69 4.08 3.75
CA VAL A 39 7.05 2.97 2.89
C VAL A 39 8.54 2.68 2.99
N ASP A 40 9.33 3.75 3.12
CA ASP A 40 10.78 3.64 3.24
C ASP A 40 11.16 2.78 4.44
N ASP A 41 10.40 2.90 5.52
CA ASP A 41 10.67 2.14 6.73
C ASP A 41 10.30 0.68 6.52
N LYS A 42 9.21 0.46 5.78
CA LYS A 42 8.73 -0.88 5.50
C LYS A 42 9.76 -1.69 4.72
N MET A 43 10.42 -1.06 3.76
CA MET A 43 11.44 -1.74 2.97
C MET A 43 12.72 -1.90 3.77
N HIS A 44 12.95 -1.00 4.72
CA HIS A 44 14.14 -1.06 5.55
C HIS A 44 14.09 -2.27 6.47
N GLU A 45 12.94 -2.51 7.07
CA GLU A 45 12.76 -3.65 7.96
C GLU A 45 12.67 -4.97 7.19
N PHE A 46 12.52 -4.87 5.87
CA PHE A 46 12.41 -6.06 5.04
C PHE A 46 13.73 -6.40 4.35
N SER A 47 14.54 -5.39 4.08
CA SER A 47 15.83 -5.60 3.43
C SER A 47 16.74 -6.46 4.30
N GLU A 48 16.62 -6.30 5.62
CA GLU A 48 17.42 -7.05 6.57
C GLU A 48 16.96 -8.50 6.68
N LYS A 49 15.76 -8.79 6.16
CA LYS A 49 15.21 -10.14 6.22
C LYS A 49 15.84 -11.01 5.14
N GLN A 50 16.16 -10.38 4.01
CA GLN A 50 16.77 -11.08 2.87
C GLN A 50 15.90 -12.26 2.41
N PRO A 51 14.72 -11.99 1.85
CA PRO A 51 13.83 -13.05 1.38
C PRO A 51 14.46 -13.87 0.25
N MET A 52 14.64 -13.25 -0.91
CA MET A 52 15.25 -13.92 -2.05
C MET A 52 16.49 -13.16 -2.52
N LEU A 53 16.92 -12.18 -1.72
CA LEU A 53 18.10 -11.36 -2.02
C LEU A 53 17.98 -10.72 -3.40
N ASP A 54 17.08 -9.75 -3.52
CA ASP A 54 16.87 -9.05 -4.78
C ASP A 54 16.12 -7.75 -4.51
N VAL A 55 16.63 -6.64 -5.04
CA VAL A 55 16.03 -5.32 -4.83
C VAL A 55 14.59 -5.21 -5.37
N PRO A 56 14.34 -5.44 -6.68
CA PRO A 56 12.99 -5.34 -7.25
C PRO A 56 11.97 -6.20 -6.52
N LYS A 57 12.35 -7.44 -6.20
CA LYS A 57 11.46 -8.36 -5.49
C LYS A 57 11.20 -7.87 -4.07
N LEU A 58 12.18 -7.18 -3.50
CA LEU A 58 12.08 -6.64 -2.15
C LEU A 58 11.12 -5.45 -2.14
N ALA A 59 11.23 -4.62 -3.17
CA ALA A 59 10.39 -3.43 -3.31
C ALA A 59 8.91 -3.79 -3.41
N VAL A 60 8.58 -4.68 -4.34
CA VAL A 60 7.19 -5.09 -4.53
C VAL A 60 6.65 -5.86 -3.33
N LEU A 61 7.54 -6.49 -2.58
CA LEU A 61 7.16 -7.26 -1.40
C LEU A 61 6.53 -6.36 -0.34
N THR A 62 6.94 -5.10 -0.31
CA THR A 62 6.40 -4.15 0.65
C THR A 62 5.02 -3.65 0.23
N ALA A 63 4.82 -3.53 -1.08
CA ALA A 63 3.55 -3.06 -1.63
C ALA A 63 2.40 -3.95 -1.19
N VAL A 64 2.57 -5.25 -1.36
CA VAL A 64 1.55 -6.21 -0.98
C VAL A 64 1.39 -6.29 0.53
N GLN A 65 2.46 -6.04 1.27
CA GLN A 65 2.40 -6.07 2.72
C GLN A 65 1.60 -4.88 3.23
N ILE A 66 1.95 -3.69 2.74
CA ILE A 66 1.27 -2.47 3.11
C ILE A 66 -0.21 -2.56 2.77
N ALA A 67 -0.50 -3.02 1.56
CA ALA A 67 -1.87 -3.16 1.09
C ALA A 67 -2.67 -4.11 1.97
N SER A 68 -2.06 -5.25 2.32
CA SER A 68 -2.72 -6.25 3.15
C SER A 68 -3.15 -5.67 4.50
N GLU A 69 -2.28 -4.87 5.10
CA GLU A 69 -2.57 -4.27 6.41
C GLU A 69 -3.63 -3.17 6.30
N TYR A 70 -3.50 -2.32 5.29
CA TYR A 70 -4.44 -1.21 5.11
C TYR A 70 -5.83 -1.68 4.69
N LEU A 71 -5.90 -2.80 3.98
CA LEU A 71 -7.18 -3.35 3.51
C LEU A 71 -8.08 -3.72 4.70
N LYS A 72 -7.46 -4.15 5.80
CA LYS A 72 -8.21 -4.55 6.99
C LYS A 72 -8.80 -3.33 7.69
N LEU A 73 -8.23 -2.15 7.44
CA LEU A 73 -8.69 -0.92 8.04
C LEU A 73 -9.98 -0.45 7.38
N LYS A 74 -10.02 -0.53 6.06
CA LYS A 74 -11.21 -0.09 5.34
C LYS A 74 -12.33 -1.11 5.47
N GLU A 75 -11.99 -2.37 5.73
CA GLU A 75 -12.98 -3.41 5.88
C GLU A 75 -13.71 -3.25 7.21
N GLU A 76 -12.96 -2.91 8.26
CA GLU A 76 -13.54 -2.72 9.59
C GLU A 76 -14.47 -1.52 9.59
N TYR A 77 -14.22 -0.58 8.68
CA TYR A 77 -15.04 0.62 8.54
C TYR A 77 -16.46 0.22 8.21
N GLN A 78 -16.61 -0.71 7.28
CA GLN A 78 -17.92 -1.19 6.87
C GLN A 78 -18.57 -2.00 7.99
N ARG A 79 -17.73 -2.63 8.81
CA ARG A 79 -18.22 -3.45 9.91
C ARG A 79 -18.81 -2.55 10.99
N LEU A 80 -18.12 -1.46 11.26
CA LEU A 80 -18.54 -0.49 12.26
C LEU A 80 -19.84 0.19 11.83
N ARG A 81 -19.91 0.56 10.56
CA ARG A 81 -21.08 1.23 10.02
C ARG A 81 -22.29 0.31 10.02
N GLU A 82 -22.12 -0.92 9.56
CA GLU A 82 -23.22 -1.88 9.51
C GLU A 82 -23.65 -2.27 10.93
N GLN A 83 -22.74 -2.14 11.87
CA GLN A 83 -23.02 -2.46 13.27
C GLN A 83 -24.06 -1.48 13.81
N LEU A 84 -23.95 -0.23 13.37
CA LEU A 84 -24.87 0.81 13.78
C LEU A 84 -26.21 0.65 13.07
N LYS A 85 -26.18 -0.07 11.96
CA LYS A 85 -27.37 -0.34 11.17
C LYS A 85 -27.95 -1.70 11.55
N LYS A 86 -27.38 -2.30 12.59
CA LYS A 86 -27.81 -3.59 13.07
C LYS A 86 -28.71 -3.41 14.29
N GLY B 1 7.73 -27.36 9.60
CA GLY B 1 7.20 -27.71 10.94
C GLY B 1 6.81 -26.47 11.72
N SER B 2 5.56 -26.42 12.16
CA SER B 2 5.06 -25.29 12.93
C SER B 2 5.56 -25.35 14.37
N HIS B 3 5.14 -26.40 15.07
CA HIS B 3 5.53 -26.62 16.47
C HIS B 3 5.20 -25.40 17.34
N MET B 4 4.00 -24.87 17.16
CA MET B 4 3.55 -23.72 17.91
C MET B 4 2.25 -24.04 18.64
N THR B 5 2.14 -23.60 19.88
CA THR B 5 0.96 -23.85 20.68
C THR B 5 -0.03 -22.70 20.57
N GLU B 6 0.44 -21.57 20.06
CA GLU B 6 -0.40 -20.39 19.91
C GLU B 6 -0.60 -20.09 18.43
N GLN B 7 -1.62 -19.30 18.13
CA GLN B 7 -1.90 -18.94 16.74
C GLN B 7 -1.52 -17.48 16.49
N PRO B 8 -0.31 -17.25 15.96
CA PRO B 8 0.19 -15.91 15.65
C PRO B 8 -0.27 -15.45 14.28
N LYS B 9 0.32 -14.35 13.78
CA LYS B 9 -0.01 -13.82 12.48
C LYS B 9 0.29 -14.87 11.41
N THR B 10 -0.75 -15.35 10.73
CA THR B 10 -0.58 -16.35 9.70
C THR B 10 0.06 -15.75 8.45
N ARG B 11 0.83 -16.56 7.74
CA ARG B 11 1.52 -16.12 6.54
C ARG B 11 0.89 -16.75 5.31
N VAL B 12 0.86 -16.00 4.23
CA VAL B 12 0.29 -16.49 2.97
C VAL B 12 1.27 -16.27 1.83
N SER B 13 1.29 -17.20 0.89
CA SER B 13 2.16 -17.12 -0.26
C SER B 13 1.34 -16.83 -1.52
N VAL B 14 1.61 -15.70 -2.16
CA VAL B 14 0.89 -15.30 -3.35
C VAL B 14 1.85 -14.94 -4.47
N ARG B 15 1.36 -14.97 -5.71
CA ARG B 15 2.18 -14.65 -6.85
C ARG B 15 1.87 -13.26 -7.40
N ILE B 16 2.88 -12.40 -7.45
CA ILE B 16 2.72 -11.04 -7.97
C ILE B 16 3.79 -10.78 -9.02
N TYR B 17 3.36 -10.29 -10.18
CA TYR B 17 4.26 -9.97 -11.29
C TYR B 17 4.98 -11.23 -11.80
N GLY B 18 4.54 -12.39 -11.34
CA GLY B 18 5.14 -13.64 -11.76
C GLY B 18 5.96 -14.32 -10.68
N GLN B 19 6.30 -13.58 -9.63
CA GLN B 19 7.10 -14.12 -8.53
C GLN B 19 6.21 -14.48 -7.33
N ASP B 20 6.69 -15.39 -6.50
CA ASP B 20 5.95 -15.82 -5.32
C ASP B 20 6.46 -15.09 -4.08
N TYR B 21 5.55 -14.47 -3.34
CA TYR B 21 5.92 -13.74 -2.14
C TYR B 21 5.10 -14.23 -0.95
N THR B 22 5.75 -14.32 0.20
CA THR B 22 5.10 -14.75 1.42
C THR B 22 5.01 -13.58 2.40
N ILE B 23 3.80 -13.25 2.83
CA ILE B 23 3.59 -12.14 3.76
C ILE B 23 2.55 -12.50 4.80
N VAL B 24 2.20 -11.53 5.64
CA VAL B 24 1.21 -11.74 6.69
C VAL B 24 -0.21 -11.54 6.14
N GLY B 25 -1.06 -12.54 6.33
CA GLY B 25 -2.42 -12.45 5.85
C GLY B 25 -3.43 -12.82 6.92
N ALA B 26 -3.20 -12.34 8.13
CA ALA B 26 -4.09 -12.62 9.26
C ALA B 26 -5.39 -11.83 9.14
N GLU B 27 -6.34 -12.39 8.40
CA GLU B 27 -7.64 -11.76 8.20
C GLU B 27 -8.62 -12.75 7.58
N SER B 28 -8.47 -13.02 6.28
CA SER B 28 -9.35 -13.94 5.57
C SER B 28 -8.64 -14.43 4.31
N PRO B 29 -8.66 -15.75 4.04
CA PRO B 29 -7.99 -16.35 2.87
C PRO B 29 -8.41 -15.71 1.55
N ALA B 30 -9.68 -15.40 1.41
CA ALA B 30 -10.17 -14.80 0.17
C ALA B 30 -9.80 -13.32 0.07
N HIS B 31 -9.89 -12.63 1.21
CA HIS B 31 -9.57 -11.20 1.26
C HIS B 31 -8.10 -10.93 0.99
N ILE B 32 -7.24 -11.84 1.43
CA ILE B 32 -5.79 -11.70 1.23
C ILE B 32 -5.36 -12.23 -0.12
N ARG B 33 -6.25 -12.94 -0.80
CA ARG B 33 -5.93 -13.48 -2.11
C ARG B 33 -6.04 -12.40 -3.18
N LEU B 34 -6.95 -11.46 -2.96
CA LEU B 34 -7.16 -10.38 -3.93
C LEU B 34 -6.09 -9.30 -3.76
N VAL B 35 -5.44 -9.27 -2.59
CA VAL B 35 -4.40 -8.28 -2.32
C VAL B 35 -3.32 -8.35 -3.38
N ALA B 36 -2.90 -9.57 -3.70
CA ALA B 36 -1.88 -9.79 -4.71
C ALA B 36 -2.31 -9.27 -6.08
N ALA B 37 -3.53 -9.61 -6.48
CA ALA B 37 -4.07 -9.18 -7.77
C ALA B 37 -4.17 -7.66 -7.85
N PHE B 38 -4.45 -7.05 -6.71
CA PHE B 38 -4.58 -5.59 -6.63
C PHE B 38 -3.24 -4.92 -6.95
N VAL B 39 -2.17 -5.47 -6.40
CA VAL B 39 -0.84 -4.92 -6.63
C VAL B 39 -0.40 -5.20 -8.07
N ASP B 40 -0.75 -6.39 -8.56
CA ASP B 40 -0.40 -6.79 -9.92
C ASP B 40 -1.00 -5.80 -10.91
N ASP B 41 -2.22 -5.34 -10.62
CA ASP B 41 -2.91 -4.36 -11.45
C ASP B 41 -2.16 -3.04 -11.44
N LYS B 42 -1.76 -2.62 -10.25
CA LYS B 42 -1.04 -1.36 -10.07
C LYS B 42 0.25 -1.35 -10.89
N MET B 43 1.05 -2.41 -10.74
CA MET B 43 2.30 -2.50 -11.46
C MET B 43 2.06 -2.52 -12.97
N HIS B 44 0.99 -3.18 -13.38
CA HIS B 44 0.64 -3.28 -14.80
C HIS B 44 0.26 -1.92 -15.38
N GLU B 45 -0.44 -1.10 -14.60
CA GLU B 45 -0.88 0.22 -15.08
C GLU B 45 0.24 1.25 -15.02
N PHE B 46 1.30 0.93 -14.29
CA PHE B 46 2.42 1.85 -14.14
C PHE B 46 3.60 1.46 -15.04
N SER B 47 3.70 0.18 -15.38
CA SER B 47 4.80 -0.30 -16.24
C SER B 47 4.64 0.23 -17.65
N GLU B 48 3.44 0.66 -17.98
CA GLU B 48 3.16 1.22 -19.30
C GLU B 48 3.55 2.69 -19.35
N LYS B 49 3.89 3.25 -18.21
CA LYS B 49 4.30 4.65 -18.14
C LYS B 49 5.81 4.76 -18.32
N GLN B 50 6.55 3.90 -17.60
CA GLN B 50 8.01 3.87 -17.66
C GLN B 50 8.63 5.24 -17.37
N PRO B 51 8.55 5.72 -16.12
CA PRO B 51 9.13 7.01 -15.76
C PRO B 51 10.66 6.99 -15.78
N MET B 52 11.25 5.94 -15.21
CA MET B 52 12.70 5.82 -15.16
C MET B 52 13.18 4.57 -15.90
N LEU B 53 12.25 3.83 -16.50
CA LEU B 53 12.57 2.62 -17.25
C LEU B 53 13.37 1.65 -16.39
N ASP B 54 12.84 1.31 -15.21
CA ASP B 54 13.51 0.41 -14.30
C ASP B 54 12.49 -0.45 -13.55
N VAL B 55 12.85 -1.72 -13.35
CA VAL B 55 11.96 -2.67 -12.67
C VAL B 55 11.81 -2.39 -11.16
N PRO B 56 12.91 -2.43 -10.36
CA PRO B 56 12.83 -2.18 -8.90
C PRO B 56 12.18 -0.84 -8.56
N LYS B 57 12.50 0.19 -9.32
CA LYS B 57 11.95 1.52 -9.08
C LYS B 57 10.46 1.54 -9.38
N LEU B 58 10.03 0.69 -10.29
CA LEU B 58 8.63 0.58 -10.68
C LEU B 58 7.84 -0.11 -9.57
N ALA B 59 8.44 -1.16 -9.01
CA ALA B 59 7.81 -1.94 -7.95
C ALA B 59 7.54 -1.09 -6.70
N VAL B 60 8.49 -0.27 -6.33
CA VAL B 60 8.34 0.58 -5.15
C VAL B 60 7.42 1.78 -5.45
N LEU B 61 7.35 2.15 -6.72
CA LEU B 61 6.51 3.26 -7.15
C LEU B 61 5.05 2.99 -6.85
N THR B 62 4.63 1.75 -7.04
CA THR B 62 3.26 1.36 -6.77
C THR B 62 3.00 1.20 -5.27
N ALA B 63 4.04 0.86 -4.53
CA ALA B 63 3.92 0.68 -3.09
C ALA B 63 3.52 1.97 -2.41
N VAL B 64 4.17 3.07 -2.80
CA VAL B 64 3.88 4.36 -2.22
C VAL B 64 2.54 4.91 -2.72
N GLN B 65 2.16 4.52 -3.94
CA GLN B 65 0.91 4.96 -4.52
C GLN B 65 -0.26 4.38 -3.75
N ILE B 66 -0.17 3.07 -3.48
CA ILE B 66 -1.22 2.37 -2.73
C ILE B 66 -1.36 2.97 -1.33
N ALA B 67 -0.21 3.25 -0.71
CA ALA B 67 -0.18 3.81 0.63
C ALA B 67 -0.96 5.13 0.69
N SER B 68 -0.66 6.03 -0.23
CA SER B 68 -1.32 7.34 -0.27
C SER B 68 -2.82 7.19 -0.53
N GLU B 69 -3.19 6.21 -1.32
CA GLU B 69 -4.61 6.00 -1.64
C GLU B 69 -5.37 5.52 -0.40
N TYR B 70 -4.81 4.56 0.31
CA TYR B 70 -5.47 4.02 1.49
C TYR B 70 -5.37 4.97 2.68
N LEU B 71 -4.29 5.73 2.76
CA LEU B 71 -4.11 6.69 3.85
C LEU B 71 -5.21 7.75 3.84
N LYS B 72 -5.60 8.19 2.65
CA LYS B 72 -6.65 9.17 2.52
C LYS B 72 -7.96 8.63 3.08
N LEU B 73 -8.22 7.37 2.79
CA LEU B 73 -9.43 6.71 3.23
C LEU B 73 -9.40 6.47 4.74
N LYS B 74 -8.23 6.12 5.27
CA LYS B 74 -8.09 5.88 6.70
C LYS B 74 -8.34 7.16 7.49
N GLU B 75 -7.94 8.28 6.91
CA GLU B 75 -8.13 9.58 7.54
C GLU B 75 -9.59 9.96 7.49
N GLU B 76 -10.21 9.71 6.35
CA GLU B 76 -11.63 9.98 6.13
C GLU B 76 -12.46 9.19 7.13
N TYR B 77 -12.00 7.97 7.42
CA TYR B 77 -12.66 7.08 8.36
C TYR B 77 -12.78 7.73 9.74
N GLN B 78 -11.80 8.53 10.10
CA GLN B 78 -11.80 9.21 11.39
C GLN B 78 -12.58 10.52 11.31
N ARG B 79 -12.49 11.18 10.15
CA ARG B 79 -13.15 12.46 9.92
C ARG B 79 -14.65 12.44 10.24
N LEU B 80 -15.37 11.50 9.64
CA LEU B 80 -16.82 11.41 9.85
C LEU B 80 -17.15 11.03 11.30
N ARG B 81 -16.28 10.22 11.90
CA ARG B 81 -16.50 9.77 13.27
C ARG B 81 -16.32 10.93 14.25
N GLU B 82 -15.22 11.65 14.13
CA GLU B 82 -14.92 12.76 15.02
C GLU B 82 -15.89 13.92 14.82
N GLN B 83 -16.47 14.01 13.63
CA GLN B 83 -17.42 15.07 13.32
C GLN B 83 -18.77 14.80 13.98
N LEU B 84 -19.17 13.53 13.99
CA LEU B 84 -20.45 13.14 14.59
C LEU B 84 -20.46 13.38 16.09
N LYS B 85 -19.36 13.02 16.75
CA LYS B 85 -19.24 13.17 18.19
C LYS B 85 -18.76 14.57 18.58
N LYS B 86 -19.10 15.56 17.76
CA LYS B 86 -18.70 16.94 18.01
C LYS B 86 -19.79 17.91 17.59
N GLY A 1 -7.03 36.59 -14.76
CA GLY A 1 -7.54 35.89 -15.97
C GLY A 1 -6.45 35.18 -16.72
N SER A 2 -5.88 34.16 -16.11
CA SER A 2 -4.82 33.39 -16.73
C SER A 2 -5.12 31.89 -16.64
N HIS A 3 -4.09 31.07 -16.79
CA HIS A 3 -4.24 29.62 -16.74
C HIS A 3 -4.35 29.16 -15.29
N MET A 4 -5.52 29.36 -14.70
CA MET A 4 -5.78 28.97 -13.33
C MET A 4 -6.34 27.55 -13.25
N THR A 5 -6.27 26.95 -12.07
CA THR A 5 -6.78 25.59 -11.87
C THR A 5 -7.12 25.38 -10.39
N GLU A 6 -8.30 24.86 -10.12
CA GLU A 6 -8.74 24.62 -8.75
C GLU A 6 -8.12 23.36 -8.17
N GLN A 7 -6.92 23.51 -7.61
CA GLN A 7 -6.18 22.41 -7.00
C GLN A 7 -6.07 21.21 -7.94
N PRO A 8 -5.15 21.25 -8.89
CA PRO A 8 -4.94 20.17 -9.83
C PRO A 8 -4.12 19.03 -9.23
N LYS A 9 -4.12 17.88 -9.89
CA LYS A 9 -3.35 16.74 -9.41
C LYS A 9 -1.88 16.93 -9.78
N THR A 10 -1.19 17.69 -8.95
CA THR A 10 0.21 17.99 -9.15
C THR A 10 1.09 16.79 -8.83
N ARG A 11 2.35 16.88 -9.20
CA ARG A 11 3.30 15.81 -8.97
C ARG A 11 4.27 16.19 -7.84
N VAL A 12 4.63 15.23 -7.02
CA VAL A 12 5.54 15.47 -5.92
C VAL A 12 6.70 14.48 -5.97
N SER A 13 7.91 14.98 -5.77
CA SER A 13 9.09 14.13 -5.77
C SER A 13 9.58 13.92 -4.34
N VAL A 14 9.55 12.69 -3.89
CA VAL A 14 9.99 12.36 -2.54
C VAL A 14 11.23 11.47 -2.58
N ARG A 15 11.81 11.22 -1.43
CA ARG A 15 13.01 10.40 -1.34
C ARG A 15 12.73 9.13 -0.54
N ILE A 16 12.90 7.98 -1.19
CA ILE A 16 12.68 6.68 -0.56
C ILE A 16 13.87 5.76 -0.83
N TYR A 17 14.43 5.19 0.24
CA TYR A 17 15.57 4.27 0.13
C TYR A 17 16.77 4.94 -0.54
N GLY A 18 16.90 6.25 -0.34
CA GLY A 18 18.01 6.98 -0.92
C GLY A 18 17.81 7.32 -2.38
N GLN A 19 16.60 7.12 -2.88
CA GLN A 19 16.30 7.43 -4.28
C GLN A 19 15.07 8.33 -4.37
N ASP A 20 15.01 9.16 -5.40
CA ASP A 20 13.89 10.08 -5.57
C ASP A 20 12.80 9.46 -6.44
N TYR A 21 11.55 9.67 -6.05
CA TYR A 21 10.40 9.14 -6.76
C TYR A 21 9.32 10.19 -6.89
N THR A 22 8.79 10.36 -8.09
CA THR A 22 7.76 11.34 -8.33
C THR A 22 6.39 10.68 -8.50
N ILE A 23 5.43 11.10 -7.69
CA ILE A 23 4.07 10.56 -7.73
C ILE A 23 3.05 11.70 -7.78
N VAL A 24 1.77 11.34 -7.78
CA VAL A 24 0.70 12.33 -7.83
C VAL A 24 0.24 12.68 -6.42
N GLY A 25 0.30 13.96 -6.08
CA GLY A 25 -0.11 14.42 -4.77
C GLY A 25 -1.45 15.12 -4.82
N ALA A 26 -2.52 14.33 -4.86
CA ALA A 26 -3.87 14.90 -4.92
C ALA A 26 -4.54 14.96 -3.56
N GLU A 27 -4.03 14.21 -2.58
CA GLU A 27 -4.62 14.21 -1.25
C GLU A 27 -4.23 15.48 -0.48
N SER A 28 -2.95 15.60 -0.13
CA SER A 28 -2.44 16.77 0.59
C SER A 28 -0.92 16.66 0.70
N PRO A 29 -0.21 17.80 0.65
CA PRO A 29 1.25 17.84 0.74
C PRO A 29 1.80 17.21 2.03
N ALA A 30 1.10 17.42 3.13
CA ALA A 30 1.53 16.89 4.42
C ALA A 30 1.39 15.37 4.46
N HIS A 31 0.28 14.85 3.97
CA HIS A 31 0.03 13.42 3.98
C HIS A 31 1.02 12.69 3.09
N ILE A 32 1.13 13.13 1.84
CA ILE A 32 2.05 12.50 0.88
C ILE A 32 3.51 12.62 1.29
N ARG A 33 3.78 13.53 2.23
CA ARG A 33 5.14 13.73 2.72
C ARG A 33 5.54 12.61 3.67
N LEU A 34 4.63 12.21 4.54
CA LEU A 34 4.91 11.15 5.51
C LEU A 34 4.86 9.77 4.85
N VAL A 35 4.21 9.71 3.69
CA VAL A 35 4.10 8.45 2.94
C VAL A 35 5.48 7.92 2.58
N ALA A 36 6.36 8.83 2.19
CA ALA A 36 7.72 8.47 1.81
C ALA A 36 8.45 7.74 2.94
N ALA A 37 8.37 8.33 4.13
CA ALA A 37 9.02 7.75 5.30
C ALA A 37 8.36 6.44 5.71
N PHE A 38 7.07 6.32 5.40
CA PHE A 38 6.31 5.13 5.73
C PHE A 38 6.84 3.93 4.93
N VAL A 39 7.07 4.14 3.64
CA VAL A 39 7.56 3.09 2.77
C VAL A 39 9.06 2.87 2.97
N ASP A 40 9.79 3.97 3.16
CA ASP A 40 11.24 3.92 3.37
C ASP A 40 11.60 3.01 4.53
N ASP A 41 10.94 3.24 5.66
CA ASP A 41 11.17 2.45 6.87
C ASP A 41 10.76 0.99 6.67
N LYS A 42 9.62 0.79 6.02
CA LYS A 42 9.10 -0.54 5.77
C LYS A 42 10.05 -1.35 4.90
N MET A 43 10.65 -0.69 3.90
CA MET A 43 11.58 -1.34 3.01
C MET A 43 12.89 -1.67 3.71
N HIS A 44 13.13 -1.01 4.83
CA HIS A 44 14.36 -1.22 5.59
C HIS A 44 14.15 -2.25 6.70
N GLU A 45 12.90 -2.67 6.90
CA GLU A 45 12.60 -3.65 7.94
C GLU A 45 12.37 -5.05 7.35
N PHE A 46 12.11 -5.12 6.05
CA PHE A 46 11.87 -6.39 5.40
C PHE A 46 13.00 -6.79 4.46
N SER A 47 14.02 -5.94 4.36
CA SER A 47 15.16 -6.20 3.49
C SER A 47 15.95 -7.41 3.99
N GLU A 48 15.90 -7.62 5.31
CA GLU A 48 16.60 -8.72 5.95
C GLU A 48 15.96 -10.07 5.64
N LYS A 49 14.73 -10.06 5.14
CA LYS A 49 14.02 -11.29 4.83
C LYS A 49 14.59 -11.95 3.58
N GLN A 50 14.86 -11.13 2.55
CA GLN A 50 15.40 -11.62 1.28
C GLN A 50 14.54 -12.77 0.72
N PRO A 51 13.34 -12.45 0.20
CA PRO A 51 12.42 -13.45 -0.35
C PRO A 51 13.06 -14.32 -1.43
N MET A 52 13.38 -13.72 -2.57
CA MET A 52 13.98 -14.47 -3.68
C MET A 52 15.44 -14.06 -3.90
N LEU A 53 15.92 -13.14 -3.08
CA LEU A 53 17.32 -12.66 -3.15
C LEU A 53 17.67 -12.11 -4.53
N ASP A 54 17.21 -10.90 -4.83
CA ASP A 54 17.49 -10.26 -6.10
C ASP A 54 17.67 -8.75 -5.90
N VAL A 55 16.60 -7.97 -6.17
CA VAL A 55 16.62 -6.50 -6.03
C VAL A 55 15.16 -6.00 -5.98
N PRO A 56 14.36 -6.11 -7.08
CA PRO A 56 12.97 -5.65 -7.08
C PRO A 56 12.04 -6.58 -6.32
N LYS A 57 12.56 -7.73 -5.94
CA LYS A 57 11.78 -8.72 -5.20
C LYS A 57 11.46 -8.23 -3.80
N LEU A 58 12.14 -7.18 -3.37
CA LEU A 58 11.92 -6.61 -2.05
C LEU A 58 10.88 -5.51 -2.13
N ALA A 59 10.94 -4.72 -3.20
CA ALA A 59 10.01 -3.61 -3.40
C ALA A 59 8.57 -4.09 -3.56
N VAL A 60 8.40 -5.26 -4.18
CA VAL A 60 7.06 -5.81 -4.37
C VAL A 60 6.57 -6.44 -3.06
N LEU A 61 7.53 -6.88 -2.25
CA LEU A 61 7.22 -7.50 -0.97
C LEU A 61 6.56 -6.50 -0.04
N THR A 62 7.07 -5.28 -0.05
CA THR A 62 6.52 -4.23 0.79
C THR A 62 5.20 -3.72 0.22
N ALA A 63 5.12 -3.64 -1.10
CA ALA A 63 3.92 -3.16 -1.78
C ALA A 63 2.71 -4.03 -1.44
N VAL A 64 2.88 -5.34 -1.55
CA VAL A 64 1.80 -6.27 -1.28
C VAL A 64 1.41 -6.29 0.21
N GLN A 65 2.37 -6.02 1.10
CA GLN A 65 2.09 -6.01 2.53
C GLN A 65 1.40 -4.72 2.95
N ILE A 66 1.76 -3.62 2.31
CA ILE A 66 1.16 -2.32 2.61
C ILE A 66 -0.34 -2.35 2.27
N ALA A 67 -0.65 -3.00 1.16
CA ALA A 67 -2.04 -3.11 0.71
C ALA A 67 -2.88 -3.89 1.73
N SER A 68 -2.36 -5.00 2.24
CA SER A 68 -3.07 -5.82 3.20
C SER A 68 -3.21 -5.09 4.54
N GLU A 69 -2.16 -4.37 4.92
CA GLU A 69 -2.16 -3.61 6.17
C GLU A 69 -3.24 -2.53 6.16
N TYR A 70 -3.61 -2.09 4.97
CA TYR A 70 -4.63 -1.06 4.82
C TYR A 70 -6.00 -1.68 4.61
N LEU A 71 -6.04 -2.87 4.01
CA LEU A 71 -7.31 -3.55 3.75
C LEU A 71 -8.00 -3.96 5.05
N LYS A 72 -7.20 -4.25 6.08
CA LYS A 72 -7.77 -4.62 7.37
C LYS A 72 -8.48 -3.42 7.99
N LEU A 73 -8.06 -2.22 7.58
CA LEU A 73 -8.65 -1.00 8.09
C LEU A 73 -10.03 -0.80 7.47
N LYS A 74 -10.12 -1.01 6.16
CA LYS A 74 -11.41 -0.85 5.47
C LYS A 74 -12.40 -1.90 5.96
N GLU A 75 -11.87 -3.02 6.44
CA GLU A 75 -12.69 -4.10 6.97
C GLU A 75 -13.38 -3.65 8.26
N GLU A 76 -12.60 -3.06 9.16
CA GLU A 76 -13.13 -2.55 10.42
C GLU A 76 -14.05 -1.36 10.17
N TYR A 77 -13.71 -0.60 9.13
CA TYR A 77 -14.47 0.59 8.74
C TYR A 77 -15.94 0.27 8.49
N GLN A 78 -16.21 -0.93 8.00
CA GLN A 78 -17.58 -1.34 7.74
C GLN A 78 -18.18 -2.03 8.96
N ARG A 79 -17.34 -2.78 9.67
CA ARG A 79 -17.78 -3.53 10.84
C ARG A 79 -18.32 -2.64 11.95
N LEU A 80 -17.58 -1.60 12.33
CA LEU A 80 -18.02 -0.72 13.42
C LEU A 80 -19.19 0.16 12.99
N ARG A 81 -19.55 0.10 11.72
CA ARG A 81 -20.66 0.90 11.20
C ARG A 81 -21.96 0.10 11.23
N GLU A 82 -21.92 -1.12 10.69
CA GLU A 82 -23.10 -1.96 10.62
C GLU A 82 -23.53 -2.45 12.00
N GLN A 83 -22.59 -2.58 12.93
CA GLN A 83 -22.91 -3.05 14.28
C GLN A 83 -23.68 -1.99 15.06
N LEU A 84 -23.57 -0.74 14.62
CA LEU A 84 -24.26 0.36 15.29
C LEU A 84 -25.67 0.53 14.72
N LYS A 85 -25.77 0.43 13.40
CA LYS A 85 -27.06 0.57 12.73
C LYS A 85 -27.94 -0.65 13.01
N LYS A 86 -27.29 -1.80 13.19
CA LYS A 86 -27.98 -3.06 13.43
C LYS A 86 -28.72 -3.49 12.16
N GLY B 1 -3.27 -33.08 20.93
CA GLY B 1 -1.84 -33.26 21.28
C GLY B 1 -1.24 -32.02 21.91
N SER B 2 0.07 -31.84 21.77
CA SER B 2 0.74 -30.69 22.35
C SER B 2 0.84 -29.53 21.35
N HIS B 3 0.79 -29.86 20.06
CA HIS B 3 0.86 -28.83 19.03
C HIS B 3 -0.53 -28.27 18.74
N MET B 4 -0.81 -27.11 19.31
CA MET B 4 -2.10 -26.47 19.12
C MET B 4 -1.96 -24.95 19.12
N THR B 5 -2.36 -24.34 18.02
CA THR B 5 -2.26 -22.89 17.88
C THR B 5 -3.62 -22.30 17.53
N GLU B 6 -3.96 -21.20 18.19
CA GLU B 6 -5.22 -20.52 17.96
C GLU B 6 -5.04 -19.43 16.90
N GLN B 7 -5.22 -19.81 15.64
CA GLN B 7 -5.08 -18.89 14.50
C GLN B 7 -3.74 -18.16 14.54
N PRO B 8 -2.66 -18.84 14.14
CA PRO B 8 -1.32 -18.25 14.13
C PRO B 8 -1.06 -17.41 12.89
N LYS B 9 -0.02 -16.59 12.95
CA LYS B 9 0.33 -15.73 11.82
C LYS B 9 1.09 -16.54 10.77
N THR B 10 0.35 -17.19 9.90
CA THR B 10 0.93 -18.00 8.84
C THR B 10 1.26 -17.13 7.62
N ARG B 11 2.01 -17.70 6.69
CA ARG B 11 2.40 -16.98 5.48
C ARG B 11 1.68 -17.54 4.26
N VAL B 12 1.33 -16.64 3.34
CA VAL B 12 0.64 -17.01 2.12
C VAL B 12 1.52 -16.73 0.90
N SER B 13 1.46 -17.62 -0.08
CA SER B 13 2.24 -17.47 -1.29
C SER B 13 1.32 -17.12 -2.46
N VAL B 14 1.57 -15.97 -3.09
CA VAL B 14 0.74 -15.52 -4.22
C VAL B 14 1.61 -15.02 -5.37
N ARG B 15 1.05 -15.01 -6.57
CA ARG B 15 1.78 -14.57 -7.75
C ARG B 15 1.52 -13.10 -8.06
N ILE B 16 2.59 -12.34 -8.18
CA ILE B 16 2.52 -10.91 -8.49
C ILE B 16 3.50 -10.59 -9.61
N TYR B 17 2.98 -10.06 -10.71
CA TYR B 17 3.80 -9.68 -11.87
C TYR B 17 4.46 -10.91 -12.50
N GLY B 18 3.81 -12.07 -12.36
CA GLY B 18 4.34 -13.29 -12.94
C GLY B 18 5.24 -14.07 -11.98
N GLN B 19 5.61 -13.45 -10.88
CA GLN B 19 6.49 -14.09 -9.90
C GLN B 19 5.75 -14.28 -8.58
N ASP B 20 5.94 -15.43 -7.95
CA ASP B 20 5.28 -15.72 -6.68
C ASP B 20 6.12 -15.30 -5.49
N TYR B 21 5.45 -14.74 -4.49
CA TYR B 21 6.11 -14.28 -3.27
C TYR B 21 5.36 -14.77 -2.04
N THR B 22 6.04 -14.75 -0.90
CA THR B 22 5.45 -15.19 0.36
C THR B 22 5.35 -14.04 1.35
N ILE B 23 4.16 -13.81 1.89
CA ILE B 23 3.95 -12.74 2.86
C ILE B 23 3.02 -13.21 3.98
N VAL B 24 2.83 -12.37 4.98
CA VAL B 24 1.97 -12.70 6.10
C VAL B 24 0.53 -12.30 5.81
N GLY B 25 -0.40 -13.23 6.02
CA GLY B 25 -1.79 -12.93 5.75
C GLY B 25 -2.69 -13.34 6.91
N ALA B 26 -2.43 -12.78 8.09
CA ALA B 26 -3.23 -13.11 9.27
C ALA B 26 -4.41 -12.16 9.42
N GLU B 27 -5.24 -12.10 8.38
CA GLU B 27 -6.42 -11.24 8.40
C GLU B 27 -7.63 -12.02 7.87
N SER B 28 -7.53 -12.45 6.62
CA SER B 28 -8.59 -13.22 5.99
C SER B 28 -8.06 -13.85 4.71
N PRO B 29 -8.26 -15.16 4.54
CA PRO B 29 -7.79 -15.89 3.35
C PRO B 29 -8.38 -15.35 2.05
N ALA B 30 -9.51 -14.66 2.17
CA ALA B 30 -10.17 -14.08 1.01
C ALA B 30 -9.60 -12.71 0.70
N HIS B 31 -9.37 -11.91 1.74
CA HIS B 31 -8.83 -10.56 1.58
C HIS B 31 -7.45 -10.62 0.94
N ILE B 32 -6.56 -11.41 1.54
CA ILE B 32 -5.19 -11.54 1.08
C ILE B 32 -5.10 -12.14 -0.32
N ARG B 33 -6.19 -12.74 -0.79
CA ARG B 33 -6.19 -13.34 -2.11
C ARG B 33 -6.30 -12.27 -3.19
N LEU B 34 -7.18 -11.30 -2.97
CA LEU B 34 -7.38 -10.24 -3.94
C LEU B 34 -6.26 -9.19 -3.86
N VAL B 35 -5.52 -9.22 -2.75
CA VAL B 35 -4.42 -8.29 -2.55
C VAL B 35 -3.39 -8.40 -3.66
N ALA B 36 -3.06 -9.63 -4.02
CA ALA B 36 -2.09 -9.89 -5.08
C ALA B 36 -2.54 -9.31 -6.42
N ALA B 37 -3.80 -9.57 -6.75
CA ALA B 37 -4.37 -9.08 -8.01
C ALA B 37 -4.37 -7.55 -8.08
N PHE B 38 -4.59 -6.93 -6.92
CA PHE B 38 -4.62 -5.47 -6.85
C PHE B 38 -3.24 -4.88 -7.16
N VAL B 39 -2.21 -5.44 -6.53
CA VAL B 39 -0.84 -4.98 -6.74
C VAL B 39 -0.37 -5.36 -8.15
N ASP B 40 -0.72 -6.57 -8.56
CA ASP B 40 -0.35 -7.07 -9.89
C ASP B 40 -0.86 -6.12 -10.97
N ASP B 41 -2.08 -5.65 -10.78
CA ASP B 41 -2.71 -4.73 -11.72
C ASP B 41 -2.08 -3.34 -11.65
N LYS B 42 -1.82 -2.87 -10.43
CA LYS B 42 -1.24 -1.56 -10.22
C LYS B 42 0.14 -1.47 -10.89
N MET B 43 0.93 -2.51 -10.75
CA MET B 43 2.26 -2.54 -11.37
C MET B 43 2.13 -2.71 -12.88
N HIS B 44 1.04 -3.32 -13.30
CA HIS B 44 0.78 -3.55 -14.71
C HIS B 44 0.34 -2.27 -15.41
N GLU B 45 -0.28 -1.36 -14.66
CA GLU B 45 -0.76 -0.10 -15.23
C GLU B 45 0.29 1.01 -15.16
N PHE B 46 1.14 0.99 -14.14
CA PHE B 46 2.14 2.03 -13.97
C PHE B 46 3.48 1.69 -14.61
N SER B 47 3.55 0.56 -15.31
CA SER B 47 4.79 0.13 -15.96
C SER B 47 5.15 1.08 -17.11
N GLU B 48 4.17 1.85 -17.56
CA GLU B 48 4.35 2.80 -18.66
C GLU B 48 4.93 4.13 -18.18
N LYS B 49 4.91 4.37 -16.88
CA LYS B 49 5.43 5.63 -16.34
C LYS B 49 6.94 5.67 -16.42
N GLN B 50 7.58 4.65 -15.86
CA GLN B 50 9.04 4.54 -15.86
C GLN B 50 9.72 5.80 -15.34
N PRO B 51 9.73 6.01 -14.01
CA PRO B 51 10.34 7.19 -13.40
C PRO B 51 11.86 7.24 -13.61
N MET B 52 12.53 6.11 -13.39
CA MET B 52 13.98 6.04 -13.57
C MET B 52 14.39 5.02 -14.62
N LEU B 53 13.41 4.35 -15.24
CA LEU B 53 13.67 3.34 -16.27
C LEU B 53 14.67 2.28 -15.79
N ASP B 54 14.42 1.72 -14.61
CA ASP B 54 15.31 0.71 -14.06
C ASP B 54 14.63 -0.65 -14.03
N VAL B 55 13.73 -0.84 -13.05
CA VAL B 55 12.95 -2.06 -12.84
C VAL B 55 12.37 -2.05 -11.40
N PRO B 56 13.21 -1.92 -10.34
CA PRO B 56 12.73 -1.88 -8.96
C PRO B 56 12.09 -0.54 -8.62
N LYS B 57 12.40 0.46 -9.43
CA LYS B 57 11.89 1.80 -9.24
C LYS B 57 10.41 1.85 -9.59
N LEU B 58 9.92 0.82 -10.27
CA LEU B 58 8.52 0.74 -10.64
C LEU B 58 7.71 0.13 -9.51
N ALA B 59 8.26 -0.91 -8.90
CA ALA B 59 7.59 -1.59 -7.80
C ALA B 59 7.38 -0.65 -6.62
N VAL B 60 8.43 0.03 -6.21
CA VAL B 60 8.33 0.98 -5.09
C VAL B 60 7.39 2.12 -5.44
N LEU B 61 7.29 2.43 -6.74
CA LEU B 61 6.42 3.49 -7.22
C LEU B 61 4.97 3.15 -6.93
N THR B 62 4.60 1.88 -7.08
CA THR B 62 3.25 1.47 -6.80
C THR B 62 3.01 1.36 -5.31
N ALA B 63 4.05 0.97 -4.57
CA ALA B 63 3.97 0.84 -3.13
C ALA B 63 3.65 2.17 -2.47
N VAL B 64 4.38 3.21 -2.87
CA VAL B 64 4.19 4.54 -2.33
C VAL B 64 2.83 5.12 -2.75
N GLN B 65 2.30 4.61 -3.86
CA GLN B 65 1.02 5.08 -4.36
C GLN B 65 -0.13 4.35 -3.66
N ILE B 66 0.04 3.05 -3.42
CA ILE B 66 -0.99 2.27 -2.73
C ILE B 66 -1.19 2.80 -1.32
N ALA B 67 -0.08 3.19 -0.70
CA ALA B 67 -0.10 3.73 0.64
C ALA B 67 -0.91 5.01 0.70
N SER B 68 -0.84 5.84 -0.33
CA SER B 68 -1.57 7.09 -0.36
C SER B 68 -3.03 6.86 -0.79
N GLU B 69 -3.24 5.93 -1.72
CA GLU B 69 -4.58 5.61 -2.20
C GLU B 69 -5.48 5.15 -1.05
N TYR B 70 -4.89 4.51 -0.06
CA TYR B 70 -5.65 4.03 1.09
C TYR B 70 -5.50 4.94 2.31
N LEU B 71 -4.55 5.87 2.25
CA LEU B 71 -4.33 6.80 3.36
C LEU B 71 -5.52 7.75 3.47
N LYS B 72 -5.94 8.27 2.32
CA LYS B 72 -7.08 9.19 2.27
C LYS B 72 -8.36 8.50 2.73
N LEU B 73 -8.43 7.18 2.56
CA LEU B 73 -9.59 6.41 2.93
C LEU B 73 -9.79 6.41 4.45
N LYS B 74 -8.69 6.19 5.18
CA LYS B 74 -8.76 6.17 6.63
C LYS B 74 -8.84 7.59 7.18
N GLU B 75 -8.61 8.57 6.33
CA GLU B 75 -8.68 9.97 6.72
C GLU B 75 -10.14 10.41 6.74
N GLU B 76 -10.87 10.12 5.67
CA GLU B 76 -12.28 10.47 5.60
C GLU B 76 -13.08 9.64 6.60
N TYR B 77 -12.50 8.51 6.99
CA TYR B 77 -13.10 7.60 7.96
C TYR B 77 -13.47 8.34 9.25
N GLN B 78 -12.53 9.09 9.79
CA GLN B 78 -12.78 9.83 11.02
C GLN B 78 -13.58 11.09 10.75
N ARG B 79 -13.35 11.70 9.59
CA ARG B 79 -14.04 12.93 9.20
C ARG B 79 -15.55 12.80 9.28
N LEU B 80 -16.10 11.76 8.64
CA LEU B 80 -17.54 11.56 8.63
C LEU B 80 -18.08 11.17 10.00
N ARG B 81 -17.21 10.66 10.86
CA ARG B 81 -17.62 10.23 12.19
C ARG B 81 -17.63 11.40 13.16
N GLU B 82 -16.59 12.23 13.12
CA GLU B 82 -16.47 13.37 14.00
C GLU B 82 -17.49 14.46 13.66
N GLN B 83 -17.95 14.50 12.42
CA GLN B 83 -18.92 15.51 12.00
C GLN B 83 -20.33 15.10 12.43
N LEU B 84 -20.50 13.84 12.77
CA LEU B 84 -21.79 13.33 13.21
C LEU B 84 -21.94 13.51 14.71
N LYS B 85 -21.00 12.94 15.46
CA LYS B 85 -21.02 13.03 16.91
C LYS B 85 -20.74 14.45 17.38
N LYS B 86 -20.09 15.24 16.52
CA LYS B 86 -19.75 16.63 16.85
C LYS B 86 -18.87 16.67 18.10
N GLY A 1 -6.03 30.76 -26.43
CA GLY A 1 -4.98 30.36 -25.48
C GLY A 1 -5.54 29.66 -24.28
N SER A 2 -5.87 28.39 -24.43
CA SER A 2 -6.43 27.61 -23.34
C SER A 2 -5.34 26.84 -22.60
N HIS A 3 -4.81 27.45 -21.55
CA HIS A 3 -3.76 26.83 -20.76
C HIS A 3 -4.13 26.84 -19.28
N MET A 4 -5.23 27.49 -18.96
CA MET A 4 -5.69 27.58 -17.59
C MET A 4 -6.45 26.31 -17.19
N THR A 5 -5.85 25.55 -16.29
CA THR A 5 -6.46 24.32 -15.82
C THR A 5 -7.46 24.60 -14.70
N GLU A 6 -8.33 23.64 -14.41
CA GLU A 6 -9.34 23.79 -13.37
C GLU A 6 -8.95 23.02 -12.11
N GLN A 7 -7.70 23.22 -11.68
CA GLN A 7 -7.18 22.57 -10.48
C GLN A 7 -7.25 21.05 -10.60
N PRO A 8 -6.35 20.44 -11.37
CA PRO A 8 -6.31 18.99 -11.56
C PRO A 8 -5.49 18.29 -10.48
N LYS A 9 -5.33 16.98 -10.61
CA LYS A 9 -4.56 16.22 -9.65
C LYS A 9 -3.07 16.57 -9.79
N THR A 10 -2.51 17.18 -8.75
CA THR A 10 -1.12 17.57 -8.77
C THR A 10 -0.21 16.40 -8.39
N ARG A 11 1.05 16.49 -8.77
CA ARG A 11 2.02 15.45 -8.48
C ARG A 11 3.16 16.02 -7.64
N VAL A 12 3.50 15.33 -6.56
CA VAL A 12 4.55 15.76 -5.66
C VAL A 12 5.73 14.77 -5.70
N SER A 13 6.94 15.30 -5.71
CA SER A 13 8.12 14.47 -5.75
C SER A 13 8.59 14.13 -4.33
N VAL A 14 8.39 12.88 -3.93
CA VAL A 14 8.79 12.44 -2.60
C VAL A 14 9.98 11.49 -2.70
N ARG A 15 10.84 11.51 -1.69
CA ARG A 15 12.03 10.66 -1.69
C ARG A 15 11.82 9.38 -0.90
N ILE A 16 12.06 8.25 -1.54
CA ILE A 16 11.93 6.94 -0.91
C ILE A 16 13.16 6.10 -1.23
N TYR A 17 13.90 5.71 -0.19
CA TYR A 17 15.10 4.90 -0.34
C TYR A 17 16.16 5.64 -1.18
N GLY A 18 16.14 6.96 -1.11
CA GLY A 18 17.10 7.76 -1.85
C GLY A 18 16.54 8.34 -3.14
N GLN A 19 15.77 7.55 -3.87
CA GLN A 19 15.19 7.99 -5.13
C GLN A 19 13.86 8.71 -4.90
N ASP A 20 13.61 9.76 -5.66
CA ASP A 20 12.38 10.50 -5.53
C ASP A 20 11.46 10.22 -6.71
N TYR A 21 10.17 10.14 -6.42
CA TYR A 21 9.16 9.86 -7.43
C TYR A 21 8.04 10.89 -7.36
N THR A 22 7.54 11.29 -8.52
CA THR A 22 6.46 12.26 -8.59
C THR A 22 5.11 11.56 -8.53
N ILE A 23 4.58 11.43 -7.33
CA ILE A 23 3.30 10.77 -7.11
C ILE A 23 2.16 11.77 -7.02
N VAL A 24 0.93 11.28 -7.16
CA VAL A 24 -0.24 12.15 -7.09
C VAL A 24 -0.52 12.55 -5.64
N GLY A 25 -0.40 13.83 -5.34
CA GLY A 25 -0.64 14.30 -3.99
C GLY A 25 -1.82 15.23 -3.92
N ALA A 26 -2.90 14.84 -4.58
CA ALA A 26 -4.11 15.66 -4.59
C ALA A 26 -5.00 15.36 -3.39
N GLU A 27 -4.47 15.58 -2.20
CA GLU A 27 -5.21 15.34 -0.97
C GLU A 27 -4.65 16.20 0.17
N SER A 28 -3.83 15.60 1.03
CA SER A 28 -3.26 16.33 2.15
C SER A 28 -1.75 16.45 1.97
N PRO A 29 -1.24 17.70 1.98
CA PRO A 29 0.20 17.96 1.83
C PRO A 29 1.03 17.37 2.96
N ALA A 30 0.36 17.00 4.05
CA ALA A 30 1.03 16.42 5.20
C ALA A 30 1.04 14.90 5.10
N HIS A 31 -0.06 14.33 4.64
CA HIS A 31 -0.19 12.88 4.51
C HIS A 31 0.79 12.35 3.47
N ILE A 32 0.89 13.05 2.34
CA ILE A 32 1.79 12.67 1.26
C ILE A 32 3.24 12.56 1.73
N ARG A 33 3.58 13.27 2.80
CA ARG A 33 4.94 13.22 3.34
C ARG A 33 5.14 11.92 4.12
N LEU A 34 4.10 11.52 4.84
CA LEU A 34 4.14 10.30 5.64
C LEU A 34 4.06 9.08 4.73
N VAL A 35 3.41 9.25 3.58
CA VAL A 35 3.27 8.17 2.60
C VAL A 35 4.64 7.59 2.23
N ALA A 36 5.58 8.48 1.94
CA ALA A 36 6.93 8.08 1.57
C ALA A 36 7.66 7.44 2.74
N ALA A 37 7.50 8.02 3.92
CA ALA A 37 8.15 7.52 5.13
C ALA A 37 7.71 6.09 5.45
N PHE A 38 6.42 5.83 5.27
CA PHE A 38 5.86 4.51 5.55
C PHE A 38 6.53 3.44 4.69
N VAL A 39 6.83 3.78 3.44
CA VAL A 39 7.46 2.85 2.52
C VAL A 39 8.96 2.77 2.77
N ASP A 40 9.59 3.94 2.89
CA ASP A 40 11.04 4.03 3.13
C ASP A 40 11.45 3.22 4.35
N ASP A 41 10.65 3.29 5.40
CA ASP A 41 10.91 2.57 6.64
C ASP A 41 10.66 1.07 6.48
N LYS A 42 9.60 0.73 5.77
CA LYS A 42 9.23 -0.66 5.55
C LYS A 42 10.29 -1.40 4.72
N MET A 43 10.78 -0.77 3.67
CA MET A 43 11.80 -1.39 2.83
C MET A 43 13.07 -1.67 3.61
N HIS A 44 13.36 -0.79 4.57
CA HIS A 44 14.56 -0.92 5.39
C HIS A 44 14.53 -2.18 6.26
N GLU A 45 13.36 -2.54 6.76
CA GLU A 45 13.23 -3.72 7.62
C GLU A 45 13.29 -5.02 6.83
N PHE A 46 13.04 -4.93 5.52
CA PHE A 46 13.07 -6.13 4.68
C PHE A 46 14.41 -6.30 3.98
N SER A 47 15.20 -5.23 3.95
CA SER A 47 16.52 -5.26 3.32
C SER A 47 17.42 -6.32 3.97
N GLU A 48 17.10 -6.66 5.22
CA GLU A 48 17.87 -7.66 5.97
C GLU A 48 17.18 -9.02 5.94
N LYS A 49 16.11 -9.12 5.16
CA LYS A 49 15.37 -10.37 5.05
C LYS A 49 15.63 -10.99 3.68
N GLN A 50 15.42 -10.19 2.63
CA GLN A 50 15.64 -10.62 1.25
C GLN A 50 14.84 -11.88 0.93
N PRO A 51 13.56 -11.74 0.54
CA PRO A 51 12.70 -12.88 0.23
C PRO A 51 13.27 -13.76 -0.88
N MET A 52 13.67 -13.13 -1.98
CA MET A 52 14.23 -13.86 -3.11
C MET A 52 15.60 -13.31 -3.49
N LEU A 53 16.18 -12.52 -2.58
CA LEU A 53 17.50 -11.91 -2.79
C LEU A 53 17.53 -11.11 -4.09
N ASP A 54 16.47 -10.34 -4.31
CA ASP A 54 16.37 -9.52 -5.50
C ASP A 54 15.87 -8.13 -5.12
N VAL A 55 16.41 -7.11 -5.76
CA VAL A 55 16.04 -5.73 -5.46
C VAL A 55 14.56 -5.43 -5.76
N PRO A 56 14.09 -5.60 -7.02
CA PRO A 56 12.68 -5.32 -7.36
C PRO A 56 11.70 -6.18 -6.58
N LYS A 57 12.09 -7.42 -6.30
CA LYS A 57 11.22 -8.34 -5.57
C LYS A 57 11.13 -7.96 -4.10
N LEU A 58 12.04 -7.12 -3.64
CA LEU A 58 12.04 -6.65 -2.26
C LEU A 58 11.13 -5.44 -2.14
N ALA A 59 11.18 -4.59 -3.16
CA ALA A 59 10.37 -3.38 -3.20
C ALA A 59 8.88 -3.72 -3.30
N VAL A 60 8.54 -4.65 -4.19
CA VAL A 60 7.15 -5.05 -4.38
C VAL A 60 6.62 -5.78 -3.15
N LEU A 61 7.53 -6.34 -2.35
CA LEU A 61 7.13 -7.06 -1.14
C LEU A 61 6.45 -6.10 -0.16
N THR A 62 6.98 -4.89 -0.06
CA THR A 62 6.41 -3.90 0.83
C THR A 62 5.08 -3.42 0.29
N ALA A 63 5.01 -3.30 -1.04
CA ALA A 63 3.81 -2.85 -1.73
C ALA A 63 2.63 -3.76 -1.44
N VAL A 64 2.83 -5.05 -1.64
CA VAL A 64 1.80 -6.02 -1.41
C VAL A 64 1.41 -6.10 0.07
N GLN A 65 2.37 -5.92 0.96
CA GLN A 65 2.09 -5.98 2.39
C GLN A 65 1.33 -4.74 2.86
N ILE A 66 1.73 -3.58 2.35
CA ILE A 66 1.06 -2.32 2.71
C ILE A 66 -0.42 -2.39 2.36
N ALA A 67 -0.71 -3.04 1.24
CA ALA A 67 -2.08 -3.20 0.78
C ALA A 67 -2.90 -3.94 1.83
N SER A 68 -2.39 -5.07 2.31
CA SER A 68 -3.08 -5.86 3.32
C SER A 68 -3.20 -5.09 4.64
N GLU A 69 -2.11 -4.43 5.03
CA GLU A 69 -2.08 -3.66 6.27
C GLU A 69 -3.21 -2.63 6.34
N TYR A 70 -3.54 -2.04 5.19
CA TYR A 70 -4.59 -1.04 5.13
C TYR A 70 -5.94 -1.64 4.71
N LEU A 71 -5.92 -2.77 4.01
CA LEU A 71 -7.16 -3.41 3.57
C LEU A 71 -7.99 -3.85 4.77
N LYS A 72 -7.34 -4.48 5.74
CA LYS A 72 -8.03 -4.92 6.96
C LYS A 72 -8.54 -3.72 7.77
N LEU A 73 -8.01 -2.54 7.46
CA LEU A 73 -8.39 -1.32 8.15
C LEU A 73 -9.59 -0.68 7.47
N LYS A 74 -9.76 -0.95 6.18
CA LYS A 74 -10.88 -0.40 5.42
C LYS A 74 -12.11 -1.28 5.57
N GLU A 75 -11.89 -2.58 5.82
CA GLU A 75 -13.00 -3.51 5.96
C GLU A 75 -13.75 -3.28 7.27
N GLU A 76 -13.04 -2.82 8.30
CA GLU A 76 -13.66 -2.57 9.59
C GLU A 76 -14.54 -1.33 9.51
N TYR A 77 -14.14 -0.40 8.64
CA TYR A 77 -14.87 0.84 8.45
C TYR A 77 -16.24 0.56 7.86
N GLN A 78 -16.26 -0.30 6.86
CA GLN A 78 -17.49 -0.67 6.16
C GLN A 78 -18.42 -1.49 7.05
N ARG A 79 -17.85 -2.20 8.02
CA ARG A 79 -18.64 -3.04 8.90
C ARG A 79 -19.09 -2.29 10.15
N LEU A 80 -18.19 -1.52 10.73
CA LEU A 80 -18.49 -0.76 11.94
C LEU A 80 -19.66 0.19 11.72
N ARG A 81 -19.67 0.86 10.56
CA ARG A 81 -20.73 1.81 10.25
C ARG A 81 -22.02 1.10 9.83
N GLU A 82 -21.89 -0.10 9.27
CA GLU A 82 -23.05 -0.84 8.81
C GLU A 82 -23.72 -1.60 9.96
N GLN A 83 -22.94 -1.98 10.95
CA GLN A 83 -23.49 -2.71 12.10
C GLN A 83 -24.21 -1.72 13.03
N LEU A 84 -24.02 -0.44 12.77
CA LEU A 84 -24.65 0.60 13.55
C LEU A 84 -25.99 0.98 12.94
N LYS A 85 -26.23 0.55 11.72
CA LYS A 85 -27.47 0.84 11.03
C LYS A 85 -28.54 -0.17 11.45
N LYS A 86 -29.79 0.23 11.36
CA LYS A 86 -30.89 -0.63 11.73
C LYS A 86 -32.10 -0.36 10.83
N GLY B 1 8.10 -32.33 24.14
CA GLY B 1 8.50 -30.95 23.75
C GLY B 1 7.32 -30.11 23.32
N SER B 2 7.14 -28.96 23.93
CA SER B 2 6.04 -28.08 23.60
C SER B 2 6.32 -27.30 22.32
N HIS B 3 5.98 -27.90 21.20
CA HIS B 3 6.18 -27.27 19.91
C HIS B 3 4.86 -26.75 19.36
N MET B 4 3.82 -26.83 20.17
CA MET B 4 2.51 -26.34 19.79
C MET B 4 2.29 -24.92 20.29
N THR B 5 2.04 -24.01 19.36
CA THR B 5 1.82 -22.61 19.73
C THR B 5 0.33 -22.31 19.84
N GLU B 6 0.01 -21.07 20.20
CA GLU B 6 -1.37 -20.65 20.37
C GLU B 6 -1.97 -20.14 19.05
N GLN B 7 -1.56 -20.78 17.95
CA GLN B 7 -2.04 -20.42 16.61
C GLN B 7 -1.77 -18.95 16.29
N PRO B 8 -0.53 -18.63 15.88
CA PRO B 8 -0.15 -17.25 15.54
C PRO B 8 -0.59 -16.87 14.13
N LYS B 9 -0.25 -15.65 13.72
CA LYS B 9 -0.59 -15.16 12.39
C LYS B 9 -0.07 -16.11 11.32
N THR B 10 -0.93 -16.46 10.38
CA THR B 10 -0.57 -17.39 9.33
C THR B 10 0.00 -16.64 8.12
N ARG B 11 0.77 -17.35 7.31
CA ARG B 11 1.38 -16.78 6.13
C ARG B 11 0.70 -17.30 4.87
N VAL B 12 0.66 -16.48 3.85
CA VAL B 12 0.04 -16.86 2.59
C VAL B 12 0.96 -16.49 1.42
N SER B 13 1.15 -17.43 0.51
CA SER B 13 2.00 -17.19 -0.65
C SER B 13 1.11 -16.91 -1.87
N VAL B 14 1.17 -15.68 -2.37
CA VAL B 14 0.37 -15.29 -3.52
C VAL B 14 1.26 -14.92 -4.69
N ARG B 15 0.67 -14.80 -5.88
CA ARG B 15 1.42 -14.46 -7.07
C ARG B 15 1.20 -13.00 -7.47
N ILE B 16 2.30 -12.28 -7.67
CA ILE B 16 2.27 -10.89 -8.08
C ILE B 16 3.25 -10.66 -9.22
N TYR B 17 2.74 -10.15 -10.34
CA TYR B 17 3.56 -9.86 -11.53
C TYR B 17 4.22 -11.13 -12.08
N GLY B 18 3.64 -12.28 -11.78
CA GLY B 18 4.18 -13.53 -12.28
C GLY B 18 5.04 -14.26 -11.27
N GLN B 19 5.37 -13.63 -10.15
CA GLN B 19 6.20 -14.26 -9.14
C GLN B 19 5.44 -14.45 -7.85
N ASP B 20 5.76 -15.52 -7.12
CA ASP B 20 5.10 -15.81 -5.86
C ASP B 20 5.82 -15.15 -4.70
N TYR B 21 5.05 -14.67 -3.73
CA TYR B 21 5.59 -14.02 -2.54
C TYR B 21 4.86 -14.49 -1.30
N THR B 22 5.61 -14.75 -0.24
CA THR B 22 5.02 -15.18 1.01
C THR B 22 4.86 -14.00 1.96
N ILE B 23 3.62 -13.70 2.30
CA ILE B 23 3.32 -12.59 3.18
C ILE B 23 2.43 -13.04 4.34
N VAL B 24 2.15 -12.13 5.26
CA VAL B 24 1.31 -12.44 6.40
C VAL B 24 -0.16 -12.15 6.08
N GLY B 25 -1.02 -13.12 6.31
CA GLY B 25 -2.43 -12.94 6.03
C GLY B 25 -3.31 -13.52 7.12
N ALA B 26 -3.39 -12.82 8.24
CA ALA B 26 -4.20 -13.28 9.37
C ALA B 26 -5.46 -12.44 9.54
N GLU B 27 -5.82 -11.69 8.50
CA GLU B 27 -7.00 -10.85 8.56
C GLU B 27 -8.23 -11.58 7.99
N SER B 28 -8.09 -12.11 6.78
CA SER B 28 -9.17 -12.80 6.11
C SER B 28 -8.67 -13.45 4.82
N PRO B 29 -9.02 -14.72 4.59
CA PRO B 29 -8.61 -15.46 3.38
C PRO B 29 -9.16 -14.84 2.11
N ALA B 30 -10.24 -14.08 2.24
CA ALA B 30 -10.87 -13.42 1.12
C ALA B 30 -10.19 -12.07 0.85
N HIS B 31 -9.85 -11.37 1.91
CA HIS B 31 -9.20 -10.07 1.78
C HIS B 31 -7.82 -10.20 1.15
N ILE B 32 -7.06 -11.17 1.64
CA ILE B 32 -5.70 -11.41 1.13
C ILE B 32 -5.70 -11.81 -0.34
N ARG B 33 -6.87 -12.21 -0.83
CA ARG B 33 -7.00 -12.62 -2.23
C ARG B 33 -7.06 -11.37 -3.11
N LEU B 34 -7.55 -10.28 -2.53
CA LEU B 34 -7.66 -9.01 -3.25
C LEU B 34 -6.31 -8.29 -3.22
N VAL B 35 -5.57 -8.52 -2.14
CA VAL B 35 -4.26 -7.92 -1.92
C VAL B 35 -3.35 -8.11 -3.15
N ALA B 36 -3.21 -9.35 -3.58
CA ALA B 36 -2.36 -9.67 -4.73
C ALA B 36 -2.87 -9.04 -6.02
N ALA B 37 -4.16 -9.18 -6.27
CA ALA B 37 -4.77 -8.64 -7.49
C ALA B 37 -4.63 -7.11 -7.56
N PHE B 38 -4.76 -6.47 -6.41
CA PHE B 38 -4.67 -5.02 -6.33
C PHE B 38 -3.27 -4.52 -6.70
N VAL B 39 -2.26 -5.11 -6.08
CA VAL B 39 -0.87 -4.71 -6.33
C VAL B 39 -0.39 -5.16 -7.72
N ASP B 40 -0.89 -6.31 -8.17
CA ASP B 40 -0.50 -6.85 -9.48
C ASP B 40 -0.92 -5.91 -10.59
N ASP B 41 -2.15 -5.41 -10.51
CA ASP B 41 -2.68 -4.50 -11.52
C ASP B 41 -1.93 -3.16 -11.49
N LYS B 42 -1.53 -2.76 -10.29
CA LYS B 42 -0.81 -1.51 -10.10
C LYS B 42 0.54 -1.53 -10.83
N MET B 43 1.27 -2.64 -10.71
CA MET B 43 2.56 -2.76 -11.37
C MET B 43 2.41 -2.77 -12.88
N HIS B 44 1.30 -3.31 -13.36
CA HIS B 44 1.04 -3.41 -14.79
C HIS B 44 0.74 -2.05 -15.42
N GLU B 45 0.11 -1.15 -14.67
CA GLU B 45 -0.23 0.16 -15.21
C GLU B 45 0.99 1.07 -15.27
N PHE B 46 1.97 0.83 -14.42
CA PHE B 46 3.19 1.63 -14.42
C PHE B 46 4.21 1.12 -15.41
N SER B 47 3.99 -0.10 -15.90
CA SER B 47 4.92 -0.71 -16.86
C SER B 47 4.96 0.08 -18.16
N GLU B 48 3.92 0.85 -18.44
CA GLU B 48 3.85 1.65 -19.65
C GLU B 48 4.29 3.09 -19.37
N LYS B 49 4.71 3.36 -18.15
CA LYS B 49 5.16 4.70 -17.77
C LYS B 49 6.67 4.75 -17.61
N GLN B 50 7.20 3.84 -16.79
CA GLN B 50 8.64 3.76 -16.52
C GLN B 50 9.17 5.07 -15.92
N PRO B 51 9.02 5.26 -14.60
CA PRO B 51 9.47 6.48 -13.90
C PRO B 51 10.97 6.74 -14.10
N MET B 52 11.78 5.72 -13.88
CA MET B 52 13.22 5.84 -14.05
C MET B 52 13.73 4.70 -14.93
N LEU B 53 12.80 4.12 -15.69
CA LEU B 53 13.11 3.01 -16.60
C LEU B 53 13.88 1.91 -15.88
N ASP B 54 13.32 1.43 -14.77
CA ASP B 54 13.96 0.39 -13.99
C ASP B 54 12.91 -0.44 -13.25
N VAL B 55 13.19 -1.72 -13.09
CA VAL B 55 12.26 -2.66 -12.44
C VAL B 55 12.01 -2.30 -10.96
N PRO B 56 13.06 -2.20 -10.11
CA PRO B 56 12.88 -1.87 -8.68
C PRO B 56 12.18 -0.53 -8.47
N LYS B 57 12.48 0.44 -9.31
CA LYS B 57 11.88 1.76 -9.21
C LYS B 57 10.40 1.71 -9.59
N LEU B 58 10.05 0.72 -10.40
CA LEU B 58 8.68 0.53 -10.84
C LEU B 58 7.89 -0.19 -9.75
N ALA B 59 8.53 -1.18 -9.15
CA ALA B 59 7.91 -1.98 -8.09
C ALA B 59 7.59 -1.13 -6.87
N VAL B 60 8.54 -0.31 -6.44
CA VAL B 60 8.35 0.53 -5.26
C VAL B 60 7.32 1.63 -5.52
N LEU B 61 7.07 1.96 -6.78
CA LEU B 61 6.11 2.99 -7.13
C LEU B 61 4.69 2.56 -6.76
N THR B 62 4.45 1.26 -6.73
CA THR B 62 3.13 0.75 -6.39
C THR B 62 2.89 0.92 -4.89
N ALA B 63 3.90 0.60 -4.10
CA ALA B 63 3.83 0.68 -2.65
C ALA B 63 3.45 2.08 -2.19
N VAL B 64 4.10 3.08 -2.77
CA VAL B 64 3.85 4.45 -2.40
C VAL B 64 2.44 4.92 -2.81
N GLN B 65 1.97 4.51 -3.99
CA GLN B 65 0.64 4.91 -4.42
C GLN B 65 -0.42 4.18 -3.60
N ILE B 66 -0.22 2.89 -3.37
CA ILE B 66 -1.15 2.08 -2.59
C ILE B 66 -1.34 2.69 -1.20
N ALA B 67 -0.23 3.13 -0.61
CA ALA B 67 -0.25 3.74 0.70
C ALA B 67 -1.10 5.00 0.70
N SER B 68 -0.87 5.90 -0.27
CA SER B 68 -1.63 7.14 -0.36
C SER B 68 -3.10 6.89 -0.66
N GLU B 69 -3.39 5.83 -1.39
CA GLU B 69 -4.76 5.49 -1.75
C GLU B 69 -5.58 5.14 -0.50
N TYR B 70 -4.95 4.43 0.43
CA TYR B 70 -5.64 4.02 1.65
C TYR B 70 -5.47 5.04 2.77
N LEU B 71 -4.34 5.74 2.79
CA LEU B 71 -4.06 6.71 3.85
C LEU B 71 -5.07 7.87 3.86
N LYS B 72 -5.48 8.33 2.68
CA LYS B 72 -6.45 9.42 2.62
C LYS B 72 -7.86 8.90 2.89
N LEU B 73 -8.03 7.59 2.79
CA LEU B 73 -9.32 6.96 3.04
C LEU B 73 -9.53 6.77 4.53
N LYS B 74 -8.53 6.22 5.21
CA LYS B 74 -8.61 5.99 6.65
C LYS B 74 -8.77 7.32 7.39
N GLU B 75 -8.37 8.41 6.71
CA GLU B 75 -8.48 9.74 7.26
C GLU B 75 -9.94 10.12 7.48
N GLU B 76 -10.76 9.93 6.45
CA GLU B 76 -12.19 10.27 6.55
C GLU B 76 -12.85 9.41 7.61
N TYR B 77 -12.34 8.21 7.79
CA TYR B 77 -12.85 7.26 8.76
C TYR B 77 -12.73 7.83 10.18
N GLN B 78 -11.66 8.57 10.42
CA GLN B 78 -11.41 9.17 11.72
C GLN B 78 -12.05 10.55 11.81
N ARG B 79 -12.30 11.16 10.65
CA ARG B 79 -12.89 12.50 10.60
C ARG B 79 -14.40 12.47 10.77
N LEU B 80 -15.08 11.64 10.00
CA LEU B 80 -16.53 11.56 10.07
C LEU B 80 -17.00 11.03 11.41
N ARG B 81 -16.15 10.26 12.08
CA ARG B 81 -16.51 9.70 13.38
C ARG B 81 -16.33 10.73 14.51
N GLU B 82 -15.29 11.54 14.44
CA GLU B 82 -15.04 12.53 15.48
C GLU B 82 -16.12 13.62 15.46
N GLN B 83 -16.66 13.90 14.28
CA GLN B 83 -17.70 14.92 14.15
C GLN B 83 -19.09 14.30 14.31
N LEU B 84 -19.13 12.98 14.36
CA LEU B 84 -20.40 12.26 14.51
C LEU B 84 -20.81 12.22 15.98
N LYS B 85 -19.83 12.28 16.86
CA LYS B 85 -20.08 12.23 18.29
C LYS B 85 -20.28 13.64 18.86
N LYS B 86 -20.65 13.71 20.13
CA LYS B 86 -20.87 14.96 20.82
C LYS B 86 -20.83 14.73 22.32
N GLY A 1 -11.85 38.71 -4.09
CA GLY A 1 -11.53 38.13 -5.41
C GLY A 1 -10.21 37.40 -5.40
N SER A 2 -9.97 36.59 -6.42
CA SER A 2 -8.74 35.83 -6.53
C SER A 2 -8.31 35.73 -7.98
N HIS A 3 -7.01 35.79 -8.22
CA HIS A 3 -6.47 35.71 -9.58
C HIS A 3 -6.46 34.28 -10.08
N MET A 4 -5.87 33.39 -9.30
CA MET A 4 -5.79 31.98 -9.69
C MET A 4 -6.06 31.09 -8.48
N THR A 5 -6.99 30.17 -8.64
CA THR A 5 -7.34 29.24 -7.59
C THR A 5 -6.29 28.14 -7.46
N GLU A 6 -6.38 27.36 -6.39
CA GLU A 6 -5.43 26.28 -6.14
C GLU A 6 -5.43 25.28 -7.30
N GLN A 7 -4.23 24.86 -7.67
CA GLN A 7 -4.06 23.91 -8.76
C GLN A 7 -4.59 22.54 -8.39
N PRO A 8 -5.00 21.74 -9.39
CA PRO A 8 -5.52 20.38 -9.17
C PRO A 8 -4.40 19.41 -8.78
N LYS A 9 -4.72 18.12 -8.72
CA LYS A 9 -3.74 17.09 -8.37
C LYS A 9 -2.43 17.28 -9.14
N THR A 10 -1.41 17.75 -8.44
CA THR A 10 -0.12 18.01 -9.03
C THR A 10 0.86 16.88 -8.70
N ARG A 11 1.92 16.77 -9.48
CA ARG A 11 2.92 15.75 -9.25
C ARG A 11 4.02 16.28 -8.32
N VAL A 12 4.47 15.43 -7.43
CA VAL A 12 5.51 15.80 -6.47
C VAL A 12 6.64 14.77 -6.50
N SER A 13 7.86 15.25 -6.31
CA SER A 13 9.01 14.37 -6.30
C SER A 13 9.38 14.00 -4.87
N VAL A 14 9.38 12.71 -4.57
CA VAL A 14 9.71 12.23 -3.23
C VAL A 14 10.87 11.23 -3.31
N ARG A 15 11.70 11.21 -2.28
CA ARG A 15 12.85 10.31 -2.27
C ARG A 15 12.60 9.08 -1.41
N ILE A 16 12.60 7.91 -2.04
CA ILE A 16 12.38 6.64 -1.34
C ILE A 16 13.57 5.72 -1.59
N TYR A 17 14.14 5.20 -0.51
CA TYR A 17 15.29 4.29 -0.59
C TYR A 17 16.49 4.96 -1.27
N GLY A 18 16.49 6.29 -1.28
CA GLY A 18 17.59 7.03 -1.87
C GLY A 18 17.31 7.55 -3.27
N GLN A 19 16.24 7.08 -3.89
CA GLN A 19 15.91 7.50 -5.23
C GLN A 19 14.67 8.42 -5.24
N ASP A 20 14.68 9.41 -6.13
CA ASP A 20 13.58 10.36 -6.25
C ASP A 20 12.56 9.89 -7.27
N TYR A 21 11.29 9.93 -6.89
CA TYR A 21 10.20 9.50 -7.77
C TYR A 21 9.10 10.56 -7.83
N THR A 22 8.56 10.76 -9.02
CA THR A 22 7.49 11.73 -9.23
C THR A 22 6.14 11.04 -9.15
N ILE A 23 5.34 11.41 -8.15
CA ILE A 23 4.04 10.82 -7.96
C ILE A 23 2.96 11.89 -7.86
N VAL A 24 1.70 11.49 -7.97
CA VAL A 24 0.58 12.43 -7.90
C VAL A 24 0.21 12.70 -6.45
N GLY A 25 0.33 13.94 -6.03
CA GLY A 25 0.01 14.31 -4.65
C GLY A 25 -1.44 14.68 -4.48
N ALA A 26 -2.33 13.80 -4.90
CA ALA A 26 -3.76 14.04 -4.78
C ALA A 26 -4.28 13.67 -3.39
N GLU A 27 -3.72 14.30 -2.37
CA GLU A 27 -4.12 14.04 -1.00
C GLU A 27 -3.95 15.29 -0.15
N SER A 28 -2.71 15.72 0.03
CA SER A 28 -2.38 16.89 0.83
C SER A 28 -0.90 17.22 0.69
N PRO A 29 -0.55 18.51 0.55
CA PRO A 29 0.84 18.94 0.39
C PRO A 29 1.74 18.53 1.56
N ALA A 30 1.13 18.24 2.70
CA ALA A 30 1.90 17.83 3.88
C ALA A 30 1.99 16.31 3.98
N HIS A 31 0.87 15.64 3.79
CA HIS A 31 0.81 14.17 3.88
C HIS A 31 1.79 13.50 2.92
N ILE A 32 1.90 14.06 1.72
CA ILE A 32 2.78 13.52 0.68
C ILE A 32 4.24 13.39 1.13
N ARG A 33 4.61 14.11 2.18
CA ARG A 33 5.99 14.07 2.67
C ARG A 33 6.23 12.88 3.59
N LEU A 34 5.17 12.33 4.18
CA LEU A 34 5.31 11.19 5.07
C LEU A 34 5.02 9.88 4.34
N VAL A 35 4.39 9.97 3.18
CA VAL A 35 4.04 8.79 2.40
C VAL A 35 5.31 8.01 2.03
N ALA A 36 6.31 8.72 1.52
CA ALA A 36 7.56 8.10 1.13
C ALA A 36 8.31 7.55 2.33
N ALA A 37 8.21 8.25 3.46
CA ALA A 37 8.88 7.84 4.69
C ALA A 37 8.30 6.51 5.19
N PHE A 38 7.01 6.31 4.92
CA PHE A 38 6.34 5.09 5.34
C PHE A 38 6.87 3.90 4.54
N VAL A 39 7.05 4.10 3.24
CA VAL A 39 7.56 3.04 2.36
C VAL A 39 9.01 2.72 2.69
N ASP A 40 9.81 3.76 2.92
CA ASP A 40 11.22 3.60 3.26
C ASP A 40 11.36 2.76 4.53
N ASP A 41 10.52 3.08 5.52
CA ASP A 41 10.51 2.36 6.80
C ASP A 41 10.24 0.88 6.58
N LYS A 42 9.20 0.60 5.78
CA LYS A 42 8.81 -0.76 5.48
C LYS A 42 9.92 -1.51 4.77
N MET A 43 10.47 -0.90 3.72
CA MET A 43 11.54 -1.53 2.95
C MET A 43 12.78 -1.76 3.81
N HIS A 44 13.09 -0.78 4.66
CA HIS A 44 14.25 -0.85 5.53
C HIS A 44 14.22 -2.10 6.41
N GLU A 45 13.12 -2.31 7.12
CA GLU A 45 12.98 -3.44 8.01
C GLU A 45 12.57 -4.72 7.29
N PHE A 46 12.29 -4.63 5.99
CA PHE A 46 11.90 -5.80 5.22
C PHE A 46 13.09 -6.36 4.45
N SER A 47 14.06 -5.52 4.15
CA SER A 47 15.25 -5.94 3.41
C SER A 47 16.07 -6.95 4.23
N GLU A 48 15.90 -6.92 5.55
CA GLU A 48 16.62 -7.81 6.43
C GLU A 48 16.01 -9.22 6.43
N LYS A 49 14.79 -9.34 5.91
CA LYS A 49 14.11 -10.63 5.87
C LYS A 49 14.60 -11.45 4.67
N GLN A 50 15.28 -10.75 3.76
CA GLN A 50 15.85 -11.33 2.53
C GLN A 50 14.96 -12.42 1.91
N PRO A 51 13.78 -12.04 1.39
CA PRO A 51 12.84 -12.98 0.78
C PRO A 51 13.45 -13.75 -0.39
N MET A 52 13.83 -13.02 -1.43
CA MET A 52 14.43 -13.63 -2.63
C MET A 52 15.85 -13.11 -2.84
N LEU A 53 16.35 -12.35 -1.85
CA LEU A 53 17.68 -11.76 -1.93
C LEU A 53 17.82 -10.87 -3.16
N ASP A 54 16.74 -10.18 -3.50
CA ASP A 54 16.73 -9.30 -4.67
C ASP A 54 15.98 -8.00 -4.34
N VAL A 55 16.49 -6.89 -4.87
CA VAL A 55 15.90 -5.58 -4.62
C VAL A 55 14.47 -5.45 -5.19
N PRO A 56 14.24 -5.62 -6.51
CA PRO A 56 12.90 -5.50 -7.10
C PRO A 56 11.90 -6.47 -6.48
N LYS A 57 12.39 -7.65 -6.08
CA LYS A 57 11.52 -8.65 -5.48
C LYS A 57 11.15 -8.25 -4.04
N LEU A 58 12.01 -7.45 -3.43
CA LEU A 58 11.78 -6.98 -2.06
C LEU A 58 10.79 -5.81 -2.07
N ALA A 59 10.89 -4.99 -3.11
CA ALA A 59 10.03 -3.82 -3.27
C ALA A 59 8.57 -4.20 -3.48
N VAL A 60 8.32 -5.31 -4.18
CA VAL A 60 6.95 -5.73 -4.43
C VAL A 60 6.37 -6.40 -3.19
N LEU A 61 7.23 -6.97 -2.36
CA LEU A 61 6.81 -7.65 -1.14
C LEU A 61 6.30 -6.64 -0.13
N THR A 62 6.90 -5.46 -0.12
CA THR A 62 6.50 -4.41 0.79
C THR A 62 5.16 -3.81 0.37
N ALA A 63 5.00 -3.61 -0.93
CA ALA A 63 3.77 -3.04 -1.48
C ALA A 63 2.56 -3.91 -1.15
N VAL A 64 2.70 -5.21 -1.35
CA VAL A 64 1.61 -6.15 -1.10
C VAL A 64 1.31 -6.27 0.40
N GLN A 65 2.33 -6.06 1.23
CA GLN A 65 2.15 -6.14 2.67
C GLN A 65 1.32 -4.95 3.14
N ILE A 66 1.65 -3.76 2.64
CA ILE A 66 0.94 -2.54 2.99
C ILE A 66 -0.53 -2.65 2.61
N ALA A 67 -0.78 -3.13 1.40
CA ALA A 67 -2.15 -3.28 0.91
C ALA A 67 -2.94 -4.27 1.78
N SER A 68 -2.28 -5.33 2.22
CA SER A 68 -2.92 -6.36 3.03
C SER A 68 -3.39 -5.80 4.38
N GLU A 69 -2.51 -5.04 5.04
CA GLU A 69 -2.84 -4.47 6.34
C GLU A 69 -3.80 -3.28 6.21
N TYR A 70 -3.90 -2.72 5.03
CA TYR A 70 -4.78 -1.59 4.81
C TYR A 70 -6.16 -2.04 4.32
N LEU A 71 -6.23 -3.25 3.76
CA LEU A 71 -7.50 -3.78 3.27
C LEU A 71 -8.42 -4.10 4.43
N LYS A 72 -7.84 -4.41 5.58
CA LYS A 72 -8.61 -4.74 6.77
C LYS A 72 -9.13 -3.47 7.44
N LEU A 73 -8.54 -2.34 7.08
CA LEU A 73 -8.93 -1.05 7.64
C LEU A 73 -10.26 -0.61 7.05
N LYS A 74 -10.40 -0.73 5.74
CA LYS A 74 -11.64 -0.34 5.08
C LYS A 74 -12.74 -1.34 5.39
N GLU A 75 -12.35 -2.56 5.73
CA GLU A 75 -13.29 -3.62 6.06
C GLU A 75 -13.97 -3.35 7.41
N GLU A 76 -13.17 -2.95 8.41
CA GLU A 76 -13.72 -2.67 9.73
C GLU A 76 -14.67 -1.48 9.68
N TYR A 77 -14.38 -0.53 8.79
CA TYR A 77 -15.21 0.66 8.62
C TYR A 77 -16.61 0.25 8.14
N GLN A 78 -16.64 -0.62 7.13
CA GLN A 78 -17.91 -1.09 6.59
C GLN A 78 -18.64 -1.95 7.61
N ARG A 79 -17.87 -2.69 8.40
CA ARG A 79 -18.43 -3.58 9.42
C ARG A 79 -19.06 -2.78 10.55
N LEU A 80 -18.45 -1.65 10.86
CA LEU A 80 -18.95 -0.78 11.92
C LEU A 80 -20.16 0.02 11.43
N ARG A 81 -20.09 0.47 10.18
CA ARG A 81 -21.15 1.27 9.60
C ARG A 81 -22.42 0.46 9.36
N GLU A 82 -22.29 -0.82 9.05
CA GLU A 82 -23.46 -1.67 8.81
C GLU A 82 -24.25 -1.90 10.10
N GLN A 83 -23.55 -1.84 11.22
CA GLN A 83 -24.19 -2.02 12.52
C GLN A 83 -24.86 -0.73 12.95
N LEU A 84 -24.37 0.37 12.40
CA LEU A 84 -24.91 1.69 12.71
C LEU A 84 -25.94 2.11 11.68
N LYS A 85 -26.55 1.13 11.03
CA LYS A 85 -27.56 1.40 10.03
C LYS A 85 -28.66 0.35 10.11
N LYS A 86 -29.75 0.60 9.38
CA LYS A 86 -30.86 -0.32 9.34
C LYS A 86 -31.04 -0.84 7.92
N GLY B 1 -16.78 -30.02 20.45
CA GLY B 1 -15.45 -30.09 21.08
C GLY B 1 -14.35 -30.31 20.06
N SER B 2 -13.30 -29.52 20.14
CA SER B 2 -12.19 -29.63 19.20
C SER B 2 -10.86 -29.56 19.93
N HIS B 3 -9.96 -30.45 19.58
CA HIS B 3 -8.63 -30.48 20.19
C HIS B 3 -7.73 -29.49 19.47
N MET B 4 -7.69 -29.60 18.15
CA MET B 4 -6.87 -28.71 17.33
C MET B 4 -7.63 -27.43 17.02
N THR B 5 -7.17 -26.33 17.59
CA THR B 5 -7.80 -25.04 17.36
C THR B 5 -7.28 -24.42 16.06
N GLU B 6 -7.84 -23.28 15.70
CA GLU B 6 -7.44 -22.56 14.49
C GLU B 6 -5.98 -22.16 14.54
N GLN B 7 -5.37 -22.08 13.37
CA GLN B 7 -3.96 -21.71 13.26
C GLN B 7 -3.81 -20.20 13.31
N PRO B 8 -2.69 -19.71 13.87
CA PRO B 8 -2.41 -18.27 13.99
C PRO B 8 -1.92 -17.69 12.67
N LYS B 9 -1.50 -16.41 12.70
CA LYS B 9 -0.99 -15.72 11.51
C LYS B 9 -0.04 -16.62 10.73
N THR B 10 -0.46 -17.06 9.55
CA THR B 10 0.36 -17.92 8.73
C THR B 10 0.79 -17.20 7.45
N ARG B 11 1.75 -17.77 6.75
CA ARG B 11 2.25 -17.19 5.52
C ARG B 11 1.62 -17.87 4.32
N VAL B 12 1.27 -17.08 3.31
CA VAL B 12 0.66 -17.59 2.11
C VAL B 12 1.50 -17.20 0.89
N SER B 13 1.58 -18.10 -0.08
CA SER B 13 2.33 -17.85 -1.29
C SER B 13 1.41 -17.34 -2.39
N VAL B 14 1.69 -16.14 -2.90
CA VAL B 14 0.87 -15.54 -3.95
C VAL B 14 1.76 -15.05 -5.10
N ARG B 15 1.22 -15.03 -6.31
CA ARG B 15 1.97 -14.60 -7.47
C ARG B 15 1.70 -13.13 -7.82
N ILE B 16 2.77 -12.35 -7.92
CA ILE B 16 2.67 -10.94 -8.25
C ILE B 16 3.60 -10.60 -9.42
N TYR B 17 3.01 -10.13 -10.52
CA TYR B 17 3.77 -9.75 -11.73
C TYR B 17 4.53 -10.93 -12.32
N GLY B 18 4.11 -12.15 -11.99
CA GLY B 18 4.75 -13.33 -12.53
C GLY B 18 5.56 -14.12 -11.51
N GLN B 19 5.98 -13.49 -10.43
CA GLN B 19 6.77 -14.18 -9.41
C GLN B 19 5.93 -14.49 -8.18
N ASP B 20 6.20 -15.63 -7.56
CA ASP B 20 5.47 -16.05 -6.36
C ASP B 20 6.24 -15.64 -5.10
N TYR B 21 5.51 -15.08 -4.13
CA TYR B 21 6.12 -14.64 -2.88
C TYR B 21 5.32 -15.13 -1.68
N THR B 22 5.99 -15.24 -0.54
CA THR B 22 5.33 -15.69 0.68
C THR B 22 5.12 -14.50 1.62
N ILE B 23 3.87 -14.20 1.92
CA ILE B 23 3.53 -13.07 2.78
C ILE B 23 2.66 -13.54 3.94
N VAL B 24 2.54 -12.70 4.97
CA VAL B 24 1.74 -13.03 6.15
C VAL B 24 0.27 -12.75 5.88
N GLY B 25 -0.53 -13.80 5.83
CA GLY B 25 -1.96 -13.65 5.59
C GLY B 25 -2.73 -13.43 6.87
N ALA B 26 -2.53 -12.29 7.49
CA ALA B 26 -3.21 -11.96 8.73
C ALA B 26 -4.51 -11.20 8.48
N GLU B 27 -5.32 -11.72 7.57
CA GLU B 27 -6.60 -11.10 7.25
C GLU B 27 -7.69 -12.16 7.12
N SER B 28 -7.60 -12.99 6.07
CA SER B 28 -8.59 -14.03 5.81
C SER B 28 -8.13 -14.89 4.63
N PRO B 29 -8.54 -16.17 4.58
CA PRO B 29 -8.15 -17.11 3.51
C PRO B 29 -8.67 -16.71 2.13
N ALA B 30 -9.54 -15.72 2.06
CA ALA B 30 -10.08 -15.27 0.78
C ALA B 30 -9.44 -13.97 0.33
N HIS B 31 -9.44 -12.98 1.22
CA HIS B 31 -8.85 -11.66 0.93
C HIS B 31 -7.42 -11.78 0.43
N ILE B 32 -6.64 -12.64 1.07
CA ILE B 32 -5.22 -12.84 0.71
C ILE B 32 -5.03 -13.23 -0.76
N ARG B 33 -6.06 -13.77 -1.39
CA ARG B 33 -5.96 -14.18 -2.78
C ARG B 33 -6.12 -13.01 -3.74
N LEU B 34 -6.76 -11.93 -3.29
CA LEU B 34 -6.97 -10.77 -4.15
C LEU B 34 -5.98 -9.64 -3.84
N VAL B 35 -5.28 -9.74 -2.71
CA VAL B 35 -4.30 -8.71 -2.34
C VAL B 35 -3.23 -8.59 -3.42
N ALA B 36 -2.69 -9.74 -3.83
CA ALA B 36 -1.66 -9.77 -4.86
C ALA B 36 -2.21 -9.29 -6.19
N ALA B 37 -3.45 -9.64 -6.48
CA ALA B 37 -4.11 -9.25 -7.72
C ALA B 37 -4.24 -7.74 -7.82
N PHE B 38 -4.59 -7.10 -6.70
CA PHE B 38 -4.74 -5.65 -6.64
C PHE B 38 -3.40 -4.97 -6.90
N VAL B 39 -2.36 -5.47 -6.27
CA VAL B 39 -1.02 -4.91 -6.43
C VAL B 39 -0.51 -5.15 -7.84
N ASP B 40 -0.79 -6.34 -8.37
CA ASP B 40 -0.38 -6.70 -9.72
C ASP B 40 -1.04 -5.75 -10.71
N ASP B 41 -2.27 -5.37 -10.42
CA ASP B 41 -3.03 -4.46 -11.27
C ASP B 41 -2.36 -3.09 -11.28
N LYS B 42 -1.92 -2.65 -10.11
CA LYS B 42 -1.26 -1.36 -9.96
C LYS B 42 0.03 -1.29 -10.76
N MET B 43 0.91 -2.25 -10.55
CA MET B 43 2.19 -2.26 -11.27
C MET B 43 1.99 -2.40 -12.77
N HIS B 44 0.88 -3.04 -13.16
CA HIS B 44 0.59 -3.23 -14.57
C HIS B 44 0.19 -1.91 -15.23
N GLU B 45 -0.61 -1.11 -14.53
CA GLU B 45 -1.05 0.16 -15.08
C GLU B 45 0.06 1.21 -15.05
N PHE B 46 1.02 1.03 -14.14
CA PHE B 46 2.14 1.96 -14.03
C PHE B 46 3.24 1.63 -15.02
N SER B 47 3.17 0.43 -15.61
CA SER B 47 4.17 0.01 -16.59
C SER B 47 4.12 0.89 -17.84
N GLU B 48 2.92 1.34 -18.20
CA GLU B 48 2.75 2.18 -19.37
C GLU B 48 3.04 3.65 -19.06
N LYS B 49 3.30 3.95 -17.79
CA LYS B 49 3.58 5.33 -17.39
C LYS B 49 5.06 5.66 -17.60
N GLN B 50 5.90 4.63 -17.71
CA GLN B 50 7.34 4.81 -17.93
C GLN B 50 7.96 5.69 -16.84
N PRO B 51 8.13 5.15 -15.62
CA PRO B 51 8.72 5.92 -14.51
C PRO B 51 10.21 6.22 -14.74
N MET B 52 11.08 5.27 -14.38
CA MET B 52 12.51 5.45 -14.54
C MET B 52 13.10 4.38 -15.45
N LEU B 53 12.21 3.67 -16.15
CA LEU B 53 12.62 2.59 -17.05
C LEU B 53 13.44 1.54 -16.31
N ASP B 54 12.89 1.09 -15.19
CA ASP B 54 13.55 0.10 -14.34
C ASP B 54 12.51 -0.62 -13.49
N VAL B 55 12.67 -1.93 -13.33
CA VAL B 55 11.72 -2.73 -12.56
C VAL B 55 11.70 -2.36 -11.07
N PRO B 56 12.86 -2.33 -10.36
CA PRO B 56 12.88 -1.95 -8.95
C PRO B 56 12.23 -0.59 -8.69
N LYS B 57 12.43 0.33 -9.62
CA LYS B 57 11.86 1.67 -9.50
C LYS B 57 10.35 1.64 -9.73
N LEU B 58 9.91 0.72 -10.57
CA LEU B 58 8.49 0.56 -10.87
C LEU B 58 7.76 -0.01 -9.67
N ALA B 59 8.41 -0.94 -8.99
CA ALA B 59 7.85 -1.60 -7.82
C ALA B 59 7.55 -0.62 -6.69
N VAL B 60 8.55 0.15 -6.30
CA VAL B 60 8.39 1.13 -5.20
C VAL B 60 7.36 2.20 -5.56
N LEU B 61 7.17 2.44 -6.86
CA LEU B 61 6.23 3.44 -7.33
C LEU B 61 4.80 3.07 -6.95
N THR B 62 4.50 1.78 -6.90
CA THR B 62 3.17 1.33 -6.55
C THR B 62 2.93 1.40 -5.04
N ALA B 63 3.95 1.01 -4.28
CA ALA B 63 3.85 1.01 -2.82
C ALA B 63 3.57 2.40 -2.28
N VAL B 64 4.23 3.41 -2.85
CA VAL B 64 4.05 4.78 -2.40
C VAL B 64 2.71 5.36 -2.89
N GLN B 65 2.16 4.79 -3.95
CA GLN B 65 0.89 5.28 -4.48
C GLN B 65 -0.27 4.61 -3.74
N ILE B 66 -0.10 3.33 -3.42
CA ILE B 66 -1.12 2.59 -2.68
C ILE B 66 -1.25 3.15 -1.27
N ALA B 67 -0.11 3.49 -0.68
CA ALA B 67 -0.08 4.03 0.67
C ALA B 67 -0.87 5.33 0.77
N SER B 68 -0.65 6.24 -0.16
CA SER B 68 -1.32 7.54 -0.13
C SER B 68 -2.83 7.40 -0.32
N GLU B 69 -3.24 6.57 -1.29
CA GLU B 69 -4.66 6.37 -1.56
C GLU B 69 -5.38 5.69 -0.40
N TYR B 70 -4.64 4.96 0.41
CA TYR B 70 -5.22 4.28 1.56
C TYR B 70 -5.11 5.12 2.83
N LEU B 71 -4.11 6.00 2.87
CA LEU B 71 -3.90 6.87 4.02
C LEU B 71 -5.06 7.86 4.16
N LYS B 72 -5.54 8.33 3.02
CA LYS B 72 -6.65 9.27 3.00
C LYS B 72 -7.96 8.58 3.37
N LEU B 73 -7.96 7.25 3.30
CA LEU B 73 -9.14 6.47 3.63
C LEU B 73 -9.36 6.46 5.14
N LYS B 74 -8.31 6.15 5.88
CA LYS B 74 -8.40 6.12 7.34
C LYS B 74 -8.52 7.54 7.89
N GLU B 75 -8.01 8.50 7.12
CA GLU B 75 -8.06 9.91 7.52
C GLU B 75 -9.51 10.39 7.59
N GLU B 76 -10.28 10.12 6.53
CA GLU B 76 -11.68 10.55 6.50
C GLU B 76 -12.51 9.71 7.48
N TYR B 77 -12.07 8.47 7.70
CA TYR B 77 -12.75 7.56 8.60
C TYR B 77 -12.83 8.17 9.99
N GLN B 78 -11.67 8.56 10.52
CA GLN B 78 -11.61 9.15 11.84
C GLN B 78 -12.33 10.50 11.85
N ARG B 79 -12.19 11.23 10.76
CA ARG B 79 -12.80 12.56 10.62
C ARG B 79 -14.32 12.53 10.79
N LEU B 80 -14.98 11.58 10.11
CA LEU B 80 -16.43 11.48 10.18
C LEU B 80 -16.89 10.84 11.49
N ARG B 81 -16.07 9.95 12.04
CA ARG B 81 -16.41 9.27 13.28
C ARG B 81 -16.27 10.22 14.47
N GLU B 82 -15.27 11.10 14.40
CA GLU B 82 -15.03 12.05 15.47
C GLU B 82 -16.02 13.21 15.38
N GLN B 83 -16.84 13.23 14.35
CA GLN B 83 -17.82 14.28 14.16
C GLN B 83 -19.15 13.88 14.80
N LEU B 84 -19.20 12.65 15.31
CA LEU B 84 -20.41 12.15 15.95
C LEU B 84 -20.25 12.13 17.47
N LYS B 85 -19.14 12.67 17.94
CA LYS B 85 -18.85 12.70 19.36
C LYS B 85 -19.04 14.12 19.90
N LYS B 86 -18.76 14.30 21.19
CA LYS B 86 -18.91 15.60 21.82
C LYS B 86 -17.57 16.32 21.92
N GLY A 1 -19.07 25.80 7.99
CA GLY A 1 -17.82 25.69 7.19
C GLY A 1 -16.88 26.85 7.45
N SER A 2 -15.87 26.63 8.27
CA SER A 2 -14.89 27.66 8.59
C SER A 2 -14.10 28.05 7.34
N HIS A 3 -13.79 29.32 7.19
CA HIS A 3 -13.04 29.80 6.05
C HIS A 3 -11.61 29.26 6.08
N MET A 4 -11.34 28.32 5.18
CA MET A 4 -10.02 27.70 5.09
C MET A 4 -9.49 27.77 3.66
N THR A 5 -8.41 27.05 3.40
CA THR A 5 -7.81 27.04 2.07
C THR A 5 -7.80 25.63 1.49
N GLU A 6 -8.65 25.39 0.51
CA GLU A 6 -8.73 24.09 -0.14
C GLU A 6 -7.91 24.10 -1.43
N GLN A 7 -7.30 22.97 -1.73
CA GLN A 7 -6.50 22.85 -2.94
C GLN A 7 -6.91 21.62 -3.73
N PRO A 8 -6.72 21.64 -5.06
CA PRO A 8 -7.06 20.51 -5.94
C PRO A 8 -6.02 19.39 -5.89
N LYS A 9 -6.21 18.38 -6.74
CA LYS A 9 -5.28 17.25 -6.81
C LYS A 9 -3.92 17.74 -7.31
N THR A 10 -2.93 17.73 -6.43
CA THR A 10 -1.60 18.18 -6.80
C THR A 10 -0.60 17.02 -6.81
N ARG A 11 0.48 17.19 -7.56
CA ARG A 11 1.52 16.17 -7.65
C ARG A 11 2.69 16.58 -6.77
N VAL A 12 3.37 15.60 -6.20
CA VAL A 12 4.50 15.87 -5.31
C VAL A 12 5.64 14.88 -5.55
N SER A 13 6.86 15.38 -5.47
CA SER A 13 8.04 14.56 -5.65
C SER A 13 8.64 14.25 -4.28
N VAL A 14 8.64 12.97 -3.91
CA VAL A 14 9.17 12.53 -2.62
C VAL A 14 10.35 11.61 -2.81
N ARG A 15 11.14 11.43 -1.76
CA ARG A 15 12.31 10.56 -1.83
C ARG A 15 12.09 9.27 -1.05
N ILE A 16 12.27 8.13 -1.73
CA ILE A 16 12.10 6.82 -1.11
C ILE A 16 13.22 5.89 -1.53
N TYR A 17 13.91 5.32 -0.54
CA TYR A 17 15.01 4.40 -0.78
C TYR A 17 16.10 5.04 -1.64
N GLY A 18 16.28 6.35 -1.50
CA GLY A 18 17.30 7.06 -2.25
C GLY A 18 16.77 7.79 -3.46
N GLN A 19 15.97 7.13 -4.26
CA GLN A 19 15.42 7.73 -5.47
C GLN A 19 14.19 8.57 -5.17
N ASP A 20 13.99 9.60 -5.99
CA ASP A 20 12.83 10.47 -5.82
C ASP A 20 11.73 10.04 -6.80
N TYR A 21 10.50 10.19 -6.39
CA TYR A 21 9.35 9.80 -7.22
C TYR A 21 8.28 10.88 -7.20
N THR A 22 7.82 11.28 -8.38
CA THR A 22 6.76 12.27 -8.49
C THR A 22 5.42 11.57 -8.60
N ILE A 23 4.63 11.66 -7.55
CA ILE A 23 3.33 11.01 -7.50
C ILE A 23 2.20 12.02 -7.26
N VAL A 24 0.98 11.53 -7.24
CA VAL A 24 -0.19 12.38 -7.01
C VAL A 24 -0.53 12.40 -5.52
N GLY A 25 -0.37 13.56 -4.90
CA GLY A 25 -0.65 13.69 -3.49
C GLY A 25 -1.94 14.45 -3.22
N ALA A 26 -3.05 13.88 -3.65
CA ALA A 26 -4.34 14.51 -3.47
C ALA A 26 -4.91 14.23 -2.08
N GLU A 27 -4.40 14.95 -1.09
CA GLU A 27 -4.86 14.79 0.28
C GLU A 27 -4.49 16.00 1.15
N SER A 28 -3.23 16.07 1.56
CA SER A 28 -2.75 17.18 2.39
C SER A 28 -1.23 17.17 2.41
N PRO A 29 -0.60 18.37 2.48
CA PRO A 29 0.85 18.53 2.47
C PRO A 29 1.57 17.66 3.51
N ALA A 30 1.05 17.61 4.72
CA ALA A 30 1.66 16.82 5.78
C ALA A 30 1.36 15.33 5.61
N HIS A 31 0.15 15.03 5.14
CA HIS A 31 -0.27 13.65 4.96
C HIS A 31 0.53 12.96 3.85
N ILE A 32 0.84 13.68 2.79
CA ILE A 32 1.58 13.11 1.66
C ILE A 32 3.06 12.94 1.99
N ARG A 33 3.53 13.61 3.04
CA ARG A 33 4.94 13.51 3.43
C ARG A 33 5.21 12.21 4.19
N LEU A 34 4.33 11.87 5.12
CA LEU A 34 4.48 10.66 5.92
C LEU A 34 4.32 9.40 5.06
N VAL A 35 3.64 9.54 3.92
CA VAL A 35 3.44 8.42 3.01
C VAL A 35 4.78 7.86 2.54
N ALA A 36 5.65 8.76 2.12
CA ALA A 36 6.97 8.38 1.63
C ALA A 36 7.81 7.72 2.73
N ALA A 37 7.79 8.34 3.91
CA ALA A 37 8.55 7.82 5.05
C ALA A 37 8.08 6.43 5.44
N PHE A 38 6.77 6.21 5.42
CA PHE A 38 6.20 4.91 5.78
C PHE A 38 6.68 3.82 4.83
N VAL A 39 6.66 4.12 3.53
CA VAL A 39 7.08 3.15 2.52
C VAL A 39 8.57 2.86 2.64
N ASP A 40 9.38 3.92 2.71
CA ASP A 40 10.82 3.77 2.85
C ASP A 40 11.15 2.99 4.11
N ASP A 41 10.37 3.22 5.16
CA ASP A 41 10.56 2.55 6.44
C ASP A 41 10.29 1.06 6.30
N LYS A 42 9.18 0.73 5.63
CA LYS A 42 8.80 -0.66 5.42
C LYS A 42 9.80 -1.36 4.51
N MET A 43 10.33 -0.63 3.52
CA MET A 43 11.30 -1.18 2.59
C MET A 43 12.53 -1.69 3.33
N HIS A 44 13.18 -0.82 4.10
CA HIS A 44 14.38 -1.23 4.84
C HIS A 44 14.03 -2.21 5.95
N GLU A 45 12.76 -2.23 6.35
CA GLU A 45 12.29 -3.13 7.39
C GLU A 45 12.41 -4.58 6.94
N PHE A 46 11.83 -4.89 5.79
CA PHE A 46 11.86 -6.24 5.26
C PHE A 46 13.21 -6.57 4.63
N SER A 47 14.04 -5.55 4.42
CA SER A 47 15.37 -5.75 3.87
C SER A 47 16.20 -6.64 4.80
N GLU A 48 15.85 -6.61 6.09
CA GLU A 48 16.54 -7.39 7.11
C GLU A 48 16.20 -8.89 6.98
N LYS A 49 15.05 -9.19 6.40
CA LYS A 49 14.62 -10.56 6.24
C LYS A 49 15.22 -11.20 5.00
N GLN A 50 15.44 -10.38 3.97
CA GLN A 50 16.01 -10.84 2.70
C GLN A 50 15.19 -12.02 2.14
N PRO A 51 13.97 -11.75 1.66
CA PRO A 51 13.08 -12.80 1.12
C PRO A 51 13.69 -13.56 -0.06
N MET A 52 14.09 -12.83 -1.09
CA MET A 52 14.67 -13.44 -2.28
C MET A 52 16.06 -12.87 -2.56
N LEU A 53 16.59 -12.11 -1.60
CA LEU A 53 17.91 -11.49 -1.74
C LEU A 53 18.01 -10.71 -3.05
N ASP A 54 17.05 -9.82 -3.27
CA ASP A 54 17.00 -9.00 -4.47
C ASP A 54 16.12 -7.78 -4.23
N VAL A 55 16.61 -6.62 -4.65
CA VAL A 55 15.89 -5.36 -4.46
C VAL A 55 14.49 -5.37 -5.10
N PRO A 56 14.36 -5.62 -6.43
CA PRO A 56 13.05 -5.66 -7.10
C PRO A 56 12.09 -6.65 -6.46
N LYS A 57 12.63 -7.75 -5.95
CA LYS A 57 11.81 -8.78 -5.31
C LYS A 57 11.34 -8.34 -3.93
N LEU A 58 12.08 -7.42 -3.33
CA LEU A 58 11.73 -6.90 -2.02
C LEU A 58 10.69 -5.78 -2.13
N ALA A 59 10.82 -4.98 -3.18
CA ALA A 59 9.92 -3.86 -3.41
C ALA A 59 8.50 -4.35 -3.71
N VAL A 60 8.38 -5.40 -4.51
CA VAL A 60 7.05 -5.94 -4.84
C VAL A 60 6.43 -6.60 -3.61
N LEU A 61 7.28 -7.10 -2.73
CA LEU A 61 6.83 -7.76 -1.52
C LEU A 61 6.21 -6.76 -0.56
N THR A 62 6.88 -5.63 -0.37
CA THR A 62 6.40 -4.60 0.53
C THR A 62 5.10 -3.98 0.02
N ALA A 63 4.96 -3.91 -1.29
CA ALA A 63 3.77 -3.35 -1.91
C ALA A 63 2.51 -4.12 -1.51
N VAL A 64 2.60 -5.44 -1.50
CA VAL A 64 1.47 -6.28 -1.13
C VAL A 64 1.29 -6.32 0.39
N GLN A 65 2.37 -6.10 1.12
CA GLN A 65 2.30 -6.11 2.57
C GLN A 65 1.68 -4.82 3.11
N ILE A 66 2.08 -3.70 2.52
CA ILE A 66 1.53 -2.41 2.91
C ILE A 66 0.03 -2.36 2.62
N ALA A 67 -0.37 -2.97 1.51
CA ALA A 67 -1.76 -3.01 1.12
C ALA A 67 -2.60 -3.77 2.13
N SER A 68 -2.11 -4.94 2.57
CA SER A 68 -2.83 -5.75 3.55
C SER A 68 -2.90 -5.04 4.91
N GLU A 69 -1.98 -4.12 5.13
CA GLU A 69 -1.93 -3.37 6.37
C GLU A 69 -3.13 -2.44 6.50
N TYR A 70 -3.58 -1.90 5.37
CA TYR A 70 -4.71 -0.97 5.39
C TYR A 70 -6.01 -1.60 4.89
N LEU A 71 -5.91 -2.67 4.12
CA LEU A 71 -7.11 -3.34 3.59
C LEU A 71 -7.97 -3.88 4.73
N LYS A 72 -7.32 -4.40 5.77
CA LYS A 72 -8.05 -4.94 6.91
C LYS A 72 -8.51 -3.81 7.85
N LEU A 73 -8.15 -2.57 7.49
CA LEU A 73 -8.53 -1.41 8.28
C LEU A 73 -9.76 -0.75 7.68
N LYS A 74 -9.75 -0.59 6.35
CA LYS A 74 -10.86 0.04 5.64
C LYS A 74 -12.12 -0.82 5.74
N GLU A 75 -11.92 -2.12 5.92
CA GLU A 75 -13.04 -3.04 6.04
C GLU A 75 -13.70 -2.87 7.40
N GLU A 76 -12.88 -2.59 8.41
CA GLU A 76 -13.36 -2.40 9.77
C GLU A 76 -14.38 -1.26 9.85
N TYR A 77 -14.10 -0.19 9.12
CA TYR A 77 -14.99 0.97 9.08
C TYR A 77 -16.40 0.58 8.63
N GLN A 78 -16.47 -0.20 7.55
CA GLN A 78 -17.74 -0.63 7.00
C GLN A 78 -18.45 -1.61 7.94
N ARG A 79 -17.66 -2.37 8.70
CA ARG A 79 -18.20 -3.35 9.63
C ARG A 79 -18.79 -2.67 10.85
N LEU A 80 -18.20 -1.54 11.21
CA LEU A 80 -18.65 -0.78 12.36
C LEU A 80 -19.94 -0.02 12.04
N ARG A 81 -19.95 0.63 10.88
CA ARG A 81 -21.11 1.43 10.48
C ARG A 81 -22.34 0.59 10.18
N GLU A 82 -22.16 -0.62 9.65
CA GLU A 82 -23.28 -1.48 9.31
C GLU A 82 -24.02 -1.95 10.56
N GLN A 83 -23.30 -2.09 11.66
CA GLN A 83 -23.91 -2.53 12.91
C GLN A 83 -24.25 -1.33 13.79
N LEU A 84 -23.73 -0.17 13.43
CA LEU A 84 -24.00 1.05 14.18
C LEU A 84 -25.38 1.57 13.86
N LYS A 85 -25.82 1.33 12.63
CA LYS A 85 -27.14 1.75 12.19
C LYS A 85 -28.19 0.75 12.65
N LYS A 86 -29.42 1.21 12.77
CA LYS A 86 -30.51 0.34 13.20
C LYS A 86 -31.01 -0.49 12.04
N GLY B 1 -23.98 -13.10 18.96
CA GLY B 1 -22.77 -13.89 18.69
C GLY B 1 -23.05 -15.06 17.77
N SER B 2 -22.78 -14.87 16.48
CA SER B 2 -23.00 -15.91 15.50
C SER B 2 -21.89 -16.95 15.59
N HIS B 3 -22.28 -18.22 15.60
CA HIS B 3 -21.31 -19.31 15.68
C HIS B 3 -20.66 -19.55 14.33
N MET B 4 -19.63 -18.79 14.04
CA MET B 4 -18.92 -18.90 12.77
C MET B 4 -17.54 -19.51 12.99
N THR B 5 -16.87 -19.83 11.89
CA THR B 5 -15.54 -20.41 11.96
C THR B 5 -14.51 -19.34 12.35
N GLU B 6 -13.56 -19.72 13.18
CA GLU B 6 -12.52 -18.79 13.63
C GLU B 6 -11.19 -19.12 12.97
N GLN B 7 -10.43 -18.07 12.68
CA GLN B 7 -9.13 -18.23 12.03
C GLN B 7 -8.16 -17.19 12.56
N PRO B 8 -6.93 -17.61 12.89
CA PRO B 8 -5.90 -16.72 13.40
C PRO B 8 -5.07 -16.08 12.28
N LYS B 9 -4.07 -15.31 12.65
CA LYS B 9 -3.20 -14.66 11.69
C LYS B 9 -2.30 -15.69 11.03
N THR B 10 -2.46 -15.89 9.73
CA THR B 10 -1.64 -16.85 9.01
C THR B 10 -1.07 -16.20 7.75
N ARG B 11 -0.01 -16.80 7.22
CA ARG B 11 0.62 -16.30 6.01
C ARG B 11 0.10 -17.05 4.78
N VAL B 12 0.16 -16.40 3.63
CA VAL B 12 -0.33 -17.00 2.40
C VAL B 12 0.63 -16.73 1.24
N SER B 13 0.66 -17.67 0.29
CA SER B 13 1.49 -17.55 -0.89
C SER B 13 0.64 -17.09 -2.07
N VAL B 14 1.00 -15.97 -2.67
CA VAL B 14 0.25 -15.42 -3.79
C VAL B 14 1.17 -15.19 -4.99
N ARG B 15 0.58 -14.87 -6.13
CA ARG B 15 1.35 -14.61 -7.35
C ARG B 15 1.30 -13.13 -7.71
N ILE B 16 2.46 -12.49 -7.75
CA ILE B 16 2.55 -11.07 -8.07
C ILE B 16 3.44 -10.86 -9.30
N TYR B 17 2.84 -10.35 -10.37
CA TYR B 17 3.56 -10.07 -11.63
C TYR B 17 4.12 -11.34 -12.26
N GLY B 18 3.71 -12.50 -11.75
CA GLY B 18 4.19 -13.76 -12.31
C GLY B 18 4.93 -14.61 -11.29
N GLN B 19 5.60 -13.97 -10.33
CA GLN B 19 6.34 -14.70 -9.31
C GLN B 19 5.48 -14.94 -8.07
N ASP B 20 5.80 -15.99 -7.33
CA ASP B 20 5.07 -16.33 -6.12
C ASP B 20 5.74 -15.70 -4.90
N TYR B 21 4.93 -15.18 -3.99
CA TYR B 21 5.45 -14.55 -2.78
C TYR B 21 4.60 -14.95 -1.58
N THR B 22 5.24 -15.15 -0.44
CA THR B 22 4.54 -15.50 0.78
C THR B 22 4.57 -14.35 1.78
N ILE B 23 3.41 -13.86 2.16
CA ILE B 23 3.31 -12.76 3.10
C ILE B 23 2.22 -13.04 4.14
N VAL B 24 2.24 -12.29 5.23
CA VAL B 24 1.26 -12.45 6.28
C VAL B 24 -0.06 -11.82 5.84
N GLY B 25 -1.12 -12.62 5.79
CA GLY B 25 -2.41 -12.11 5.39
C GLY B 25 -3.16 -11.48 6.53
N ALA B 26 -3.37 -12.27 7.60
CA ALA B 26 -4.08 -11.81 8.78
C ALA B 26 -5.48 -11.30 8.44
N GLU B 27 -6.08 -11.89 7.42
CA GLU B 27 -7.41 -11.49 6.98
C GLU B 27 -8.18 -12.69 6.45
N SER B 28 -9.35 -12.42 5.89
CA SER B 28 -10.20 -13.45 5.34
C SER B 28 -9.61 -14.02 4.05
N PRO B 29 -9.85 -15.32 3.78
CA PRO B 29 -9.33 -16.01 2.60
C PRO B 29 -9.63 -15.29 1.28
N ALA B 30 -10.84 -14.73 1.17
CA ALA B 30 -11.22 -14.02 -0.04
C ALA B 30 -10.52 -12.68 -0.16
N HIS B 31 -10.32 -12.03 0.99
CA HIS B 31 -9.69 -10.71 1.03
C HIS B 31 -8.21 -10.77 0.65
N ILE B 32 -7.52 -11.77 1.17
CA ILE B 32 -6.08 -11.94 0.90
C ILE B 32 -5.78 -12.29 -0.56
N ARG B 33 -6.81 -12.55 -1.34
CA ARG B 33 -6.61 -12.89 -2.75
C ARG B 33 -6.57 -11.63 -3.61
N LEU B 34 -7.43 -10.66 -3.30
CA LEU B 34 -7.49 -9.43 -4.07
C LEU B 34 -6.26 -8.56 -3.82
N VAL B 35 -5.62 -8.77 -2.67
CA VAL B 35 -4.43 -7.99 -2.31
C VAL B 35 -3.37 -8.12 -3.40
N ALA B 36 -3.09 -9.35 -3.79
CA ALA B 36 -2.09 -9.63 -4.82
C ALA B 36 -2.53 -9.09 -6.18
N ALA B 37 -3.78 -9.34 -6.54
CA ALA B 37 -4.33 -8.89 -7.81
C ALA B 37 -4.29 -7.37 -7.94
N PHE B 38 -4.46 -6.69 -6.81
CA PHE B 38 -4.44 -5.24 -6.77
C PHE B 38 -3.05 -4.72 -7.11
N VAL B 39 -2.03 -5.36 -6.56
CA VAL B 39 -0.65 -4.96 -6.80
C VAL B 39 -0.26 -5.22 -8.25
N ASP B 40 -0.62 -6.40 -8.75
CA ASP B 40 -0.32 -6.77 -10.13
C ASP B 40 -0.90 -5.76 -11.11
N ASP B 41 -2.15 -5.36 -10.87
CA ASP B 41 -2.81 -4.39 -11.74
C ASP B 41 -2.14 -3.03 -11.66
N LYS B 42 -1.87 -2.57 -10.44
CA LYS B 42 -1.23 -1.29 -10.23
C LYS B 42 0.14 -1.26 -10.92
N MET B 43 0.97 -2.24 -10.64
CA MET B 43 2.30 -2.33 -11.24
C MET B 43 2.20 -2.35 -12.75
N HIS B 44 1.22 -3.08 -13.25
CA HIS B 44 1.00 -3.22 -14.68
C HIS B 44 0.62 -1.88 -15.32
N GLU B 45 -0.22 -1.12 -14.64
CA GLU B 45 -0.68 0.17 -15.17
C GLU B 45 0.44 1.21 -15.16
N PHE B 46 1.37 1.09 -14.23
CA PHE B 46 2.48 2.05 -14.15
C PHE B 46 3.60 1.64 -15.11
N SER B 47 3.60 0.37 -15.49
CA SER B 47 4.60 -0.16 -16.41
C SER B 47 4.58 0.59 -17.74
N GLU B 48 3.39 0.85 -18.26
CA GLU B 48 3.23 1.54 -19.54
C GLU B 48 3.63 3.01 -19.45
N LYS B 49 3.72 3.53 -18.23
CA LYS B 49 4.10 4.93 -18.03
C LYS B 49 5.60 5.10 -18.16
N GLN B 50 6.34 4.07 -17.74
CA GLN B 50 7.80 4.07 -17.78
C GLN B 50 8.39 5.35 -17.19
N PRO B 51 8.22 5.57 -15.87
CA PRO B 51 8.71 6.77 -15.21
C PRO B 51 10.22 6.77 -15.03
N MET B 52 10.73 5.71 -14.40
CA MET B 52 12.16 5.59 -14.16
C MET B 52 12.79 4.56 -15.09
N LEU B 53 11.95 3.93 -15.90
CA LEU B 53 12.40 2.92 -16.86
C LEU B 53 13.23 1.83 -16.19
N ASP B 54 12.67 1.23 -15.15
CA ASP B 54 13.35 0.18 -14.41
C ASP B 54 12.35 -0.54 -13.51
N VAL B 55 12.39 -1.87 -13.52
CA VAL B 55 11.47 -2.68 -12.72
C VAL B 55 11.63 -2.42 -11.21
N PRO B 56 12.85 -2.48 -10.64
CA PRO B 56 13.07 -2.23 -9.21
C PRO B 56 12.47 -0.90 -8.76
N LYS B 57 12.66 0.13 -9.57
CA LYS B 57 12.14 1.46 -9.25
C LYS B 57 10.62 1.51 -9.41
N LEU B 58 10.11 0.82 -10.43
CA LEU B 58 8.67 0.79 -10.68
C LEU B 58 7.93 0.15 -9.51
N ALA B 59 8.52 -0.89 -8.95
CA ALA B 59 7.94 -1.60 -7.83
C ALA B 59 7.80 -0.67 -6.62
N VAL B 60 8.83 0.13 -6.39
CA VAL B 60 8.82 1.07 -5.26
C VAL B 60 7.77 2.15 -5.51
N LEU B 61 7.68 2.60 -6.75
CA LEU B 61 6.70 3.61 -7.13
C LEU B 61 5.28 3.11 -6.89
N THR B 62 5.05 1.87 -7.29
CA THR B 62 3.74 1.25 -7.10
C THR B 62 3.40 1.15 -5.63
N ALA B 63 4.39 0.76 -4.83
CA ALA B 63 4.23 0.62 -3.38
C ALA B 63 3.72 1.91 -2.74
N VAL B 64 4.35 3.03 -3.09
CA VAL B 64 3.98 4.32 -2.52
C VAL B 64 2.65 4.82 -3.08
N GLN B 65 2.34 4.46 -4.32
CA GLN B 65 1.09 4.88 -4.94
C GLN B 65 -0.09 4.12 -4.35
N ILE B 66 0.17 2.89 -3.90
CA ILE B 66 -0.87 2.09 -3.27
C ILE B 66 -1.08 2.56 -1.83
N ALA B 67 0.03 2.84 -1.15
CA ALA B 67 0.01 3.30 0.23
C ALA B 67 -0.83 4.57 0.39
N SER B 68 -0.61 5.54 -0.49
CA SER B 68 -1.35 6.80 -0.44
C SER B 68 -2.84 6.59 -0.67
N GLU B 69 -3.16 5.65 -1.57
CA GLU B 69 -4.55 5.34 -1.89
C GLU B 69 -5.33 4.89 -0.67
N TYR B 70 -4.70 4.11 0.19
CA TYR B 70 -5.36 3.60 1.39
C TYR B 70 -5.17 4.52 2.58
N LEU B 71 -4.05 5.24 2.62
CA LEU B 71 -3.78 6.15 3.73
C LEU B 71 -4.71 7.35 3.68
N LYS B 72 -5.27 7.62 2.52
CA LYS B 72 -6.21 8.73 2.35
C LYS B 72 -7.63 8.27 2.69
N LEU B 73 -7.79 6.97 2.88
CA LEU B 73 -9.09 6.40 3.20
C LEU B 73 -9.30 6.39 4.71
N LYS B 74 -8.27 6.00 5.46
CA LYS B 74 -8.34 5.95 6.92
C LYS B 74 -8.51 7.35 7.51
N GLU B 75 -8.13 8.37 6.74
CA GLU B 75 -8.26 9.75 7.19
C GLU B 75 -9.73 10.12 7.32
N GLU B 76 -10.50 9.82 6.28
CA GLU B 76 -11.93 10.10 6.25
C GLU B 76 -12.64 9.42 7.41
N TYR B 77 -12.23 8.18 7.69
CA TYR B 77 -12.81 7.38 8.77
C TYR B 77 -12.87 8.16 10.09
N GLN B 78 -11.75 8.76 10.48
CA GLN B 78 -11.71 9.52 11.72
C GLN B 78 -12.43 10.85 11.62
N ARG B 79 -12.42 11.45 10.43
CA ARG B 79 -13.07 12.75 10.22
C ARG B 79 -14.58 12.66 10.34
N LEU B 80 -15.19 11.70 9.66
CA LEU B 80 -16.64 11.56 9.69
C LEU B 80 -17.12 11.03 11.04
N ARG B 81 -16.26 10.31 11.74
CA ARG B 81 -16.61 9.75 13.04
C ARG B 81 -16.57 10.81 14.13
N GLU B 82 -15.60 11.71 14.06
CA GLU B 82 -15.48 12.77 15.06
C GLU B 82 -16.59 13.81 14.86
N GLN B 83 -17.09 13.90 13.65
CA GLN B 83 -18.15 14.84 13.31
C GLN B 83 -19.50 14.27 13.70
N LEU B 84 -19.56 12.95 13.88
CA LEU B 84 -20.78 12.27 14.24
C LEU B 84 -21.03 12.35 15.74
N LYS B 85 -19.96 12.37 16.51
CA LYS B 85 -20.09 12.44 17.96
C LYS B 85 -20.10 13.88 18.44
N LYS B 86 -20.35 14.06 19.74
CA LYS B 86 -20.41 15.37 20.34
C LYS B 86 -19.21 15.56 21.25
N GLY A 1 0.50 35.34 -22.68
CA GLY A 1 1.46 35.03 -21.59
C GLY A 1 1.17 33.70 -20.93
N SER A 2 1.06 33.69 -19.62
CA SER A 2 0.77 32.48 -18.89
C SER A 2 -0.71 32.14 -19.02
N HIS A 3 -1.01 30.90 -19.41
CA HIS A 3 -2.40 30.49 -19.56
C HIS A 3 -2.92 29.94 -18.23
N MET A 4 -4.02 30.52 -17.77
CA MET A 4 -4.63 30.12 -16.51
C MET A 4 -5.20 28.71 -16.57
N THR A 5 -5.10 27.99 -15.47
CA THR A 5 -5.61 26.63 -15.37
C THR A 5 -6.17 26.38 -13.97
N GLU A 6 -7.05 25.39 -13.84
CA GLU A 6 -7.65 25.06 -12.56
C GLU A 6 -6.64 24.33 -11.67
N GLN A 7 -7.07 23.96 -10.48
CA GLN A 7 -6.20 23.27 -9.55
C GLN A 7 -6.67 21.83 -9.30
N PRO A 8 -6.19 20.88 -10.11
CA PRO A 8 -6.54 19.48 -10.00
C PRO A 8 -5.52 18.72 -9.14
N LYS A 9 -5.63 17.39 -9.12
CA LYS A 9 -4.70 16.57 -8.36
C LYS A 9 -3.26 16.84 -8.82
N THR A 10 -2.52 17.55 -7.99
CA THR A 10 -1.15 17.91 -8.32
C THR A 10 -0.17 16.80 -7.93
N ARG A 11 1.00 16.83 -8.53
CA ARG A 11 2.04 15.85 -8.25
C ARG A 11 3.02 16.42 -7.23
N VAL A 12 3.66 15.53 -6.49
CA VAL A 12 4.62 15.94 -5.49
C VAL A 12 5.89 15.08 -5.58
N SER A 13 7.03 15.70 -5.33
CA SER A 13 8.30 15.01 -5.37
C SER A 13 8.67 14.50 -3.98
N VAL A 14 8.73 13.19 -3.84
CA VAL A 14 9.05 12.58 -2.55
C VAL A 14 10.25 11.64 -2.69
N ARG A 15 11.05 11.56 -1.65
CA ARG A 15 12.24 10.71 -1.66
C ARG A 15 12.00 9.41 -0.91
N ILE A 16 12.27 8.30 -1.57
CA ILE A 16 12.10 6.98 -0.97
C ILE A 16 13.33 6.12 -1.22
N TYR A 17 14.01 5.74 -0.15
CA TYR A 17 15.20 4.89 -0.21
C TYR A 17 16.34 5.58 -0.97
N GLY A 18 16.37 6.91 -0.92
CA GLY A 18 17.42 7.65 -1.60
C GLY A 18 17.01 8.20 -2.95
N GLN A 19 16.03 7.57 -3.59
CA GLN A 19 15.57 8.01 -4.90
C GLN A 19 14.28 8.79 -4.76
N ASP A 20 14.13 9.85 -5.53
CA ASP A 20 12.91 10.67 -5.48
C ASP A 20 12.03 10.37 -6.67
N TYR A 21 10.72 10.38 -6.43
CA TYR A 21 9.75 10.13 -7.47
C TYR A 21 8.61 11.14 -7.39
N THR A 22 7.99 11.40 -8.52
CA THR A 22 6.88 12.33 -8.59
C THR A 22 5.54 11.60 -8.57
N ILE A 23 4.88 11.61 -7.43
CA ILE A 23 3.60 10.92 -7.27
C ILE A 23 2.45 11.92 -7.12
N VAL A 24 1.24 11.42 -6.96
CA VAL A 24 0.08 12.28 -6.79
C VAL A 24 -0.16 12.62 -5.32
N GLY A 25 -0.22 13.91 -5.02
CA GLY A 25 -0.45 14.33 -3.65
C GLY A 25 -1.56 15.35 -3.56
N ALA A 26 -2.79 14.88 -3.45
CA ALA A 26 -3.95 15.78 -3.37
C ALA A 26 -4.68 15.67 -2.04
N GLU A 27 -4.11 14.95 -1.07
CA GLU A 27 -4.74 14.81 0.23
C GLU A 27 -4.43 16.02 1.11
N SER A 28 -3.17 16.15 1.54
CA SER A 28 -2.74 17.27 2.37
C SER A 28 -1.24 17.51 2.16
N PRO A 29 -0.84 18.78 2.02
CA PRO A 29 0.57 19.18 1.77
C PRO A 29 1.61 18.48 2.65
N ALA A 30 1.30 18.25 3.93
CA ALA A 30 2.26 17.60 4.83
C ALA A 30 1.98 16.11 4.98
N HIS A 31 0.70 15.74 4.90
CA HIS A 31 0.30 14.34 5.04
C HIS A 31 0.87 13.47 3.92
N ILE A 32 1.01 14.06 2.74
CA ILE A 32 1.55 13.33 1.57
C ILE A 32 3.05 13.14 1.67
N ARG A 33 3.68 13.78 2.65
CA ARG A 33 5.11 13.66 2.82
C ARG A 33 5.44 12.45 3.68
N LEU A 34 4.64 12.24 4.72
CA LEU A 34 4.84 11.11 5.62
C LEU A 34 4.50 9.79 4.92
N VAL A 35 3.74 9.89 3.82
CA VAL A 35 3.37 8.73 3.03
C VAL A 35 4.62 7.99 2.57
N ALA A 36 5.52 8.74 1.95
CA ALA A 36 6.77 8.19 1.46
C ALA A 36 7.67 7.72 2.60
N ALA A 37 7.66 8.48 3.68
CA ALA A 37 8.47 8.17 4.86
C ALA A 37 8.07 6.82 5.46
N PHE A 38 6.78 6.52 5.39
CA PHE A 38 6.25 5.28 5.91
C PHE A 38 6.75 4.09 5.09
N VAL A 39 6.72 4.23 3.79
CA VAL A 39 7.18 3.17 2.87
C VAL A 39 8.69 3.00 2.98
N ASP A 40 9.41 4.11 3.09
CA ASP A 40 10.87 4.10 3.20
C ASP A 40 11.32 3.24 4.37
N ASP A 41 10.72 3.47 5.53
CA ASP A 41 11.05 2.73 6.74
C ASP A 41 10.65 1.27 6.63
N LYS A 42 9.50 1.01 6.02
CA LYS A 42 9.00 -0.35 5.88
C LYS A 42 9.91 -1.17 4.95
N MET A 43 10.31 -0.60 3.84
CA MET A 43 11.20 -1.30 2.92
C MET A 43 12.54 -1.59 3.58
N HIS A 44 12.95 -0.67 4.45
CA HIS A 44 14.20 -0.79 5.19
C HIS A 44 14.19 -2.03 6.08
N GLU A 45 13.10 -2.21 6.83
CA GLU A 45 12.99 -3.35 7.75
C GLU A 45 12.79 -4.66 6.97
N PHE A 46 12.16 -4.56 5.81
CA PHE A 46 11.91 -5.74 4.97
C PHE A 46 13.18 -6.17 4.25
N SER A 47 14.12 -5.25 4.08
CA SER A 47 15.37 -5.54 3.39
C SER A 47 16.14 -6.64 4.11
N GLU A 48 16.01 -6.69 5.43
CA GLU A 48 16.70 -7.69 6.24
C GLU A 48 16.12 -9.09 6.02
N LYS A 49 14.89 -9.17 5.54
CA LYS A 49 14.24 -10.45 5.30
C LYS A 49 14.89 -11.17 4.12
N GLN A 50 15.22 -10.40 3.08
CA GLN A 50 15.85 -10.94 1.87
C GLN A 50 14.98 -12.05 1.25
N PRO A 51 13.86 -11.68 0.60
CA PRO A 51 12.96 -12.65 -0.03
C PRO A 51 13.68 -13.52 -1.05
N MET A 52 14.21 -12.89 -2.09
CA MET A 52 14.94 -13.61 -3.15
C MET A 52 16.29 -12.94 -3.38
N LEU A 53 16.70 -12.11 -2.42
CA LEU A 53 17.96 -11.35 -2.51
C LEU A 53 17.96 -10.48 -3.76
N ASP A 54 16.77 -10.07 -4.15
CA ASP A 54 16.57 -9.24 -5.34
C ASP A 54 15.87 -7.95 -4.96
N VAL A 55 16.35 -6.83 -5.51
CA VAL A 55 15.79 -5.51 -5.20
C VAL A 55 14.31 -5.40 -5.58
N PRO A 56 13.92 -5.57 -6.86
CA PRO A 56 12.51 -5.47 -7.27
C PRO A 56 11.60 -6.38 -6.45
N LYS A 57 12.06 -7.60 -6.16
CA LYS A 57 11.28 -8.56 -5.38
C LYS A 57 11.04 -8.04 -3.96
N LEU A 58 11.96 -7.22 -3.47
CA LEU A 58 11.86 -6.66 -2.13
C LEU A 58 10.85 -5.51 -2.12
N ALA A 59 10.98 -4.63 -3.11
CA ALA A 59 10.10 -3.47 -3.23
C ALA A 59 8.63 -3.88 -3.35
N VAL A 60 8.35 -4.83 -4.24
CA VAL A 60 6.98 -5.30 -4.44
C VAL A 60 6.47 -6.05 -3.20
N LEU A 61 7.40 -6.68 -2.46
CA LEU A 61 7.04 -7.42 -1.25
C LEU A 61 6.46 -6.45 -0.23
N THR A 62 7.03 -5.25 -0.19
CA THR A 62 6.57 -4.22 0.72
C THR A 62 5.24 -3.65 0.24
N ALA A 63 5.09 -3.54 -1.08
CA ALA A 63 3.89 -3.01 -1.69
C ALA A 63 2.65 -3.82 -1.33
N VAL A 64 2.76 -5.14 -1.48
CA VAL A 64 1.64 -6.02 -1.17
C VAL A 64 1.34 -6.06 0.33
N GLN A 65 2.39 -5.97 1.14
CA GLN A 65 2.22 -6.01 2.59
C GLN A 65 1.45 -4.77 3.04
N ILE A 66 1.83 -3.61 2.52
CA ILE A 66 1.17 -2.36 2.84
C ILE A 66 -0.32 -2.42 2.47
N ALA A 67 -0.58 -3.03 1.31
CA ALA A 67 -1.95 -3.18 0.84
C ALA A 67 -2.80 -3.95 1.84
N SER A 68 -2.32 -5.12 2.27
CA SER A 68 -3.05 -5.94 3.22
C SER A 68 -3.24 -5.22 4.57
N GLU A 69 -2.22 -4.46 4.96
CA GLU A 69 -2.26 -3.74 6.23
C GLU A 69 -3.40 -2.72 6.28
N TYR A 70 -3.64 -2.04 5.17
CA TYR A 70 -4.70 -1.05 5.10
C TYR A 70 -6.01 -1.63 4.59
N LEU A 71 -5.95 -2.72 3.83
CA LEU A 71 -7.16 -3.35 3.31
C LEU A 71 -8.01 -3.88 4.44
N LYS A 72 -7.36 -4.49 5.43
CA LYS A 72 -8.07 -5.03 6.58
C LYS A 72 -8.52 -3.91 7.52
N LEU A 73 -8.08 -2.70 7.24
CA LEU A 73 -8.44 -1.55 8.04
C LEU A 73 -9.65 -0.83 7.43
N LYS A 74 -9.63 -0.67 6.11
CA LYS A 74 -10.73 -0.01 5.41
C LYS A 74 -11.97 -0.90 5.41
N GLU A 75 -11.74 -2.20 5.52
CA GLU A 75 -12.83 -3.16 5.56
C GLU A 75 -13.62 -3.00 6.85
N GLU A 76 -12.90 -2.65 7.90
CA GLU A 76 -13.50 -2.44 9.21
C GLU A 76 -14.48 -1.27 9.18
N TYR A 77 -14.22 -0.33 8.27
CA TYR A 77 -15.08 0.83 8.11
C TYR A 77 -16.46 0.39 7.66
N GLN A 78 -16.50 -0.57 6.74
CA GLN A 78 -17.76 -1.08 6.23
C GLN A 78 -18.46 -1.96 7.26
N ARG A 79 -17.67 -2.65 8.07
CA ARG A 79 -18.20 -3.53 9.11
C ARG A 79 -18.78 -2.71 10.25
N LEU A 80 -18.15 -1.58 10.52
CA LEU A 80 -18.57 -0.70 11.59
C LEU A 80 -19.89 0.01 11.23
N ARG A 81 -19.94 0.58 10.03
CA ARG A 81 -21.13 1.29 9.58
C ARG A 81 -22.36 0.39 9.53
N GLU A 82 -22.19 -0.81 8.99
CA GLU A 82 -23.30 -1.75 8.87
C GLU A 82 -23.78 -2.23 10.24
N GLN A 83 -22.88 -2.21 11.22
CA GLN A 83 -23.21 -2.66 12.58
C GLN A 83 -23.78 -1.51 13.41
N LEU A 84 -23.70 -0.30 12.87
CA LEU A 84 -24.19 0.88 13.57
C LEU A 84 -25.56 1.32 13.05
N LYS A 85 -25.78 1.15 11.75
CA LYS A 85 -27.05 1.53 11.13
C LYS A 85 -28.20 0.63 11.56
N LYS A 86 -27.86 -0.55 12.09
CA LYS A 86 -28.86 -1.50 12.52
C LYS A 86 -28.94 -1.54 14.05
N GLY B 1 6.92 -36.30 19.52
CA GLY B 1 6.34 -36.36 18.15
C GLY B 1 5.67 -35.07 17.75
N SER B 2 4.52 -35.18 17.09
CA SER B 2 3.77 -34.02 16.64
C SER B 2 3.28 -33.17 17.81
N HIS B 3 3.77 -31.94 17.89
CA HIS B 3 3.39 -31.03 18.96
C HIS B 3 2.15 -30.23 18.57
N MET B 4 1.48 -29.65 19.55
CA MET B 4 0.29 -28.86 19.29
C MET B 4 0.39 -27.50 19.95
N THR B 5 0.37 -26.45 19.15
CA THR B 5 0.47 -25.10 19.66
C THR B 5 -0.79 -24.30 19.32
N GLU B 6 -0.83 -23.04 19.73
CA GLU B 6 -1.98 -22.18 19.45
C GLU B 6 -2.02 -21.83 17.96
N GLN B 7 -2.97 -21.02 17.57
CA GLN B 7 -3.12 -20.62 16.17
C GLN B 7 -2.57 -19.20 15.96
N PRO B 8 -1.33 -19.10 15.43
CA PRO B 8 -0.69 -17.81 15.18
C PRO B 8 -1.15 -17.22 13.85
N LYS B 9 -0.53 -16.10 13.46
CA LYS B 9 -0.87 -15.47 12.20
C LYS B 9 -0.51 -16.38 11.03
N THR B 10 -1.51 -16.80 10.27
CA THR B 10 -1.30 -17.71 9.15
C THR B 10 -0.51 -17.05 8.00
N ARG B 11 0.26 -17.86 7.30
CA ARG B 11 1.06 -17.38 6.18
C ARG B 11 0.42 -17.83 4.87
N VAL B 12 0.50 -16.99 3.86
CA VAL B 12 -0.09 -17.30 2.56
C VAL B 12 0.91 -17.06 1.43
N SER B 13 0.90 -17.95 0.45
CA SER B 13 1.79 -17.82 -0.69
C SER B 13 1.02 -17.27 -1.89
N VAL B 14 1.11 -15.96 -2.10
CA VAL B 14 0.42 -15.31 -3.20
C VAL B 14 1.33 -15.19 -4.42
N ARG B 15 0.76 -14.76 -5.53
CA ARG B 15 1.53 -14.59 -6.75
C ARG B 15 1.32 -13.19 -7.31
N ILE B 16 2.41 -12.45 -7.48
CA ILE B 16 2.35 -11.10 -8.00
C ILE B 16 3.37 -10.91 -9.12
N TYR B 17 2.90 -10.44 -10.28
CA TYR B 17 3.76 -10.20 -11.44
C TYR B 17 4.34 -11.51 -11.98
N GLY B 18 3.89 -12.63 -11.40
CA GLY B 18 4.37 -13.93 -11.84
C GLY B 18 5.14 -14.66 -10.75
N GLN B 19 5.78 -13.88 -9.88
CA GLN B 19 6.57 -14.46 -8.80
C GLN B 19 5.69 -14.77 -7.59
N ASP B 20 6.14 -15.71 -6.77
CA ASP B 20 5.41 -16.11 -5.57
C ASP B 20 5.96 -15.40 -4.35
N TYR B 21 5.06 -14.96 -3.47
CA TYR B 21 5.46 -14.25 -2.26
C TYR B 21 4.74 -14.81 -1.03
N THR B 22 5.51 -15.29 -0.07
CA THR B 22 4.94 -15.84 1.15
C THR B 22 4.82 -14.75 2.21
N ILE B 23 3.60 -14.29 2.43
CA ILE B 23 3.35 -13.23 3.40
C ILE B 23 2.36 -13.67 4.46
N VAL B 24 1.99 -12.75 5.35
CA VAL B 24 1.05 -13.04 6.42
C VAL B 24 -0.35 -12.56 6.04
N GLY B 25 -1.34 -13.45 6.16
CA GLY B 25 -2.69 -13.07 5.81
C GLY B 25 -3.65 -13.20 6.98
N ALA B 26 -3.45 -12.38 8.00
CA ALA B 26 -4.30 -12.41 9.19
C ALA B 26 -5.56 -11.56 9.02
N GLU B 27 -6.56 -12.14 8.37
CA GLU B 27 -7.84 -11.47 8.14
C GLU B 27 -8.86 -12.48 7.60
N SER B 28 -8.71 -12.84 6.33
CA SER B 28 -9.61 -13.82 5.70
C SER B 28 -8.93 -14.41 4.47
N PRO B 29 -8.94 -15.75 4.33
CA PRO B 29 -8.32 -16.45 3.20
C PRO B 29 -8.80 -15.95 1.83
N ALA B 30 -10.08 -15.58 1.74
CA ALA B 30 -10.63 -15.08 0.48
C ALA B 30 -10.29 -13.61 0.27
N HIS B 31 -10.00 -12.91 1.36
CA HIS B 31 -9.66 -11.50 1.30
C HIS B 31 -8.24 -11.32 0.79
N ILE B 32 -7.33 -12.12 1.34
CA ILE B 32 -5.92 -12.06 0.98
C ILE B 32 -5.66 -12.48 -0.46
N ARG B 33 -6.65 -13.08 -1.10
CA ARG B 33 -6.51 -13.51 -2.49
C ARG B 33 -6.50 -12.31 -3.43
N LEU B 34 -7.38 -11.34 -3.17
CA LEU B 34 -7.50 -10.16 -4.01
C LEU B 34 -6.40 -9.14 -3.71
N VAL B 35 -5.79 -9.24 -2.53
CA VAL B 35 -4.73 -8.32 -2.13
C VAL B 35 -3.61 -8.32 -3.16
N ALA B 36 -3.17 -9.50 -3.56
CA ALA B 36 -2.10 -9.63 -4.53
C ALA B 36 -2.54 -9.19 -5.91
N ALA B 37 -3.78 -9.54 -6.27
CA ALA B 37 -4.33 -9.18 -7.58
C ALA B 37 -4.42 -7.67 -7.74
N PHE B 38 -4.74 -6.98 -6.66
CA PHE B 38 -4.85 -5.53 -6.66
C PHE B 38 -3.50 -4.90 -6.97
N VAL B 39 -2.47 -5.37 -6.28
CA VAL B 39 -1.12 -4.85 -6.47
C VAL B 39 -0.58 -5.22 -7.85
N ASP B 40 -0.87 -6.46 -8.27
CA ASP B 40 -0.42 -6.95 -9.57
C ASP B 40 -0.90 -6.04 -10.70
N ASP B 41 -2.17 -5.68 -10.66
CA ASP B 41 -2.75 -4.82 -11.69
C ASP B 41 -2.20 -3.40 -11.59
N LYS B 42 -2.02 -2.94 -10.36
CA LYS B 42 -1.51 -1.59 -10.13
C LYS B 42 -0.08 -1.44 -10.63
N MET B 43 0.77 -2.43 -10.37
CA MET B 43 2.14 -2.36 -10.82
C MET B 43 2.21 -2.63 -12.32
N HIS B 44 1.19 -3.30 -12.84
CA HIS B 44 1.12 -3.60 -14.27
C HIS B 44 0.77 -2.34 -15.07
N GLU B 45 -0.03 -1.46 -14.47
CA GLU B 45 -0.41 -0.21 -15.12
C GLU B 45 0.75 0.77 -15.07
N PHE B 46 1.55 0.70 -14.00
CA PHE B 46 2.69 1.58 -13.85
C PHE B 46 3.76 1.26 -14.88
N SER B 47 3.70 0.04 -15.42
CA SER B 47 4.65 -0.40 -16.43
C SER B 47 4.52 0.43 -17.70
N GLU B 48 3.38 1.11 -17.84
CA GLU B 48 3.13 1.96 -18.98
C GLU B 48 3.77 3.33 -18.77
N LYS B 49 4.00 3.68 -17.51
CA LYS B 49 4.60 4.97 -17.16
C LYS B 49 6.11 4.94 -17.36
N GLN B 50 6.77 3.92 -16.82
CA GLN B 50 8.22 3.77 -16.93
C GLN B 50 8.95 4.96 -16.29
N PRO B 51 9.03 5.00 -14.95
CA PRO B 51 9.70 6.09 -14.23
C PRO B 51 11.19 6.22 -14.58
N MET B 52 11.99 5.28 -14.07
CA MET B 52 13.43 5.31 -14.33
C MET B 52 13.85 4.14 -15.21
N LEU B 53 12.86 3.54 -15.88
CA LEU B 53 13.09 2.39 -16.75
C LEU B 53 13.82 1.28 -15.99
N ASP B 54 13.19 0.81 -14.93
CA ASP B 54 13.77 -0.24 -14.09
C ASP B 54 12.66 -0.89 -13.27
N VAL B 55 12.79 -2.19 -13.00
CA VAL B 55 11.78 -2.95 -12.26
C VAL B 55 11.61 -2.48 -10.80
N PRO B 56 12.68 -2.47 -9.97
CA PRO B 56 12.57 -2.04 -8.57
C PRO B 56 12.03 -0.60 -8.44
N LYS B 57 12.40 0.24 -9.39
CA LYS B 57 11.96 1.63 -9.38
C LYS B 57 10.46 1.72 -9.65
N LEU B 58 9.92 0.67 -10.24
CA LEU B 58 8.50 0.60 -10.55
C LEU B 58 7.73 0.05 -9.36
N ALA B 59 8.26 -1.02 -8.78
CA ALA B 59 7.63 -1.68 -7.64
C ALA B 59 7.47 -0.72 -6.47
N VAL B 60 8.53 0.03 -6.16
CA VAL B 60 8.48 0.99 -5.06
C VAL B 60 7.47 2.10 -5.36
N LEU B 61 7.35 2.45 -6.64
CA LEU B 61 6.42 3.48 -7.07
C LEU B 61 4.99 3.03 -6.82
N THR B 62 4.76 1.73 -6.97
CA THR B 62 3.44 1.17 -6.73
C THR B 62 3.16 1.13 -5.23
N ALA B 63 4.18 0.76 -4.47
CA ALA B 63 4.09 0.67 -3.01
C ALA B 63 3.67 2.00 -2.39
N VAL B 64 4.34 3.06 -2.81
CA VAL B 64 4.05 4.39 -2.28
C VAL B 64 2.67 4.88 -2.73
N GLN B 65 2.27 4.54 -3.95
CA GLN B 65 0.97 4.96 -4.45
C GLN B 65 -0.14 4.31 -3.64
N ILE B 66 0.03 3.02 -3.36
CA ILE B 66 -0.93 2.27 -2.57
C ILE B 66 -1.08 2.92 -1.20
N ALA B 67 0.06 3.28 -0.60
CA ALA B 67 0.08 3.91 0.70
C ALA B 67 -0.73 5.21 0.70
N SER B 68 -0.49 6.08 -0.28
CA SER B 68 -1.20 7.35 -0.37
C SER B 68 -2.70 7.14 -0.59
N GLU B 69 -3.05 6.16 -1.42
CA GLU B 69 -4.45 5.89 -1.72
C GLU B 69 -5.19 5.32 -0.51
N TYR B 70 -4.51 4.53 0.29
CA TYR B 70 -5.13 3.92 1.45
C TYR B 70 -5.03 4.81 2.70
N LEU B 71 -3.93 5.54 2.83
CA LEU B 71 -3.74 6.42 3.98
C LEU B 71 -4.79 7.53 3.99
N LYS B 72 -5.20 7.98 2.81
CA LYS B 72 -6.20 9.03 2.70
C LYS B 72 -7.59 8.48 3.04
N LEU B 73 -7.78 7.18 2.85
CA LEU B 73 -9.05 6.54 3.12
C LEU B 73 -9.23 6.32 4.63
N LYS B 74 -8.20 5.81 5.28
CA LYS B 74 -8.27 5.58 6.72
C LYS B 74 -8.25 6.91 7.47
N GLU B 75 -7.75 7.94 6.81
CA GLU B 75 -7.67 9.27 7.40
C GLU B 75 -9.07 9.84 7.58
N GLU B 76 -9.91 9.64 6.56
CA GLU B 76 -11.28 10.14 6.62
C GLU B 76 -12.11 9.24 7.53
N TYR B 77 -11.68 7.99 7.70
CA TYR B 77 -12.36 7.03 8.56
C TYR B 77 -12.39 7.55 9.98
N GLN B 78 -11.24 8.02 10.46
CA GLN B 78 -11.13 8.56 11.80
C GLN B 78 -11.46 10.05 11.81
N ARG B 79 -11.94 10.54 10.67
CA ARG B 79 -12.28 11.95 10.52
C ARG B 79 -13.79 12.17 10.65
N LEU B 80 -14.58 11.39 9.91
CA LEU B 80 -16.03 11.54 9.98
C LEU B 80 -16.60 10.92 11.26
N ARG B 81 -15.78 10.09 11.93
CA ARG B 81 -16.22 9.45 13.16
C ARG B 81 -16.11 10.40 14.35
N GLU B 82 -15.01 11.13 14.42
CA GLU B 82 -14.81 12.10 15.51
C GLU B 82 -15.82 13.23 15.39
N GLN B 83 -16.35 13.41 14.18
CA GLN B 83 -17.34 14.43 13.92
C GLN B 83 -18.73 13.94 14.30
N LEU B 84 -18.99 12.65 14.08
CA LEU B 84 -20.28 12.05 14.39
C LEU B 84 -20.53 12.05 15.89
N LYS B 85 -19.50 11.74 16.66
CA LYS B 85 -19.61 11.68 18.11
C LYS B 85 -19.63 13.08 18.73
N LYS B 86 -19.47 14.12 17.91
CA LYS B 86 -19.47 15.48 18.41
C LYS B 86 -20.89 16.04 18.43
N GLY A 1 -22.90 20.92 -6.74
CA GLY A 1 -23.33 19.98 -7.80
C GLY A 1 -24.30 20.61 -8.76
N SER A 2 -23.82 21.55 -9.56
CA SER A 2 -24.66 22.24 -10.54
C SER A 2 -23.85 22.62 -11.78
N HIS A 3 -22.53 22.61 -11.66
CA HIS A 3 -21.66 22.95 -12.78
C HIS A 3 -20.48 21.98 -12.83
N MET A 4 -19.63 22.13 -13.84
CA MET A 4 -18.46 21.27 -13.99
C MET A 4 -17.52 21.42 -12.80
N THR A 5 -17.52 20.45 -11.91
CA THR A 5 -16.68 20.48 -10.73
C THR A 5 -15.69 19.31 -10.72
N GLU A 6 -14.46 19.58 -10.29
CA GLU A 6 -13.42 18.56 -10.24
C GLU A 6 -12.76 18.53 -8.87
N GLN A 7 -12.06 17.45 -8.57
CA GLN A 7 -11.37 17.31 -7.30
C GLN A 7 -9.96 17.87 -7.41
N PRO A 8 -9.55 18.72 -6.45
CA PRO A 8 -8.22 19.33 -6.44
C PRO A 8 -7.11 18.29 -6.25
N LYS A 9 -6.41 17.98 -7.33
CA LYS A 9 -5.33 17.01 -7.29
C LYS A 9 -4.03 17.68 -7.76
N THR A 10 -2.90 17.15 -7.31
CA THR A 10 -1.61 17.70 -7.69
C THR A 10 -0.53 16.61 -7.59
N ARG A 11 0.65 16.90 -8.11
CA ARG A 11 1.76 15.96 -8.09
C ARG A 11 2.82 16.40 -7.10
N VAL A 12 3.43 15.42 -6.44
CA VAL A 12 4.48 15.69 -5.48
C VAL A 12 5.70 14.80 -5.72
N SER A 13 6.88 15.38 -5.56
CA SER A 13 8.12 14.64 -5.76
C SER A 13 8.73 14.31 -4.40
N VAL A 14 8.82 13.03 -4.08
CA VAL A 14 9.37 12.59 -2.80
C VAL A 14 10.56 11.66 -2.98
N ARG A 15 11.38 11.56 -1.96
CA ARG A 15 12.57 10.71 -2.00
C ARG A 15 12.37 9.44 -1.17
N ILE A 16 12.56 8.30 -1.80
CA ILE A 16 12.43 7.01 -1.14
C ILE A 16 13.63 6.13 -1.48
N TYR A 17 14.32 5.64 -0.45
CA TYR A 17 15.50 4.78 -0.63
C TYR A 17 16.63 5.53 -1.34
N GLY A 18 16.53 6.84 -1.40
CA GLY A 18 17.55 7.64 -2.04
C GLY A 18 17.09 8.23 -3.37
N GLN A 19 16.22 7.52 -4.06
CA GLN A 19 15.71 7.98 -5.34
C GLN A 19 14.44 8.80 -5.17
N ASP A 20 14.24 9.79 -6.02
CA ASP A 20 13.07 10.62 -5.96
C ASP A 20 12.04 10.15 -6.98
N TYR A 21 10.77 10.20 -6.59
CA TYR A 21 9.69 9.76 -7.47
C TYR A 21 8.57 10.78 -7.49
N THR A 22 7.92 10.91 -8.64
CA THR A 22 6.82 11.83 -8.79
C THR A 22 5.50 11.09 -8.65
N ILE A 23 4.76 11.38 -7.59
CA ILE A 23 3.48 10.73 -7.36
C ILE A 23 2.36 11.74 -7.25
N VAL A 24 1.14 11.26 -7.18
CA VAL A 24 -0.02 12.15 -7.08
C VAL A 24 -0.47 12.28 -5.63
N GLY A 25 -0.63 13.52 -5.17
CA GLY A 25 -1.06 13.75 -3.81
C GLY A 25 -2.57 13.69 -3.66
N ALA A 26 -3.23 14.82 -3.88
CA ALA A 26 -4.70 14.92 -3.79
C ALA A 26 -5.19 14.60 -2.39
N GLU A 27 -4.54 15.17 -1.38
CA GLU A 27 -4.90 14.95 0.01
C GLU A 27 -4.45 16.12 0.88
N SER A 28 -3.16 16.17 1.19
CA SER A 28 -2.60 17.23 2.01
C SER A 28 -1.08 17.22 1.91
N PRO A 29 -0.45 18.41 1.87
CA PRO A 29 1.01 18.54 1.77
C PRO A 29 1.75 17.73 2.83
N ALA A 30 1.32 17.85 4.08
CA ALA A 30 1.96 17.13 5.17
C ALA A 30 1.63 15.65 5.12
N HIS A 31 0.39 15.33 4.76
CA HIS A 31 -0.06 13.94 4.68
C HIS A 31 0.74 13.17 3.65
N ILE A 32 0.83 13.71 2.44
CA ILE A 32 1.55 13.06 1.35
C ILE A 32 3.05 13.03 1.58
N ARG A 33 3.53 13.91 2.45
CA ARG A 33 4.95 14.00 2.75
C ARG A 33 5.39 12.83 3.64
N LEU A 34 4.56 12.46 4.61
CA LEU A 34 4.91 11.38 5.52
C LEU A 34 4.71 10.01 4.86
N VAL A 35 3.95 9.98 3.76
CA VAL A 35 3.71 8.73 3.03
C VAL A 35 5.03 8.14 2.56
N ALA A 36 5.89 9.00 2.04
CA ALA A 36 7.19 8.58 1.54
C ALA A 36 8.03 7.93 2.64
N ALA A 37 8.06 8.58 3.80
CA ALA A 37 8.83 8.07 4.92
C ALA A 37 8.23 6.78 5.47
N PHE A 38 6.94 6.58 5.23
CA PHE A 38 6.25 5.38 5.68
C PHE A 38 6.73 4.15 4.90
N VAL A 39 6.76 4.27 3.58
CA VAL A 39 7.21 3.17 2.73
C VAL A 39 8.73 3.02 2.79
N ASP A 40 9.43 4.14 2.97
CA ASP A 40 10.89 4.15 3.04
C ASP A 40 11.38 3.30 4.21
N ASP A 41 10.74 3.49 5.36
CA ASP A 41 11.11 2.74 6.56
C ASP A 41 10.81 1.26 6.40
N LYS A 42 9.65 0.96 5.84
CA LYS A 42 9.21 -0.42 5.65
C LYS A 42 10.13 -1.20 4.72
N MET A 43 10.61 -0.56 3.66
CA MET A 43 11.49 -1.24 2.72
C MET A 43 12.88 -1.44 3.33
N HIS A 44 13.18 -0.68 4.37
CA HIS A 44 14.46 -0.80 5.05
C HIS A 44 14.46 -1.99 5.98
N GLU A 45 13.34 -2.22 6.65
CA GLU A 45 13.22 -3.35 7.58
C GLU A 45 13.20 -4.67 6.82
N PHE A 46 12.57 -4.66 5.65
CA PHE A 46 12.48 -5.87 4.83
C PHE A 46 13.84 -6.23 4.24
N SER A 47 14.72 -5.24 4.11
CA SER A 47 16.06 -5.48 3.57
C SER A 47 16.85 -6.37 4.52
N GLU A 48 16.42 -6.41 5.78
CA GLU A 48 17.06 -7.23 6.78
C GLU A 48 16.70 -8.70 6.60
N LYS A 49 15.49 -8.94 6.11
CA LYS A 49 15.01 -10.30 5.88
C LYS A 49 15.49 -10.85 4.54
N GLN A 50 15.32 -10.05 3.48
CA GLN A 50 15.73 -10.44 2.13
C GLN A 50 14.94 -11.66 1.64
N PRO A 51 13.73 -11.45 1.07
CA PRO A 51 12.90 -12.55 0.57
C PRO A 51 13.62 -13.38 -0.50
N MET A 52 14.10 -12.71 -1.54
CA MET A 52 14.82 -13.39 -2.61
C MET A 52 16.20 -12.76 -2.79
N LEU A 53 16.62 -12.00 -1.78
CA LEU A 53 17.91 -11.32 -1.78
C LEU A 53 18.09 -10.47 -3.03
N ASP A 54 17.11 -9.62 -3.32
CA ASP A 54 17.17 -8.77 -4.50
C ASP A 54 16.29 -7.54 -4.30
N VAL A 55 16.69 -6.42 -4.90
CA VAL A 55 15.96 -5.16 -4.76
C VAL A 55 14.54 -5.24 -5.36
N PRO A 56 14.37 -5.58 -6.65
CA PRO A 56 13.03 -5.68 -7.26
C PRO A 56 12.13 -6.70 -6.55
N LYS A 57 12.75 -7.71 -5.94
CA LYS A 57 12.00 -8.74 -5.23
C LYS A 57 11.65 -8.27 -3.81
N LEU A 58 12.15 -7.10 -3.46
CA LEU A 58 11.92 -6.51 -2.15
C LEU A 58 10.81 -5.47 -2.21
N ALA A 59 10.89 -4.61 -3.23
CA ALA A 59 9.92 -3.52 -3.43
C ALA A 59 8.52 -4.05 -3.72
N VAL A 60 8.42 -5.29 -4.19
CA VAL A 60 7.13 -5.88 -4.49
C VAL A 60 6.47 -6.39 -3.21
N LEU A 61 7.29 -6.73 -2.22
CA LEU A 61 6.82 -7.26 -0.96
C LEU A 61 6.21 -6.14 -0.12
N THR A 62 6.81 -4.96 -0.17
CA THR A 62 6.33 -3.82 0.58
C THR A 62 4.97 -3.38 0.07
N ALA A 63 4.84 -3.32 -1.24
CA ALA A 63 3.60 -2.90 -1.89
C ALA A 63 2.43 -3.80 -1.52
N VAL A 64 2.64 -5.11 -1.61
CA VAL A 64 1.59 -6.07 -1.30
C VAL A 64 1.27 -6.11 0.19
N GLN A 65 2.26 -5.82 1.04
CA GLN A 65 2.05 -5.84 2.48
C GLN A 65 1.25 -4.63 2.93
N ILE A 66 1.53 -3.47 2.33
CA ILE A 66 0.82 -2.26 2.67
C ILE A 66 -0.65 -2.37 2.29
N ALA A 67 -0.90 -2.95 1.13
CA ALA A 67 -2.26 -3.14 0.63
C ALA A 67 -3.08 -4.05 1.54
N SER A 68 -2.48 -5.16 1.98
CA SER A 68 -3.18 -6.10 2.84
C SER A 68 -3.40 -5.56 4.25
N GLU A 69 -2.38 -4.92 4.80
CA GLU A 69 -2.47 -4.37 6.16
C GLU A 69 -3.54 -3.30 6.26
N TYR A 70 -3.65 -2.44 5.25
CA TYR A 70 -4.65 -1.38 5.26
C TYR A 70 -6.01 -1.87 4.79
N LEU A 71 -6.03 -3.04 4.15
CA LEU A 71 -7.27 -3.61 3.64
C LEU A 71 -8.19 -4.00 4.78
N LYS A 72 -7.62 -4.54 5.85
CA LYS A 72 -8.42 -4.95 7.00
C LYS A 72 -8.89 -3.73 7.78
N LEU A 73 -8.28 -2.59 7.51
CA LEU A 73 -8.66 -1.35 8.18
C LEU A 73 -9.91 -0.78 7.53
N LYS A 74 -9.92 -0.72 6.19
CA LYS A 74 -11.08 -0.20 5.47
C LYS A 74 -12.25 -1.15 5.62
N GLU A 75 -11.95 -2.42 5.88
CA GLU A 75 -12.97 -3.43 6.08
C GLU A 75 -13.67 -3.19 7.41
N GLU A 76 -12.87 -2.90 8.44
CA GLU A 76 -13.42 -2.64 9.77
C GLU A 76 -14.29 -1.39 9.74
N TYR A 77 -13.94 -0.44 8.89
CA TYR A 77 -14.68 0.81 8.74
C TYR A 77 -16.13 0.52 8.34
N GLN A 78 -16.30 -0.20 7.23
CA GLN A 78 -17.63 -0.52 6.75
C GLN A 78 -18.30 -1.57 7.62
N ARG A 79 -17.49 -2.39 8.30
CA ARG A 79 -18.02 -3.43 9.19
C ARG A 79 -18.71 -2.78 10.38
N LEU A 80 -18.19 -1.63 10.78
CA LEU A 80 -18.73 -0.87 11.89
C LEU A 80 -20.02 -0.16 11.50
N ARG A 81 -20.01 0.44 10.32
CA ARG A 81 -21.18 1.18 9.84
C ARG A 81 -22.32 0.22 9.51
N GLU A 82 -22.00 -0.92 8.90
CA GLU A 82 -23.03 -1.89 8.54
C GLU A 82 -23.65 -2.51 9.78
N GLN A 83 -22.94 -2.43 10.90
CA GLN A 83 -23.41 -2.97 12.15
C GLN A 83 -24.50 -2.06 12.73
N LEU A 84 -24.43 -0.79 12.38
CA LEU A 84 -25.40 0.18 12.84
C LEU A 84 -26.56 0.29 11.85
N LYS A 85 -26.25 0.04 10.58
CA LYS A 85 -27.24 0.11 9.53
C LYS A 85 -27.96 -1.22 9.36
N LYS A 86 -29.20 -1.27 9.80
CA LYS A 86 -29.99 -2.49 9.67
C LYS A 86 -30.80 -2.42 8.39
N GLY B 1 -9.94 -9.93 28.29
CA GLY B 1 -10.56 -11.25 28.53
C GLY B 1 -9.66 -12.17 29.35
N SER B 2 -8.99 -13.08 28.66
CA SER B 2 -8.09 -14.02 29.31
C SER B 2 -6.76 -13.35 29.66
N HIS B 3 -5.98 -13.98 30.54
CA HIS B 3 -4.69 -13.43 30.93
C HIS B 3 -3.75 -13.42 29.74
N MET B 4 -3.84 -14.48 28.94
CA MET B 4 -3.02 -14.60 27.74
C MET B 4 -3.94 -14.74 26.53
N THR B 5 -3.73 -13.89 25.54
CA THR B 5 -4.55 -13.91 24.34
C THR B 5 -3.78 -13.32 23.16
N GLU B 6 -4.23 -13.64 21.95
CA GLU B 6 -3.60 -13.15 20.75
C GLU B 6 -4.51 -13.40 19.56
N GLN B 7 -4.50 -12.49 18.60
CA GLN B 7 -5.32 -12.62 17.41
C GLN B 7 -4.74 -13.67 16.48
N PRO B 8 -5.59 -14.41 15.76
CA PRO B 8 -5.15 -15.45 14.83
C PRO B 8 -4.36 -14.89 13.66
N LYS B 9 -3.10 -15.28 13.56
CA LYS B 9 -2.21 -14.85 12.49
C LYS B 9 -1.74 -16.03 11.68
N THR B 10 -1.39 -15.80 10.43
CA THR B 10 -0.91 -16.86 9.55
C THR B 10 -0.26 -16.25 8.31
N ARG B 11 0.59 -17.04 7.65
CA ARG B 11 1.27 -16.58 6.45
C ARG B 11 0.77 -17.34 5.22
N VAL B 12 0.69 -16.66 4.10
CA VAL B 12 0.20 -17.25 2.86
C VAL B 12 1.13 -16.88 1.69
N SER B 13 1.21 -17.76 0.71
CA SER B 13 2.04 -17.52 -0.46
C SER B 13 1.14 -17.13 -1.64
N VAL B 14 1.54 -16.09 -2.35
CA VAL B 14 0.78 -15.61 -3.51
C VAL B 14 1.70 -15.29 -4.67
N ARG B 15 1.12 -15.09 -5.84
CA ARG B 15 1.90 -14.79 -7.03
C ARG B 15 1.81 -13.31 -7.39
N ILE B 16 2.96 -12.66 -7.53
CA ILE B 16 3.02 -11.25 -7.88
C ILE B 16 4.07 -11.04 -8.97
N TYR B 17 3.61 -10.58 -10.14
CA TYR B 17 4.48 -10.32 -11.28
C TYR B 17 5.23 -11.57 -11.71
N GLY B 18 4.55 -12.70 -11.69
CA GLY B 18 5.15 -13.96 -12.12
C GLY B 18 5.77 -14.75 -10.98
N GLN B 19 6.37 -14.06 -10.02
CA GLN B 19 7.03 -14.74 -8.90
C GLN B 19 6.06 -15.02 -7.77
N ASP B 20 6.45 -15.92 -6.88
CA ASP B 20 5.63 -16.28 -5.73
C ASP B 20 6.29 -15.80 -4.46
N TYR B 21 5.52 -15.17 -3.59
CA TYR B 21 6.04 -14.65 -2.32
C TYR B 21 5.16 -15.05 -1.15
N THR B 22 5.75 -15.19 0.01
CA THR B 22 5.02 -15.55 1.21
C THR B 22 4.91 -14.33 2.12
N ILE B 23 3.69 -13.97 2.46
CA ILE B 23 3.44 -12.81 3.30
C ILE B 23 2.52 -13.16 4.47
N VAL B 24 2.39 -12.25 5.42
CA VAL B 24 1.54 -12.48 6.58
C VAL B 24 0.18 -11.80 6.38
N GLY B 25 -0.88 -12.59 6.38
CA GLY B 25 -2.20 -12.05 6.19
C GLY B 25 -3.17 -12.51 7.26
N ALA B 26 -3.21 -11.78 8.37
CA ALA B 26 -4.09 -12.12 9.48
C ALA B 26 -5.49 -11.53 9.26
N GLU B 27 -6.14 -11.94 8.19
CA GLU B 27 -7.47 -11.43 7.87
C GLU B 27 -8.40 -12.57 7.44
N SER B 28 -8.32 -12.99 6.17
CA SER B 28 -9.16 -14.06 5.67
C SER B 28 -8.66 -14.53 4.31
N PRO B 29 -8.88 -15.82 3.97
CA PRO B 29 -8.43 -16.40 2.71
C PRO B 29 -8.89 -15.62 1.48
N ALA B 30 -10.11 -15.12 1.52
CA ALA B 30 -10.66 -14.36 0.39
C ALA B 30 -10.05 -12.96 0.32
N HIS B 31 -9.93 -12.30 1.46
CA HIS B 31 -9.38 -10.95 1.52
C HIS B 31 -7.93 -10.94 1.03
N ILE B 32 -7.14 -11.91 1.49
CA ILE B 32 -5.73 -11.99 1.12
C ILE B 32 -5.55 -12.50 -0.31
N ARG B 33 -6.63 -12.99 -0.90
CA ARG B 33 -6.59 -13.52 -2.27
C ARG B 33 -6.58 -12.38 -3.28
N LEU B 34 -7.45 -11.40 -3.07
CA LEU B 34 -7.57 -10.27 -3.98
C LEU B 34 -6.40 -9.30 -3.85
N VAL B 35 -5.71 -9.32 -2.71
CA VAL B 35 -4.59 -8.42 -2.46
C VAL B 35 -3.51 -8.58 -3.53
N ALA B 36 -3.16 -9.82 -3.83
CA ALA B 36 -2.12 -10.11 -4.81
C ALA B 36 -2.53 -9.62 -6.20
N ALA B 37 -3.75 -9.92 -6.59
CA ALA B 37 -4.26 -9.52 -7.91
C ALA B 37 -4.32 -8.01 -8.03
N PHE B 38 -4.70 -7.35 -6.95
CA PHE B 38 -4.81 -5.90 -6.92
C PHE B 38 -3.44 -5.24 -7.14
N VAL B 39 -2.42 -5.73 -6.45
CA VAL B 39 -1.09 -5.15 -6.58
C VAL B 39 -0.43 -5.56 -7.91
N ASP B 40 -0.77 -6.75 -8.40
CA ASP B 40 -0.22 -7.26 -9.66
C ASP B 40 -0.70 -6.42 -10.83
N ASP B 41 -1.97 -6.04 -10.80
CA ASP B 41 -2.54 -5.21 -11.86
C ASP B 41 -2.01 -3.79 -11.79
N LYS B 42 -1.81 -3.30 -10.57
CA LYS B 42 -1.31 -1.95 -10.37
C LYS B 42 0.10 -1.80 -10.96
N MET B 43 0.92 -2.82 -10.76
CA MET B 43 2.29 -2.81 -11.28
C MET B 43 2.29 -3.08 -12.79
N HIS B 44 1.13 -3.43 -13.32
CA HIS B 44 1.00 -3.70 -14.75
C HIS B 44 0.49 -2.48 -15.49
N GLU B 45 -0.07 -1.53 -14.74
CA GLU B 45 -0.59 -0.30 -15.35
C GLU B 45 0.40 0.84 -15.22
N PHE B 46 1.31 0.74 -14.26
CA PHE B 46 2.30 1.79 -14.04
C PHE B 46 3.59 1.49 -14.79
N SER B 47 3.76 0.25 -15.23
CA SER B 47 4.96 -0.15 -15.96
C SER B 47 5.00 0.55 -17.31
N GLU B 48 3.84 0.65 -17.96
CA GLU B 48 3.73 1.28 -19.26
C GLU B 48 3.76 2.80 -19.15
N LYS B 49 3.86 3.31 -17.93
CA LYS B 49 3.90 4.75 -17.71
C LYS B 49 5.31 5.28 -17.98
N GLN B 50 6.27 4.36 -18.00
CA GLN B 50 7.68 4.69 -18.22
C GLN B 50 8.18 5.71 -17.20
N PRO B 51 8.37 5.29 -15.94
CA PRO B 51 8.85 6.17 -14.89
C PRO B 51 10.37 6.27 -14.88
N MET B 52 11.03 5.26 -14.31
CA MET B 52 12.49 5.25 -14.26
C MET B 52 13.03 4.10 -15.09
N LEU B 53 12.13 3.42 -15.82
CA LEU B 53 12.49 2.28 -16.66
C LEU B 53 13.36 1.28 -15.90
N ASP B 54 12.87 0.86 -14.74
CA ASP B 54 13.58 -0.08 -13.89
C ASP B 54 12.57 -0.78 -12.98
N VAL B 55 12.63 -2.11 -12.94
CA VAL B 55 11.71 -2.91 -12.12
C VAL B 55 11.69 -2.48 -10.65
N PRO B 56 12.86 -2.42 -9.97
CA PRO B 56 12.92 -2.04 -8.55
C PRO B 56 12.28 -0.68 -8.27
N LYS B 57 12.49 0.27 -9.17
CA LYS B 57 11.93 1.61 -9.00
C LYS B 57 10.44 1.63 -9.34
N LEU B 58 10.03 0.72 -10.20
CA LEU B 58 8.63 0.61 -10.61
C LEU B 58 7.79 0.04 -9.47
N ALA B 59 8.29 -1.03 -8.87
CA ALA B 59 7.59 -1.69 -7.77
C ALA B 59 7.40 -0.78 -6.57
N VAL B 60 8.44 -0.05 -6.19
CA VAL B 60 8.35 0.85 -5.04
C VAL B 60 7.44 2.04 -5.36
N LEU B 61 7.32 2.36 -6.64
CA LEU B 61 6.49 3.45 -7.09
C LEU B 61 5.02 3.15 -6.80
N THR B 62 4.61 1.92 -7.09
CA THR B 62 3.25 1.50 -6.84
C THR B 62 3.01 1.31 -5.34
N ALA B 63 4.07 0.94 -4.63
CA ALA B 63 3.99 0.73 -3.19
C ALA B 63 3.60 2.02 -2.47
N VAL B 64 4.26 3.11 -2.83
CA VAL B 64 3.98 4.39 -2.21
C VAL B 64 2.62 4.95 -2.66
N GLN B 65 2.16 4.55 -3.84
CA GLN B 65 0.88 5.02 -4.35
C GLN B 65 -0.28 4.39 -3.57
N ILE B 66 -0.14 3.10 -3.26
CA ILE B 66 -1.16 2.40 -2.50
C ILE B 66 -1.25 2.96 -1.09
N ALA B 67 -0.07 3.26 -0.53
CA ALA B 67 0.03 3.81 0.81
C ALA B 67 -0.66 5.16 0.93
N SER B 68 -0.49 6.01 -0.08
CA SER B 68 -1.09 7.34 -0.06
C SER B 68 -2.61 7.29 -0.22
N GLU B 69 -3.08 6.59 -1.24
CA GLU B 69 -4.53 6.49 -1.52
C GLU B 69 -5.26 5.81 -0.38
N TYR B 70 -4.59 4.90 0.32
CA TYR B 70 -5.23 4.20 1.43
C TYR B 70 -5.12 5.02 2.72
N LEU B 71 -4.08 5.84 2.84
CA LEU B 71 -3.90 6.66 4.03
C LEU B 71 -4.95 7.77 4.07
N LYS B 72 -5.20 8.37 2.91
CA LYS B 72 -6.19 9.44 2.81
C LYS B 72 -7.61 8.87 2.99
N LEU B 73 -7.71 7.55 2.90
CA LEU B 73 -8.98 6.87 3.07
C LEU B 73 -9.24 6.56 4.54
N LYS B 74 -8.23 6.07 5.24
CA LYS B 74 -8.38 5.75 6.66
C LYS B 74 -8.59 7.02 7.47
N GLU B 75 -8.00 8.13 7.00
CA GLU B 75 -8.14 9.40 7.68
C GLU B 75 -9.57 9.90 7.55
N GLU B 76 -10.19 9.56 6.43
CA GLU B 76 -11.57 9.93 6.16
C GLU B 76 -12.48 9.27 7.18
N TYR B 77 -12.18 8.01 7.48
CA TYR B 77 -12.93 7.22 8.44
C TYR B 77 -12.99 7.95 9.79
N GLN B 78 -11.84 8.18 10.38
CA GLN B 78 -11.78 8.84 11.68
C GLN B 78 -12.31 10.27 11.62
N ARG B 79 -12.15 10.92 10.47
CA ARG B 79 -12.62 12.30 10.31
C ARG B 79 -14.14 12.42 10.42
N LEU B 80 -14.86 11.52 9.77
CA LEU B 80 -16.31 11.57 9.80
C LEU B 80 -16.86 11.02 11.13
N ARG B 81 -16.04 10.25 11.83
CA ARG B 81 -16.45 9.67 13.09
C ARG B 81 -16.18 10.64 14.25
N GLU B 82 -15.06 11.34 14.17
CA GLU B 82 -14.70 12.31 15.22
C GLU B 82 -15.64 13.50 15.17
N GLN B 83 -16.40 13.61 14.08
CA GLN B 83 -17.35 14.69 13.92
C GLN B 83 -18.47 14.57 14.93
N LEU B 84 -18.70 13.34 15.39
CA LEU B 84 -19.72 13.06 16.38
C LEU B 84 -19.19 13.43 17.76
N LYS B 85 -17.88 13.54 17.85
CA LYS B 85 -17.22 13.89 19.09
C LYS B 85 -16.93 15.38 19.10
N LYS B 86 -16.77 15.94 20.29
CA LYS B 86 -16.46 17.36 20.41
C LYS B 86 -15.19 17.54 21.22
N GLY A 1 7.47 25.09 -10.03
CA GLY A 1 7.20 26.29 -9.20
C GLY A 1 6.19 25.99 -8.11
N SER A 2 5.75 27.03 -7.41
CA SER A 2 4.77 26.87 -6.34
C SER A 2 3.87 28.09 -6.26
N HIS A 3 2.65 27.90 -5.76
CA HIS A 3 1.70 28.98 -5.60
C HIS A 3 0.97 28.83 -4.27
N MET A 4 0.47 29.93 -3.73
CA MET A 4 -0.23 29.90 -2.45
C MET A 4 -1.73 29.71 -2.64
N THR A 5 -2.10 29.18 -3.80
CA THR A 5 -3.49 28.93 -4.12
C THR A 5 -3.95 27.62 -3.48
N GLU A 6 -5.10 27.11 -3.90
CA GLU A 6 -5.62 25.86 -3.36
C GLU A 6 -4.71 24.69 -3.73
N GLN A 7 -4.91 23.56 -3.09
CA GLN A 7 -4.10 22.37 -3.35
C GLN A 7 -4.96 21.23 -3.87
N PRO A 8 -5.17 21.17 -5.19
CA PRO A 8 -5.96 20.12 -5.82
C PRO A 8 -5.09 18.90 -6.15
N LYS A 9 -5.70 17.86 -6.69
CA LYS A 9 -4.97 16.64 -7.05
C LYS A 9 -3.87 16.95 -8.06
N THR A 10 -2.64 16.95 -7.59
CA THR A 10 -1.50 17.25 -8.45
C THR A 10 -0.40 16.20 -8.27
N ARG A 11 0.78 16.51 -8.76
CA ARG A 11 1.93 15.60 -8.67
C ARG A 11 2.96 16.13 -7.69
N VAL A 12 3.47 15.27 -6.84
CA VAL A 12 4.48 15.64 -5.87
C VAL A 12 5.70 14.73 -5.99
N SER A 13 6.88 15.29 -5.75
CA SER A 13 8.12 14.52 -5.84
C SER A 13 8.66 14.23 -4.45
N VAL A 14 8.87 12.94 -4.16
CA VAL A 14 9.38 12.52 -2.86
C VAL A 14 10.62 11.64 -3.04
N ARG A 15 11.29 11.37 -1.94
CA ARG A 15 12.49 10.54 -1.98
C ARG A 15 12.29 9.26 -1.18
N ILE A 16 12.36 8.12 -1.86
CA ILE A 16 12.19 6.83 -1.20
C ILE A 16 13.37 5.92 -1.50
N TYR A 17 13.98 5.39 -0.45
CA TYR A 17 15.11 4.47 -0.56
C TYR A 17 16.33 5.14 -1.22
N GLY A 18 16.35 6.46 -1.22
CA GLY A 18 17.45 7.19 -1.80
C GLY A 18 17.20 7.65 -3.24
N GLN A 19 16.00 7.43 -3.75
CA GLN A 19 15.67 7.85 -5.11
C GLN A 19 14.44 8.75 -5.13
N ASP A 20 14.36 9.62 -6.12
CA ASP A 20 13.23 10.54 -6.25
C ASP A 20 12.11 9.90 -7.05
N TYR A 21 10.89 10.07 -6.58
CA TYR A 21 9.73 9.52 -7.25
C TYR A 21 8.60 10.53 -7.26
N THR A 22 7.96 10.69 -8.41
CA THR A 22 6.87 11.63 -8.56
C THR A 22 5.54 10.88 -8.67
N ILE A 23 4.61 11.17 -7.77
CA ILE A 23 3.31 10.50 -7.77
C ILE A 23 2.17 11.51 -7.71
N VAL A 24 0.96 11.02 -7.88
CA VAL A 24 -0.22 11.86 -7.86
C VAL A 24 -0.91 11.79 -6.50
N GLY A 25 -0.85 12.88 -5.74
CA GLY A 25 -1.47 12.92 -4.44
C GLY A 25 -1.44 14.33 -3.87
N ALA A 26 -2.52 14.74 -3.22
CA ALA A 26 -2.60 16.08 -2.64
C ALA A 26 -3.77 16.20 -1.68
N GLU A 27 -3.92 15.21 -0.79
CA GLU A 27 -5.00 15.25 0.19
C GLU A 27 -4.57 16.10 1.38
N SER A 28 -3.26 16.23 1.51
CA SER A 28 -2.64 17.00 2.58
C SER A 28 -1.13 17.09 2.33
N PRO A 29 -0.56 18.32 2.38
CA PRO A 29 0.88 18.53 2.13
C PRO A 29 1.78 17.72 3.06
N ALA A 30 1.36 17.54 4.30
CA ALA A 30 2.15 16.78 5.26
C ALA A 30 1.97 15.27 5.03
N HIS A 31 0.76 14.90 4.66
CA HIS A 31 0.41 13.50 4.41
C HIS A 31 1.28 12.92 3.31
N ILE A 32 1.26 13.55 2.15
CA ILE A 32 2.02 13.10 0.99
C ILE A 32 3.51 12.97 1.29
N ARG A 33 4.00 13.74 2.26
CA ARG A 33 5.40 13.71 2.63
C ARG A 33 5.71 12.50 3.52
N LEU A 34 4.81 12.20 4.46
CA LEU A 34 5.01 11.08 5.36
C LEU A 34 4.75 9.74 4.65
N VAL A 35 4.01 9.79 3.54
CA VAL A 35 3.73 8.58 2.77
C VAL A 35 5.04 7.94 2.31
N ALA A 36 5.95 8.78 1.84
CA ALA A 36 7.25 8.34 1.37
C ALA A 36 8.05 7.71 2.49
N ALA A 37 8.06 8.38 3.64
CA ALA A 37 8.80 7.90 4.81
C ALA A 37 8.27 6.54 5.27
N PHE A 38 6.98 6.32 5.09
CA PHE A 38 6.35 5.07 5.48
C PHE A 38 6.94 3.91 4.68
N VAL A 39 7.00 4.07 3.37
CA VAL A 39 7.53 3.04 2.49
C VAL A 39 9.05 2.90 2.68
N ASP A 40 9.71 4.03 2.88
CA ASP A 40 11.16 4.07 3.08
C ASP A 40 11.58 3.18 4.23
N ASP A 41 10.96 3.37 5.40
CA ASP A 41 11.27 2.57 6.58
C ASP A 41 10.78 1.14 6.41
N LYS A 42 9.61 0.99 5.76
CA LYS A 42 9.03 -0.33 5.53
C LYS A 42 9.97 -1.20 4.71
N MET A 43 10.54 -0.63 3.64
CA MET A 43 11.47 -1.37 2.80
C MET A 43 12.73 -1.71 3.58
N HIS A 44 13.16 -0.77 4.41
CA HIS A 44 14.36 -0.95 5.23
C HIS A 44 14.25 -2.16 6.17
N GLU A 45 13.16 -2.21 6.93
CA GLU A 45 12.95 -3.29 7.89
C GLU A 45 12.75 -4.65 7.21
N PHE A 46 12.15 -4.64 6.03
CA PHE A 46 11.89 -5.90 5.33
C PHE A 46 13.10 -6.36 4.50
N SER A 47 14.02 -5.45 4.21
CA SER A 47 15.22 -5.81 3.45
C SER A 47 16.05 -6.81 4.24
N GLU A 48 16.02 -6.66 5.56
CA GLU A 48 16.77 -7.52 6.46
C GLU A 48 16.18 -8.92 6.52
N LYS A 49 14.91 -9.04 6.14
CA LYS A 49 14.23 -10.34 6.16
C LYS A 49 14.69 -11.20 4.99
N GLN A 50 15.09 -10.54 3.90
CA GLN A 50 15.57 -11.22 2.69
C GLN A 50 14.51 -12.18 2.14
N PRO A 51 13.48 -11.63 1.46
CA PRO A 51 12.41 -12.44 0.88
C PRO A 51 12.92 -13.43 -0.17
N MET A 52 13.47 -12.91 -1.25
CA MET A 52 14.00 -13.74 -2.34
C MET A 52 15.39 -13.28 -2.75
N LEU A 53 16.05 -12.53 -1.86
CA LEU A 53 17.39 -12.01 -2.09
C LEU A 53 17.46 -11.23 -3.41
N ASP A 54 16.62 -10.21 -3.54
CA ASP A 54 16.58 -9.39 -4.73
C ASP A 54 15.89 -8.07 -4.44
N VAL A 55 16.35 -6.99 -5.07
CA VAL A 55 15.81 -5.65 -4.84
C VAL A 55 14.34 -5.52 -5.26
N PRO A 56 13.99 -5.73 -6.55
CA PRO A 56 12.59 -5.61 -7.00
C PRO A 56 11.66 -6.56 -6.27
N LYS A 57 12.18 -7.71 -5.86
CA LYS A 57 11.41 -8.71 -5.14
C LYS A 57 11.09 -8.22 -3.74
N LEU A 58 11.95 -7.37 -3.21
CA LEU A 58 11.76 -6.81 -1.88
C LEU A 58 10.77 -5.65 -1.96
N ALA A 59 10.89 -4.86 -3.02
CA ALA A 59 10.03 -3.70 -3.24
C ALA A 59 8.57 -4.10 -3.35
N VAL A 60 8.29 -5.18 -4.08
CA VAL A 60 6.91 -5.65 -4.26
C VAL A 60 6.39 -6.29 -2.98
N LEU A 61 7.31 -6.82 -2.17
CA LEU A 61 6.93 -7.46 -0.91
C LEU A 61 6.31 -6.45 0.03
N THR A 62 6.86 -5.24 0.03
CA THR A 62 6.35 -4.18 0.88
C THR A 62 5.03 -3.65 0.35
N ALA A 63 4.95 -3.51 -0.97
CA ALA A 63 3.75 -3.00 -1.63
C ALA A 63 2.52 -3.82 -1.29
N VAL A 64 2.66 -5.14 -1.37
CA VAL A 64 1.55 -6.04 -1.09
C VAL A 64 1.22 -6.10 0.41
N GLN A 65 2.24 -6.06 1.27
CA GLN A 65 2.02 -6.12 2.71
C GLN A 65 1.30 -4.88 3.21
N ILE A 66 1.76 -3.72 2.77
CA ILE A 66 1.14 -2.45 3.14
C ILE A 66 -0.33 -2.45 2.72
N ALA A 67 -0.57 -3.00 1.53
CA ALA A 67 -1.91 -3.09 0.99
C ALA A 67 -2.83 -3.92 1.89
N SER A 68 -2.37 -5.10 2.29
CA SER A 68 -3.18 -5.98 3.13
C SER A 68 -3.49 -5.35 4.49
N GLU A 69 -2.48 -4.78 5.12
CA GLU A 69 -2.65 -4.16 6.44
C GLU A 69 -3.65 -3.01 6.40
N TYR A 70 -3.71 -2.32 5.27
CA TYR A 70 -4.65 -1.21 5.13
C TYR A 70 -5.99 -1.69 4.57
N LEU A 71 -5.98 -2.83 3.90
CA LEU A 71 -7.21 -3.39 3.33
C LEU A 71 -8.12 -3.91 4.43
N LYS A 72 -7.53 -4.47 5.48
CA LYS A 72 -8.30 -4.98 6.59
C LYS A 72 -8.85 -3.82 7.41
N LEU A 73 -8.22 -2.67 7.27
CA LEU A 73 -8.63 -1.46 7.99
C LEU A 73 -9.91 -0.90 7.35
N LYS A 74 -9.91 -0.81 6.03
CA LYS A 74 -11.08 -0.32 5.30
C LYS A 74 -12.22 -1.33 5.40
N GLU A 75 -11.86 -2.60 5.55
CA GLU A 75 -12.83 -3.68 5.68
C GLU A 75 -13.67 -3.48 6.93
N GLU A 76 -13.00 -3.08 8.01
CA GLU A 76 -13.65 -2.85 9.28
C GLU A 76 -14.54 -1.61 9.19
N TYR A 77 -14.09 -0.62 8.43
CA TYR A 77 -14.84 0.63 8.24
C TYR A 77 -16.22 0.34 7.67
N GLN A 78 -16.26 -0.55 6.68
CA GLN A 78 -17.52 -0.91 6.03
C GLN A 78 -18.37 -1.81 6.93
N ARG A 79 -17.71 -2.56 7.81
CA ARG A 79 -18.40 -3.46 8.72
C ARG A 79 -19.03 -2.68 9.87
N LEU A 80 -18.34 -1.65 10.31
CA LEU A 80 -18.80 -0.80 11.39
C LEU A 80 -19.96 0.10 10.95
N ARG A 81 -19.82 0.68 9.77
CA ARG A 81 -20.84 1.59 9.24
C ARG A 81 -22.17 0.89 8.98
N GLU A 82 -22.13 -0.35 8.51
CA GLU A 82 -23.35 -1.09 8.21
C GLU A 82 -24.06 -1.54 9.49
N GLN A 83 -23.38 -1.41 10.62
CA GLN A 83 -23.98 -1.79 11.91
C GLN A 83 -25.11 -0.84 12.24
N LEU A 84 -25.02 0.38 11.74
CA LEU A 84 -26.03 1.40 11.99
C LEU A 84 -27.13 1.32 10.94
N LYS A 85 -27.14 0.23 10.20
CA LYS A 85 -28.13 0.01 9.16
C LYS A 85 -29.04 -1.15 9.55
N LYS A 86 -30.03 -1.44 8.70
CA LYS A 86 -30.95 -2.52 8.96
C LYS A 86 -30.80 -3.62 7.91
N GLY B 1 0.87 -27.06 3.55
CA GLY B 1 -0.32 -27.81 4.02
C GLY B 1 -1.18 -26.95 4.93
N SER B 2 -2.44 -27.33 5.09
CA SER B 2 -3.35 -26.59 5.94
C SER B 2 -4.21 -27.54 6.77
N HIS B 3 -4.81 -27.01 7.83
CA HIS B 3 -5.68 -27.79 8.71
C HIS B 3 -7.00 -27.07 8.92
N MET B 4 -8.07 -27.83 9.04
CA MET B 4 -9.39 -27.25 9.25
C MET B 4 -9.53 -26.74 10.69
N THR B 5 -9.20 -25.47 10.87
CA THR B 5 -9.27 -24.85 12.18
C THR B 5 -9.64 -23.37 12.04
N GLU B 6 -9.24 -22.56 13.00
CA GLU B 6 -9.51 -21.13 12.94
C GLU B 6 -8.51 -20.45 12.02
N GLN B 7 -8.72 -19.17 11.74
CA GLN B 7 -7.83 -18.44 10.85
C GLN B 7 -7.11 -17.31 11.59
N PRO B 8 -5.93 -17.59 12.15
CA PRO B 8 -5.13 -16.60 12.85
C PRO B 8 -4.19 -15.88 11.87
N LYS B 9 -3.51 -14.83 12.33
CA LYS B 9 -2.59 -14.12 11.46
C LYS B 9 -1.40 -15.01 11.11
N THR B 10 -1.49 -15.68 9.97
CA THR B 10 -0.46 -16.59 9.53
C THR B 10 0.12 -16.11 8.20
N ARG B 11 0.97 -16.92 7.59
CA ARG B 11 1.58 -16.57 6.32
C ARG B 11 0.88 -17.26 5.17
N VAL B 12 0.80 -16.55 4.04
CA VAL B 12 0.17 -17.09 2.85
C VAL B 12 1.08 -16.92 1.64
N SER B 13 1.06 -17.89 0.74
CA SER B 13 1.87 -17.84 -0.47
C SER B 13 1.09 -17.16 -1.59
N VAL B 14 1.64 -16.09 -2.13
CA VAL B 14 0.95 -15.34 -3.20
C VAL B 14 1.82 -15.25 -4.45
N ARG B 15 1.18 -14.99 -5.57
CA ARG B 15 1.88 -14.86 -6.84
C ARG B 15 1.61 -13.48 -7.46
N ILE B 16 2.63 -12.64 -7.45
CA ILE B 16 2.51 -11.29 -8.00
C ILE B 16 3.52 -11.05 -9.12
N TYR B 17 3.04 -10.53 -10.25
CA TYR B 17 3.88 -10.23 -11.41
C TYR B 17 4.53 -11.49 -11.96
N GLY B 18 3.92 -12.63 -11.71
CA GLY B 18 4.46 -13.89 -12.20
C GLY B 18 5.44 -14.54 -11.25
N GLN B 19 5.65 -13.96 -10.08
CA GLN B 19 6.58 -14.53 -9.11
C GLN B 19 5.88 -14.91 -7.82
N ASP B 20 6.47 -15.83 -7.07
CA ASP B 20 5.90 -16.29 -5.81
C ASP B 20 6.51 -15.54 -4.63
N TYR B 21 5.66 -15.15 -3.69
CA TYR B 21 6.10 -14.41 -2.51
C TYR B 21 5.40 -14.92 -1.25
N THR B 22 6.07 -14.82 -0.12
CA THR B 22 5.51 -15.23 1.15
C THR B 22 5.22 -14.01 2.01
N ILE B 23 3.95 -13.82 2.36
CA ILE B 23 3.55 -12.67 3.16
C ILE B 23 2.71 -13.09 4.35
N VAL B 24 2.62 -12.21 5.35
CA VAL B 24 1.85 -12.47 6.54
C VAL B 24 0.48 -11.78 6.46
N GLY B 25 -0.59 -12.57 6.50
CA GLY B 25 -1.92 -12.03 6.43
C GLY B 25 -2.96 -13.12 6.37
N ALA B 26 -4.03 -12.98 7.15
CA ALA B 26 -5.10 -13.97 7.17
C ALA B 26 -6.35 -13.44 7.87
N GLU B 27 -6.79 -12.25 7.49
CA GLU B 27 -7.98 -11.66 8.08
C GLU B 27 -9.20 -12.28 7.41
N SER B 28 -8.99 -12.69 6.16
CA SER B 28 -10.02 -13.33 5.35
C SER B 28 -9.35 -13.99 4.15
N PRO B 29 -9.62 -15.28 3.91
CA PRO B 29 -9.01 -16.04 2.81
C PRO B 29 -9.22 -15.39 1.43
N ALA B 30 -10.42 -14.90 1.17
CA ALA B 30 -10.71 -14.27 -0.10
C ALA B 30 -10.07 -12.88 -0.18
N HIS B 31 -9.80 -12.31 0.98
CA HIS B 31 -9.21 -10.97 1.06
C HIS B 31 -7.74 -11.02 0.65
N ILE B 32 -6.97 -11.83 1.37
CA ILE B 32 -5.54 -11.97 1.12
C ILE B 32 -5.24 -12.38 -0.32
N ARG B 33 -6.16 -13.09 -0.96
CA ARG B 33 -5.97 -13.53 -2.33
C ARG B 33 -6.11 -12.38 -3.32
N LEU B 34 -7.05 -11.46 -3.06
CA LEU B 34 -7.27 -10.33 -3.96
C LEU B 34 -6.19 -9.27 -3.77
N VAL B 35 -5.50 -9.29 -2.62
CA VAL B 35 -4.45 -8.33 -2.34
C VAL B 35 -3.32 -8.47 -3.36
N ALA B 36 -2.97 -9.72 -3.66
CA ALA B 36 -1.93 -10.02 -4.63
C ALA B 36 -2.31 -9.55 -6.02
N ALA B 37 -3.54 -9.85 -6.42
CA ALA B 37 -4.04 -9.47 -7.73
C ALA B 37 -4.08 -7.96 -7.87
N PHE B 38 -4.37 -7.28 -6.77
CA PHE B 38 -4.44 -5.82 -6.74
C PHE B 38 -3.11 -5.22 -7.16
N VAL B 39 -2.04 -5.64 -6.49
CA VAL B 39 -0.71 -5.14 -6.78
C VAL B 39 -0.24 -5.59 -8.17
N ASP B 40 -0.59 -6.82 -8.54
CA ASP B 40 -0.23 -7.37 -9.84
C ASP B 40 -0.70 -6.45 -10.97
N ASP B 41 -1.96 -6.04 -10.87
CA ASP B 41 -2.56 -5.16 -11.87
C ASP B 41 -2.04 -3.73 -11.73
N LYS B 42 -1.89 -3.28 -10.48
CA LYS B 42 -1.40 -1.93 -10.21
C LYS B 42 -0.03 -1.71 -10.83
N MET B 43 0.85 -2.68 -10.68
CA MET B 43 2.19 -2.56 -11.23
C MET B 43 2.15 -2.54 -12.75
N HIS B 44 1.28 -3.37 -13.32
CA HIS B 44 1.16 -3.46 -14.77
C HIS B 44 0.79 -2.12 -15.40
N GLU B 45 -0.24 -1.47 -14.86
CA GLU B 45 -0.70 -0.19 -15.39
C GLU B 45 0.34 0.91 -15.22
N PHE B 46 1.08 0.87 -14.12
CA PHE B 46 2.08 1.89 -13.85
C PHE B 46 3.40 1.61 -14.58
N SER B 47 3.58 0.38 -15.03
CA SER B 47 4.80 0.01 -15.76
C SER B 47 4.91 0.81 -17.05
N GLU B 48 3.75 1.15 -17.62
CA GLU B 48 3.69 1.89 -18.87
C GLU B 48 3.99 3.37 -18.66
N LYS B 49 3.93 3.81 -17.41
CA LYS B 49 4.19 5.21 -17.09
C LYS B 49 5.68 5.51 -17.17
N GLN B 50 6.49 4.47 -16.94
CA GLN B 50 7.95 4.57 -16.99
C GLN B 50 8.48 5.71 -16.11
N PRO B 51 8.40 5.55 -14.77
CA PRO B 51 8.87 6.58 -13.84
C PRO B 51 10.38 6.82 -13.96
N MET B 52 11.15 5.76 -13.77
CA MET B 52 12.60 5.83 -13.86
C MET B 52 13.14 4.81 -14.85
N LEU B 53 12.24 4.19 -15.61
CA LEU B 53 12.61 3.17 -16.59
C LEU B 53 13.44 2.09 -15.92
N ASP B 54 12.88 1.49 -14.86
CA ASP B 54 13.56 0.45 -14.10
C ASP B 54 12.53 -0.33 -13.29
N VAL B 55 12.68 -1.66 -13.25
CA VAL B 55 11.75 -2.53 -12.54
C VAL B 55 11.62 -2.21 -11.04
N PRO B 56 12.71 -2.30 -10.23
CA PRO B 56 12.64 -2.01 -8.79
C PRO B 56 12.14 -0.60 -8.51
N LYS B 57 12.51 0.36 -9.36
CA LYS B 57 12.09 1.75 -9.20
C LYS B 57 10.60 1.91 -9.52
N LEU B 58 10.07 0.97 -10.28
CA LEU B 58 8.66 1.00 -10.65
C LEU B 58 7.84 0.35 -9.53
N ALA B 59 8.40 -0.72 -8.97
CA ALA B 59 7.75 -1.46 -7.89
C ALA B 59 7.45 -0.57 -6.68
N VAL B 60 8.35 0.37 -6.41
CA VAL B 60 8.17 1.26 -5.27
C VAL B 60 7.15 2.37 -5.60
N LEU B 61 6.99 2.66 -6.89
CA LEU B 61 6.05 3.69 -7.32
C LEU B 61 4.63 3.25 -7.00
N THR B 62 4.40 1.94 -7.07
CA THR B 62 3.11 1.38 -6.76
C THR B 62 2.87 1.38 -5.25
N ALA B 63 3.91 1.02 -4.51
CA ALA B 63 3.83 0.95 -3.05
C ALA B 63 3.44 2.28 -2.44
N VAL B 64 4.12 3.34 -2.86
CA VAL B 64 3.85 4.67 -2.33
C VAL B 64 2.44 5.17 -2.71
N GLN B 65 1.96 4.80 -3.89
CA GLN B 65 0.64 5.24 -4.34
C GLN B 65 -0.46 4.43 -3.65
N ILE B 66 -0.23 3.14 -3.49
CA ILE B 66 -1.20 2.28 -2.81
C ILE B 66 -1.35 2.74 -1.36
N ALA B 67 -0.22 3.11 -0.76
CA ALA B 67 -0.19 3.59 0.61
C ALA B 67 -1.03 4.85 0.77
N SER B 68 -0.78 5.85 -0.09
CA SER B 68 -1.52 7.11 -0.02
C SER B 68 -3.01 6.88 -0.26
N GLU B 69 -3.33 6.03 -1.24
CA GLU B 69 -4.72 5.73 -1.57
C GLU B 69 -5.50 5.23 -0.35
N TYR B 70 -4.86 4.40 0.46
CA TYR B 70 -5.52 3.88 1.65
C TYR B 70 -5.36 4.82 2.83
N LEU B 71 -4.27 5.58 2.86
CA LEU B 71 -4.02 6.51 3.96
C LEU B 71 -5.02 7.67 3.93
N LYS B 72 -5.38 8.12 2.73
CA LYS B 72 -6.33 9.21 2.60
C LYS B 72 -7.76 8.71 2.89
N LEU B 73 -7.91 7.40 2.90
CA LEU B 73 -9.21 6.78 3.18
C LEU B 73 -9.41 6.70 4.69
N LYS B 74 -8.42 6.15 5.38
CA LYS B 74 -8.48 6.04 6.84
C LYS B 74 -8.50 7.42 7.50
N GLU B 75 -8.02 8.42 6.76
CA GLU B 75 -7.98 9.79 7.25
C GLU B 75 -9.39 10.31 7.47
N GLU B 76 -10.28 10.02 6.51
CA GLU B 76 -11.67 10.45 6.62
C GLU B 76 -12.42 9.60 7.64
N TYR B 77 -11.91 8.38 7.86
CA TYR B 77 -12.51 7.46 8.81
C TYR B 77 -12.50 8.08 10.21
N GLN B 78 -11.48 8.85 10.50
CA GLN B 78 -11.36 9.51 11.79
C GLN B 78 -12.19 10.79 11.82
N ARG B 79 -12.39 11.38 10.65
CA ARG B 79 -13.14 12.63 10.52
C ARG B 79 -14.64 12.44 10.80
N LEU B 80 -15.25 11.47 10.12
CA LEU B 80 -16.69 11.25 10.30
C LEU B 80 -16.99 10.61 11.65
N ARG B 81 -15.96 10.12 12.33
CA ARG B 81 -16.15 9.50 13.64
C ARG B 81 -15.95 10.52 14.75
N GLU B 82 -15.17 11.56 14.49
CA GLU B 82 -14.93 12.59 15.49
C GLU B 82 -16.08 13.59 15.54
N GLN B 83 -16.80 13.71 14.42
CA GLN B 83 -17.92 14.62 14.32
C GLN B 83 -19.12 14.12 15.12
N LEU B 84 -18.99 12.91 15.66
CA LEU B 84 -20.06 12.30 16.44
C LEU B 84 -19.64 12.17 17.90
N LYS B 85 -18.62 12.92 18.28
CA LYS B 85 -18.11 12.89 19.64
C LYS B 85 -18.49 14.17 20.38
N LYS B 86 -18.06 15.30 19.85
CA LYS B 86 -18.35 16.59 20.45
C LYS B 86 -19.42 17.32 19.66
N GLY A 1 9.44 26.61 -22.24
CA GLY A 1 8.38 27.64 -22.30
C GLY A 1 7.15 27.22 -21.50
N SER A 2 6.26 28.16 -21.25
CA SER A 2 5.05 27.89 -20.49
C SER A 2 3.94 27.39 -21.40
N HIS A 3 2.96 26.71 -20.82
CA HIS A 3 1.83 26.19 -21.58
C HIS A 3 0.60 26.17 -20.70
N MET A 4 -0.29 27.12 -20.91
CA MET A 4 -1.52 27.21 -20.14
C MET A 4 -2.43 26.02 -20.45
N THR A 5 -3.04 25.50 -19.41
CA THR A 5 -3.94 24.36 -19.53
C THR A 5 -4.66 24.13 -18.21
N GLU A 6 -5.68 23.28 -18.23
CA GLU A 6 -6.45 22.99 -17.03
C GLU A 6 -5.60 22.25 -16.01
N GLN A 7 -5.78 22.58 -14.74
CA GLN A 7 -5.03 21.97 -13.65
C GLN A 7 -5.50 20.54 -13.40
N PRO A 8 -4.66 19.55 -13.73
CA PRO A 8 -4.98 18.14 -13.53
C PRO A 8 -4.45 17.61 -12.20
N LYS A 9 -4.51 16.29 -12.00
CA LYS A 9 -3.99 15.67 -10.78
C LYS A 9 -2.55 16.11 -10.55
N THR A 10 -2.26 16.62 -9.36
CA THR A 10 -0.93 17.12 -9.05
C THR A 10 0.06 15.98 -8.77
N ARG A 11 1.33 16.26 -8.98
CA ARG A 11 2.38 15.28 -8.76
C ARG A 11 3.42 15.81 -7.76
N VAL A 12 3.96 14.92 -6.95
CA VAL A 12 4.94 15.31 -5.96
C VAL A 12 6.16 14.38 -6.01
N SER A 13 7.34 14.96 -5.84
CA SER A 13 8.57 14.20 -5.84
C SER A 13 8.94 13.80 -4.42
N VAL A 14 9.09 12.51 -4.17
CA VAL A 14 9.44 12.02 -2.84
C VAL A 14 10.63 11.06 -2.91
N ARG A 15 11.47 11.10 -1.89
CA ARG A 15 12.66 10.26 -1.85
C ARG A 15 12.42 8.99 -1.04
N ILE A 16 12.63 7.84 -1.68
CA ILE A 16 12.46 6.55 -1.03
C ILE A 16 13.65 5.66 -1.38
N TYR A 17 14.35 5.20 -0.35
CA TYR A 17 15.54 4.35 -0.52
C TYR A 17 16.63 5.07 -1.31
N GLY A 18 16.65 6.40 -1.18
CA GLY A 18 17.66 7.19 -1.87
C GLY A 18 17.13 7.88 -3.11
N GLN A 19 16.47 7.13 -3.98
CA GLN A 19 15.94 7.68 -5.22
C GLN A 19 14.65 8.45 -4.97
N ASP A 20 14.43 9.48 -5.77
CA ASP A 20 13.23 10.29 -5.66
C ASP A 20 12.34 10.05 -6.87
N TYR A 21 11.05 9.89 -6.62
CA TYR A 21 10.09 9.62 -7.68
C TYR A 21 8.95 10.63 -7.65
N THR A 22 8.39 10.90 -8.82
CA THR A 22 7.28 11.83 -8.94
C THR A 22 5.97 11.07 -8.99
N ILE A 23 5.29 11.00 -7.86
CA ILE A 23 4.03 10.29 -7.77
C ILE A 23 2.87 11.26 -7.70
N VAL A 24 1.66 10.74 -7.70
CA VAL A 24 0.47 11.58 -7.64
C VAL A 24 0.07 11.85 -6.19
N GLY A 25 -0.07 13.13 -5.85
CA GLY A 25 -0.43 13.48 -4.50
C GLY A 25 -1.81 14.09 -4.44
N ALA A 26 -2.84 13.24 -4.33
CA ALA A 26 -4.22 13.72 -4.30
C ALA A 26 -4.63 14.16 -2.90
N GLU A 27 -3.67 14.28 -2.00
CA GLU A 27 -3.95 14.69 -0.63
C GLU A 27 -3.07 15.89 -0.27
N SER A 28 -3.13 16.31 0.99
CA SER A 28 -2.35 17.43 1.47
C SER A 28 -0.84 17.13 1.37
N PRO A 29 -0.01 18.16 1.13
CA PRO A 29 1.44 18.02 0.99
C PRO A 29 2.07 17.28 2.18
N ALA A 30 1.61 17.61 3.39
CA ALA A 30 2.14 16.96 4.59
C ALA A 30 1.69 15.51 4.68
N HIS A 31 0.51 15.23 4.14
CA HIS A 31 -0.05 13.88 4.16
C HIS A 31 0.74 12.98 3.23
N ILE A 32 0.88 13.41 1.98
CA ILE A 32 1.63 12.66 0.96
C ILE A 32 3.12 12.61 1.29
N ARG A 33 3.55 13.45 2.21
CA ARG A 33 4.96 13.49 2.60
C ARG A 33 5.29 12.32 3.52
N LEU A 34 4.44 12.10 4.52
CA LEU A 34 4.65 11.00 5.45
C LEU A 34 4.46 9.64 4.78
N VAL A 35 3.72 9.65 3.66
CA VAL A 35 3.46 8.43 2.91
C VAL A 35 4.77 7.77 2.47
N ALA A 36 5.69 8.58 1.99
CA ALA A 36 6.98 8.08 1.54
C ALA A 36 7.82 7.59 2.71
N ALA A 37 7.74 8.29 3.83
CA ALA A 37 8.49 7.92 5.02
C ALA A 37 7.99 6.58 5.56
N PHE A 38 6.70 6.33 5.36
CA PHE A 38 6.07 5.11 5.80
C PHE A 38 6.61 3.91 5.01
N VAL A 39 6.79 4.11 3.71
CA VAL A 39 7.30 3.07 2.83
C VAL A 39 8.78 2.81 3.05
N ASP A 40 9.56 3.88 3.15
CA ASP A 40 11.01 3.76 3.38
C ASP A 40 11.27 2.98 4.66
N ASP A 41 10.46 3.24 5.67
CA ASP A 41 10.58 2.58 6.96
C ASP A 41 10.17 1.11 6.85
N LYS A 42 9.13 0.86 6.06
CA LYS A 42 8.63 -0.49 5.86
C LYS A 42 9.64 -1.35 5.09
N MET A 43 10.20 -0.80 4.02
CA MET A 43 11.17 -1.52 3.22
C MET A 43 12.50 -1.65 3.95
N HIS A 44 12.59 -0.99 5.09
CA HIS A 44 13.81 -1.05 5.90
C HIS A 44 13.76 -2.26 6.82
N GLU A 45 12.59 -2.90 6.91
CA GLU A 45 12.44 -4.07 7.76
C GLU A 45 12.48 -5.36 6.92
N PHE A 46 12.32 -5.21 5.62
CA PHE A 46 12.32 -6.37 4.73
C PHE A 46 13.70 -6.58 4.10
N SER A 47 14.56 -5.57 4.21
CA SER A 47 15.91 -5.63 3.67
C SER A 47 16.73 -6.75 4.33
N GLU A 48 16.29 -7.16 5.50
CA GLU A 48 16.98 -8.22 6.24
C GLU A 48 16.39 -9.58 5.92
N LYS A 49 15.29 -9.60 5.17
CA LYS A 49 14.65 -10.85 4.80
C LYS A 49 15.37 -11.48 3.61
N GLN A 50 15.49 -10.69 2.53
CA GLN A 50 16.18 -11.13 1.31
C GLN A 50 15.72 -12.53 0.86
N PRO A 51 14.55 -12.63 0.22
CA PRO A 51 14.02 -13.92 -0.23
C PRO A 51 14.87 -14.57 -1.31
N MET A 52 15.08 -13.87 -2.42
CA MET A 52 15.87 -14.40 -3.52
C MET A 52 17.09 -13.52 -3.81
N LEU A 53 17.32 -12.53 -2.96
CA LEU A 53 18.46 -11.61 -3.09
C LEU A 53 18.57 -11.02 -4.49
N ASP A 54 17.52 -10.33 -4.93
CA ASP A 54 17.52 -9.70 -6.24
C ASP A 54 17.53 -8.17 -6.09
N VAL A 55 16.43 -7.49 -6.45
CA VAL A 55 16.32 -6.04 -6.33
C VAL A 55 14.84 -5.66 -6.21
N PRO A 56 14.00 -5.84 -7.28
CA PRO A 56 12.56 -5.52 -7.18
C PRO A 56 11.86 -6.43 -6.18
N LYS A 57 12.52 -7.53 -5.85
CA LYS A 57 12.00 -8.52 -4.91
C LYS A 57 11.71 -7.89 -3.54
N LEU A 58 12.42 -6.80 -3.26
CA LEU A 58 12.27 -6.10 -1.99
C LEU A 58 11.07 -5.15 -2.04
N ALA A 59 10.93 -4.46 -3.17
CA ALA A 59 9.85 -3.49 -3.35
C ALA A 59 8.49 -4.16 -3.59
N VAL A 60 8.49 -5.28 -4.30
CA VAL A 60 7.23 -5.99 -4.58
C VAL A 60 6.68 -6.58 -3.29
N LEU A 61 7.59 -6.91 -2.37
CA LEU A 61 7.20 -7.49 -1.09
C LEU A 61 6.49 -6.45 -0.24
N THR A 62 7.02 -5.24 -0.25
CA THR A 62 6.44 -4.15 0.53
C THR A 62 5.12 -3.70 -0.07
N ALA A 63 5.03 -3.71 -1.39
CA ALA A 63 3.83 -3.28 -2.09
C ALA A 63 2.60 -4.08 -1.64
N VAL A 64 2.74 -5.39 -1.61
CA VAL A 64 1.64 -6.26 -1.21
C VAL A 64 1.44 -6.25 0.31
N GLN A 65 2.54 -6.15 1.06
CA GLN A 65 2.45 -6.13 2.52
C GLN A 65 1.76 -4.87 3.02
N ILE A 66 2.19 -3.72 2.53
CA ILE A 66 1.60 -2.44 2.92
C ILE A 66 0.11 -2.45 2.64
N ALA A 67 -0.25 -2.99 1.48
CA ALA A 67 -1.65 -3.09 1.08
C ALA A 67 -2.45 -3.92 2.08
N SER A 68 -1.97 -5.12 2.38
CA SER A 68 -2.66 -6.00 3.32
C SER A 68 -2.82 -5.35 4.70
N GLU A 69 -1.82 -4.58 5.11
CA GLU A 69 -1.85 -3.91 6.41
C GLU A 69 -2.93 -2.81 6.44
N TYR A 70 -3.35 -2.36 5.27
CA TYR A 70 -4.37 -1.32 5.16
C TYR A 70 -5.74 -1.89 4.78
N LEU A 71 -5.76 -3.10 4.23
CA LEU A 71 -7.02 -3.74 3.83
C LEU A 71 -7.92 -3.95 5.06
N LYS A 72 -7.31 -4.43 6.14
CA LYS A 72 -8.04 -4.67 7.38
C LYS A 72 -8.68 -3.40 7.94
N LEU A 73 -8.15 -2.25 7.56
CA LEU A 73 -8.65 -0.96 8.03
C LEU A 73 -10.08 -0.73 7.53
N LYS A 74 -10.30 -0.96 6.24
CA LYS A 74 -11.63 -0.78 5.66
C LYS A 74 -12.58 -1.88 6.13
N GLU A 75 -12.01 -3.03 6.49
CA GLU A 75 -12.80 -4.16 6.95
C GLU A 75 -13.42 -3.83 8.30
N GLU A 76 -12.60 -3.35 9.24
CA GLU A 76 -13.09 -3.00 10.57
C GLU A 76 -14.00 -1.79 10.50
N TYR A 77 -13.75 -0.91 9.54
CA TYR A 77 -14.57 0.27 9.33
C TYR A 77 -16.00 -0.15 9.02
N GLN A 78 -16.14 -1.09 8.09
CA GLN A 78 -17.44 -1.62 7.70
C GLN A 78 -18.11 -2.34 8.88
N ARG A 79 -17.29 -2.98 9.70
CA ARG A 79 -17.77 -3.73 10.85
C ARG A 79 -18.28 -2.79 11.94
N LEU A 80 -17.65 -1.64 12.04
CA LEU A 80 -18.03 -0.64 13.03
C LEU A 80 -19.38 -0.01 12.67
N ARG A 81 -19.59 0.21 11.38
CA ARG A 81 -20.83 0.81 10.89
C ARG A 81 -22.04 -0.07 11.21
N GLU A 82 -21.95 -1.35 10.87
CA GLU A 82 -23.05 -2.28 11.12
C GLU A 82 -23.27 -2.48 12.62
N GLN A 83 -22.21 -2.30 13.41
CA GLN A 83 -22.28 -2.46 14.85
C GLN A 83 -23.17 -1.37 15.44
N LEU A 84 -23.20 -0.22 14.78
CA LEU A 84 -24.02 0.90 15.21
C LEU A 84 -25.49 0.61 14.98
N LYS A 85 -25.76 -0.27 14.01
CA LYS A 85 -27.13 -0.64 13.66
C LYS A 85 -27.65 -1.76 14.56
N LYS A 86 -26.81 -2.22 15.47
CA LYS A 86 -27.19 -3.28 16.39
C LYS A 86 -26.43 -3.15 17.70
N GLY B 1 9.38 -34.44 8.20
CA GLY B 1 9.73 -33.86 9.52
C GLY B 1 8.59 -33.01 10.05
N SER B 2 8.17 -33.30 11.27
CA SER B 2 7.09 -32.54 11.88
C SER B 2 7.54 -31.97 13.21
N HIS B 3 6.92 -30.87 13.63
CA HIS B 3 7.26 -30.23 14.88
C HIS B 3 6.14 -29.29 15.30
N MET B 4 5.74 -29.39 16.56
CA MET B 4 4.67 -28.54 17.07
C MET B 4 5.26 -27.27 17.66
N THR B 5 4.52 -26.19 17.58
CA THR B 5 4.98 -24.91 18.08
C THR B 5 3.81 -23.96 18.27
N GLU B 6 4.09 -22.76 18.76
CA GLU B 6 3.07 -21.74 18.96
C GLU B 6 2.44 -21.37 17.62
N GLN B 7 1.16 -21.03 17.64
CA GLN B 7 0.44 -20.66 16.42
C GLN B 7 0.55 -19.14 16.20
N PRO B 8 1.41 -18.72 15.26
CA PRO B 8 1.62 -17.31 14.95
C PRO B 8 0.81 -16.85 13.74
N LYS B 9 1.07 -15.63 13.31
CA LYS B 9 0.40 -15.04 12.16
C LYS B 9 0.57 -15.95 10.93
N THR B 10 -0.54 -16.26 10.27
CA THR B 10 -0.50 -17.13 9.10
C THR B 10 0.05 -16.39 7.87
N ARG B 11 0.69 -17.14 7.00
CA ARG B 11 1.27 -16.59 5.78
C ARG B 11 0.57 -17.16 4.56
N VAL B 12 0.53 -16.38 3.49
CA VAL B 12 -0.12 -16.81 2.25
C VAL B 12 0.83 -16.69 1.06
N SER B 13 0.65 -17.58 0.09
CA SER B 13 1.47 -17.58 -1.12
C SER B 13 0.67 -17.03 -2.29
N VAL B 14 1.17 -15.96 -2.91
CA VAL B 14 0.49 -15.34 -4.04
C VAL B 14 1.48 -15.11 -5.17
N ARG B 15 0.98 -14.69 -6.33
CA ARG B 15 1.85 -14.43 -7.47
C ARG B 15 1.61 -13.02 -8.00
N ILE B 16 2.68 -12.24 -8.10
CA ILE B 16 2.61 -10.88 -8.60
C ILE B 16 3.69 -10.64 -9.64
N TYR B 17 3.29 -10.06 -10.78
CA TYR B 17 4.20 -9.75 -11.88
C TYR B 17 4.83 -11.02 -12.49
N GLY B 18 4.23 -12.16 -12.22
CA GLY B 18 4.74 -13.41 -12.75
C GLY B 18 5.69 -14.12 -11.81
N GLN B 19 5.71 -13.71 -10.55
CA GLN B 19 6.57 -14.32 -9.55
C GLN B 19 5.79 -14.60 -8.28
N ASP B 20 6.00 -15.78 -7.70
CA ASP B 20 5.29 -16.15 -6.48
C ASP B 20 6.03 -15.68 -5.23
N TYR B 21 5.27 -15.14 -4.28
CA TYR B 21 5.85 -14.62 -3.05
C TYR B 21 5.06 -15.10 -1.84
N THR B 22 5.69 -15.01 -0.68
CA THR B 22 5.06 -15.42 0.57
C THR B 22 5.03 -14.25 1.57
N ILE B 23 3.84 -13.88 2.01
CA ILE B 23 3.69 -12.77 2.95
C ILE B 23 2.67 -13.12 4.02
N VAL B 24 2.54 -12.26 5.02
CA VAL B 24 1.60 -12.47 6.11
C VAL B 24 0.20 -12.05 5.70
N GLY B 25 -0.78 -12.92 5.94
CA GLY B 25 -2.15 -12.63 5.59
C GLY B 25 -3.11 -13.10 6.66
N ALA B 26 -2.85 -12.70 7.89
CA ALA B 26 -3.68 -13.10 9.03
C ALA B 26 -4.90 -12.19 9.16
N GLU B 27 -5.82 -12.31 8.22
CA GLU B 27 -7.04 -11.53 8.23
C GLU B 27 -8.19 -12.32 7.61
N SER B 28 -8.15 -12.50 6.29
CA SER B 28 -9.18 -13.25 5.58
C SER B 28 -8.60 -13.80 4.26
N PRO B 29 -8.63 -15.12 4.07
CA PRO B 29 -8.08 -15.79 2.87
C PRO B 29 -8.59 -15.18 1.56
N ALA B 30 -9.88 -14.88 1.48
CA ALA B 30 -10.46 -14.32 0.26
C ALA B 30 -10.09 -12.85 0.10
N HIS B 31 -10.04 -12.14 1.22
CA HIS B 31 -9.72 -10.72 1.22
C HIS B 31 -8.26 -10.48 0.83
N ILE B 32 -7.36 -11.30 1.38
CA ILE B 32 -5.93 -11.17 1.10
C ILE B 32 -5.59 -11.69 -0.30
N ARG B 33 -6.51 -12.45 -0.89
CA ARG B 33 -6.28 -13.01 -2.22
C ARG B 33 -6.41 -11.93 -3.29
N LEU B 34 -7.38 -11.04 -3.11
CA LEU B 34 -7.60 -9.97 -4.07
C LEU B 34 -6.52 -8.89 -3.95
N VAL B 35 -5.84 -8.87 -2.81
CA VAL B 35 -4.78 -7.90 -2.57
C VAL B 35 -3.68 -8.05 -3.61
N ALA B 36 -3.26 -9.28 -3.84
CA ALA B 36 -2.20 -9.55 -4.82
C ALA B 36 -2.63 -9.12 -6.22
N ALA B 37 -3.89 -9.40 -6.55
CA ALA B 37 -4.43 -9.05 -7.86
C ALA B 37 -4.54 -7.53 -8.03
N PHE B 38 -4.81 -6.84 -6.92
CA PHE B 38 -4.93 -5.39 -6.93
C PHE B 38 -3.56 -4.76 -7.22
N VAL B 39 -2.52 -5.31 -6.59
CA VAL B 39 -1.17 -4.80 -6.78
C VAL B 39 -0.66 -5.16 -8.17
N ASP B 40 -0.91 -6.40 -8.58
CA ASP B 40 -0.49 -6.89 -9.89
C ASP B 40 -1.03 -6.01 -11.01
N ASP B 41 -2.29 -5.62 -10.90
CA ASP B 41 -2.93 -4.77 -11.89
C ASP B 41 -2.27 -3.39 -11.93
N LYS B 42 -2.04 -2.83 -10.74
CA LYS B 42 -1.42 -1.52 -10.61
C LYS B 42 0.00 -1.51 -11.19
N MET B 43 0.72 -2.62 -11.01
CA MET B 43 2.09 -2.72 -11.53
C MET B 43 2.07 -2.65 -13.04
N HIS B 44 1.00 -3.15 -13.65
CA HIS B 44 0.88 -3.16 -15.10
C HIS B 44 0.40 -1.80 -15.63
N GLU B 45 0.00 -0.91 -14.73
CA GLU B 45 -0.45 0.43 -15.15
C GLU B 45 0.69 1.44 -15.03
N PHE B 46 1.67 1.11 -14.19
CA PHE B 46 2.82 2.00 -14.00
C PHE B 46 4.03 1.54 -14.79
N SER B 47 3.96 0.34 -15.33
CA SER B 47 5.06 -0.21 -16.13
C SER B 47 5.26 0.61 -17.40
N GLU B 48 4.18 1.26 -17.84
CA GLU B 48 4.22 2.09 -19.05
C GLU B 48 4.78 3.48 -18.74
N LYS B 49 4.98 3.76 -17.46
CA LYS B 49 5.52 5.06 -17.05
C LYS B 49 7.03 5.06 -17.23
N GLN B 50 7.66 3.94 -16.85
CA GLN B 50 9.11 3.77 -16.99
C GLN B 50 9.90 4.97 -16.46
N PRO B 51 10.05 5.07 -15.11
CA PRO B 51 10.79 6.18 -14.50
C PRO B 51 12.26 6.20 -14.93
N MET B 52 12.99 5.13 -14.60
CA MET B 52 14.41 5.04 -14.96
C MET B 52 14.68 3.76 -15.74
N LEU B 53 13.60 3.08 -16.15
CA LEU B 53 13.68 1.83 -16.91
C LEU B 53 14.60 0.80 -16.26
N ASP B 54 14.45 0.58 -14.96
CA ASP B 54 15.27 -0.40 -14.25
C ASP B 54 14.41 -1.59 -13.81
N VAL B 55 14.11 -1.70 -12.51
CA VAL B 55 13.29 -2.81 -12.00
C VAL B 55 12.66 -2.47 -10.64
N PRO B 56 13.44 -2.33 -9.54
CA PRO B 56 12.86 -2.01 -8.23
C PRO B 56 12.24 -0.61 -8.20
N LYS B 57 12.75 0.25 -9.07
CA LYS B 57 12.27 1.63 -9.16
C LYS B 57 10.83 1.68 -9.70
N LEU B 58 10.34 0.54 -10.17
CA LEU B 58 8.97 0.45 -10.67
C LEU B 58 8.06 -0.08 -9.56
N ALA B 59 8.54 -1.10 -8.88
CA ALA B 59 7.79 -1.74 -7.81
C ALA B 59 7.63 -0.80 -6.60
N VAL B 60 8.64 -0.01 -6.32
CA VAL B 60 8.56 0.92 -5.20
C VAL B 60 7.68 2.11 -5.56
N LEU B 61 7.54 2.35 -6.86
CA LEU B 61 6.73 3.43 -7.38
C LEU B 61 5.26 3.15 -7.11
N THR B 62 4.88 1.89 -7.23
CA THR B 62 3.52 1.47 -6.99
C THR B 62 3.26 1.31 -5.49
N ALA B 63 4.23 0.74 -4.78
CA ALA B 63 4.13 0.52 -3.35
C ALA B 63 3.75 1.79 -2.60
N VAL B 64 4.37 2.90 -2.98
CA VAL B 64 4.11 4.17 -2.34
C VAL B 64 2.77 4.76 -2.78
N GLN B 65 2.39 4.53 -4.04
CA GLN B 65 1.12 5.06 -4.55
C GLN B 65 -0.06 4.31 -3.94
N ILE B 66 0.13 3.01 -3.71
CA ILE B 66 -0.91 2.19 -3.11
C ILE B 66 -1.22 2.69 -1.71
N ALA B 67 -0.18 3.11 -1.01
CA ALA B 67 -0.33 3.63 0.35
C ALA B 67 -1.18 4.90 0.34
N SER B 68 -0.86 5.83 -0.56
CA SER B 68 -1.60 7.08 -0.66
C SER B 68 -3.08 6.83 -1.00
N GLU B 69 -3.35 5.74 -1.71
CA GLU B 69 -4.71 5.38 -2.10
C GLU B 69 -5.53 5.00 -0.86
N TYR B 70 -4.84 4.57 0.18
CA TYR B 70 -5.51 4.17 1.43
C TYR B 70 -5.41 5.24 2.51
N LEU B 71 -4.42 6.12 2.40
CA LEU B 71 -4.25 7.19 3.39
C LEU B 71 -5.44 8.13 3.35
N LYS B 72 -5.89 8.48 2.15
CA LYS B 72 -7.04 9.36 1.99
C LYS B 72 -8.32 8.65 2.44
N LEU B 73 -8.28 7.32 2.46
CA LEU B 73 -9.43 6.52 2.87
C LEU B 73 -9.60 6.59 4.39
N LYS B 74 -8.50 6.39 5.12
CA LYS B 74 -8.54 6.45 6.57
C LYS B 74 -8.78 7.88 7.03
N GLU B 75 -8.47 8.83 6.16
CA GLU B 75 -8.67 10.24 6.46
C GLU B 75 -10.16 10.56 6.44
N GLU B 76 -10.87 9.99 5.46
CA GLU B 76 -12.30 10.21 5.34
C GLU B 76 -13.06 9.43 6.41
N TYR B 77 -12.41 8.40 6.94
CA TYR B 77 -13.00 7.57 7.98
C TYR B 77 -13.33 8.40 9.21
N GLN B 78 -12.39 9.23 9.64
CA GLN B 78 -12.60 10.08 10.79
C GLN B 78 -13.53 11.25 10.46
N ARG B 79 -13.51 11.65 9.19
CA ARG B 79 -14.32 12.77 8.72
C ARG B 79 -15.81 12.54 8.95
N LEU B 80 -16.34 11.43 8.45
CA LEU B 80 -17.76 11.14 8.60
C LEU B 80 -18.12 10.89 10.06
N ARG B 81 -17.15 10.41 10.83
CA ARG B 81 -17.38 10.12 12.24
C ARG B 81 -17.51 11.41 13.05
N GLU B 82 -16.60 12.35 12.83
CA GLU B 82 -16.63 13.62 13.55
C GLU B 82 -17.77 14.51 13.03
N GLN B 83 -18.14 14.29 11.77
CA GLN B 83 -19.21 15.05 11.13
C GLN B 83 -20.54 14.70 11.78
N LEU B 84 -20.67 13.44 12.17
CA LEU B 84 -21.87 12.95 12.83
C LEU B 84 -22.03 13.63 14.19
N LYS B 85 -20.92 14.07 14.74
CA LYS B 85 -20.91 14.76 16.03
C LYS B 85 -21.02 16.26 15.87
N LYS B 86 -21.36 16.70 14.66
CA LYS B 86 -21.50 18.11 14.38
C LYS B 86 -22.65 18.33 13.40
N GLY A 1 -2.36 30.69 -26.58
CA GLY A 1 -3.53 29.83 -26.27
C GLY A 1 -3.88 29.85 -24.80
N SER A 2 -4.63 30.85 -24.38
CA SER A 2 -5.05 30.97 -22.99
C SER A 2 -6.52 30.61 -22.83
N HIS A 3 -6.78 29.46 -22.21
CA HIS A 3 -8.15 29.02 -22.00
C HIS A 3 -8.44 28.91 -20.50
N MET A 4 -9.69 28.62 -20.15
CA MET A 4 -10.07 28.50 -18.75
C MET A 4 -9.58 27.18 -18.17
N THR A 5 -8.37 27.20 -17.62
CA THR A 5 -7.76 26.01 -17.03
C THR A 5 -8.32 25.71 -15.65
N GLU A 6 -8.17 24.47 -15.23
CA GLU A 6 -8.64 24.03 -13.93
C GLU A 6 -7.46 23.58 -13.07
N GLN A 7 -7.74 23.19 -11.84
CA GLN A 7 -6.70 22.72 -10.94
C GLN A 7 -6.96 21.26 -10.55
N PRO A 8 -6.56 20.31 -11.41
CA PRO A 8 -6.75 18.89 -11.15
C PRO A 8 -5.70 18.34 -10.19
N LYS A 9 -5.71 17.02 -9.99
CA LYS A 9 -4.75 16.38 -9.11
C LYS A 9 -3.32 16.73 -9.52
N THR A 10 -2.54 17.23 -8.57
CA THR A 10 -1.18 17.62 -8.84
C THR A 10 -0.22 16.46 -8.57
N ARG A 11 1.03 16.63 -8.97
CA ARG A 11 2.04 15.60 -8.77
C ARG A 11 3.13 16.12 -7.84
N VAL A 12 3.70 15.23 -7.04
CA VAL A 12 4.75 15.62 -6.11
C VAL A 12 5.98 14.74 -6.27
N SER A 13 7.15 15.33 -6.06
CA SER A 13 8.40 14.61 -6.15
C SER A 13 8.89 14.21 -4.76
N VAL A 14 9.04 12.92 -4.54
CA VAL A 14 9.51 12.41 -3.25
C VAL A 14 10.72 11.51 -3.43
N ARG A 15 11.42 11.23 -2.35
CA ARG A 15 12.60 10.37 -2.40
C ARG A 15 12.42 9.14 -1.52
N ILE A 16 12.55 7.96 -2.11
CA ILE A 16 12.39 6.71 -1.40
C ILE A 16 13.51 5.74 -1.77
N TYR A 17 14.15 5.17 -0.76
CA TYR A 17 15.25 4.22 -0.93
C TYR A 17 16.42 4.86 -1.68
N GLY A 18 16.57 6.17 -1.53
CA GLY A 18 17.66 6.88 -2.17
C GLY A 18 17.27 7.54 -3.48
N GLN A 19 16.41 6.90 -4.25
CA GLN A 19 15.99 7.44 -5.54
C GLN A 19 14.76 8.33 -5.39
N ASP A 20 14.61 9.28 -6.29
CA ASP A 20 13.48 10.20 -6.27
C ASP A 20 12.44 9.75 -7.29
N TYR A 21 11.17 9.97 -6.97
CA TYR A 21 10.07 9.58 -7.84
C TYR A 21 9.00 10.66 -7.89
N THR A 22 8.15 10.59 -8.90
CA THR A 22 7.08 11.54 -9.05
C THR A 22 5.73 10.82 -8.98
N ILE A 23 4.95 11.13 -7.96
CA ILE A 23 3.65 10.51 -7.78
C ILE A 23 2.56 11.55 -7.70
N VAL A 24 1.32 11.10 -7.63
CA VAL A 24 0.18 12.01 -7.56
C VAL A 24 -0.06 12.46 -6.12
N GLY A 25 -0.24 13.76 -5.95
CA GLY A 25 -0.48 14.31 -4.64
C GLY A 25 -1.95 14.53 -4.39
N ALA A 26 -2.72 13.44 -4.44
CA ALA A 26 -4.15 13.52 -4.23
C ALA A 26 -4.47 13.44 -2.74
N GLU A 27 -4.06 14.47 -2.01
CA GLU A 27 -4.26 14.59 -0.57
C GLU A 27 -3.64 15.90 -0.11
N SER A 28 -3.54 16.09 1.20
CA SER A 28 -2.94 17.30 1.74
C SER A 28 -1.43 17.30 1.45
N PRO A 29 -0.89 18.46 1.03
CA PRO A 29 0.54 18.61 0.69
C PRO A 29 1.50 18.12 1.78
N ALA A 30 1.11 18.25 3.03
CA ALA A 30 1.96 17.82 4.14
C ALA A 30 1.74 16.34 4.46
N HIS A 31 0.57 15.84 4.07
CA HIS A 31 0.22 14.44 4.32
C HIS A 31 0.98 13.51 3.38
N ILE A 32 1.18 13.97 2.15
CA ILE A 32 1.88 13.19 1.12
C ILE A 32 3.40 13.18 1.36
N ARG A 33 3.84 13.82 2.42
CA ARG A 33 5.27 13.88 2.74
C ARG A 33 5.66 12.68 3.59
N LEU A 34 4.76 12.26 4.47
CA LEU A 34 5.02 11.13 5.35
C LEU A 34 4.82 9.80 4.63
N VAL A 35 4.15 9.84 3.49
CA VAL A 35 3.90 8.63 2.70
C VAL A 35 5.22 7.98 2.28
N ALA A 36 6.12 8.81 1.76
CA ALA A 36 7.43 8.36 1.30
C ALA A 36 8.22 7.71 2.43
N ALA A 37 8.26 8.37 3.59
CA ALA A 37 9.01 7.87 4.74
C ALA A 37 8.42 6.57 5.27
N PHE A 38 7.10 6.43 5.15
CA PHE A 38 6.40 5.23 5.61
C PHE A 38 6.86 4.00 4.82
N VAL A 39 6.95 4.14 3.50
CA VAL A 39 7.36 3.04 2.64
C VAL A 39 8.87 2.81 2.73
N ASP A 40 9.61 3.90 2.85
CA ASP A 40 11.07 3.84 2.94
C ASP A 40 11.48 2.99 4.14
N ASP A 41 10.88 3.27 5.29
CA ASP A 41 11.16 2.56 6.52
C ASP A 41 10.83 1.08 6.41
N LYS A 42 9.66 0.77 5.86
CA LYS A 42 9.22 -0.61 5.72
C LYS A 42 10.20 -1.42 4.87
N MET A 43 10.74 -0.79 3.83
CA MET A 43 11.70 -1.47 2.97
C MET A 43 13.00 -1.74 3.72
N HIS A 44 13.34 -0.85 4.65
CA HIS A 44 14.55 -0.99 5.44
C HIS A 44 14.46 -2.21 6.35
N GLU A 45 13.35 -2.35 7.06
CA GLU A 45 13.18 -3.48 7.97
C GLU A 45 13.17 -4.81 7.21
N PHE A 46 12.66 -4.79 5.99
CA PHE A 46 12.62 -6.00 5.18
C PHE A 46 14.00 -6.35 4.63
N SER A 47 14.83 -5.33 4.40
CA SER A 47 16.18 -5.53 3.88
C SER A 47 17.05 -6.27 4.89
N GLU A 48 16.61 -6.26 6.14
CA GLU A 48 17.34 -6.92 7.23
C GLU A 48 17.04 -8.42 7.26
N LYS A 49 16.00 -8.83 6.55
CA LYS A 49 15.62 -10.24 6.53
C LYS A 49 16.06 -10.95 5.26
N GLN A 50 16.26 -10.19 4.18
CA GLN A 50 16.69 -10.74 2.89
C GLN A 50 15.81 -11.92 2.46
N PRO A 51 14.52 -11.66 2.17
CA PRO A 51 13.58 -12.71 1.78
C PRO A 51 13.88 -13.28 0.39
N MET A 52 13.95 -12.41 -0.60
CA MET A 52 14.22 -12.84 -1.97
C MET A 52 15.62 -12.44 -2.42
N LEU A 53 16.35 -11.73 -1.54
CA LEU A 53 17.71 -11.28 -1.83
C LEU A 53 17.76 -10.50 -3.15
N ASP A 54 16.84 -9.57 -3.32
CA ASP A 54 16.78 -8.76 -4.52
C ASP A 54 15.96 -7.49 -4.26
N VAL A 55 16.51 -6.34 -4.63
CA VAL A 55 15.86 -5.05 -4.42
C VAL A 55 14.44 -4.98 -5.02
N PRO A 56 14.26 -5.27 -6.33
CA PRO A 56 12.94 -5.23 -6.96
C PRO A 56 11.90 -6.09 -6.25
N LYS A 57 12.30 -7.28 -5.85
CA LYS A 57 11.40 -8.21 -5.16
C LYS A 57 11.10 -7.69 -3.76
N LEU A 58 12.04 -6.96 -3.19
CA LEU A 58 11.88 -6.39 -1.85
C LEU A 58 10.86 -5.26 -1.86
N ALA A 59 10.98 -4.38 -2.85
CA ALA A 59 10.09 -3.24 -2.99
C ALA A 59 8.63 -3.66 -3.10
N VAL A 60 8.33 -4.55 -4.04
CA VAL A 60 6.96 -5.02 -4.25
C VAL A 60 6.48 -5.85 -3.04
N LEU A 61 7.42 -6.44 -2.31
CA LEU A 61 7.10 -7.23 -1.14
C LEU A 61 6.43 -6.37 -0.08
N THR A 62 6.83 -5.12 0.01
CA THR A 62 6.26 -4.20 0.98
C THR A 62 4.89 -3.73 0.52
N ALA A 63 4.73 -3.61 -0.80
CA ALA A 63 3.47 -3.15 -1.39
C ALA A 63 2.32 -4.09 -1.03
N VAL A 64 2.56 -5.38 -1.19
CA VAL A 64 1.54 -6.38 -0.90
C VAL A 64 1.21 -6.41 0.60
N GLN A 65 2.19 -6.04 1.42
CA GLN A 65 1.97 -6.02 2.86
C GLN A 65 1.18 -4.77 3.23
N ILE A 66 1.62 -3.62 2.71
CA ILE A 66 0.96 -2.35 2.97
C ILE A 66 -0.51 -2.41 2.58
N ALA A 67 -0.77 -2.97 1.41
CA ALA A 67 -2.13 -3.10 0.91
C ALA A 67 -2.98 -3.94 1.87
N SER A 68 -2.44 -5.08 2.28
CA SER A 68 -3.15 -5.98 3.18
C SER A 68 -3.47 -5.30 4.52
N GLU A 69 -2.50 -4.58 5.07
CA GLU A 69 -2.67 -3.88 6.34
C GLU A 69 -3.80 -2.86 6.26
N TYR A 70 -3.84 -2.11 5.18
CA TYR A 70 -4.87 -1.09 5.01
C TYR A 70 -6.20 -1.67 4.56
N LEU A 71 -6.16 -2.77 3.81
CA LEU A 71 -7.38 -3.41 3.32
C LEU A 71 -8.28 -3.87 4.47
N LYS A 72 -7.68 -4.43 5.50
CA LYS A 72 -8.45 -4.90 6.65
C LYS A 72 -8.84 -3.74 7.57
N LEU A 73 -8.23 -2.58 7.34
CA LEU A 73 -8.52 -1.40 8.14
C LEU A 73 -9.64 -0.59 7.50
N LYS A 74 -9.73 -0.63 6.17
CA LYS A 74 -10.76 0.11 5.47
C LYS A 74 -12.07 -0.70 5.41
N GLU A 75 -11.96 -2.00 5.61
CA GLU A 75 -13.14 -2.87 5.57
C GLU A 75 -13.91 -2.81 6.89
N GLU A 76 -13.20 -2.63 7.99
CA GLU A 76 -13.85 -2.54 9.30
C GLU A 76 -14.73 -1.30 9.36
N TYR A 77 -14.32 -0.27 8.61
CA TYR A 77 -15.04 0.98 8.54
C TYR A 77 -16.48 0.75 8.11
N GLN A 78 -16.66 -0.03 7.06
CA GLN A 78 -18.00 -0.32 6.56
C GLN A 78 -18.74 -1.30 7.45
N ARG A 79 -18.01 -2.18 8.12
CA ARG A 79 -18.61 -3.19 9.00
C ARG A 79 -19.44 -2.57 10.11
N LEU A 80 -18.88 -1.56 10.79
CA LEU A 80 -19.61 -0.91 11.88
C LEU A 80 -20.68 0.05 11.34
N ARG A 81 -20.48 0.51 10.11
CA ARG A 81 -21.43 1.43 9.51
C ARG A 81 -22.66 0.70 8.98
N GLU A 82 -22.43 -0.41 8.28
CA GLU A 82 -23.53 -1.20 7.72
C GLU A 82 -24.40 -1.78 8.83
N GLN A 83 -23.79 -2.03 9.97
CA GLN A 83 -24.50 -2.60 11.12
C GLN A 83 -25.50 -1.60 11.69
N LEU A 84 -25.15 -0.33 11.61
CA LEU A 84 -26.01 0.74 12.13
C LEU A 84 -27.15 1.05 11.15
N LYS A 85 -26.87 0.83 9.86
CA LYS A 85 -27.86 1.09 8.81
C LYS A 85 -29.10 0.22 9.00
N LYS A 86 -28.96 -1.08 8.76
CA LYS A 86 -30.08 -2.01 8.89
C LYS A 86 -29.57 -3.44 8.80
N GLY B 1 8.75 -32.62 21.43
CA GLY B 1 8.49 -31.81 22.64
C GLY B 1 7.02 -31.48 22.80
N SER B 2 6.42 -31.96 23.87
CA SER B 2 5.01 -31.72 24.12
C SER B 2 4.81 -30.39 24.84
N HIS B 3 4.54 -29.35 24.08
CA HIS B 3 4.30 -28.02 24.64
C HIS B 3 2.98 -27.47 24.12
N MET B 4 2.50 -26.40 24.75
CA MET B 4 1.24 -25.79 24.35
C MET B 4 1.43 -25.03 23.05
N THR B 5 0.39 -25.01 22.23
CA THR B 5 0.46 -24.31 20.96
C THR B 5 -0.83 -23.52 20.72
N GLU B 6 -0.69 -22.39 20.04
CA GLU B 6 -1.83 -21.54 19.75
C GLU B 6 -1.92 -21.31 18.23
N GLN B 7 -2.76 -20.38 17.82
CA GLN B 7 -2.92 -20.07 16.40
C GLN B 7 -2.56 -18.61 16.14
N PRO B 8 -1.29 -18.36 15.79
CA PRO B 8 -0.79 -17.02 15.52
C PRO B 8 -1.02 -16.60 14.07
N LYS B 9 -0.50 -15.42 13.71
CA LYS B 9 -0.64 -14.92 12.35
C LYS B 9 0.04 -15.85 11.35
N THR B 10 -0.76 -16.61 10.62
CA THR B 10 -0.22 -17.53 9.63
C THR B 10 0.31 -16.80 8.41
N ARG B 11 1.23 -17.43 7.70
CA ARG B 11 1.82 -16.84 6.51
C ARG B 11 1.21 -17.44 5.24
N VAL B 12 1.33 -16.71 4.15
CA VAL B 12 0.78 -17.15 2.88
C VAL B 12 1.75 -16.81 1.75
N SER B 13 1.73 -17.61 0.69
CA SER B 13 2.60 -17.37 -0.46
C SER B 13 1.76 -17.12 -1.71
N VAL B 14 1.84 -15.91 -2.25
CA VAL B 14 1.07 -15.55 -3.44
C VAL B 14 2.03 -15.21 -4.58
N ARG B 15 1.49 -15.10 -5.78
CA ARG B 15 2.30 -14.79 -6.95
C ARG B 15 1.93 -13.43 -7.54
N ILE B 16 2.92 -12.56 -7.67
CA ILE B 16 2.72 -11.24 -8.24
C ILE B 16 3.78 -10.95 -9.30
N TYR B 17 3.32 -10.65 -10.50
CA TYR B 17 4.21 -10.36 -11.64
C TYR B 17 5.10 -11.55 -11.99
N GLY B 18 4.61 -12.75 -11.70
CA GLY B 18 5.36 -13.95 -12.01
C GLY B 18 6.17 -14.47 -10.83
N GLN B 19 6.55 -13.59 -9.92
CA GLN B 19 7.34 -14.00 -8.77
C GLN B 19 6.43 -14.32 -7.58
N ASP B 20 6.88 -15.24 -6.74
CA ASP B 20 6.12 -15.63 -5.56
C ASP B 20 6.63 -14.90 -4.33
N TYR B 21 5.70 -14.43 -3.52
CA TYR B 21 6.05 -13.71 -2.30
C TYR B 21 5.29 -14.27 -1.11
N THR B 22 6.00 -14.46 -0.01
CA THR B 22 5.40 -15.01 1.20
C THR B 22 5.34 -13.96 2.29
N ILE B 23 4.13 -13.62 2.72
CA ILE B 23 3.92 -12.62 3.76
C ILE B 23 2.92 -13.14 4.78
N VAL B 24 2.54 -12.28 5.72
CA VAL B 24 1.59 -12.66 6.75
C VAL B 24 0.16 -12.38 6.30
N GLY B 25 -0.69 -13.39 6.35
CA GLY B 25 -2.06 -13.22 5.92
C GLY B 25 -3.03 -13.29 7.08
N ALA B 26 -2.89 -12.35 8.01
CA ALA B 26 -3.75 -12.30 9.19
C ALA B 26 -5.05 -11.56 8.90
N GLU B 27 -6.00 -12.28 8.32
CA GLU B 27 -7.30 -11.74 7.98
C GLU B 27 -8.23 -12.88 7.55
N SER B 28 -7.96 -13.44 6.37
CA SER B 28 -8.75 -14.53 5.81
C SER B 28 -8.02 -15.10 4.60
N PRO B 29 -8.01 -16.44 4.45
CA PRO B 29 -7.32 -17.14 3.34
C PRO B 29 -7.76 -16.67 1.94
N ALA B 30 -8.98 -16.16 1.83
CA ALA B 30 -9.48 -15.69 0.54
C ALA B 30 -9.43 -14.17 0.43
N HIS B 31 -9.28 -13.50 1.56
CA HIS B 31 -9.26 -12.04 1.58
C HIS B 31 -7.89 -11.48 1.21
N ILE B 32 -6.84 -12.26 1.43
CA ILE B 32 -5.49 -11.81 1.08
C ILE B 32 -5.09 -12.33 -0.29
N ARG B 33 -5.99 -13.07 -0.92
CA ARG B 33 -5.72 -13.60 -2.25
C ARG B 33 -5.95 -12.51 -3.28
N LEU B 34 -6.98 -11.71 -3.05
CA LEU B 34 -7.33 -10.60 -3.93
C LEU B 34 -6.24 -9.52 -3.91
N VAL B 35 -5.49 -9.48 -2.82
CA VAL B 35 -4.42 -8.50 -2.65
C VAL B 35 -3.35 -8.68 -3.73
N ALA B 36 -2.98 -9.93 -3.98
CA ALA B 36 -1.98 -10.25 -4.98
C ALA B 36 -2.37 -9.72 -6.35
N ALA B 37 -3.61 -9.95 -6.74
CA ALA B 37 -4.12 -9.51 -8.04
C ALA B 37 -4.20 -7.99 -8.10
N PHE B 38 -4.53 -7.39 -6.98
CA PHE B 38 -4.66 -5.93 -6.90
C PHE B 38 -3.30 -5.27 -7.15
N VAL B 39 -2.26 -5.80 -6.52
CA VAL B 39 -0.91 -5.26 -6.69
C VAL B 39 -0.37 -5.58 -8.07
N ASP B 40 -0.67 -6.78 -8.56
CA ASP B 40 -0.23 -7.22 -9.87
C ASP B 40 -0.73 -6.25 -10.94
N ASP B 41 -2.01 -5.92 -10.87
CA ASP B 41 -2.64 -5.01 -11.82
C ASP B 41 -2.18 -3.56 -11.59
N LYS B 42 -1.88 -3.23 -10.34
CA LYS B 42 -1.43 -1.88 -10.01
C LYS B 42 -0.12 -1.55 -10.73
N MET B 43 0.72 -2.54 -10.91
CA MET B 43 2.00 -2.36 -11.60
C MET B 43 1.80 -2.29 -13.10
N HIS B 44 0.70 -2.86 -13.58
CA HIS B 44 0.39 -2.89 -15.00
C HIS B 44 0.25 -1.47 -15.56
N GLU B 45 -0.45 -0.61 -14.83
CA GLU B 45 -0.67 0.76 -15.28
C GLU B 45 0.62 1.57 -15.27
N PHE B 46 1.49 1.29 -14.31
CA PHE B 46 2.75 2.03 -14.21
C PHE B 46 3.78 1.52 -15.21
N SER B 47 3.70 0.24 -15.56
CA SER B 47 4.61 -0.37 -16.52
C SER B 47 4.41 0.27 -17.89
N GLU B 48 3.22 0.79 -18.11
CA GLU B 48 2.88 1.43 -19.38
C GLU B 48 3.44 2.86 -19.43
N LYS B 49 3.75 3.40 -18.26
CA LYS B 49 4.28 4.76 -18.17
C LYS B 49 5.80 4.77 -18.32
N GLN B 50 6.45 3.82 -17.65
CA GLN B 50 7.91 3.70 -17.69
C GLN B 50 8.59 4.97 -17.18
N PRO B 51 8.61 5.19 -15.86
CA PRO B 51 9.22 6.38 -15.26
C PRO B 51 10.75 6.32 -15.27
N MET B 52 11.31 5.35 -14.59
CA MET B 52 12.75 5.21 -14.49
C MET B 52 13.24 4.02 -15.33
N LEU B 53 12.30 3.35 -15.99
CA LEU B 53 12.62 2.19 -16.84
C LEU B 53 13.43 1.14 -16.07
N ASP B 54 12.89 0.72 -14.93
CA ASP B 54 13.55 -0.27 -14.10
C ASP B 54 12.53 -0.98 -13.22
N VAL B 55 12.76 -2.26 -12.97
CA VAL B 55 11.85 -3.08 -12.16
C VAL B 55 11.70 -2.58 -10.71
N PRO B 56 12.81 -2.43 -9.95
CA PRO B 56 12.74 -1.97 -8.55
C PRO B 56 12.13 -0.58 -8.42
N LYS B 57 12.35 0.25 -9.42
CA LYS B 57 11.82 1.60 -9.42
C LYS B 57 10.31 1.61 -9.68
N LEU B 58 9.82 0.52 -10.24
CA LEU B 58 8.39 0.38 -10.53
C LEU B 58 7.68 -0.25 -9.35
N ALA B 59 8.34 -1.22 -8.74
CA ALA B 59 7.78 -1.93 -7.59
C ALA B 59 7.61 -1.02 -6.38
N VAL B 60 8.55 -0.12 -6.18
CA VAL B 60 8.47 0.81 -5.05
C VAL B 60 7.49 1.93 -5.35
N LEU B 61 7.31 2.21 -6.64
CA LEU B 61 6.42 3.27 -7.08
C LEU B 61 4.97 2.90 -6.81
N THR B 62 4.66 1.61 -6.92
CA THR B 62 3.32 1.13 -6.69
C THR B 62 3.02 1.09 -5.20
N ALA B 63 4.04 0.70 -4.42
CA ALA B 63 3.91 0.61 -2.97
C ALA B 63 3.53 1.96 -2.37
N VAL B 64 4.23 3.00 -2.79
CA VAL B 64 3.97 4.35 -2.29
C VAL B 64 2.64 4.89 -2.81
N GLN B 65 2.23 4.45 -3.99
CA GLN B 65 0.98 4.90 -4.57
C GLN B 65 -0.20 4.30 -3.80
N ILE B 66 -0.15 2.99 -3.57
CA ILE B 66 -1.19 2.29 -2.84
C ILE B 66 -1.36 2.89 -1.45
N ALA B 67 -0.24 3.23 -0.83
CA ALA B 67 -0.25 3.84 0.50
C ALA B 67 -1.04 5.14 0.48
N SER B 68 -0.82 5.95 -0.55
CA SER B 68 -1.51 7.23 -0.68
C SER B 68 -2.99 7.01 -1.01
N GLU B 69 -3.29 5.94 -1.74
CA GLU B 69 -4.66 5.63 -2.11
C GLU B 69 -5.49 5.22 -0.90
N TYR B 70 -4.87 4.51 0.04
CA TYR B 70 -5.58 4.04 1.23
C TYR B 70 -5.41 4.96 2.44
N LEU B 71 -4.33 5.73 2.48
CA LEU B 71 -4.08 6.63 3.60
C LEU B 71 -5.19 7.66 3.74
N LYS B 72 -5.71 8.12 2.61
CA LYS B 72 -6.79 9.11 2.61
C LYS B 72 -8.08 8.52 3.18
N LEU B 73 -8.20 7.20 3.09
CA LEU B 73 -9.39 6.51 3.58
C LEU B 73 -9.39 6.49 5.11
N LYS B 74 -8.25 6.12 5.69
CA LYS B 74 -8.15 6.06 7.15
C LYS B 74 -8.23 7.47 7.74
N GLU B 75 -7.92 8.47 6.91
CA GLU B 75 -7.97 9.85 7.33
C GLU B 75 -9.41 10.30 7.56
N GLU B 76 -10.24 10.14 6.54
CA GLU B 76 -11.64 10.52 6.63
C GLU B 76 -12.36 9.65 7.64
N TYR B 77 -11.90 8.41 7.76
CA TYR B 77 -12.48 7.45 8.70
C TYR B 77 -12.46 8.01 10.12
N GLN B 78 -11.35 8.65 10.47
CA GLN B 78 -11.20 9.24 11.79
C GLN B 78 -12.02 10.51 11.94
N ARG B 79 -12.00 11.35 10.90
CA ARG B 79 -12.71 12.63 10.94
C ARG B 79 -14.23 12.47 11.05
N LEU B 80 -14.83 11.64 10.21
CA LEU B 80 -16.28 11.46 10.24
C LEU B 80 -16.76 10.67 11.45
N ARG B 81 -15.84 10.06 12.19
CA ARG B 81 -16.23 9.29 13.36
C ARG B 81 -16.02 10.10 14.64
N GLU B 82 -14.92 10.83 14.71
CA GLU B 82 -14.61 11.64 15.88
C GLU B 82 -15.56 12.84 15.96
N GLN B 83 -16.16 13.18 14.82
CA GLN B 83 -17.09 14.30 14.74
C GLN B 83 -18.37 13.97 15.49
N LEU B 84 -18.58 12.68 15.76
CA LEU B 84 -19.77 12.22 16.45
C LEU B 84 -19.47 11.97 17.93
N LYS B 85 -18.29 12.41 18.36
CA LYS B 85 -17.89 12.22 19.74
C LYS B 85 -18.11 13.50 20.55
N LYS B 86 -17.12 14.39 20.54
CA LYS B 86 -17.21 15.63 21.27
C LYS B 86 -16.07 16.57 20.87
N GLY A 1 5.17 23.86 -16.76
CA GLY A 1 3.91 24.54 -17.13
C GLY A 1 2.78 23.56 -17.35
N SER A 2 1.68 23.75 -16.65
CA SER A 2 0.54 22.86 -16.77
C SER A 2 -0.36 23.29 -17.92
N HIS A 3 -0.48 24.61 -18.11
CA HIS A 3 -1.33 25.18 -19.17
C HIS A 3 -2.75 24.65 -19.07
N MET A 4 -3.30 24.67 -17.86
CA MET A 4 -4.64 24.18 -17.61
C MET A 4 -5.35 25.06 -16.59
N THR A 5 -6.57 25.48 -16.90
CA THR A 5 -7.34 26.32 -16.00
C THR A 5 -7.87 25.49 -14.83
N GLU A 6 -8.34 24.29 -15.14
CA GLU A 6 -8.86 23.39 -14.12
C GLU A 6 -7.73 22.84 -13.27
N GLN A 7 -8.00 22.61 -11.99
CA GLN A 7 -7.00 22.10 -11.08
C GLN A 7 -7.34 20.65 -10.71
N PRO A 8 -6.71 19.68 -11.38
CA PRO A 8 -6.92 18.27 -11.13
C PRO A 8 -6.04 17.76 -9.98
N LYS A 9 -5.94 16.45 -9.85
CA LYS A 9 -5.12 15.84 -8.82
C LYS A 9 -3.66 16.27 -9.00
N THR A 10 -3.08 16.88 -7.99
CA THR A 10 -1.71 17.34 -8.07
C THR A 10 -0.74 16.18 -7.83
N ARG A 11 0.48 16.35 -8.32
CA ARG A 11 1.51 15.33 -8.17
C ARG A 11 2.68 15.87 -7.36
N VAL A 12 3.34 15.00 -6.62
CA VAL A 12 4.47 15.38 -5.79
C VAL A 12 5.66 14.48 -6.06
N SER A 13 6.86 15.03 -5.93
CA SER A 13 8.07 14.27 -6.13
C SER A 13 8.71 13.93 -4.78
N VAL A 14 8.71 12.65 -4.42
CA VAL A 14 9.27 12.24 -3.14
C VAL A 14 10.44 11.29 -3.36
N ARG A 15 11.26 11.14 -2.33
CA ARG A 15 12.43 10.27 -2.41
C ARG A 15 12.24 9.03 -1.55
N ILE A 16 12.38 7.85 -2.16
CA ILE A 16 12.25 6.59 -1.46
C ILE A 16 13.42 5.67 -1.80
N TYR A 17 14.07 5.13 -0.77
CA TYR A 17 15.21 4.23 -0.94
C TYR A 17 16.38 4.91 -1.66
N GLY A 18 16.37 6.24 -1.67
CA GLY A 18 17.45 6.98 -2.31
C GLY A 18 17.06 7.68 -3.59
N GLN A 19 16.10 7.13 -4.33
CA GLN A 19 15.69 7.73 -5.60
C GLN A 19 14.40 8.54 -5.45
N ASP A 20 14.16 9.44 -6.38
CA ASP A 20 12.97 10.27 -6.37
C ASP A 20 11.95 9.77 -7.38
N TYR A 21 10.68 9.83 -7.00
CA TYR A 21 9.59 9.37 -7.86
C TYR A 21 8.47 10.42 -7.92
N THR A 22 7.79 10.49 -9.05
CA THR A 22 6.68 11.43 -9.22
C THR A 22 5.37 10.70 -9.01
N ILE A 23 4.77 10.90 -7.85
CA ILE A 23 3.50 10.24 -7.52
C ILE A 23 2.37 11.25 -7.38
N VAL A 24 1.15 10.74 -7.35
CA VAL A 24 -0.02 11.58 -7.20
C VAL A 24 -0.28 11.86 -5.73
N GLY A 25 -0.51 13.11 -5.39
CA GLY A 25 -0.76 13.47 -4.01
C GLY A 25 -1.97 14.36 -3.84
N ALA A 26 -3.15 13.82 -4.16
CA ALA A 26 -4.39 14.58 -4.03
C ALA A 26 -4.85 14.61 -2.58
N GLU A 27 -4.03 15.21 -1.73
CA GLU A 27 -4.32 15.31 -0.31
C GLU A 27 -3.53 16.47 0.29
N SER A 28 -3.30 16.42 1.60
CA SER A 28 -2.55 17.46 2.29
C SER A 28 -1.05 17.32 1.98
N PRO A 29 -0.37 18.44 1.70
CA PRO A 29 1.06 18.46 1.38
C PRO A 29 1.92 17.77 2.44
N ALA A 30 1.58 17.96 3.71
CA ALA A 30 2.33 17.35 4.80
C ALA A 30 2.03 15.86 4.91
N HIS A 31 0.83 15.47 4.50
CA HIS A 31 0.41 14.07 4.56
C HIS A 31 1.14 13.25 3.50
N ILE A 32 1.15 13.77 2.28
CA ILE A 32 1.81 13.09 1.15
C ILE A 32 3.34 13.07 1.32
N ARG A 33 3.84 13.86 2.25
CA ARG A 33 5.27 13.92 2.50
C ARG A 33 5.71 12.75 3.39
N LEU A 34 4.86 12.38 4.34
CA LEU A 34 5.18 11.31 5.26
C LEU A 34 4.91 9.94 4.63
N VAL A 35 4.17 9.93 3.52
CA VAL A 35 3.85 8.70 2.81
C VAL A 35 5.12 7.97 2.42
N ALA A 36 6.04 8.72 1.83
CA ALA A 36 7.32 8.17 1.39
C ALA A 36 8.08 7.55 2.54
N ALA A 37 8.14 8.26 3.67
CA ALA A 37 8.85 7.79 4.85
C ALA A 37 8.26 6.48 5.38
N PHE A 38 6.93 6.39 5.35
CA PHE A 38 6.24 5.19 5.83
C PHE A 38 6.63 3.97 5.00
N VAL A 39 6.71 4.15 3.70
CA VAL A 39 7.07 3.07 2.79
C VAL A 39 8.57 2.77 2.82
N ASP A 40 9.37 3.82 2.92
CA ASP A 40 10.84 3.67 2.98
C ASP A 40 11.23 2.83 4.18
N ASP A 41 10.51 3.01 5.28
CA ASP A 41 10.79 2.27 6.50
C ASP A 41 10.30 0.84 6.38
N LYS A 42 9.20 0.65 5.66
CA LYS A 42 8.63 -0.68 5.46
C LYS A 42 9.61 -1.59 4.73
N MET A 43 10.32 -1.06 3.75
CA MET A 43 11.29 -1.84 3.01
C MET A 43 12.58 -2.01 3.81
N HIS A 44 12.79 -1.11 4.76
CA HIS A 44 13.99 -1.17 5.58
C HIS A 44 13.95 -2.40 6.49
N GLU A 45 12.80 -2.65 7.11
CA GLU A 45 12.63 -3.80 7.99
C GLU A 45 12.59 -5.11 7.21
N PHE A 46 12.36 -5.01 5.91
CA PHE A 46 12.31 -6.20 5.07
C PHE A 46 13.67 -6.47 4.45
N SER A 47 14.49 -5.43 4.35
CA SER A 47 15.83 -5.57 3.79
C SER A 47 16.71 -6.40 4.71
N GLU A 48 16.37 -6.41 5.99
CA GLU A 48 17.11 -7.18 6.99
C GLU A 48 16.57 -8.61 7.06
N LYS A 49 15.38 -8.81 6.52
CA LYS A 49 14.76 -10.13 6.51
C LYS A 49 15.46 -11.01 5.49
N GLN A 50 15.84 -10.39 4.37
CA GLN A 50 16.55 -11.08 3.29
C GLN A 50 15.82 -12.35 2.84
N PRO A 51 14.68 -12.20 2.13
CA PRO A 51 13.90 -13.34 1.66
C PRO A 51 14.58 -14.05 0.48
N MET A 52 14.51 -13.44 -0.70
CA MET A 52 15.13 -14.02 -1.89
C MET A 52 16.39 -13.22 -2.27
N LEU A 53 16.69 -12.20 -1.47
CA LEU A 53 17.85 -11.33 -1.69
C LEU A 53 17.83 -10.69 -3.07
N ASP A 54 17.00 -9.67 -3.22
CA ASP A 54 16.87 -8.95 -4.49
C ASP A 54 16.14 -7.63 -4.25
N VAL A 55 16.60 -6.57 -4.90
CA VAL A 55 15.99 -5.25 -4.72
C VAL A 55 14.57 -5.18 -5.33
N PRO A 56 14.38 -5.54 -6.63
CA PRO A 56 13.05 -5.49 -7.26
C PRO A 56 12.02 -6.29 -6.49
N LYS A 57 12.38 -7.49 -6.08
CA LYS A 57 11.50 -8.37 -5.32
C LYS A 57 11.21 -7.79 -3.94
N LEU A 58 12.19 -7.06 -3.40
CA LEU A 58 12.05 -6.44 -2.08
C LEU A 58 11.06 -5.29 -2.14
N ALA A 59 11.16 -4.48 -3.19
CA ALA A 59 10.29 -3.33 -3.36
C ALA A 59 8.82 -3.72 -3.44
N VAL A 60 8.50 -4.65 -4.33
CA VAL A 60 7.12 -5.10 -4.50
C VAL A 60 6.61 -5.84 -3.26
N LEU A 61 7.53 -6.42 -2.51
CA LEU A 61 7.18 -7.16 -1.30
C LEU A 61 6.47 -6.26 -0.28
N THR A 62 6.85 -4.99 -0.26
CA THR A 62 6.25 -4.04 0.67
C THR A 62 4.87 -3.60 0.20
N ALA A 63 4.68 -3.51 -1.11
CA ALA A 63 3.42 -3.09 -1.68
C ALA A 63 2.27 -3.99 -1.23
N VAL A 64 2.49 -5.30 -1.31
CA VAL A 64 1.48 -6.26 -0.91
C VAL A 64 1.31 -6.29 0.61
N GLN A 65 2.40 -6.03 1.34
CA GLN A 65 2.35 -6.04 2.79
C GLN A 65 1.57 -4.84 3.29
N ILE A 66 1.88 -3.67 2.75
CA ILE A 66 1.19 -2.43 3.13
C ILE A 66 -0.30 -2.54 2.82
N ALA A 67 -0.62 -3.07 1.65
CA ALA A 67 -2.01 -3.25 1.24
C ALA A 67 -2.75 -4.17 2.21
N SER A 68 -2.09 -5.26 2.60
CA SER A 68 -2.66 -6.23 3.53
C SER A 68 -2.98 -5.56 4.88
N GLU A 69 -2.30 -4.47 5.18
CA GLU A 69 -2.51 -3.76 6.43
C GLU A 69 -3.70 -2.82 6.34
N TYR A 70 -3.65 -1.90 5.38
CA TYR A 70 -4.69 -0.90 5.21
C TYR A 70 -6.01 -1.49 4.70
N LEU A 71 -5.96 -2.60 3.99
CA LEU A 71 -7.17 -3.23 3.46
C LEU A 71 -8.09 -3.66 4.60
N LYS A 72 -7.50 -3.98 5.75
CA LYS A 72 -8.29 -4.40 6.90
C LYS A 72 -8.86 -3.18 7.62
N LEU A 73 -8.16 -2.06 7.51
CA LEU A 73 -8.59 -0.81 8.14
C LEU A 73 -9.89 -0.33 7.51
N LYS A 74 -9.95 -0.38 6.19
CA LYS A 74 -11.15 0.04 5.48
C LYS A 74 -12.25 -1.02 5.59
N GLU A 75 -11.85 -2.23 5.94
CA GLU A 75 -12.81 -3.32 6.07
C GLU A 75 -13.55 -3.22 7.40
N GLU A 76 -12.81 -2.92 8.48
CA GLU A 76 -13.42 -2.78 9.79
C GLU A 76 -14.34 -1.56 9.82
N TYR A 77 -14.07 -0.60 8.95
CA TYR A 77 -14.88 0.60 8.83
C TYR A 77 -16.31 0.23 8.44
N GLN A 78 -16.43 -0.66 7.47
CA GLN A 78 -17.73 -1.11 7.00
C GLN A 78 -18.42 -1.94 8.07
N ARG A 79 -17.64 -2.60 8.91
CA ARG A 79 -18.16 -3.44 9.98
C ARG A 79 -18.79 -2.55 11.06
N LEU A 80 -18.05 -1.55 11.48
CA LEU A 80 -18.50 -0.61 12.51
C LEU A 80 -19.77 0.10 12.04
N ARG A 81 -19.78 0.49 10.78
CA ARG A 81 -20.92 1.21 10.21
C ARG A 81 -22.14 0.31 10.07
N GLU A 82 -21.94 -0.95 9.66
CA GLU A 82 -23.05 -1.88 9.50
C GLU A 82 -23.64 -2.24 10.86
N GLN A 83 -22.78 -2.25 11.88
CA GLN A 83 -23.19 -2.56 13.24
C GLN A 83 -24.15 -1.52 13.77
N LEU A 84 -24.01 -0.29 13.26
CA LEU A 84 -24.87 0.81 13.68
C LEU A 84 -26.16 0.85 12.86
N LYS A 85 -26.03 0.58 11.57
CA LYS A 85 -27.19 0.61 10.66
C LYS A 85 -28.17 -0.52 10.97
N LYS A 86 -27.65 -1.69 11.33
CA LYS A 86 -28.49 -2.84 11.65
C LYS A 86 -28.80 -2.90 13.14
N GLY B 1 7.97 -26.90 10.23
CA GLY B 1 6.67 -26.87 10.96
C GLY B 1 6.62 -25.75 11.97
N SER B 2 5.41 -25.39 12.40
CA SER B 2 5.22 -24.31 13.35
C SER B 2 5.68 -24.72 14.75
N HIS B 3 5.18 -25.86 15.23
CA HIS B 3 5.51 -26.38 16.56
C HIS B 3 5.15 -25.36 17.63
N MET B 4 3.89 -24.96 17.65
CA MET B 4 3.41 -23.98 18.62
C MET B 4 1.92 -24.17 18.85
N THR B 5 1.50 -24.03 20.11
CA THR B 5 0.09 -24.16 20.47
C THR B 5 -0.61 -22.81 20.37
N GLU B 6 0.11 -21.80 19.93
CA GLU B 6 -0.43 -20.47 19.78
C GLU B 6 -0.84 -20.23 18.33
N GLN B 7 -1.81 -19.35 18.12
CA GLN B 7 -2.27 -19.04 16.78
C GLN B 7 -2.06 -17.55 16.48
N PRO B 8 -0.86 -17.18 16.03
CA PRO B 8 -0.52 -15.80 15.71
C PRO B 8 -0.98 -15.44 14.30
N LYS B 9 -0.51 -14.29 13.80
CA LYS B 9 -0.87 -13.84 12.47
C LYS B 9 -0.24 -14.78 11.44
N THR B 10 -1.09 -15.48 10.70
CA THR B 10 -0.63 -16.42 9.70
C THR B 10 -0.01 -15.71 8.50
N ARG B 11 0.86 -16.43 7.79
CA ARG B 11 1.53 -15.90 6.62
C ARG B 11 1.05 -16.62 5.38
N VAL B 12 0.96 -15.92 4.26
CA VAL B 12 0.50 -16.50 3.02
C VAL B 12 1.46 -16.20 1.87
N SER B 13 1.61 -17.14 0.97
CA SER B 13 2.47 -16.98 -0.19
C SER B 13 1.62 -16.70 -1.43
N VAL B 14 1.75 -15.50 -1.98
CA VAL B 14 0.98 -15.10 -3.15
C VAL B 14 1.91 -14.79 -4.32
N ARG B 15 1.39 -14.93 -5.52
CA ARG B 15 2.16 -14.68 -6.73
C ARG B 15 1.91 -13.28 -7.28
N ILE B 16 2.97 -12.51 -7.42
CA ILE B 16 2.87 -11.16 -7.95
C ILE B 16 3.99 -10.94 -8.98
N TYR B 17 3.62 -10.48 -10.17
CA TYR B 17 4.57 -10.22 -11.25
C TYR B 17 5.30 -11.49 -11.68
N GLY B 18 4.70 -12.64 -11.39
CA GLY B 18 5.30 -13.90 -11.75
C GLY B 18 6.19 -14.48 -10.67
N GLN B 19 6.33 -13.77 -9.56
CA GLN B 19 7.16 -14.24 -8.46
C GLN B 19 6.29 -14.55 -7.24
N ASP B 20 6.77 -15.42 -6.37
CA ASP B 20 6.04 -15.78 -5.16
C ASP B 20 6.55 -15.00 -3.96
N TYR B 21 5.64 -14.38 -3.23
CA TYR B 21 6.00 -13.59 -2.06
C TYR B 21 5.19 -14.02 -0.85
N THR B 22 5.85 -14.26 0.27
CA THR B 22 5.17 -14.67 1.48
C THR B 22 5.13 -13.53 2.50
N ILE B 23 3.92 -13.07 2.82
CA ILE B 23 3.74 -11.99 3.77
C ILE B 23 2.64 -12.34 4.76
N VAL B 24 2.41 -11.47 5.73
CA VAL B 24 1.38 -11.68 6.74
C VAL B 24 -0.01 -11.47 6.14
N GLY B 25 -0.87 -12.48 6.30
CA GLY B 25 -2.22 -12.38 5.75
C GLY B 25 -3.28 -12.66 6.79
N ALA B 26 -3.18 -11.98 7.92
CA ALA B 26 -4.14 -12.15 9.00
C ALA B 26 -5.41 -11.33 8.72
N GLU B 27 -6.28 -11.89 7.90
CA GLU B 27 -7.53 -11.25 7.52
C GLU B 27 -8.56 -12.31 7.11
N SER B 28 -8.49 -12.74 5.85
CA SER B 28 -9.40 -13.76 5.34
C SER B 28 -8.75 -14.40 4.11
N PRO B 29 -8.86 -15.73 3.98
CA PRO B 29 -8.27 -16.48 2.86
C PRO B 29 -8.58 -15.89 1.48
N ALA B 30 -9.83 -15.49 1.25
CA ALA B 30 -10.21 -14.90 -0.03
C ALA B 30 -9.69 -13.47 -0.16
N HIS B 31 -9.76 -12.73 0.94
CA HIS B 31 -9.29 -11.34 0.97
C HIS B 31 -7.83 -11.23 0.59
N ILE B 32 -7.00 -12.06 1.22
CA ILE B 32 -5.55 -12.04 0.98
C ILE B 32 -5.19 -12.47 -0.45
N ARG B 33 -6.10 -13.16 -1.12
CA ARG B 33 -5.85 -13.63 -2.48
C ARG B 33 -6.06 -12.49 -3.48
N LEU B 34 -7.06 -11.66 -3.25
CA LEU B 34 -7.34 -10.55 -4.16
C LEU B 34 -6.31 -9.42 -3.98
N VAL B 35 -5.65 -9.41 -2.83
CA VAL B 35 -4.64 -8.40 -2.54
C VAL B 35 -3.55 -8.42 -3.61
N ALA B 36 -3.08 -9.62 -3.92
CA ALA B 36 -2.05 -9.79 -4.94
C ALA B 36 -2.53 -9.33 -6.30
N ALA B 37 -3.77 -9.66 -6.63
CA ALA B 37 -4.35 -9.29 -7.91
C ALA B 37 -4.46 -7.77 -8.04
N PHE B 38 -4.66 -7.12 -6.90
CA PHE B 38 -4.76 -5.66 -6.86
C PHE B 38 -3.38 -5.02 -7.09
N VAL B 39 -2.37 -5.56 -6.41
CA VAL B 39 -1.01 -5.05 -6.55
C VAL B 39 -0.45 -5.32 -7.94
N ASP B 40 -0.61 -6.56 -8.39
CA ASP B 40 -0.11 -6.98 -9.71
C ASP B 40 -0.70 -6.10 -10.81
N ASP B 41 -1.99 -5.79 -10.69
CA ASP B 41 -2.69 -4.96 -11.65
C ASP B 41 -2.13 -3.54 -11.65
N LYS B 42 -1.90 -2.99 -10.46
CA LYS B 42 -1.37 -1.64 -10.32
C LYS B 42 0.02 -1.54 -10.96
N MET B 43 0.79 -2.62 -10.86
CA MET B 43 2.13 -2.64 -11.44
C MET B 43 2.05 -2.65 -12.96
N HIS B 44 0.98 -3.22 -13.48
CA HIS B 44 0.80 -3.32 -14.92
C HIS B 44 0.38 -1.97 -15.50
N GLU B 45 -0.41 -1.21 -14.76
CA GLU B 45 -0.88 0.09 -15.24
C GLU B 45 0.25 1.12 -15.24
N PHE B 46 1.22 0.95 -14.34
CA PHE B 46 2.33 1.88 -14.25
C PHE B 46 3.50 1.43 -15.12
N SER B 47 3.46 0.19 -15.58
CA SER B 47 4.52 -0.35 -16.42
C SER B 47 4.50 0.29 -17.80
N GLU B 48 3.36 0.85 -18.18
CA GLU B 48 3.23 1.51 -19.48
C GLU B 48 3.74 2.95 -19.42
N LYS B 49 4.03 3.41 -18.21
CA LYS B 49 4.51 4.76 -18.02
C LYS B 49 6.03 4.80 -18.20
N GLN B 50 6.71 3.83 -17.56
CA GLN B 50 8.16 3.71 -17.63
C GLN B 50 8.84 5.01 -17.18
N PRO B 51 8.80 5.31 -15.87
CA PRO B 51 9.42 6.53 -15.31
C PRO B 51 10.92 6.61 -15.62
N MET B 52 11.72 5.80 -14.95
CA MET B 52 13.15 5.80 -15.17
C MET B 52 13.60 4.50 -15.84
N LEU B 53 12.62 3.74 -16.33
CA LEU B 53 12.87 2.48 -17.03
C LEU B 53 13.66 1.49 -16.16
N ASP B 54 13.18 1.27 -14.94
CA ASP B 54 13.85 0.34 -14.02
C ASP B 54 12.81 -0.48 -13.27
N VAL B 55 13.02 -1.79 -13.22
CA VAL B 55 12.10 -2.72 -12.58
C VAL B 55 11.89 -2.43 -11.07
N PRO B 56 12.97 -2.40 -10.26
CA PRO B 56 12.84 -2.14 -8.81
C PRO B 56 12.21 -0.80 -8.50
N LYS B 57 12.47 0.18 -9.35
CA LYS B 57 11.93 1.52 -9.16
C LYS B 57 10.44 1.55 -9.50
N LEU B 58 10.01 0.65 -10.36
CA LEU B 58 8.61 0.56 -10.75
C LEU B 58 7.82 -0.13 -9.63
N ALA B 59 8.42 -1.17 -9.07
CA ALA B 59 7.79 -1.94 -7.99
C ALA B 59 7.56 -1.09 -6.74
N VAL B 60 8.51 -0.19 -6.46
CA VAL B 60 8.40 0.68 -5.29
C VAL B 60 7.46 1.84 -5.57
N LEU B 61 7.30 2.16 -6.85
CA LEU B 61 6.42 3.24 -7.27
C LEU B 61 4.98 2.94 -6.90
N THR B 62 4.57 1.70 -7.12
CA THR B 62 3.22 1.28 -6.82
C THR B 62 3.01 1.14 -5.31
N ALA B 63 4.06 0.75 -4.60
CA ALA B 63 4.00 0.58 -3.14
C ALA B 63 3.62 1.89 -2.46
N VAL B 64 4.30 2.97 -2.84
CA VAL B 64 4.04 4.27 -2.26
C VAL B 64 2.71 4.85 -2.76
N GLN B 65 2.32 4.45 -3.95
CA GLN B 65 1.08 4.92 -4.54
C GLN B 65 -0.10 4.34 -3.77
N ILE B 66 -0.06 3.03 -3.54
CA ILE B 66 -1.11 2.34 -2.80
C ILE B 66 -1.28 2.95 -1.41
N ALA B 67 -0.16 3.15 -0.73
CA ALA B 67 -0.16 3.72 0.62
C ALA B 67 -0.76 5.12 0.65
N SER B 68 -0.39 5.94 -0.32
CA SER B 68 -0.88 7.31 -0.42
C SER B 68 -2.40 7.37 -0.51
N GLU B 69 -2.97 6.52 -1.37
CA GLU B 69 -4.42 6.51 -1.57
C GLU B 69 -5.16 5.91 -0.38
N TYR B 70 -4.60 4.86 0.21
CA TYR B 70 -5.24 4.20 1.35
C TYR B 70 -5.18 5.07 2.61
N LEU B 71 -4.19 5.95 2.67
CA LEU B 71 -4.04 6.83 3.82
C LEU B 71 -5.17 7.85 3.88
N LYS B 72 -5.65 8.28 2.72
CA LYS B 72 -6.75 9.25 2.66
C LYS B 72 -8.03 8.61 3.16
N LEU B 73 -8.25 7.36 2.75
CA LEU B 73 -9.45 6.62 3.13
C LEU B 73 -9.52 6.41 4.65
N LYS B 74 -8.37 6.14 5.25
CA LYS B 74 -8.32 5.92 6.70
C LYS B 74 -8.54 7.23 7.45
N GLU B 75 -8.20 8.34 6.80
CA GLU B 75 -8.37 9.65 7.41
C GLU B 75 -9.84 10.03 7.39
N GLU B 76 -10.48 9.78 6.25
CA GLU B 76 -11.91 10.06 6.10
C GLU B 76 -12.70 9.25 7.12
N TYR B 77 -12.23 8.01 7.34
CA TYR B 77 -12.85 7.09 8.29
C TYR B 77 -12.99 7.73 9.66
N GLN B 78 -11.97 8.46 10.08
CA GLN B 78 -11.97 9.12 11.38
C GLN B 78 -12.59 10.50 11.30
N ARG B 79 -12.61 11.08 10.10
CA ARG B 79 -13.15 12.41 9.88
C ARG B 79 -14.66 12.44 10.12
N LEU B 80 -15.37 11.50 9.52
CA LEU B 80 -16.82 11.44 9.68
C LEU B 80 -17.19 11.02 11.10
N ARG B 81 -16.29 10.30 11.76
CA ARG B 81 -16.55 9.83 13.11
C ARG B 81 -16.44 10.97 14.12
N GLU B 82 -15.42 11.82 13.96
CA GLU B 82 -15.23 12.94 14.87
C GLU B 82 -16.32 13.98 14.68
N GLN B 83 -16.92 14.00 13.49
CA GLN B 83 -17.99 14.95 13.18
C GLN B 83 -19.27 14.64 13.96
N LEU B 84 -19.54 13.35 14.18
CA LEU B 84 -20.74 12.95 14.90
C LEU B 84 -20.64 13.27 16.39
N LYS B 85 -19.51 12.92 17.00
CA LYS B 85 -19.32 13.16 18.43
C LYS B 85 -18.90 14.60 18.72
N LYS B 86 -18.58 15.35 17.68
CA LYS B 86 -18.16 16.73 17.83
C LYS B 86 -18.73 17.59 16.69
N GLY A 1 1.36 36.50 -22.34
CA GLY A 1 0.73 35.26 -21.83
C GLY A 1 -0.35 35.55 -20.80
N SER A 2 -1.58 35.19 -21.13
CA SER A 2 -2.70 35.40 -20.24
C SER A 2 -3.72 34.27 -20.36
N HIS A 3 -4.03 33.64 -19.24
CA HIS A 3 -4.99 32.55 -19.20
C HIS A 3 -5.50 32.39 -17.78
N MET A 4 -6.48 31.53 -17.60
CA MET A 4 -7.06 31.30 -16.28
C MET A 4 -6.21 30.33 -15.48
N THR A 5 -6.06 30.61 -14.19
CA THR A 5 -5.27 29.77 -13.31
C THR A 5 -6.09 28.59 -12.78
N GLU A 6 -5.46 27.44 -12.65
CA GLU A 6 -6.12 26.25 -12.14
C GLU A 6 -5.18 25.44 -11.26
N GLN A 7 -5.74 24.75 -10.29
CA GLN A 7 -4.97 23.94 -9.37
C GLN A 7 -5.47 22.50 -9.38
N PRO A 8 -4.99 21.69 -10.34
CA PRO A 8 -5.39 20.30 -10.48
C PRO A 8 -4.48 19.37 -9.67
N LYS A 9 -4.64 18.07 -9.88
CA LYS A 9 -3.82 17.07 -9.19
C LYS A 9 -2.35 17.24 -9.55
N THR A 10 -1.60 17.89 -8.67
CA THR A 10 -0.18 18.12 -8.90
C THR A 10 0.65 16.91 -8.47
N ARG A 11 1.86 16.82 -9.01
CA ARG A 11 2.76 15.73 -8.69
C ARG A 11 3.88 16.22 -7.79
N VAL A 12 4.41 15.35 -6.97
CA VAL A 12 5.47 15.70 -6.04
C VAL A 12 6.52 14.58 -5.95
N SER A 13 7.79 14.96 -5.86
CA SER A 13 8.86 13.99 -5.78
C SER A 13 9.33 13.80 -4.33
N VAL A 14 9.42 12.55 -3.90
CA VAL A 14 9.86 12.23 -2.54
C VAL A 14 11.01 11.23 -2.59
N ARG A 15 11.88 11.25 -1.59
CA ARG A 15 13.03 10.35 -1.57
C ARG A 15 12.78 9.13 -0.70
N ILE A 16 12.92 7.94 -1.28
CA ILE A 16 12.70 6.68 -0.58
C ILE A 16 13.80 5.69 -0.97
N TYR A 17 14.50 5.14 0.04
CA TYR A 17 15.58 4.18 -0.18
C TYR A 17 16.72 4.78 -0.98
N GLY A 18 16.80 6.11 -0.99
CA GLY A 18 17.85 6.78 -1.72
C GLY A 18 17.36 7.44 -2.99
N GLN A 19 16.56 6.72 -3.76
CA GLN A 19 16.02 7.24 -5.01
C GLN A 19 14.77 8.07 -4.76
N ASP A 20 14.45 8.94 -5.69
CA ASP A 20 13.27 9.79 -5.56
C ASP A 20 12.18 9.29 -6.49
N TYR A 21 10.94 9.38 -6.03
CA TYR A 21 9.79 8.96 -6.83
C TYR A 21 8.79 10.11 -6.87
N THR A 22 8.21 10.35 -8.03
CA THR A 22 7.23 11.41 -8.17
C THR A 22 5.82 10.84 -8.22
N ILE A 23 5.02 11.17 -7.23
CA ILE A 23 3.64 10.69 -7.14
C ILE A 23 2.65 11.82 -7.22
N VAL A 24 1.37 11.48 -7.23
CA VAL A 24 0.30 12.47 -7.32
C VAL A 24 -0.18 12.86 -5.92
N GLY A 25 0.08 14.09 -5.53
CA GLY A 25 -0.34 14.56 -4.22
C GLY A 25 -1.42 15.63 -4.30
N ALA A 26 -2.65 15.20 -4.50
CA ALA A 26 -3.77 16.12 -4.61
C ALA A 26 -4.38 16.40 -3.24
N GLU A 27 -4.27 15.43 -2.36
CA GLU A 27 -4.81 15.53 -1.01
C GLU A 27 -4.16 16.69 -0.23
N SER A 28 -2.88 16.54 0.11
CA SER A 28 -2.14 17.57 0.82
C SER A 28 -0.65 17.31 0.71
N PRO A 29 0.17 18.38 0.58
CA PRO A 29 1.63 18.25 0.45
C PRO A 29 2.29 17.56 1.66
N ALA A 30 1.70 17.75 2.83
CA ALA A 30 2.24 17.16 4.05
C ALA A 30 1.63 15.79 4.33
N HIS A 31 0.63 15.42 3.55
CA HIS A 31 -0.03 14.12 3.74
C HIS A 31 0.74 13.00 3.05
N ILE A 32 1.08 13.21 1.79
CA ILE A 32 1.82 12.17 1.05
C ILE A 32 3.29 12.15 1.45
N ARG A 33 3.74 13.19 2.14
CA ARG A 33 5.12 13.26 2.59
C ARG A 33 5.36 12.21 3.67
N LEU A 34 4.32 11.94 4.45
CA LEU A 34 4.41 10.95 5.52
C LEU A 34 4.50 9.56 4.91
N VAL A 35 3.93 9.42 3.71
CA VAL A 35 3.94 8.15 2.99
C VAL A 35 5.37 7.77 2.64
N ALA A 36 6.18 8.76 2.30
CA ALA A 36 7.56 8.54 1.94
C ALA A 36 8.33 7.86 3.07
N ALA A 37 8.15 8.38 4.27
CA ALA A 37 8.82 7.83 5.44
C ALA A 37 8.20 6.47 5.82
N PHE A 38 6.93 6.30 5.50
CA PHE A 38 6.23 5.07 5.80
C PHE A 38 6.76 3.92 4.94
N VAL A 39 6.89 4.16 3.65
CA VAL A 39 7.40 3.14 2.72
C VAL A 39 8.88 2.86 2.98
N ASP A 40 9.66 3.91 3.17
CA ASP A 40 11.09 3.76 3.42
C ASP A 40 11.34 2.89 4.66
N ASP A 41 10.49 3.05 5.67
CA ASP A 41 10.60 2.27 6.90
C ASP A 41 10.32 0.79 6.62
N LYS A 42 9.22 0.54 5.92
CA LYS A 42 8.81 -0.83 5.59
C LYS A 42 9.91 -1.54 4.78
N MET A 43 10.48 -0.84 3.81
CA MET A 43 11.53 -1.41 2.98
C MET A 43 12.74 -1.80 3.82
N HIS A 44 13.07 -0.95 4.79
CA HIS A 44 14.22 -1.18 5.66
C HIS A 44 14.07 -2.44 6.50
N GLU A 45 12.90 -2.62 7.13
CA GLU A 45 12.67 -3.79 7.98
C GLU A 45 12.55 -5.07 7.14
N PHE A 46 12.08 -4.93 5.91
CA PHE A 46 11.92 -6.09 5.03
C PHE A 46 13.26 -6.49 4.43
N SER A 47 14.16 -5.51 4.26
CA SER A 47 15.49 -5.79 3.70
C SER A 47 16.29 -6.66 4.66
N GLU A 48 15.94 -6.59 5.95
CA GLU A 48 16.61 -7.39 6.97
C GLU A 48 16.18 -8.86 6.86
N LYS A 49 15.00 -9.07 6.30
CA LYS A 49 14.47 -10.42 6.15
C LYS A 49 14.98 -11.05 4.86
N GLN A 50 14.68 -10.41 3.72
CA GLN A 50 15.07 -10.89 2.40
C GLN A 50 14.70 -12.36 2.20
N PRO A 51 13.45 -12.62 1.77
CA PRO A 51 12.97 -13.98 1.55
C PRO A 51 13.71 -14.71 0.43
N MET A 52 13.88 -14.03 -0.70
CA MET A 52 14.58 -14.63 -1.84
C MET A 52 15.77 -13.79 -2.27
N LEU A 53 16.17 -12.85 -1.40
CA LEU A 53 17.31 -11.97 -1.64
C LEU A 53 17.27 -11.36 -3.05
N ASP A 54 16.39 -10.37 -3.24
CA ASP A 54 16.25 -9.73 -4.54
C ASP A 54 15.80 -8.28 -4.36
N VAL A 55 16.45 -7.36 -5.05
CA VAL A 55 16.15 -5.93 -4.94
C VAL A 55 14.74 -5.58 -5.45
N PRO A 56 14.40 -5.83 -6.74
CA PRO A 56 13.07 -5.51 -7.27
C PRO A 56 11.97 -6.23 -6.49
N LYS A 57 12.28 -7.44 -6.05
CA LYS A 57 11.35 -8.26 -5.27
C LYS A 57 11.07 -7.61 -3.92
N LEU A 58 12.11 -7.02 -3.35
CA LEU A 58 12.00 -6.35 -2.05
C LEU A 58 11.09 -5.14 -2.16
N ALA A 59 11.17 -4.46 -3.30
CA ALA A 59 10.38 -3.27 -3.55
C ALA A 59 8.88 -3.60 -3.59
N VAL A 60 8.51 -4.56 -4.41
CA VAL A 60 7.10 -4.95 -4.54
C VAL A 60 6.59 -5.67 -3.28
N LEU A 61 7.51 -6.33 -2.57
CA LEU A 61 7.15 -7.07 -1.36
C LEU A 61 6.50 -6.16 -0.32
N THR A 62 6.90 -4.89 -0.31
CA THR A 62 6.35 -3.95 0.64
C THR A 62 4.92 -3.58 0.26
N ALA A 63 4.70 -3.35 -1.03
CA ALA A 63 3.39 -2.97 -1.55
C ALA A 63 2.31 -4.00 -1.20
N VAL A 64 2.63 -5.27 -1.40
CA VAL A 64 1.68 -6.35 -1.12
C VAL A 64 1.40 -6.51 0.36
N GLN A 65 2.35 -6.13 1.22
CA GLN A 65 2.14 -6.26 2.66
C GLN A 65 1.50 -5.02 3.25
N ILE A 66 1.78 -3.86 2.66
CA ILE A 66 1.19 -2.60 3.14
C ILE A 66 -0.31 -2.59 2.84
N ALA A 67 -0.67 -3.06 1.65
CA ALA A 67 -2.06 -3.10 1.23
C ALA A 67 -2.87 -4.11 2.03
N SER A 68 -2.24 -5.19 2.47
CA SER A 68 -2.95 -6.22 3.24
C SER A 68 -3.30 -5.73 4.65
N GLU A 69 -2.34 -5.11 5.32
CA GLU A 69 -2.58 -4.61 6.67
C GLU A 69 -3.49 -3.38 6.65
N TYR A 70 -3.63 -2.78 5.47
CA TYR A 70 -4.49 -1.61 5.31
C TYR A 70 -5.87 -2.01 4.79
N LEU A 71 -5.94 -3.13 4.08
CA LEU A 71 -7.20 -3.61 3.53
C LEU A 71 -8.15 -4.00 4.67
N LYS A 72 -7.59 -4.60 5.71
CA LYS A 72 -8.37 -5.01 6.87
C LYS A 72 -8.76 -3.79 7.71
N LEU A 73 -8.20 -2.65 7.38
CA LEU A 73 -8.48 -1.41 8.11
C LEU A 73 -9.64 -0.68 7.45
N LYS A 74 -9.61 -0.58 6.13
CA LYS A 74 -10.67 0.11 5.39
C LYS A 74 -12.00 -0.62 5.52
N GLU A 75 -11.94 -1.92 5.74
CA GLU A 75 -13.16 -2.72 5.90
C GLU A 75 -13.75 -2.51 7.30
N GLU A 76 -12.88 -2.15 8.25
CA GLU A 76 -13.32 -1.92 9.62
C GLU A 76 -14.34 -0.79 9.65
N TYR A 77 -14.23 0.09 8.67
CA TYR A 77 -15.13 1.21 8.50
C TYR A 77 -16.53 0.70 8.18
N GLN A 78 -16.61 -0.18 7.19
CA GLN A 78 -17.88 -0.76 6.77
C GLN A 78 -18.47 -1.66 7.85
N ARG A 79 -17.60 -2.40 8.53
CA ARG A 79 -18.01 -3.34 9.58
C ARG A 79 -18.97 -2.72 10.59
N LEU A 80 -18.65 -1.53 11.09
CA LEU A 80 -19.50 -0.89 12.08
C LEU A 80 -20.60 -0.05 11.41
N ARG A 81 -20.33 0.42 10.21
CA ARG A 81 -21.31 1.25 9.50
C ARG A 81 -22.51 0.42 9.04
N GLU A 82 -22.24 -0.81 8.59
CA GLU A 82 -23.30 -1.69 8.10
C GLU A 82 -24.20 -2.14 9.25
N GLN A 83 -23.65 -2.26 10.45
CA GLN A 83 -24.41 -2.68 11.60
C GLN A 83 -25.10 -1.49 12.25
N LEU A 84 -24.58 -0.30 12.01
CA LEU A 84 -25.15 0.92 12.58
C LEU A 84 -26.33 1.38 11.75
N LYS A 85 -26.30 1.07 10.47
CA LYS A 85 -27.38 1.45 9.56
C LYS A 85 -28.45 0.38 9.53
N LYS A 86 -29.55 0.65 8.85
CA LYS A 86 -30.63 -0.30 8.75
C LYS A 86 -30.98 -0.52 7.28
N GLY B 1 4.88 -37.26 18.38
CA GLY B 1 4.34 -36.85 19.70
C GLY B 1 3.44 -35.64 19.59
N SER B 2 2.19 -35.79 20.01
CA SER B 2 1.23 -34.70 19.95
C SER B 2 1.49 -33.68 21.05
N HIS B 3 1.38 -32.40 20.72
CA HIS B 3 1.59 -31.34 21.68
C HIS B 3 0.57 -30.24 21.47
N MET B 4 0.59 -29.23 22.33
CA MET B 4 -0.35 -28.12 22.23
C MET B 4 0.02 -27.20 21.08
N THR B 5 -0.93 -26.98 20.18
CA THR B 5 -0.72 -26.12 19.03
C THR B 5 -1.93 -25.25 18.76
N GLU B 6 -1.69 -23.97 18.57
CA GLU B 6 -2.75 -23.00 18.30
C GLU B 6 -2.68 -22.54 16.84
N GLN B 7 -3.37 -21.46 16.53
CA GLN B 7 -3.38 -20.91 15.18
C GLN B 7 -2.78 -19.51 15.17
N PRO B 8 -1.45 -19.41 14.97
CA PRO B 8 -0.75 -18.13 14.94
C PRO B 8 -0.78 -17.48 13.55
N LYS B 9 -0.05 -16.38 13.38
CA LYS B 9 0.01 -15.70 12.09
C LYS B 9 0.63 -16.62 11.04
N THR B 10 -0.18 -17.06 10.10
CA THR B 10 0.28 -17.95 9.05
C THR B 10 0.72 -17.14 7.83
N ARG B 11 1.55 -17.74 6.99
CA ARG B 11 2.03 -17.08 5.80
C ARG B 11 1.49 -17.77 4.56
N VAL B 12 1.37 -17.04 3.47
CA VAL B 12 0.84 -17.59 2.22
C VAL B 12 1.64 -17.06 1.02
N SER B 13 1.78 -17.89 -0.01
CA SER B 13 2.50 -17.49 -1.21
C SER B 13 1.54 -16.96 -2.27
N VAL B 14 1.76 -15.72 -2.68
CA VAL B 14 0.92 -15.09 -3.70
C VAL B 14 1.75 -14.70 -4.91
N ARG B 15 1.24 -14.94 -6.10
CA ARG B 15 1.94 -14.63 -7.33
C ARG B 15 1.61 -13.22 -7.82
N ILE B 16 2.63 -12.40 -7.99
CA ILE B 16 2.48 -11.04 -8.48
C ILE B 16 3.59 -10.72 -9.48
N TYR B 17 3.19 -10.23 -10.65
CA TYR B 17 4.12 -9.87 -11.73
C TYR B 17 4.87 -11.09 -12.24
N GLY B 18 4.33 -12.27 -11.98
CA GLY B 18 4.94 -13.51 -12.43
C GLY B 18 5.80 -14.16 -11.37
N GLN B 19 5.95 -13.52 -10.22
CA GLN B 19 6.76 -14.06 -9.14
C GLN B 19 5.92 -14.22 -7.87
N ASP B 20 6.12 -15.32 -7.15
CA ASP B 20 5.35 -15.57 -5.94
C ASP B 20 6.13 -15.16 -4.70
N TYR B 21 5.42 -14.52 -3.77
CA TYR B 21 6.02 -14.05 -2.52
C TYR B 21 5.27 -14.64 -1.32
N THR B 22 6.02 -15.20 -0.37
CA THR B 22 5.42 -15.78 0.82
C THR B 22 5.21 -14.72 1.90
N ILE B 23 4.10 -14.00 1.80
CA ILE B 23 3.77 -12.93 2.74
C ILE B 23 3.00 -13.47 3.93
N VAL B 24 2.69 -12.59 4.87
CA VAL B 24 1.96 -12.97 6.07
C VAL B 24 0.48 -12.62 5.96
N GLY B 25 -0.39 -13.61 6.16
CA GLY B 25 -1.82 -13.37 6.09
C GLY B 25 -2.52 -13.80 7.37
N ALA B 26 -2.41 -12.96 8.39
CA ALA B 26 -3.02 -13.26 9.69
C ALA B 26 -4.52 -12.97 9.72
N GLU B 27 -5.03 -12.34 8.68
CA GLU B 27 -6.45 -12.03 8.61
C GLU B 27 -7.23 -13.25 8.10
N SER B 28 -7.01 -13.59 6.84
CA SER B 28 -7.68 -14.72 6.22
C SER B 28 -7.13 -14.94 4.81
N PRO B 29 -7.00 -16.20 4.37
CA PRO B 29 -6.46 -16.53 3.04
C PRO B 29 -7.23 -15.87 1.89
N ALA B 30 -8.53 -15.67 2.06
CA ALA B 30 -9.33 -15.05 1.03
C ALA B 30 -9.21 -13.53 1.04
N HIS B 31 -8.68 -12.98 2.14
CA HIS B 31 -8.54 -11.54 2.27
C HIS B 31 -7.34 -11.00 1.51
N ILE B 32 -6.16 -11.56 1.76
CA ILE B 32 -4.95 -11.07 1.09
C ILE B 32 -4.94 -11.50 -0.37
N ARG B 33 -5.83 -12.43 -0.73
CA ARG B 33 -5.93 -12.90 -2.11
C ARG B 33 -6.42 -11.76 -3.01
N LEU B 34 -7.13 -10.81 -2.40
CA LEU B 34 -7.64 -9.66 -3.10
C LEU B 34 -6.49 -8.72 -3.44
N VAL B 35 -5.57 -8.60 -2.49
CA VAL B 35 -4.40 -7.74 -2.62
C VAL B 35 -3.49 -8.20 -3.75
N ALA B 36 -3.30 -9.52 -3.86
CA ALA B 36 -2.43 -10.10 -4.88
C ALA B 36 -2.78 -9.61 -6.27
N ALA B 37 -4.02 -9.85 -6.70
CA ALA B 37 -4.47 -9.43 -8.03
C ALA B 37 -4.53 -7.91 -8.14
N PHE B 38 -4.83 -7.26 -7.02
CA PHE B 38 -4.93 -5.80 -6.97
C PHE B 38 -3.58 -5.15 -7.28
N VAL B 39 -2.54 -5.60 -6.59
CA VAL B 39 -1.20 -5.06 -6.80
C VAL B 39 -0.69 -5.39 -8.19
N ASP B 40 -0.98 -6.60 -8.63
CA ASP B 40 -0.56 -7.07 -9.96
C ASP B 40 -1.09 -6.13 -11.04
N ASP B 41 -2.34 -5.68 -10.87
CA ASP B 41 -2.98 -4.77 -11.82
C ASP B 41 -2.34 -3.38 -11.76
N LYS B 42 -2.14 -2.89 -10.54
CA LYS B 42 -1.56 -1.57 -10.32
C LYS B 42 -0.18 -1.47 -10.97
N MET B 43 0.63 -2.52 -10.80
CA MET B 43 1.96 -2.53 -11.40
C MET B 43 1.86 -2.53 -12.92
N HIS B 44 0.81 -3.17 -13.44
CA HIS B 44 0.60 -3.25 -14.88
C HIS B 44 0.41 -1.85 -15.48
N GLU B 45 -0.51 -1.09 -14.90
CA GLU B 45 -0.79 0.26 -15.39
C GLU B 45 0.36 1.21 -15.08
N PHE B 46 1.07 0.96 -13.98
CA PHE B 46 2.20 1.81 -13.59
C PHE B 46 3.36 1.64 -14.55
N SER B 47 3.44 0.47 -15.18
CA SER B 47 4.49 0.19 -16.14
C SER B 47 4.26 0.97 -17.43
N GLU B 48 3.10 1.62 -17.52
CA GLU B 48 2.75 2.42 -18.68
C GLU B 48 3.32 3.83 -18.54
N LYS B 49 3.53 4.25 -17.29
CA LYS B 49 4.06 5.58 -17.01
C LYS B 49 5.50 5.69 -17.52
N GLN B 50 6.31 4.69 -17.19
CA GLN B 50 7.72 4.63 -17.61
C GLN B 50 8.49 5.91 -17.18
N PRO B 51 8.70 6.13 -15.87
CA PRO B 51 9.42 7.30 -15.40
C PRO B 51 10.93 7.18 -15.61
N MET B 52 11.53 6.14 -15.03
CA MET B 52 12.97 5.91 -15.17
C MET B 52 13.23 4.63 -15.95
N LEU B 53 12.15 3.98 -16.40
CA LEU B 53 12.25 2.73 -17.14
C LEU B 53 13.09 1.70 -16.39
N ASP B 54 12.78 1.56 -15.11
CA ASP B 54 13.49 0.63 -14.23
C ASP B 54 12.48 -0.24 -13.47
N VAL B 55 12.75 -1.54 -13.39
CA VAL B 55 11.85 -2.47 -12.72
C VAL B 55 11.78 -2.23 -11.20
N PRO B 56 12.91 -2.22 -10.46
CA PRO B 56 12.90 -1.97 -9.00
C PRO B 56 12.18 -0.67 -8.64
N LYS B 57 12.50 0.41 -9.35
CA LYS B 57 11.87 1.71 -9.10
C LYS B 57 10.37 1.67 -9.37
N LEU B 58 9.96 0.78 -10.27
CA LEU B 58 8.56 0.63 -10.63
C LEU B 58 7.81 -0.13 -9.54
N ALA B 59 8.41 -1.23 -9.09
CA ALA B 59 7.82 -2.07 -8.06
C ALA B 59 7.50 -1.28 -6.78
N VAL B 60 8.43 -0.44 -6.37
CA VAL B 60 8.24 0.37 -5.17
C VAL B 60 7.31 1.56 -5.44
N LEU B 61 7.24 1.97 -6.70
CA LEU B 61 6.39 3.10 -7.10
C LEU B 61 4.94 2.79 -6.78
N THR B 62 4.56 1.53 -6.95
CA THR B 62 3.20 1.09 -6.68
C THR B 62 2.87 1.22 -5.20
N ALA B 63 3.84 0.93 -4.35
CA ALA B 63 3.66 0.99 -2.90
C ALA B 63 3.34 2.40 -2.43
N VAL B 64 4.19 3.35 -2.80
CA VAL B 64 4.03 4.74 -2.39
C VAL B 64 2.72 5.34 -2.91
N GLN B 65 2.18 4.81 -4.01
CA GLN B 65 0.93 5.32 -4.55
C GLN B 65 -0.28 4.68 -3.87
N ILE B 66 -0.21 3.38 -3.63
CA ILE B 66 -1.29 2.66 -2.97
C ILE B 66 -1.47 3.17 -1.53
N ALA B 67 -0.35 3.38 -0.86
CA ALA B 67 -0.36 3.83 0.52
C ALA B 67 -0.90 5.26 0.65
N SER B 68 -0.70 6.09 -0.36
CA SER B 68 -1.17 7.47 -0.31
C SER B 68 -2.67 7.56 -0.56
N GLU B 69 -3.13 6.89 -1.62
CA GLU B 69 -4.55 6.89 -1.97
C GLU B 69 -5.38 6.19 -0.90
N TYR B 70 -4.75 5.35 -0.11
CA TYR B 70 -5.43 4.64 0.96
C TYR B 70 -5.30 5.38 2.30
N LEU B 71 -4.27 6.21 2.41
CA LEU B 71 -4.04 6.96 3.65
C LEU B 71 -5.19 7.93 3.92
N LYS B 72 -5.65 8.59 2.87
CA LYS B 72 -6.76 9.53 2.99
C LYS B 72 -8.05 8.80 3.37
N LEU B 73 -8.13 7.53 2.99
CA LEU B 73 -9.31 6.72 3.27
C LEU B 73 -9.35 6.30 4.74
N LYS B 74 -8.22 5.86 5.26
CA LYS B 74 -8.14 5.43 6.65
C LYS B 74 -8.26 6.63 7.59
N GLU B 75 -7.95 7.81 7.08
CA GLU B 75 -8.03 9.03 7.86
C GLU B 75 -9.48 9.49 7.93
N GLU B 76 -10.18 9.38 6.80
CA GLU B 76 -11.58 9.76 6.72
C GLU B 76 -12.38 8.95 7.73
N TYR B 77 -11.98 7.69 7.88
CA TYR B 77 -12.61 6.75 8.80
C TYR B 77 -12.71 7.35 10.21
N GLN B 78 -11.72 8.13 10.59
CA GLN B 78 -11.72 8.75 11.91
C GLN B 78 -12.35 10.14 11.86
N ARG B 79 -12.06 10.86 10.77
CA ARG B 79 -12.56 12.22 10.56
C ARG B 79 -14.09 12.31 10.66
N LEU B 80 -14.79 11.42 9.96
CA LEU B 80 -16.25 11.45 9.96
C LEU B 80 -16.84 10.92 11.26
N ARG B 81 -16.05 10.19 12.04
CA ARG B 81 -16.54 9.62 13.29
C ARG B 81 -16.26 10.53 14.48
N GLU B 82 -15.13 11.22 14.46
CA GLU B 82 -14.77 12.11 15.56
C GLU B 82 -15.77 13.26 15.68
N GLN B 83 -16.41 13.60 14.56
CA GLN B 83 -17.40 14.67 14.54
C GLN B 83 -18.70 14.21 15.19
N LEU B 84 -18.90 12.91 15.27
CA LEU B 84 -20.11 12.34 15.85
C LEU B 84 -20.03 12.31 17.37
N LYS B 85 -18.83 12.06 17.89
CA LYS B 85 -18.62 12.00 19.33
C LYS B 85 -18.13 13.33 19.85
N LYS B 86 -18.09 13.47 21.18
CA LYS B 86 -17.63 14.71 21.79
C LYS B 86 -16.14 14.61 22.11
N GLY A 1 5.55 31.81 -21.97
CA GLY A 1 4.13 31.58 -22.28
C GLY A 1 3.29 31.40 -21.03
N SER A 2 2.08 31.96 -21.04
CA SER A 2 1.19 31.87 -19.91
C SER A 2 0.67 30.44 -19.73
N HIS A 3 0.50 30.05 -18.48
CA HIS A 3 0.01 28.71 -18.16
C HIS A 3 -1.17 28.80 -17.20
N MET A 4 -2.22 29.46 -17.64
CA MET A 4 -3.40 29.63 -16.80
C MET A 4 -4.59 28.83 -17.34
N THR A 5 -4.48 27.52 -17.24
CA THR A 5 -5.54 26.63 -17.70
C THR A 5 -6.46 26.28 -16.54
N GLU A 6 -5.89 25.65 -15.52
CA GLU A 6 -6.61 25.24 -14.32
C GLU A 6 -5.62 24.64 -13.33
N GLN A 7 -6.10 24.15 -12.20
CA GLN A 7 -5.23 23.54 -11.21
C GLN A 7 -5.60 22.07 -11.00
N PRO A 8 -5.00 21.18 -11.81
CA PRO A 8 -5.26 19.75 -11.72
C PRO A 8 -4.34 19.07 -10.70
N LYS A 9 -4.41 17.74 -10.65
CA LYS A 9 -3.56 16.97 -9.74
C LYS A 9 -2.09 17.25 -10.01
N THR A 10 -1.34 17.53 -8.97
CA THR A 10 0.08 17.83 -9.13
C THR A 10 0.95 16.66 -8.70
N ARG A 11 2.22 16.71 -9.10
CA ARG A 11 3.16 15.66 -8.79
C ARG A 11 4.30 16.21 -7.92
N VAL A 12 4.54 15.56 -6.79
CA VAL A 12 5.59 15.98 -5.87
C VAL A 12 6.68 14.91 -5.82
N SER A 13 7.90 15.32 -5.49
CA SER A 13 9.02 14.39 -5.42
C SER A 13 9.43 14.13 -3.97
N VAL A 14 9.57 12.86 -3.62
CA VAL A 14 9.97 12.47 -2.28
C VAL A 14 11.18 11.54 -2.36
N ARG A 15 11.73 11.17 -1.20
CA ARG A 15 12.89 10.28 -1.16
C ARG A 15 12.55 8.95 -0.51
N ILE A 16 12.82 7.85 -1.23
CA ILE A 16 12.58 6.52 -0.71
C ILE A 16 13.79 5.63 -0.95
N TYR A 17 14.38 5.16 0.15
CA TYR A 17 15.56 4.29 0.13
C TYR A 17 16.73 4.91 -0.65
N GLY A 18 16.85 6.22 -0.57
CA GLY A 18 17.93 6.92 -1.25
C GLY A 18 17.57 7.40 -2.64
N GLN A 19 16.48 6.90 -3.19
CA GLN A 19 16.06 7.30 -4.52
C GLN A 19 14.88 8.27 -4.45
N ASP A 20 14.81 9.18 -5.40
CA ASP A 20 13.73 10.13 -5.46
C ASP A 20 12.59 9.58 -6.29
N TYR A 21 11.36 9.87 -5.88
CA TYR A 21 10.19 9.37 -6.59
C TYR A 21 9.12 10.46 -6.71
N THR A 22 8.48 10.52 -7.87
CA THR A 22 7.44 11.50 -8.12
C THR A 22 6.07 10.85 -8.01
N ILE A 23 5.20 11.41 -7.17
CA ILE A 23 3.86 10.87 -6.99
C ILE A 23 2.82 11.97 -7.11
N VAL A 24 1.59 11.58 -7.37
CA VAL A 24 0.49 12.52 -7.52
C VAL A 24 -0.19 12.76 -6.17
N GLY A 25 -0.02 13.96 -5.65
CA GLY A 25 -0.62 14.30 -4.37
C GLY A 25 -1.95 15.00 -4.53
N ALA A 26 -3.03 14.23 -4.57
CA ALA A 26 -4.36 14.80 -4.74
C ALA A 26 -5.09 14.95 -3.40
N GLU A 27 -4.43 14.58 -2.32
CA GLU A 27 -5.05 14.69 -1.00
C GLU A 27 -4.61 15.97 -0.29
N SER A 28 -3.33 16.04 0.07
CA SER A 28 -2.77 17.19 0.77
C SER A 28 -1.25 17.07 0.82
N PRO A 29 -0.53 18.20 0.70
CA PRO A 29 0.95 18.23 0.71
C PRO A 29 1.54 17.59 1.97
N ALA A 30 0.93 17.84 3.12
CA ALA A 30 1.43 17.29 4.37
C ALA A 30 0.94 15.86 4.61
N HIS A 31 0.19 15.31 3.66
CA HIS A 31 -0.33 13.95 3.81
C HIS A 31 0.46 12.95 2.98
N ILE A 32 0.90 13.33 1.79
CA ILE A 32 1.66 12.40 0.96
C ILE A 32 3.14 12.49 1.27
N ARG A 33 3.50 13.43 2.12
CA ARG A 33 4.90 13.60 2.51
C ARG A 33 5.29 12.52 3.53
N LEU A 34 4.34 12.16 4.39
CA LEU A 34 4.58 11.15 5.40
C LEU A 34 4.57 9.76 4.78
N VAL A 35 4.01 9.67 3.58
CA VAL A 35 3.92 8.41 2.85
C VAL A 35 5.31 7.85 2.58
N ALA A 36 6.20 8.73 2.17
CA ALA A 36 7.58 8.33 1.88
C ALA A 36 8.22 7.64 3.07
N ALA A 37 8.09 8.24 4.24
CA ALA A 37 8.66 7.70 5.47
C ALA A 37 8.04 6.36 5.83
N PHE A 38 6.74 6.23 5.57
CA PHE A 38 6.00 5.00 5.87
C PHE A 38 6.55 3.83 5.05
N VAL A 39 6.72 4.06 3.76
CA VAL A 39 7.22 3.03 2.85
C VAL A 39 8.71 2.78 3.05
N ASP A 40 9.47 3.87 3.22
CA ASP A 40 10.93 3.77 3.42
C ASP A 40 11.24 2.85 4.61
N ASP A 41 10.53 3.08 5.71
CA ASP A 41 10.72 2.29 6.92
C ASP A 41 10.36 0.83 6.69
N LYS A 42 9.23 0.60 6.04
CA LYS A 42 8.76 -0.75 5.78
C LYS A 42 9.74 -1.52 4.88
N MET A 43 10.20 -0.88 3.82
CA MET A 43 11.14 -1.52 2.90
C MET A 43 12.44 -1.86 3.60
N HIS A 44 12.94 -0.93 4.41
CA HIS A 44 14.19 -1.14 5.13
C HIS A 44 14.07 -2.23 6.19
N GLU A 45 12.92 -2.30 6.86
CA GLU A 45 12.72 -3.29 7.90
C GLU A 45 12.60 -4.70 7.33
N PHE A 46 12.07 -4.83 6.12
CA PHE A 46 11.91 -6.15 5.51
C PHE A 46 13.13 -6.53 4.68
N SER A 47 14.11 -5.64 4.62
CA SER A 47 15.33 -5.90 3.87
C SER A 47 16.11 -7.06 4.49
N GLU A 48 15.86 -7.32 5.77
CA GLU A 48 16.53 -8.40 6.49
C GLU A 48 15.96 -9.76 6.09
N LYS A 49 14.74 -9.76 5.57
CA LYS A 49 14.08 -10.99 5.16
C LYS A 49 14.76 -11.58 3.94
N GLN A 50 14.84 -10.77 2.88
CA GLN A 50 15.47 -11.20 1.63
C GLN A 50 14.83 -12.49 1.11
N PRO A 51 13.58 -12.41 0.59
CA PRO A 51 12.85 -13.58 0.09
C PRO A 51 13.49 -14.20 -1.14
N MET A 52 13.85 -13.37 -2.12
CA MET A 52 14.45 -13.86 -3.35
C MET A 52 15.84 -13.26 -3.57
N LEU A 53 16.36 -12.62 -2.52
CA LEU A 53 17.69 -11.99 -2.58
C LEU A 53 17.81 -11.08 -3.80
N ASP A 54 17.00 -10.03 -3.81
CA ASP A 54 16.98 -9.09 -4.92
C ASP A 54 16.17 -7.86 -4.55
N VAL A 55 16.59 -6.70 -5.04
CA VAL A 55 15.91 -5.44 -4.73
C VAL A 55 14.44 -5.41 -5.19
N PRO A 56 14.16 -5.64 -6.50
CA PRO A 56 12.77 -5.63 -7.00
C PRO A 56 11.86 -6.62 -6.28
N LYS A 57 12.45 -7.75 -5.87
CA LYS A 57 11.70 -8.79 -5.18
C LYS A 57 11.36 -8.35 -3.75
N LEU A 58 12.19 -7.49 -3.18
CA LEU A 58 11.97 -6.98 -1.84
C LEU A 58 10.94 -5.85 -1.87
N ALA A 59 11.10 -4.96 -2.83
CA ALA A 59 10.19 -3.83 -2.99
C ALA A 59 8.75 -4.27 -3.23
N VAL A 60 8.58 -5.23 -4.13
CA VAL A 60 7.25 -5.74 -4.45
C VAL A 60 6.64 -6.48 -3.25
N LEU A 61 7.50 -7.01 -2.39
CA LEU A 61 7.06 -7.73 -1.21
C LEU A 61 6.32 -6.78 -0.26
N THR A 62 6.94 -5.64 0.01
CA THR A 62 6.34 -4.66 0.88
C THR A 62 5.14 -3.99 0.23
N ALA A 63 5.14 -3.92 -1.10
CA ALA A 63 4.04 -3.29 -1.84
C ALA A 63 2.72 -4.00 -1.55
N VAL A 64 2.72 -5.32 -1.66
CA VAL A 64 1.51 -6.11 -1.41
C VAL A 64 1.16 -6.11 0.07
N GLN A 65 2.17 -5.98 0.92
CA GLN A 65 1.96 -5.94 2.35
C GLN A 65 1.28 -4.64 2.76
N ILE A 66 1.77 -3.52 2.24
CA ILE A 66 1.21 -2.22 2.53
C ILE A 66 -0.28 -2.18 2.22
N ALA A 67 -0.66 -2.73 1.08
CA ALA A 67 -2.05 -2.77 0.66
C ALA A 67 -2.88 -3.56 1.68
N SER A 68 -2.38 -4.73 2.05
CA SER A 68 -3.05 -5.59 3.01
C SER A 68 -3.16 -4.92 4.38
N GLU A 69 -2.12 -4.19 4.74
CA GLU A 69 -2.06 -3.47 6.02
C GLU A 69 -3.20 -2.46 6.14
N TYR A 70 -3.54 -1.82 5.02
CA TYR A 70 -4.61 -0.83 5.00
C TYR A 70 -5.97 -1.49 4.77
N LEU A 71 -5.98 -2.58 4.01
CA LEU A 71 -7.21 -3.30 3.73
C LEU A 71 -7.88 -3.79 5.01
N LYS A 72 -7.06 -4.18 5.99
CA LYS A 72 -7.57 -4.67 7.26
C LYS A 72 -8.11 -3.52 8.11
N LEU A 73 -7.76 -2.30 7.73
CA LEU A 73 -8.20 -1.11 8.47
C LEU A 73 -9.57 -0.66 7.99
N LYS A 74 -9.80 -0.71 6.68
CA LYS A 74 -11.08 -0.32 6.13
C LYS A 74 -12.13 -1.40 6.39
N GLU A 75 -11.65 -2.56 6.78
CA GLU A 75 -12.53 -3.68 7.08
C GLU A 75 -13.32 -3.42 8.37
N GLU A 76 -12.63 -2.89 9.37
CA GLU A 76 -13.28 -2.59 10.64
C GLU A 76 -14.17 -1.36 10.50
N TYR A 77 -13.90 -0.55 9.48
CA TYR A 77 -14.68 0.66 9.20
C TYR A 77 -16.14 0.29 8.98
N GLN A 78 -16.38 -0.62 8.05
CA GLN A 78 -17.74 -1.05 7.74
C GLN A 78 -18.30 -1.91 8.86
N ARG A 79 -17.41 -2.54 9.63
CA ARG A 79 -17.83 -3.41 10.73
C ARG A 79 -18.43 -2.59 11.87
N LEU A 80 -17.82 -1.46 12.20
CA LEU A 80 -18.33 -0.63 13.29
C LEU A 80 -19.58 0.10 12.83
N ARG A 81 -19.69 0.32 11.52
CA ARG A 81 -20.84 1.01 10.96
C ARG A 81 -22.06 0.12 10.95
N GLU A 82 -21.89 -1.15 10.56
CA GLU A 82 -23.00 -2.08 10.51
C GLU A 82 -23.47 -2.43 11.93
N GLN A 83 -22.59 -2.25 12.90
CA GLN A 83 -22.93 -2.51 14.30
C GLN A 83 -23.94 -1.50 14.80
N LEU A 84 -23.98 -0.33 14.15
CA LEU A 84 -24.92 0.72 14.52
C LEU A 84 -26.23 0.51 13.76
N LYS A 85 -26.20 -0.43 12.84
CA LYS A 85 -27.38 -0.75 12.05
C LYS A 85 -28.07 -1.99 12.59
N LYS A 86 -27.29 -3.02 12.89
CA LYS A 86 -27.83 -4.27 13.42
C LYS A 86 -26.91 -4.84 14.50
N GLY B 1 7.49 -35.75 14.48
CA GLY B 1 6.82 -35.31 15.72
C GLY B 1 5.60 -34.46 15.43
N SER B 2 4.58 -34.58 16.27
CA SER B 2 3.35 -33.83 16.09
C SER B 2 3.49 -32.42 16.64
N HIS B 3 2.89 -31.45 15.96
CA HIS B 3 2.96 -30.07 16.37
C HIS B 3 1.55 -29.53 16.63
N MET B 4 1.18 -29.43 17.90
CA MET B 4 -0.14 -28.93 18.28
C MET B 4 -0.05 -27.58 18.96
N THR B 5 0.93 -26.78 18.55
CA THR B 5 1.13 -25.46 19.11
C THR B 5 0.00 -24.52 18.70
N GLU B 6 -0.08 -23.36 19.36
CA GLU B 6 -1.10 -22.37 19.06
C GLU B 6 -1.02 -21.94 17.61
N GLN B 7 -2.16 -21.63 17.01
CA GLN B 7 -2.21 -21.20 15.63
C GLN B 7 -1.90 -19.71 15.51
N PRO B 8 -0.75 -19.36 14.94
CA PRO B 8 -0.33 -17.98 14.76
C PRO B 8 -0.74 -17.45 13.39
N LYS B 9 -0.33 -16.22 13.10
CA LYS B 9 -0.64 -15.61 11.81
C LYS B 9 0.08 -16.37 10.71
N THR B 10 -0.68 -17.05 9.86
CA THR B 10 -0.12 -17.85 8.77
C THR B 10 0.29 -17.00 7.59
N ARG B 11 1.05 -17.62 6.68
CA ARG B 11 1.52 -16.94 5.49
C ARG B 11 1.07 -17.70 4.24
N VAL B 12 0.80 -16.97 3.18
CA VAL B 12 0.35 -17.57 1.93
C VAL B 12 1.12 -17.01 0.74
N SER B 13 1.32 -17.82 -0.28
CA SER B 13 2.05 -17.39 -1.46
C SER B 13 1.07 -16.99 -2.57
N VAL B 14 1.24 -15.79 -3.11
CA VAL B 14 0.38 -15.31 -4.18
C VAL B 14 1.21 -14.90 -5.39
N ARG B 15 0.56 -14.77 -6.53
CA ARG B 15 1.24 -14.40 -7.76
C ARG B 15 1.16 -12.90 -8.01
N ILE B 16 2.32 -12.27 -8.24
CA ILE B 16 2.39 -10.85 -8.52
C ILE B 16 3.33 -10.59 -9.69
N TYR B 17 2.76 -10.14 -10.80
CA TYR B 17 3.50 -9.82 -12.03
C TYR B 17 4.15 -11.06 -12.65
N GLY B 18 3.75 -12.23 -12.21
CA GLY B 18 4.30 -13.46 -12.75
C GLY B 18 5.05 -14.29 -11.72
N GLN B 19 5.61 -13.64 -10.73
CA GLN B 19 6.35 -14.33 -9.68
C GLN B 19 5.46 -14.58 -8.47
N ASP B 20 5.84 -15.53 -7.64
CA ASP B 20 5.06 -15.85 -6.44
C ASP B 20 5.79 -15.34 -5.20
N TYR B 21 5.04 -14.72 -4.31
CA TYR B 21 5.61 -14.18 -3.08
C TYR B 21 4.77 -14.60 -1.88
N THR B 22 5.44 -14.91 -0.78
CA THR B 22 4.75 -15.34 0.44
C THR B 22 4.58 -14.18 1.42
N ILE B 23 3.35 -13.93 1.82
CA ILE B 23 3.05 -12.85 2.76
C ILE B 23 2.16 -13.35 3.88
N VAL B 24 2.10 -12.60 4.98
CA VAL B 24 1.29 -12.98 6.12
C VAL B 24 -0.18 -12.61 5.90
N GLY B 25 -1.05 -13.62 5.93
CA GLY B 25 -2.47 -13.38 5.75
C GLY B 25 -3.20 -13.34 7.07
N ALA B 26 -2.98 -12.27 7.83
CA ALA B 26 -3.60 -12.13 9.15
C ALA B 26 -5.03 -11.58 9.08
N GLU B 27 -5.46 -11.16 7.90
CA GLU B 27 -6.81 -10.62 7.76
C GLU B 27 -7.81 -11.73 7.47
N SER B 28 -7.66 -12.37 6.31
CA SER B 28 -8.54 -13.44 5.88
C SER B 28 -8.01 -14.06 4.59
N PRO B 29 -8.15 -15.39 4.44
CA PRO B 29 -7.67 -16.12 3.25
C PRO B 29 -8.25 -15.59 1.95
N ALA B 30 -9.52 -15.21 1.96
CA ALA B 30 -10.17 -14.71 0.75
C ALA B 30 -10.04 -13.19 0.64
N HIS B 31 -9.28 -12.58 1.53
CA HIS B 31 -9.10 -11.14 1.50
C HIS B 31 -7.72 -10.75 0.96
N ILE B 32 -6.68 -11.46 1.40
CA ILE B 32 -5.33 -11.15 0.93
C ILE B 32 -5.05 -11.83 -0.41
N ARG B 33 -5.96 -12.68 -0.84
CA ARG B 33 -5.81 -13.39 -2.09
C ARG B 33 -6.19 -12.50 -3.27
N LEU B 34 -7.03 -11.50 -3.01
CA LEU B 34 -7.45 -10.57 -4.06
C LEU B 34 -6.49 -9.41 -4.17
N VAL B 35 -5.66 -9.23 -3.13
CA VAL B 35 -4.68 -8.16 -3.09
C VAL B 35 -3.65 -8.32 -4.20
N ALA B 36 -3.32 -9.57 -4.49
CA ALA B 36 -2.36 -9.90 -5.54
C ALA B 36 -2.76 -9.27 -6.87
N ALA B 37 -4.03 -9.38 -7.21
CA ALA B 37 -4.55 -8.82 -8.46
C ALA B 37 -4.49 -7.30 -8.43
N PHE B 38 -4.71 -6.74 -7.25
CA PHE B 38 -4.68 -5.29 -7.05
C PHE B 38 -3.29 -4.74 -7.36
N VAL B 39 -2.26 -5.47 -6.93
CA VAL B 39 -0.88 -5.07 -7.15
C VAL B 39 -0.45 -5.38 -8.58
N ASP B 40 -0.77 -6.60 -9.03
CA ASP B 40 -0.43 -7.07 -10.38
C ASP B 40 -0.86 -6.05 -11.43
N ASP B 41 -2.11 -5.59 -11.31
CA ASP B 41 -2.67 -4.62 -12.24
C ASP B 41 -1.99 -3.26 -12.10
N LYS B 42 -1.84 -2.79 -10.87
CA LYS B 42 -1.23 -1.50 -10.60
C LYS B 42 0.21 -1.46 -11.12
N MET B 43 0.92 -2.57 -10.99
CA MET B 43 2.31 -2.65 -11.45
C MET B 43 2.38 -2.50 -12.96
N HIS B 44 1.50 -3.20 -13.66
CA HIS B 44 1.48 -3.16 -15.11
C HIS B 44 1.01 -1.80 -15.63
N GLU B 45 0.04 -1.21 -14.94
CA GLU B 45 -0.51 0.09 -15.35
C GLU B 45 0.53 1.20 -15.24
N PHE B 46 1.54 1.02 -14.39
CA PHE B 46 2.57 2.04 -14.21
C PHE B 46 3.85 1.69 -14.97
N SER B 47 3.86 0.54 -15.64
CA SER B 47 5.03 0.12 -16.41
C SER B 47 5.20 0.99 -17.66
N GLU B 48 4.12 1.67 -18.04
CA GLU B 48 4.14 2.53 -19.22
C GLU B 48 4.86 3.85 -18.94
N LYS B 49 4.99 4.19 -17.66
CA LYS B 49 5.64 5.44 -17.27
C LYS B 49 7.16 5.31 -17.32
N GLN B 50 7.68 4.37 -16.52
CA GLN B 50 9.11 4.10 -16.43
C GLN B 50 9.93 5.40 -16.31
N PRO B 51 9.78 6.15 -15.21
CA PRO B 51 10.51 7.42 -15.00
C PRO B 51 12.01 7.22 -14.87
N MET B 52 12.41 6.16 -14.17
CA MET B 52 13.82 5.89 -13.94
C MET B 52 14.33 4.75 -14.82
N LEU B 53 13.45 4.23 -15.68
CA LEU B 53 13.79 3.12 -16.59
C LEU B 53 14.55 2.00 -15.87
N ASP B 54 13.87 1.36 -14.93
CA ASP B 54 14.46 0.29 -14.14
C ASP B 54 13.36 -0.61 -13.57
N VAL B 55 13.71 -1.84 -13.19
CA VAL B 55 12.73 -2.78 -12.65
C VAL B 55 12.32 -2.47 -11.19
N PRO B 56 13.23 -2.60 -10.19
CA PRO B 56 12.90 -2.33 -8.78
C PRO B 56 12.16 -1.01 -8.54
N LYS B 57 12.53 0.04 -9.28
CA LYS B 57 11.90 1.34 -9.12
C LYS B 57 10.40 1.28 -9.42
N LEU B 58 9.96 0.23 -10.13
CA LEU B 58 8.55 0.08 -10.45
C LEU B 58 7.79 -0.38 -9.22
N ALA B 59 8.35 -1.36 -8.53
CA ALA B 59 7.74 -1.91 -7.32
C ALA B 59 7.66 -0.86 -6.22
N VAL B 60 8.64 0.03 -6.19
CA VAL B 60 8.65 1.10 -5.20
C VAL B 60 7.63 2.17 -5.58
N LEU B 61 7.53 2.42 -6.88
CA LEU B 61 6.61 3.41 -7.41
C LEU B 61 5.17 3.03 -7.08
N THR B 62 4.88 1.74 -7.08
CA THR B 62 3.55 1.27 -6.76
C THR B 62 3.30 1.32 -5.25
N ALA B 63 4.32 0.93 -4.49
CA ALA B 63 4.23 0.91 -3.03
C ALA B 63 3.90 2.29 -2.46
N VAL B 64 4.63 3.30 -2.90
CA VAL B 64 4.42 4.66 -2.41
C VAL B 64 3.04 5.20 -2.80
N GLN B 65 2.53 4.77 -3.94
CA GLN B 65 1.22 5.22 -4.39
C GLN B 65 0.09 4.46 -3.70
N ILE B 66 0.29 3.16 -3.53
CA ILE B 66 -0.70 2.30 -2.89
C ILE B 66 -1.08 2.82 -1.50
N ALA B 67 -0.09 3.23 -0.73
CA ALA B 67 -0.33 3.76 0.61
C ALA B 67 -1.23 4.98 0.55
N SER B 68 -0.94 5.87 -0.39
CA SER B 68 -1.72 7.09 -0.56
C SER B 68 -3.14 6.77 -1.01
N GLU B 69 -3.28 5.73 -1.82
CA GLU B 69 -4.58 5.30 -2.33
C GLU B 69 -5.53 4.90 -1.19
N TYR B 70 -4.97 4.37 -0.11
CA TYR B 70 -5.76 3.95 1.03
C TYR B 70 -5.84 5.03 2.11
N LEU B 71 -4.79 5.84 2.21
CA LEU B 71 -4.77 6.92 3.21
C LEU B 71 -5.87 7.93 2.93
N LYS B 72 -6.15 8.17 1.65
CA LYS B 72 -7.19 9.12 1.26
C LYS B 72 -8.59 8.54 1.54
N LEU B 73 -8.64 7.24 1.76
CA LEU B 73 -9.90 6.56 2.05
C LEU B 73 -10.22 6.63 3.54
N LYS B 74 -9.22 6.39 4.38
CA LYS B 74 -9.44 6.42 5.82
C LYS B 74 -9.64 7.87 6.30
N GLU B 75 -9.21 8.80 5.47
CA GLU B 75 -9.33 10.23 5.77
C GLU B 75 -10.80 10.64 5.82
N GLU B 76 -11.59 10.16 4.86
CA GLU B 76 -13.00 10.49 4.82
C GLU B 76 -13.75 9.74 5.92
N TYR B 77 -13.21 8.60 6.32
CA TYR B 77 -13.80 7.79 7.37
C TYR B 77 -13.87 8.58 8.68
N GLN B 78 -12.73 9.12 9.11
CA GLN B 78 -12.69 9.90 10.34
C GLN B 78 -13.36 11.26 10.15
N ARG B 79 -13.52 11.66 8.89
CA ARG B 79 -14.15 12.94 8.57
C ARG B 79 -15.66 12.87 8.76
N LEU B 80 -16.31 11.90 8.12
CA LEU B 80 -17.76 11.75 8.22
C LEU B 80 -18.16 11.41 9.66
N ARG B 81 -17.29 10.66 10.34
CA ARG B 81 -17.56 10.27 11.71
C ARG B 81 -17.51 11.49 12.63
N GLU B 82 -16.66 12.46 12.29
CA GLU B 82 -16.52 13.66 13.09
C GLU B 82 -17.66 14.63 12.77
N GLN B 83 -18.16 14.57 11.55
CA GLN B 83 -19.26 15.44 11.12
C GLN B 83 -20.56 15.03 11.79
N LEU B 84 -20.58 13.82 12.35
CA LEU B 84 -21.76 13.32 13.04
C LEU B 84 -21.78 13.76 14.50
N LYS B 85 -20.66 14.26 14.99
CA LYS B 85 -20.60 14.72 16.38
C LYS B 85 -20.58 16.24 16.46
N LYS B 86 -20.27 16.88 15.33
CA LYS B 86 -20.23 18.33 15.25
C LYS B 86 -20.33 18.79 13.80
N GLY A 1 -1.96 24.32 -23.30
CA GLY A 1 -2.53 25.70 -23.33
C GLY A 1 -3.67 25.84 -22.34
N SER A 2 -3.33 26.16 -21.10
CA SER A 2 -4.32 26.32 -20.05
C SER A 2 -3.81 27.29 -18.98
N HIS A 3 -4.71 27.79 -18.15
CA HIS A 3 -4.34 28.72 -17.10
C HIS A 3 -4.60 28.08 -15.74
N MET A 4 -3.67 28.28 -14.81
CA MET A 4 -3.81 27.73 -13.47
C MET A 4 -4.73 28.60 -12.61
N THR A 5 -6.02 28.51 -12.88
CA THR A 5 -7.02 29.29 -12.14
C THR A 5 -7.27 28.66 -10.76
N GLU A 6 -7.35 27.34 -10.72
CA GLU A 6 -7.60 26.64 -9.48
C GLU A 6 -6.44 25.70 -9.16
N GLN A 7 -6.58 24.95 -8.07
CA GLN A 7 -5.55 24.01 -7.66
C GLN A 7 -5.97 22.58 -8.01
N PRO A 8 -5.41 22.03 -9.09
CA PRO A 8 -5.72 20.67 -9.54
C PRO A 8 -4.87 19.63 -8.80
N LYS A 9 -4.97 18.37 -9.22
CA LYS A 9 -4.20 17.29 -8.61
C LYS A 9 -2.73 17.45 -8.98
N THR A 10 -2.00 18.17 -8.15
CA THR A 10 -0.60 18.43 -8.37
C THR A 10 0.25 17.19 -8.07
N ARG A 11 1.43 17.15 -8.66
CA ARG A 11 2.35 16.05 -8.46
C ARG A 11 3.41 16.43 -7.44
N VAL A 12 3.78 15.49 -6.60
CA VAL A 12 4.77 15.73 -5.57
C VAL A 12 5.99 14.84 -5.80
N SER A 13 7.16 15.38 -5.53
CA SER A 13 8.39 14.64 -5.70
C SER A 13 8.98 14.28 -4.34
N VAL A 14 8.79 13.02 -3.94
CA VAL A 14 9.29 12.56 -2.66
C VAL A 14 10.55 11.75 -2.84
N ARG A 15 11.20 11.39 -1.74
CA ARG A 15 12.41 10.61 -1.79
C ARG A 15 12.29 9.38 -0.89
N ILE A 16 12.42 8.20 -1.49
CA ILE A 16 12.33 6.95 -0.76
C ILE A 16 13.52 6.06 -1.12
N TYR A 17 14.19 5.53 -0.10
CA TYR A 17 15.35 4.65 -0.31
C TYR A 17 16.49 5.36 -1.02
N GLY A 18 16.55 6.68 -0.86
CA GLY A 18 17.60 7.46 -1.47
C GLY A 18 17.30 7.83 -2.92
N GLN A 19 16.11 7.50 -3.40
CA GLN A 19 15.74 7.81 -4.77
C GLN A 19 14.48 8.67 -4.77
N ASP A 20 14.38 9.55 -5.76
CA ASP A 20 13.22 10.43 -5.89
C ASP A 20 12.10 9.73 -6.65
N TYR A 21 10.87 10.04 -6.28
CA TYR A 21 9.70 9.45 -6.93
C TYR A 21 8.61 10.50 -7.11
N THR A 22 8.16 10.68 -8.35
CA THR A 22 7.12 11.65 -8.66
C THR A 22 5.75 10.97 -8.63
N ILE A 23 4.91 11.38 -7.70
CA ILE A 23 3.57 10.83 -7.57
C ILE A 23 2.54 11.94 -7.47
N VAL A 24 1.27 11.56 -7.39
CA VAL A 24 0.18 12.53 -7.31
C VAL A 24 -0.24 12.77 -5.87
N GLY A 25 -0.29 14.04 -5.47
CA GLY A 25 -0.68 14.38 -4.11
C GLY A 25 -1.84 15.36 -4.11
N ALA A 26 -3.05 14.84 -4.18
CA ALA A 26 -4.24 15.68 -4.21
C ALA A 26 -4.98 15.67 -2.87
N GLU A 27 -4.36 15.12 -1.84
CA GLU A 27 -4.98 15.08 -0.53
C GLU A 27 -4.41 16.17 0.38
N SER A 28 -3.29 15.91 1.05
CA SER A 28 -2.68 16.90 1.92
C SER A 28 -1.15 16.86 1.79
N PRO A 29 -0.54 18.02 1.48
CA PRO A 29 0.93 18.14 1.31
C PRO A 29 1.74 17.51 2.44
N ALA A 30 1.35 17.77 3.68
CA ALA A 30 2.07 17.24 4.83
C ALA A 30 1.83 15.74 4.98
N HIS A 31 0.61 15.30 4.66
CA HIS A 31 0.24 13.90 4.78
C HIS A 31 0.96 13.05 3.73
N ILE A 32 1.00 13.54 2.49
CA ILE A 32 1.66 12.82 1.40
C ILE A 32 3.17 12.76 1.62
N ARG A 33 3.67 13.69 2.43
CA ARG A 33 5.10 13.73 2.73
C ARG A 33 5.43 12.65 3.75
N LEU A 34 4.42 12.22 4.49
CA LEU A 34 4.57 11.19 5.51
C LEU A 34 4.54 9.79 4.88
N VAL A 35 3.85 9.69 3.74
CA VAL A 35 3.73 8.43 3.02
C VAL A 35 5.10 7.89 2.65
N ALA A 36 5.97 8.78 2.17
CA ALA A 36 7.32 8.41 1.77
C ALA A 36 8.08 7.76 2.93
N ALA A 37 7.95 8.34 4.11
CA ALA A 37 8.64 7.83 5.29
C ALA A 37 8.11 6.45 5.69
N PHE A 38 6.80 6.24 5.51
CA PHE A 38 6.17 4.98 5.85
C PHE A 38 6.70 3.85 4.97
N VAL A 39 6.80 4.13 3.67
CA VAL A 39 7.29 3.14 2.72
C VAL A 39 8.79 2.91 2.90
N ASP A 40 9.53 4.00 3.07
CA ASP A 40 10.97 3.94 3.28
C ASP A 40 11.31 3.07 4.47
N ASP A 41 10.48 3.17 5.51
CA ASP A 41 10.66 2.41 6.74
C ASP A 41 10.45 0.92 6.48
N LYS A 42 9.34 0.60 5.83
CA LYS A 42 8.99 -0.78 5.51
C LYS A 42 10.07 -1.43 4.64
N MET A 43 10.55 -0.69 3.66
CA MET A 43 11.58 -1.19 2.75
C MET A 43 12.94 -1.32 3.44
N HIS A 44 13.05 -0.79 4.65
CA HIS A 44 14.31 -0.85 5.38
C HIS A 44 14.34 -2.01 6.37
N GLU A 45 13.16 -2.53 6.72
CA GLU A 45 13.10 -3.63 7.68
C GLU A 45 12.97 -4.98 6.97
N PHE A 46 12.27 -5.01 5.84
CA PHE A 46 12.06 -6.26 5.10
C PHE A 46 13.25 -6.62 4.24
N SER A 47 14.14 -5.65 4.01
CA SER A 47 15.32 -5.88 3.20
C SER A 47 16.29 -6.83 3.91
N GLU A 48 16.18 -6.85 5.23
CA GLU A 48 17.05 -7.68 6.05
C GLU A 48 16.57 -9.13 6.04
N LYS A 49 15.36 -9.35 5.52
CA LYS A 49 14.78 -10.68 5.43
C LYS A 49 15.40 -11.47 4.29
N GLN A 50 15.74 -10.74 3.22
CA GLN A 50 16.35 -11.33 2.02
C GLN A 50 15.60 -12.56 1.54
N PRO A 51 14.38 -12.39 0.98
CA PRO A 51 13.58 -13.51 0.49
C PRO A 51 14.15 -14.08 -0.81
N MET A 52 14.08 -13.30 -1.87
CA MET A 52 14.58 -13.73 -3.18
C MET A 52 15.96 -13.13 -3.42
N LEU A 53 16.45 -12.37 -2.44
CA LEU A 53 17.76 -11.72 -2.51
C LEU A 53 17.84 -10.84 -3.75
N ASP A 54 16.76 -10.12 -4.03
CA ASP A 54 16.69 -9.24 -5.18
C ASP A 54 16.07 -7.92 -4.78
N VAL A 55 16.52 -6.84 -5.38
CA VAL A 55 16.05 -5.48 -5.06
C VAL A 55 14.56 -5.27 -5.42
N PRO A 56 14.16 -5.41 -6.71
CA PRO A 56 12.76 -5.19 -7.10
C PRO A 56 11.78 -6.13 -6.39
N LYS A 57 12.25 -7.33 -6.03
CA LYS A 57 11.41 -8.31 -5.35
C LYS A 57 11.16 -7.89 -3.91
N LEU A 58 12.01 -7.00 -3.41
CA LEU A 58 11.88 -6.51 -2.05
C LEU A 58 10.80 -5.42 -1.98
N ALA A 59 10.82 -4.53 -2.97
CA ALA A 59 9.87 -3.43 -3.03
C ALA A 59 8.43 -3.95 -3.14
N VAL A 60 8.23 -4.93 -4.02
CA VAL A 60 6.90 -5.50 -4.20
C VAL A 60 6.46 -6.28 -2.96
N LEU A 61 7.43 -6.81 -2.22
CA LEU A 61 7.14 -7.56 -1.00
C LEU A 61 6.52 -6.64 0.04
N THR A 62 7.10 -5.46 0.18
CA THR A 62 6.59 -4.49 1.14
C THR A 62 5.27 -3.90 0.65
N ALA A 63 5.14 -3.79 -0.66
CA ALA A 63 3.93 -3.25 -1.28
C ALA A 63 2.72 -4.11 -0.97
N VAL A 64 2.86 -5.42 -1.13
CA VAL A 64 1.78 -6.34 -0.88
C VAL A 64 1.43 -6.41 0.62
N GLN A 65 2.43 -6.17 1.46
CA GLN A 65 2.22 -6.20 2.91
C GLN A 65 1.46 -4.96 3.36
N ILE A 66 1.82 -3.82 2.78
CA ILE A 66 1.15 -2.56 3.09
C ILE A 66 -0.30 -2.61 2.64
N ALA A 67 -0.51 -3.16 1.45
CA ALA A 67 -1.84 -3.27 0.87
C ALA A 67 -2.75 -4.16 1.72
N SER A 68 -2.23 -5.27 2.21
CA SER A 68 -3.03 -6.19 3.02
C SER A 68 -3.36 -5.62 4.39
N GLU A 69 -2.35 -5.11 5.09
CA GLU A 69 -2.53 -4.54 6.43
C GLU A 69 -3.44 -3.31 6.41
N TYR A 70 -3.57 -2.68 5.25
CA TYR A 70 -4.43 -1.50 5.13
C TYR A 70 -5.82 -1.90 4.62
N LEU A 71 -5.87 -2.99 3.85
CA LEU A 71 -7.14 -3.48 3.31
C LEU A 71 -8.04 -3.99 4.43
N LYS A 72 -7.43 -4.53 5.47
CA LYS A 72 -8.18 -5.04 6.61
C LYS A 72 -8.69 -3.89 7.47
N LEU A 73 -8.04 -2.74 7.36
CA LEU A 73 -8.42 -1.56 8.11
C LEU A 73 -9.64 -0.90 7.48
N LYS A 74 -9.66 -0.88 6.16
CA LYS A 74 -10.79 -0.28 5.44
C LYS A 74 -12.03 -1.15 5.58
N GLU A 75 -11.81 -2.43 5.86
CA GLU A 75 -12.91 -3.37 6.06
C GLU A 75 -13.59 -3.07 7.38
N GLU A 76 -12.81 -2.58 8.33
CA GLU A 76 -13.33 -2.23 9.65
C GLU A 76 -14.26 -1.03 9.54
N TYR A 77 -14.00 -0.18 8.56
CA TYR A 77 -14.81 1.02 8.33
C TYR A 77 -16.25 0.64 8.03
N GLN A 78 -16.45 -0.21 7.03
CA GLN A 78 -17.79 -0.63 6.64
C GLN A 78 -18.39 -1.56 7.70
N ARG A 79 -17.52 -2.13 8.53
CA ARG A 79 -17.97 -3.04 9.57
C ARG A 79 -18.63 -2.27 10.69
N LEU A 80 -17.95 -1.25 11.17
CA LEU A 80 -18.46 -0.40 12.24
C LEU A 80 -19.82 0.20 11.87
N ARG A 81 -19.96 0.59 10.61
CA ARG A 81 -21.19 1.20 10.13
C ARG A 81 -22.33 0.18 10.07
N GLU A 82 -22.02 -1.04 9.64
CA GLU A 82 -23.05 -2.06 9.52
C GLU A 82 -23.45 -2.61 10.89
N GLN A 83 -22.50 -2.60 11.83
CA GLN A 83 -22.74 -3.11 13.19
C GLN A 83 -23.66 -2.19 13.98
N LEU A 84 -23.81 -0.96 13.51
CA LEU A 84 -24.64 0.02 14.21
C LEU A 84 -26.07 0.01 13.69
N LYS A 85 -26.29 -0.55 12.52
CA LYS A 85 -27.62 -0.58 11.94
C LYS A 85 -28.20 -2.00 11.99
N LYS A 86 -29.50 -2.09 11.79
CA LYS A 86 -30.19 -3.37 11.79
C LYS A 86 -30.64 -3.72 10.38
N GLY B 1 9.16 -27.52 18.89
CA GLY B 1 7.94 -26.82 18.41
C GLY B 1 6.70 -27.26 19.16
N SER B 2 5.80 -26.33 19.40
CA SER B 2 4.57 -26.63 20.12
C SER B 2 3.51 -27.18 19.17
N HIS B 3 2.40 -27.63 19.74
CA HIS B 3 1.30 -28.17 18.95
C HIS B 3 0.30 -27.06 18.62
N MET B 4 -0.05 -26.96 17.34
CA MET B 4 -0.99 -25.94 16.90
C MET B 4 -2.42 -26.41 17.16
N THR B 5 -3.14 -25.65 17.96
CA THR B 5 -4.52 -25.96 18.29
C THR B 5 -5.39 -24.73 18.07
N GLU B 6 -4.91 -23.85 17.19
CA GLU B 6 -5.62 -22.61 16.88
C GLU B 6 -5.25 -22.15 15.48
N GLN B 7 -5.92 -21.11 15.01
CA GLN B 7 -5.64 -20.55 13.69
C GLN B 7 -5.04 -19.15 13.84
N PRO B 8 -3.70 -19.07 13.95
CA PRO B 8 -3.00 -17.81 14.08
C PRO B 8 -2.68 -17.20 12.73
N LYS B 9 -1.84 -16.16 12.73
CA LYS B 9 -1.42 -15.51 11.49
C LYS B 9 -0.66 -16.49 10.60
N THR B 10 -1.41 -17.16 9.73
CA THR B 10 -0.83 -18.14 8.83
C THR B 10 -0.09 -17.47 7.66
N ARG B 11 0.71 -18.26 6.96
CA ARG B 11 1.46 -17.74 5.82
C ARG B 11 0.75 -18.13 4.53
N VAL B 12 0.61 -17.17 3.63
CA VAL B 12 -0.06 -17.41 2.37
C VAL B 12 0.84 -17.08 1.18
N SER B 13 0.69 -17.85 0.11
CA SER B 13 1.46 -17.64 -1.10
C SER B 13 0.70 -16.73 -2.07
N VAL B 14 1.33 -15.65 -2.49
CA VAL B 14 0.71 -14.70 -3.39
C VAL B 14 1.59 -14.48 -4.62
N ARG B 15 1.07 -14.80 -5.79
CA ARG B 15 1.82 -14.64 -7.03
C ARG B 15 1.53 -13.30 -7.68
N ILE B 16 2.55 -12.45 -7.73
CA ILE B 16 2.44 -11.14 -8.34
C ILE B 16 3.44 -11.02 -9.48
N TYR B 17 2.94 -10.69 -10.67
CA TYR B 17 3.76 -10.55 -11.87
C TYR B 17 4.48 -11.86 -12.21
N GLY B 18 3.91 -12.97 -11.75
CA GLY B 18 4.49 -14.27 -12.03
C GLY B 18 5.31 -14.82 -10.87
N GLN B 19 5.75 -13.95 -9.97
CA GLN B 19 6.56 -14.39 -8.84
C GLN B 19 5.69 -14.62 -7.60
N ASP B 20 5.81 -15.81 -7.01
CA ASP B 20 5.03 -16.15 -5.83
C ASP B 20 5.81 -15.83 -4.56
N TYR B 21 5.18 -15.12 -3.65
CA TYR B 21 5.81 -14.75 -2.39
C TYR B 21 5.01 -15.27 -1.21
N THR B 22 5.70 -15.62 -0.14
CA THR B 22 5.05 -16.12 1.07
C THR B 22 4.93 -15.00 2.09
N ILE B 23 3.72 -14.48 2.26
CA ILE B 23 3.49 -13.40 3.21
C ILE B 23 2.57 -13.86 4.34
N VAL B 24 2.27 -12.96 5.25
CA VAL B 24 1.41 -13.27 6.38
C VAL B 24 -0.05 -13.00 6.01
N GLY B 25 -0.87 -14.03 6.07
CA GLY B 25 -2.27 -13.88 5.75
C GLY B 25 -3.12 -13.73 7.00
N ALA B 26 -2.87 -12.67 7.74
CA ALA B 26 -3.60 -12.40 8.96
C ALA B 26 -4.92 -11.69 8.66
N GLU B 27 -5.81 -12.39 7.95
CA GLU B 27 -7.11 -11.88 7.58
C GLU B 27 -7.91 -12.97 6.87
N SER B 28 -9.02 -12.59 6.25
CA SER B 28 -9.85 -13.54 5.52
C SER B 28 -9.12 -14.05 4.27
N PRO B 29 -9.14 -15.37 4.04
CA PRO B 29 -8.49 -16.00 2.87
C PRO B 29 -8.83 -15.30 1.56
N ALA B 30 -10.10 -14.96 1.38
CA ALA B 30 -10.54 -14.29 0.16
C ALA B 30 -10.04 -12.85 0.09
N HIS B 31 -9.91 -12.23 1.25
CA HIS B 31 -9.46 -10.85 1.34
C HIS B 31 -7.97 -10.75 0.98
N ILE B 32 -7.18 -11.69 1.50
CA ILE B 32 -5.74 -11.73 1.23
C ILE B 32 -5.43 -12.30 -0.15
N ARG B 33 -6.45 -12.80 -0.82
CA ARG B 33 -6.28 -13.37 -2.15
C ARG B 33 -6.36 -12.28 -3.20
N LEU B 34 -7.28 -11.33 -2.99
CA LEU B 34 -7.47 -10.23 -3.94
C LEU B 34 -6.32 -9.22 -3.84
N VAL B 35 -5.60 -9.25 -2.72
CA VAL B 35 -4.47 -8.34 -2.52
C VAL B 35 -3.45 -8.52 -3.62
N ALA B 36 -3.16 -9.78 -3.93
CA ALA B 36 -2.20 -10.13 -4.97
C ALA B 36 -2.62 -9.56 -6.32
N ALA B 37 -3.90 -9.70 -6.64
CA ALA B 37 -4.45 -9.22 -7.89
C ALA B 37 -4.44 -7.70 -7.96
N PHE B 38 -4.67 -7.06 -6.81
CA PHE B 38 -4.68 -5.60 -6.73
C PHE B 38 -3.29 -5.04 -7.00
N VAL B 39 -2.28 -5.62 -6.37
CA VAL B 39 -0.90 -5.16 -6.54
C VAL B 39 -0.44 -5.41 -7.97
N ASP B 40 -0.78 -6.58 -8.50
CA ASP B 40 -0.41 -6.95 -9.86
C ASP B 40 -0.96 -5.95 -10.86
N ASP B 41 -2.20 -5.52 -10.63
CA ASP B 41 -2.87 -4.55 -11.51
C ASP B 41 -2.11 -3.22 -11.54
N LYS B 42 -1.75 -2.73 -10.37
CA LYS B 42 -1.04 -1.46 -10.24
C LYS B 42 0.29 -1.46 -10.99
N MET B 43 1.07 -2.52 -10.82
CA MET B 43 2.37 -2.60 -11.49
C MET B 43 2.23 -3.05 -12.93
N HIS B 44 1.00 -3.28 -13.37
CA HIS B 44 0.75 -3.70 -14.74
C HIS B 44 0.40 -2.51 -15.62
N GLU B 45 0.04 -1.39 -14.98
CA GLU B 45 -0.32 -0.19 -15.72
C GLU B 45 0.78 0.87 -15.67
N PHE B 46 1.50 0.95 -14.55
CA PHE B 46 2.56 1.94 -14.39
C PHE B 46 3.82 1.55 -15.16
N SER B 47 3.86 0.31 -15.62
CA SER B 47 5.01 -0.19 -16.38
C SER B 47 5.12 0.50 -17.74
N GLU B 48 4.02 1.13 -18.17
CA GLU B 48 3.99 1.81 -19.44
C GLU B 48 4.62 3.20 -19.36
N LYS B 49 4.79 3.70 -18.15
CA LYS B 49 5.37 5.02 -17.95
C LYS B 49 6.89 4.97 -18.05
N GLN B 50 7.48 3.95 -17.43
CA GLN B 50 8.94 3.75 -17.43
C GLN B 50 9.68 5.00 -16.93
N PRO B 51 9.84 5.13 -15.60
CA PRO B 51 10.53 6.28 -15.02
C PRO B 51 12.01 6.27 -15.34
N MET B 52 12.70 5.26 -14.83
CA MET B 52 14.13 5.10 -15.06
C MET B 52 14.39 3.88 -15.93
N LEU B 53 13.30 3.26 -16.38
CA LEU B 53 13.36 2.05 -17.22
C LEU B 53 13.94 0.90 -16.43
N ASP B 54 13.72 0.92 -15.12
CA ASP B 54 14.21 -0.11 -14.23
C ASP B 54 13.04 -0.77 -13.51
N VAL B 55 13.30 -1.94 -12.94
CA VAL B 55 12.27 -2.69 -12.21
C VAL B 55 12.05 -2.15 -10.78
N PRO B 56 13.12 -1.93 -9.97
CA PRO B 56 12.97 -1.43 -8.59
C PRO B 56 12.10 -0.18 -8.47
N LYS B 57 12.42 0.86 -9.26
CA LYS B 57 11.66 2.10 -9.22
C LYS B 57 10.19 1.87 -9.53
N LEU B 58 9.93 1.01 -10.50
CA LEU B 58 8.57 0.70 -10.91
C LEU B 58 7.81 0.00 -9.79
N ALA B 59 8.47 -0.95 -9.14
CA ALA B 59 7.87 -1.71 -8.05
C ALA B 59 7.49 -0.81 -6.88
N VAL B 60 8.45 -0.03 -6.39
CA VAL B 60 8.21 0.86 -5.25
C VAL B 60 7.26 2.00 -5.61
N LEU B 61 7.22 2.39 -6.89
CA LEU B 61 6.34 3.46 -7.35
C LEU B 61 4.89 3.13 -7.03
N THR B 62 4.53 1.87 -7.22
CA THR B 62 3.16 1.43 -6.94
C THR B 62 2.92 1.33 -5.44
N ALA B 63 3.96 0.89 -4.71
CA ALA B 63 3.88 0.74 -3.27
C ALA B 63 3.51 2.05 -2.58
N VAL B 64 4.21 3.12 -2.96
CA VAL B 64 3.96 4.42 -2.37
C VAL B 64 2.58 4.96 -2.76
N GLN B 65 2.15 4.66 -3.99
CA GLN B 65 0.84 5.11 -4.46
C GLN B 65 -0.26 4.41 -3.68
N ILE B 66 -0.11 3.09 -3.54
CA ILE B 66 -1.06 2.27 -2.82
C ILE B 66 -1.19 2.74 -1.37
N ALA B 67 -0.06 3.02 -0.75
CA ALA B 67 -0.03 3.49 0.63
C ALA B 67 -0.79 4.81 0.76
N SER B 68 -0.59 5.70 -0.19
CA SER B 68 -1.25 7.00 -0.19
C SER B 68 -2.76 6.84 -0.32
N GLU B 69 -3.19 6.01 -1.27
CA GLU B 69 -4.60 5.78 -1.53
C GLU B 69 -5.32 5.21 -0.28
N TYR B 70 -4.63 4.39 0.50
CA TYR B 70 -5.23 3.81 1.68
C TYR B 70 -5.16 4.76 2.88
N LEU B 71 -4.10 5.56 2.94
CA LEU B 71 -3.93 6.50 4.03
C LEU B 71 -5.00 7.59 3.97
N LYS B 72 -5.39 7.97 2.76
CA LYS B 72 -6.43 8.97 2.57
C LYS B 72 -7.80 8.37 2.90
N LEU B 73 -7.88 7.05 2.80
CA LEU B 73 -9.13 6.35 3.08
C LEU B 73 -9.39 6.33 4.58
N LYS B 74 -8.39 5.96 5.36
CA LYS B 74 -8.55 5.92 6.81
C LYS B 74 -8.70 7.33 7.37
N GLU B 75 -8.30 8.32 6.58
CA GLU B 75 -8.41 9.71 6.99
C GLU B 75 -9.88 10.10 7.11
N GLU B 76 -10.66 9.78 6.08
CA GLU B 76 -12.08 10.11 6.07
C GLU B 76 -12.80 9.35 7.19
N TYR B 77 -12.27 8.18 7.52
CA TYR B 77 -12.84 7.35 8.58
C TYR B 77 -12.86 8.10 9.90
N GLN B 78 -11.76 8.77 10.20
CA GLN B 78 -11.64 9.54 11.43
C GLN B 78 -12.36 10.87 11.30
N ARG B 79 -12.30 11.46 10.11
CA ARG B 79 -12.91 12.76 9.84
C ARG B 79 -14.43 12.74 9.99
N LEU B 80 -15.09 11.74 9.40
CA LEU B 80 -16.54 11.66 9.47
C LEU B 80 -17.00 11.26 10.88
N ARG B 81 -16.13 10.58 11.63
CA ARG B 81 -16.48 10.16 12.97
C ARG B 81 -16.38 11.32 13.96
N GLU B 82 -15.31 12.09 13.84
CA GLU B 82 -15.10 13.25 14.73
C GLU B 82 -16.08 14.37 14.41
N GLN B 83 -16.76 14.24 13.28
CA GLN B 83 -17.73 15.24 12.87
C GLN B 83 -19.06 15.02 13.60
N LEU B 84 -19.21 13.86 14.21
CA LEU B 84 -20.44 13.53 14.93
C LEU B 84 -20.42 14.10 16.35
N LYS B 85 -19.22 14.36 16.87
CA LYS B 85 -19.10 14.91 18.20
C LYS B 85 -19.05 16.43 18.14
N LYS B 86 -19.12 17.08 19.29
CA LYS B 86 -19.07 18.53 19.34
C LYS B 86 -17.79 18.98 20.03
N GLY A 1 2.23 27.47 -27.31
CA GLY A 1 2.17 26.93 -25.92
C GLY A 1 1.49 27.90 -24.97
N SER A 2 0.45 27.44 -24.30
CA SER A 2 -0.29 28.29 -23.37
C SER A 2 -0.55 27.54 -22.06
N HIS A 3 -1.05 28.26 -21.07
CA HIS A 3 -1.37 27.67 -19.77
C HIS A 3 -2.85 27.36 -19.68
N MET A 4 -3.22 26.53 -18.73
CA MET A 4 -4.62 26.15 -18.53
C MET A 4 -5.17 26.75 -17.24
N THR A 5 -6.34 27.35 -17.32
CA THR A 5 -6.95 27.98 -16.15
C THR A 5 -7.65 26.94 -15.27
N GLU A 6 -6.88 26.08 -14.63
CA GLU A 6 -7.44 25.06 -13.75
C GLU A 6 -6.37 24.56 -12.79
N GLN A 7 -6.80 23.78 -11.81
CA GLN A 7 -5.88 23.21 -10.84
C GLN A 7 -6.17 21.72 -10.69
N PRO A 8 -5.58 20.91 -11.56
CA PRO A 8 -5.77 19.46 -11.54
C PRO A 8 -4.83 18.75 -10.58
N LYS A 9 -4.92 17.42 -10.57
CA LYS A 9 -4.07 16.61 -9.71
C LYS A 9 -2.59 16.91 -9.96
N THR A 10 -1.93 17.43 -8.93
CA THR A 10 -0.52 17.79 -9.03
C THR A 10 0.38 16.58 -8.74
N ARG A 11 1.59 16.61 -9.27
CA ARG A 11 2.55 15.53 -9.08
C ARG A 11 3.67 16.00 -8.16
N VAL A 12 4.01 15.16 -7.19
CA VAL A 12 5.05 15.49 -6.24
C VAL A 12 6.21 14.51 -6.32
N SER A 13 7.42 15.03 -6.22
CA SER A 13 8.61 14.20 -6.27
C SER A 13 9.18 14.06 -4.86
N VAL A 14 9.43 12.82 -4.45
CA VAL A 14 9.98 12.55 -3.13
C VAL A 14 11.06 11.48 -3.19
N ARG A 15 11.93 11.46 -2.19
CA ARG A 15 13.01 10.49 -2.15
C ARG A 15 12.66 9.32 -1.23
N ILE A 16 12.67 8.11 -1.81
CA ILE A 16 12.36 6.91 -1.06
C ILE A 16 13.54 5.94 -1.17
N TYR A 17 14.14 5.62 -0.02
CA TYR A 17 15.28 4.71 0.05
C TYR A 17 16.47 5.23 -0.75
N GLY A 18 16.52 6.55 -0.97
CA GLY A 18 17.60 7.15 -1.71
C GLY A 18 17.24 7.57 -3.13
N GLN A 19 16.29 6.89 -3.74
CA GLN A 19 15.89 7.20 -5.11
C GLN A 19 14.72 8.20 -5.15
N ASP A 20 14.68 9.01 -6.20
CA ASP A 20 13.64 10.01 -6.37
C ASP A 20 12.46 9.44 -7.16
N TYR A 21 11.26 9.63 -6.64
CA TYR A 21 10.05 9.13 -7.29
C TYR A 21 8.98 10.21 -7.35
N THR A 22 8.28 10.27 -8.47
CA THR A 22 7.22 11.26 -8.66
C THR A 22 5.86 10.58 -8.81
N ILE A 23 4.90 10.99 -7.96
CA ILE A 23 3.56 10.43 -8.00
C ILE A 23 2.51 11.54 -7.90
N VAL A 24 1.25 11.17 -7.97
CA VAL A 24 0.16 12.14 -7.87
C VAL A 24 -0.12 12.47 -6.41
N GLY A 25 0.00 13.73 -6.04
CA GLY A 25 -0.23 14.13 -4.68
C GLY A 25 -1.43 15.05 -4.52
N ALA A 26 -2.59 14.59 -4.98
CA ALA A 26 -3.81 15.37 -4.89
C ALA A 26 -4.49 15.16 -3.54
N GLU A 27 -3.76 15.43 -2.47
CA GLU A 27 -4.28 15.27 -1.13
C GLU A 27 -3.86 16.45 -0.24
N SER A 28 -2.67 16.38 0.34
CA SER A 28 -2.18 17.43 1.23
C SER A 28 -0.66 17.38 1.28
N PRO A 29 0.02 18.54 1.36
CA PRO A 29 1.48 18.63 1.40
C PRO A 29 2.12 17.74 2.46
N ALA A 30 1.54 17.73 3.66
CA ALA A 30 2.08 16.91 4.75
C ALA A 30 1.84 15.43 4.50
N HIS A 31 0.67 15.09 3.99
CA HIS A 31 0.32 13.69 3.72
C HIS A 31 1.21 13.09 2.64
N ILE A 32 1.38 13.82 1.53
CA ILE A 32 2.19 13.34 0.42
C ILE A 32 3.68 13.34 0.75
N ARG A 33 4.04 13.94 1.87
CA ARG A 33 5.43 13.98 2.29
C ARG A 33 5.69 12.86 3.30
N LEU A 34 4.64 12.42 3.95
CA LEU A 34 4.74 11.35 4.93
C LEU A 34 4.71 9.98 4.27
N VAL A 35 4.01 9.89 3.14
CA VAL A 35 3.90 8.63 2.39
C VAL A 35 5.27 8.09 1.99
N ALA A 36 6.18 9.01 1.66
CA ALA A 36 7.52 8.62 1.26
C ALA A 36 8.32 8.07 2.43
N ALA A 37 8.04 8.61 3.61
CA ALA A 37 8.73 8.17 4.82
C ALA A 37 8.15 6.86 5.33
N PHE A 38 6.86 6.65 5.07
CA PHE A 38 6.19 5.43 5.51
C PHE A 38 6.75 4.23 4.77
N VAL A 39 6.86 4.33 3.45
CA VAL A 39 7.39 3.23 2.65
C VAL A 39 8.88 3.06 2.93
N ASP A 40 9.55 4.18 3.15
CA ASP A 40 10.99 4.19 3.44
C ASP A 40 11.28 3.33 4.67
N ASP A 41 10.32 3.28 5.59
CA ASP A 41 10.44 2.49 6.81
C ASP A 41 10.10 1.02 6.53
N LYS A 42 8.99 0.81 5.82
CA LYS A 42 8.54 -0.54 5.48
C LYS A 42 9.60 -1.32 4.70
N MET A 43 10.21 -0.66 3.72
CA MET A 43 11.23 -1.31 2.91
C MET A 43 12.58 -1.34 3.64
N HIS A 44 12.61 -0.74 4.82
CA HIS A 44 13.82 -0.71 5.63
C HIS A 44 13.84 -1.91 6.58
N GLU A 45 12.66 -2.39 6.93
CA GLU A 45 12.53 -3.52 7.83
C GLU A 45 12.44 -4.83 7.05
N PHE A 46 12.02 -4.73 5.79
CA PHE A 46 11.88 -5.92 4.95
C PHE A 46 13.22 -6.36 4.39
N SER A 47 14.18 -5.44 4.32
CA SER A 47 15.51 -5.76 3.85
C SER A 47 16.23 -6.67 4.85
N GLU A 48 15.61 -6.82 6.01
CA GLU A 48 16.13 -7.67 7.06
C GLU A 48 15.64 -9.10 6.88
N LYS A 49 14.55 -9.25 6.12
CA LYS A 49 13.98 -10.55 5.85
C LYS A 49 14.81 -11.31 4.82
N GLN A 50 15.10 -10.64 3.71
CA GLN A 50 15.89 -11.21 2.61
C GLN A 50 15.26 -12.51 2.09
N PRO A 51 14.04 -12.44 1.52
CA PRO A 51 13.36 -13.63 1.01
C PRO A 51 14.03 -14.20 -0.26
N MET A 52 14.31 -13.32 -1.22
CA MET A 52 14.93 -13.76 -2.47
C MET A 52 16.25 -13.02 -2.73
N LEU A 53 16.67 -12.18 -1.78
CA LEU A 53 17.91 -11.40 -1.93
C LEU A 53 17.85 -10.56 -3.21
N ASP A 54 16.65 -10.08 -3.52
CA ASP A 54 16.43 -9.28 -4.71
C ASP A 54 15.70 -7.98 -4.34
N VAL A 55 16.20 -6.86 -4.84
CA VAL A 55 15.60 -5.55 -4.55
C VAL A 55 14.21 -5.40 -5.20
N PRO A 56 14.05 -5.64 -6.52
CA PRO A 56 12.74 -5.52 -7.18
C PRO A 56 11.64 -6.31 -6.46
N LYS A 57 11.96 -7.55 -6.10
CA LYS A 57 11.02 -8.42 -5.40
C LYS A 57 10.67 -7.85 -4.03
N LEU A 58 11.65 -7.24 -3.38
CA LEU A 58 11.46 -6.65 -2.06
C LEU A 58 10.47 -5.49 -2.14
N ALA A 59 10.50 -4.77 -3.25
CA ALA A 59 9.61 -3.64 -3.46
C ALA A 59 8.17 -4.11 -3.71
N VAL A 60 8.02 -5.34 -4.16
CA VAL A 60 6.69 -5.90 -4.39
C VAL A 60 6.18 -6.53 -3.11
N LEU A 61 7.10 -7.15 -2.37
CA LEU A 61 6.78 -7.80 -1.11
C LEU A 61 6.22 -6.78 -0.12
N THR A 62 6.76 -5.57 -0.18
CA THR A 62 6.31 -4.50 0.69
C THR A 62 4.92 -4.04 0.28
N ALA A 63 4.76 -3.81 -1.02
CA ALA A 63 3.50 -3.36 -1.60
C ALA A 63 2.34 -4.28 -1.25
N VAL A 64 2.55 -5.58 -1.41
CA VAL A 64 1.49 -6.56 -1.12
C VAL A 64 1.12 -6.60 0.36
N GLN A 65 2.10 -6.47 1.25
CA GLN A 65 1.80 -6.51 2.68
C GLN A 65 1.17 -5.19 3.12
N ILE A 66 1.70 -4.07 2.63
CA ILE A 66 1.15 -2.77 2.96
C ILE A 66 -0.32 -2.70 2.57
N ALA A 67 -0.62 -3.24 1.39
CA ALA A 67 -1.98 -3.24 0.88
C ALA A 67 -2.90 -4.09 1.77
N SER A 68 -2.41 -5.26 2.20
CA SER A 68 -3.22 -6.13 3.04
C SER A 68 -3.38 -5.56 4.45
N GLU A 69 -2.29 -5.00 4.99
CA GLU A 69 -2.30 -4.41 6.32
C GLU A 69 -3.34 -3.28 6.40
N TYR A 70 -3.53 -2.59 5.29
CA TYR A 70 -4.48 -1.49 5.23
C TYR A 70 -5.86 -1.99 4.77
N LEU A 71 -5.87 -3.05 3.97
CA LEU A 71 -7.11 -3.63 3.45
C LEU A 71 -7.97 -4.12 4.61
N LYS A 72 -7.32 -4.74 5.59
CA LYS A 72 -8.02 -5.27 6.76
C LYS A 72 -8.63 -4.14 7.60
N LEU A 73 -8.15 -2.92 7.38
CA LEU A 73 -8.64 -1.76 8.11
C LEU A 73 -9.82 -1.11 7.40
N LYS A 74 -9.81 -1.18 6.06
CA LYS A 74 -10.89 -0.56 5.30
C LYS A 74 -12.16 -1.42 5.35
N GLU A 75 -11.98 -2.73 5.51
CA GLU A 75 -13.12 -3.64 5.57
C GLU A 75 -13.84 -3.50 6.91
N GLU A 76 -13.09 -3.28 7.98
CA GLU A 76 -13.68 -3.14 9.31
C GLU A 76 -14.43 -1.82 9.39
N TYR A 77 -13.96 -0.82 8.63
CA TYR A 77 -14.61 0.48 8.58
C TYR A 77 -16.04 0.33 8.10
N GLN A 78 -16.19 -0.40 7.00
CA GLN A 78 -17.52 -0.66 6.44
C GLN A 78 -18.33 -1.55 7.37
N ARG A 79 -17.65 -2.51 7.98
CA ARG A 79 -18.27 -3.47 8.89
C ARG A 79 -18.95 -2.79 10.08
N LEU A 80 -18.25 -1.85 10.71
CA LEU A 80 -18.81 -1.16 11.87
C LEU A 80 -19.84 -0.13 11.45
N ARG A 81 -19.68 0.41 10.25
CA ARG A 81 -20.61 1.42 9.75
C ARG A 81 -21.98 0.78 9.44
N GLU A 82 -21.95 -0.41 8.87
CA GLU A 82 -23.18 -1.13 8.53
C GLU A 82 -23.80 -1.76 9.78
N GLN A 83 -23.03 -1.83 10.85
CA GLN A 83 -23.52 -2.41 12.09
C GLN A 83 -24.21 -1.35 12.94
N LEU A 84 -24.01 -0.08 12.59
CA LEU A 84 -24.62 1.03 13.33
C LEU A 84 -25.92 1.47 12.67
N LYS A 85 -26.36 0.74 11.65
CA LYS A 85 -27.59 1.07 10.95
C LYS A 85 -28.71 0.15 11.43
N LYS A 86 -29.92 0.39 10.96
CA LYS A 86 -31.05 -0.42 11.35
C LYS A 86 -31.31 -1.49 10.28
N GLY B 1 12.28 -32.09 17.93
CA GLY B 1 11.28 -31.62 16.94
C GLY B 1 9.86 -31.95 17.36
N SER B 2 9.16 -30.96 17.92
CA SER B 2 7.79 -31.14 18.36
C SER B 2 6.84 -30.35 17.46
N HIS B 3 5.57 -30.35 17.82
CA HIS B 3 4.56 -29.63 17.05
C HIS B 3 4.04 -28.42 17.85
N MET B 4 3.57 -27.40 17.14
CA MET B 4 3.05 -26.21 17.77
C MET B 4 1.64 -26.46 18.31
N THR B 5 1.42 -26.15 19.58
CA THR B 5 0.13 -26.36 20.22
C THR B 5 -0.78 -25.14 20.09
N GLU B 6 -0.59 -24.38 19.01
CA GLU B 6 -1.40 -23.19 18.76
C GLU B 6 -1.28 -22.77 17.30
N GLN B 7 -2.13 -21.86 16.88
CA GLN B 7 -2.12 -21.38 15.50
C GLN B 7 -1.85 -19.88 15.46
N PRO B 8 -0.62 -19.50 15.09
CA PRO B 8 -0.23 -18.09 14.98
C PRO B 8 -0.54 -17.53 13.59
N LYS B 9 -0.07 -16.31 13.31
CA LYS B 9 -0.31 -15.71 12.00
C LYS B 9 0.47 -16.49 10.94
N THR B 10 -0.26 -17.23 10.11
CA THR B 10 0.34 -18.05 9.07
C THR B 10 0.84 -17.19 7.89
N ARG B 11 1.62 -17.83 7.02
CA ARG B 11 2.17 -17.16 5.85
C ARG B 11 1.54 -17.75 4.60
N VAL B 12 1.12 -16.89 3.68
CA VAL B 12 0.48 -17.32 2.46
C VAL B 12 1.38 -17.11 1.24
N SER B 13 1.27 -18.00 0.28
CA SER B 13 2.02 -17.93 -0.95
C SER B 13 1.15 -17.38 -2.08
N VAL B 14 1.55 -16.27 -2.68
CA VAL B 14 0.78 -15.66 -3.75
C VAL B 14 1.67 -15.34 -4.94
N ARG B 15 1.07 -14.90 -6.03
CA ARG B 15 1.81 -14.56 -7.23
C ARG B 15 1.44 -13.17 -7.70
N ILE B 16 2.46 -12.36 -8.00
CA ILE B 16 2.27 -10.99 -8.47
C ILE B 16 3.22 -10.72 -9.64
N TYR B 17 2.67 -10.22 -10.74
CA TYR B 17 3.44 -9.92 -11.95
C TYR B 17 4.18 -11.16 -12.46
N GLY B 18 3.59 -12.32 -12.23
CA GLY B 18 4.19 -13.57 -12.68
C GLY B 18 5.26 -14.10 -11.75
N GLN B 19 5.49 -13.42 -10.63
CA GLN B 19 6.50 -13.86 -9.67
C GLN B 19 5.83 -14.32 -8.38
N ASP B 20 6.45 -15.28 -7.71
CA ASP B 20 5.88 -15.83 -6.48
C ASP B 20 6.37 -15.05 -5.25
N TYR B 21 5.44 -14.77 -4.34
CA TYR B 21 5.75 -14.03 -3.13
C TYR B 21 5.12 -14.70 -1.92
N THR B 22 5.74 -14.55 -0.76
CA THR B 22 5.23 -15.14 0.47
C THR B 22 5.19 -14.09 1.57
N ILE B 23 4.01 -13.85 2.11
CA ILE B 23 3.84 -12.85 3.17
C ILE B 23 2.92 -13.39 4.26
N VAL B 24 2.78 -12.65 5.34
CA VAL B 24 1.93 -13.06 6.44
C VAL B 24 0.49 -12.65 6.18
N GLY B 25 -0.42 -13.63 6.21
CA GLY B 25 -1.82 -13.33 5.96
C GLY B 25 -2.73 -14.22 6.78
N ALA B 26 -3.19 -13.70 7.92
CA ALA B 26 -4.06 -14.47 8.79
C ALA B 26 -5.40 -13.77 9.02
N GLU B 27 -5.62 -12.67 8.33
CA GLU B 27 -6.86 -11.91 8.47
C GLU B 27 -8.01 -12.66 7.80
N SER B 28 -7.85 -12.94 6.52
CA SER B 28 -8.85 -13.67 5.76
C SER B 28 -8.21 -14.27 4.50
N PRO B 29 -8.22 -15.61 4.38
CA PRO B 29 -7.64 -16.32 3.23
C PRO B 29 -8.13 -15.80 1.88
N ALA B 30 -9.42 -15.45 1.81
CA ALA B 30 -9.99 -14.95 0.58
C ALA B 30 -9.49 -13.55 0.24
N HIS B 31 -9.42 -12.70 1.25
CA HIS B 31 -8.97 -11.32 1.06
C HIS B 31 -7.49 -11.25 0.68
N ILE B 32 -6.65 -11.98 1.42
CA ILE B 32 -5.21 -11.99 1.15
C ILE B 32 -4.88 -12.55 -0.23
N ARG B 33 -5.75 -13.43 -0.74
CA ARG B 33 -5.56 -14.03 -2.06
C ARG B 33 -5.81 -12.99 -3.15
N LEU B 34 -6.75 -12.10 -2.88
CA LEU B 34 -7.12 -11.06 -3.85
C LEU B 34 -6.13 -9.90 -3.82
N VAL B 35 -5.45 -9.72 -2.68
CA VAL B 35 -4.47 -8.63 -2.53
C VAL B 35 -3.40 -8.70 -3.62
N ALA B 36 -3.01 -9.92 -3.96
CA ALA B 36 -1.99 -10.13 -4.98
C ALA B 36 -2.42 -9.56 -6.33
N ALA B 37 -3.66 -9.85 -6.71
CA ALA B 37 -4.20 -9.37 -7.98
C ALA B 37 -4.37 -7.86 -7.95
N PHE B 38 -4.59 -7.31 -6.76
CA PHE B 38 -4.76 -5.87 -6.58
C PHE B 38 -3.46 -5.14 -6.89
N VAL B 39 -2.36 -5.68 -6.40
CA VAL B 39 -1.04 -5.10 -6.64
C VAL B 39 -0.62 -5.34 -8.09
N ASP B 40 -0.93 -6.54 -8.58
CA ASP B 40 -0.61 -6.92 -9.95
C ASP B 40 -1.19 -5.91 -10.94
N ASP B 41 -2.44 -5.53 -10.70
CA ASP B 41 -3.14 -4.58 -11.56
C ASP B 41 -2.53 -3.17 -11.44
N LYS B 42 -2.24 -2.77 -10.22
CA LYS B 42 -1.68 -1.45 -9.97
C LYS B 42 -0.32 -1.28 -10.62
N MET B 43 0.58 -2.24 -10.44
CA MET B 43 1.91 -2.16 -11.03
C MET B 43 1.86 -2.37 -12.54
N HIS B 44 0.75 -2.95 -13.01
CA HIS B 44 0.57 -3.20 -14.43
C HIS B 44 0.40 -1.88 -15.17
N GLU B 45 -0.49 -1.03 -14.67
CA GLU B 45 -0.74 0.27 -15.29
C GLU B 45 0.44 1.21 -15.06
N PHE B 46 1.30 0.86 -14.12
CA PHE B 46 2.47 1.65 -13.81
C PHE B 46 3.56 1.39 -14.85
N SER B 47 3.48 0.24 -15.50
CA SER B 47 4.45 -0.13 -16.52
C SER B 47 4.32 0.80 -17.74
N GLU B 48 3.19 1.50 -17.81
CA GLU B 48 2.92 2.44 -18.87
C GLU B 48 3.48 3.82 -18.51
N LYS B 49 3.79 3.99 -17.23
CA LYS B 49 4.31 5.26 -16.74
C LYS B 49 5.82 5.35 -16.99
N GLN B 50 6.54 4.31 -16.54
CA GLN B 50 7.99 4.22 -16.71
C GLN B 50 8.72 5.43 -16.09
N PRO B 51 9.01 5.38 -14.77
CA PRO B 51 9.70 6.46 -14.09
C PRO B 51 11.21 6.45 -14.36
N MET B 52 11.82 5.29 -14.25
CA MET B 52 13.25 5.14 -14.51
C MET B 52 13.50 3.91 -15.39
N LEU B 53 12.45 3.44 -16.06
CA LEU B 53 12.51 2.26 -16.92
C LEU B 53 13.21 1.09 -16.22
N ASP B 54 12.72 0.75 -15.03
CA ASP B 54 13.32 -0.33 -14.26
C ASP B 54 12.27 -0.98 -13.37
N VAL B 55 12.43 -2.28 -13.14
CA VAL B 55 11.51 -3.06 -12.33
C VAL B 55 11.47 -2.58 -10.86
N PRO B 56 12.62 -2.48 -10.16
CA PRO B 56 12.65 -2.06 -8.74
C PRO B 56 12.13 -0.64 -8.52
N LYS B 57 12.30 0.22 -9.53
CA LYS B 57 11.86 1.60 -9.43
C LYS B 57 10.38 1.73 -9.79
N LEU B 58 9.78 0.63 -10.21
CA LEU B 58 8.37 0.63 -10.58
C LEU B 58 7.51 0.15 -9.42
N ALA B 59 7.91 -0.97 -8.83
CA ALA B 59 7.18 -1.57 -7.72
C ALA B 59 7.08 -0.61 -6.54
N VAL B 60 8.21 -0.04 -6.14
CA VAL B 60 8.23 0.88 -5.01
C VAL B 60 7.40 2.14 -5.32
N LEU B 61 7.31 2.47 -6.60
CA LEU B 61 6.52 3.62 -7.04
C LEU B 61 5.05 3.36 -6.80
N THR B 62 4.66 2.09 -6.94
CA THR B 62 3.29 1.69 -6.74
C THR B 62 2.97 1.66 -5.25
N ALA B 63 3.93 1.17 -4.46
CA ALA B 63 3.77 1.06 -3.02
C ALA B 63 3.46 2.41 -2.38
N VAL B 64 4.22 3.44 -2.77
CA VAL B 64 4.02 4.77 -2.22
C VAL B 64 2.68 5.37 -2.67
N GLN B 65 2.27 5.09 -3.91
CA GLN B 65 1.01 5.62 -4.39
C GLN B 65 -0.16 4.90 -3.71
N ILE B 66 -0.03 3.58 -3.55
CA ILE B 66 -1.07 2.79 -2.89
C ILE B 66 -1.25 3.30 -1.47
N ALA B 67 -0.13 3.52 -0.80
CA ALA B 67 -0.14 4.03 0.56
C ALA B 67 -0.86 5.37 0.63
N SER B 68 -0.58 6.23 -0.34
CA SER B 68 -1.21 7.55 -0.40
C SER B 68 -2.72 7.44 -0.60
N GLU B 69 -3.12 6.58 -1.52
CA GLU B 69 -4.54 6.37 -1.83
C GLU B 69 -5.33 5.93 -0.61
N TYR B 70 -4.78 5.01 0.17
CA TYR B 70 -5.47 4.50 1.34
C TYR B 70 -5.17 5.29 2.61
N LEU B 71 -4.09 6.06 2.62
CA LEU B 71 -3.73 6.86 3.78
C LEU B 71 -4.80 7.93 4.02
N LYS B 72 -5.27 8.53 2.94
CA LYS B 72 -6.30 9.56 3.04
C LYS B 72 -7.61 8.93 3.52
N LEU B 73 -7.81 7.67 3.15
CA LEU B 73 -9.01 6.93 3.53
C LEU B 73 -9.00 6.62 5.02
N LYS B 74 -7.85 6.15 5.51
CA LYS B 74 -7.72 5.81 6.92
C LYS B 74 -7.72 7.07 7.78
N GLU B 75 -7.36 8.20 7.18
CA GLU B 75 -7.32 9.47 7.88
C GLU B 75 -8.74 10.01 8.05
N GLU B 76 -9.47 10.07 6.95
CA GLU B 76 -10.85 10.57 6.98
C GLU B 76 -11.72 9.62 7.79
N TYR B 77 -11.26 8.37 7.91
CA TYR B 77 -11.95 7.35 8.67
C TYR B 77 -12.17 7.81 10.12
N GLN B 78 -11.22 8.55 10.64
CA GLN B 78 -11.33 9.06 12.00
C GLN B 78 -12.12 10.37 12.03
N ARG B 79 -12.00 11.14 10.95
CA ARG B 79 -12.67 12.43 10.85
C ARG B 79 -14.20 12.30 10.90
N LEU B 80 -14.78 11.47 10.06
CA LEU B 80 -16.23 11.32 10.05
C LEU B 80 -16.73 10.56 11.29
N ARG B 81 -15.81 9.98 12.05
CA ARG B 81 -16.19 9.26 13.25
C ARG B 81 -16.18 10.21 14.44
N GLU B 82 -15.18 11.08 14.49
CA GLU B 82 -15.07 12.06 15.57
C GLU B 82 -16.17 13.11 15.42
N GLN B 83 -16.61 13.32 14.18
CA GLN B 83 -17.68 14.26 13.87
C GLN B 83 -19.03 13.72 14.36
N LEU B 84 -19.05 12.43 14.64
CA LEU B 84 -20.26 11.76 15.10
C LEU B 84 -20.26 11.66 16.62
N LYS B 85 -19.24 12.23 17.24
CA LYS B 85 -19.14 12.22 18.70
C LYS B 85 -19.52 13.58 19.27
N LYS B 86 -19.39 13.71 20.58
CA LYS B 86 -19.72 14.94 21.28
C LYS B 86 -19.06 14.95 22.65
N GLY A 1 6.81 35.04 -17.50
CA GLY A 1 5.33 34.95 -17.49
C GLY A 1 4.82 34.23 -16.25
N SER A 2 3.79 34.78 -15.63
CA SER A 2 3.24 34.18 -14.43
C SER A 2 2.06 33.26 -14.76
N HIS A 3 1.67 32.44 -13.79
CA HIS A 3 0.57 31.52 -13.97
C HIS A 3 -0.36 31.57 -12.77
N MET A 4 -1.54 32.12 -12.96
CA MET A 4 -2.53 32.22 -11.89
C MET A 4 -3.73 31.32 -12.19
N THR A 5 -3.78 30.18 -11.54
CA THR A 5 -4.86 29.23 -11.75
C THR A 5 -5.21 28.53 -10.44
N GLU A 6 -6.02 27.48 -10.53
CA GLU A 6 -6.41 26.72 -9.36
C GLU A 6 -5.35 25.68 -9.03
N GLN A 7 -5.63 24.83 -8.05
CA GLN A 7 -4.69 23.79 -7.67
C GLN A 7 -5.25 22.41 -8.02
N PRO A 8 -4.92 21.91 -9.22
CA PRO A 8 -5.38 20.60 -9.67
C PRO A 8 -4.50 19.47 -9.15
N LYS A 9 -4.75 18.25 -9.60
CA LYS A 9 -3.95 17.10 -9.18
C LYS A 9 -2.53 17.23 -9.69
N THR A 10 -1.65 17.75 -8.85
CA THR A 10 -0.26 17.93 -9.19
C THR A 10 0.56 16.73 -8.72
N ARG A 11 1.76 16.59 -9.26
CA ARG A 11 2.64 15.51 -8.88
C ARG A 11 3.74 16.00 -7.95
N VAL A 12 3.96 15.28 -6.87
CA VAL A 12 4.97 15.64 -5.90
C VAL A 12 6.18 14.71 -6.02
N SER A 13 7.36 15.26 -5.84
CA SER A 13 8.58 14.48 -5.92
C SER A 13 9.03 14.08 -4.52
N VAL A 14 9.00 12.79 -4.24
CA VAL A 14 9.40 12.29 -2.92
C VAL A 14 10.51 11.26 -3.04
N ARG A 15 11.39 11.25 -2.05
CA ARG A 15 12.52 10.33 -2.03
C ARG A 15 12.16 9.03 -1.30
N ILE A 16 12.32 7.91 -1.97
CA ILE A 16 12.03 6.61 -1.39
C ILE A 16 13.19 5.64 -1.66
N TYR A 17 13.76 5.11 -0.58
CA TYR A 17 14.88 4.16 -0.64
C TYR A 17 16.17 4.80 -1.14
N GLY A 18 16.07 6.03 -1.65
CA GLY A 18 17.25 6.72 -2.13
C GLY A 18 16.98 7.51 -3.40
N GLN A 19 15.99 7.07 -4.15
CA GLN A 19 15.64 7.75 -5.40
C GLN A 19 14.34 8.51 -5.22
N ASP A 20 14.18 9.60 -5.95
CA ASP A 20 12.97 10.41 -5.85
C ASP A 20 12.07 10.15 -7.05
N TYR A 21 10.77 10.09 -6.80
CA TYR A 21 9.79 9.84 -7.85
C TYR A 21 8.69 10.88 -7.80
N THR A 22 8.05 11.10 -8.93
CA THR A 22 6.96 12.06 -9.01
C THR A 22 5.61 11.35 -8.99
N ILE A 23 4.94 11.40 -7.86
CA ILE A 23 3.65 10.74 -7.70
C ILE A 23 2.54 11.77 -7.53
N VAL A 24 1.29 11.32 -7.69
CA VAL A 24 0.15 12.21 -7.56
C VAL A 24 -0.19 12.38 -6.08
N GLY A 25 -0.25 13.62 -5.62
CA GLY A 25 -0.55 13.88 -4.22
C GLY A 25 -1.30 15.17 -4.02
N ALA A 26 -2.61 15.14 -4.21
CA ALA A 26 -3.43 16.33 -4.05
C ALA A 26 -4.37 16.22 -2.85
N GLU A 27 -4.37 15.06 -2.20
CA GLU A 27 -5.24 14.84 -1.05
C GLU A 27 -4.75 15.64 0.16
N SER A 28 -3.43 15.80 0.27
CA SER A 28 -2.82 16.55 1.38
C SER A 28 -1.32 16.66 1.16
N PRO A 29 -0.80 17.88 1.01
CA PRO A 29 0.63 18.11 0.77
C PRO A 29 1.51 17.66 1.93
N ALA A 30 0.92 17.61 3.12
CA ALA A 30 1.65 17.20 4.31
C ALA A 30 1.54 15.69 4.53
N HIS A 31 0.40 15.12 4.17
CA HIS A 31 0.17 13.70 4.34
C HIS A 31 0.93 12.87 3.31
N ILE A 32 0.99 13.36 2.08
CA ILE A 32 1.69 12.66 0.99
C ILE A 32 3.18 12.58 1.24
N ARG A 33 3.71 13.49 2.03
CA ARG A 33 5.14 13.53 2.34
C ARG A 33 5.53 12.40 3.29
N LEU A 34 4.70 12.14 4.30
CA LEU A 34 5.00 11.10 5.27
C LEU A 34 4.75 9.71 4.68
N VAL A 35 4.08 9.67 3.53
CA VAL A 35 3.80 8.40 2.86
C VAL A 35 5.08 7.75 2.40
N ALA A 36 5.94 8.55 1.77
CA ALA A 36 7.22 8.06 1.28
C ALA A 36 8.06 7.51 2.42
N ALA A 37 8.06 8.20 3.55
CA ALA A 37 8.82 7.77 4.72
C ALA A 37 8.27 6.46 5.27
N PHE A 38 6.97 6.25 5.13
CA PHE A 38 6.31 5.05 5.60
C PHE A 38 6.82 3.83 4.81
N VAL A 39 6.89 3.99 3.50
CA VAL A 39 7.36 2.91 2.62
C VAL A 39 8.87 2.76 2.73
N ASP A 40 9.57 3.90 2.76
CA ASP A 40 11.03 3.92 2.86
C ASP A 40 11.49 3.13 4.09
N ASP A 41 10.82 3.37 5.21
CA ASP A 41 11.14 2.70 6.46
C ASP A 41 10.82 1.21 6.37
N LYS A 42 9.70 0.88 5.72
CA LYS A 42 9.29 -0.50 5.56
C LYS A 42 10.29 -1.27 4.70
N MET A 43 10.81 -0.60 3.67
CA MET A 43 11.79 -1.21 2.79
C MET A 43 13.11 -1.42 3.52
N HIS A 44 13.32 -0.63 4.56
CA HIS A 44 14.53 -0.69 5.36
C HIS A 44 14.53 -1.90 6.29
N GLU A 45 13.37 -2.22 6.86
CA GLU A 45 13.27 -3.34 7.79
C GLU A 45 13.33 -4.68 7.05
N PHE A 46 12.80 -4.73 5.83
CA PHE A 46 12.80 -5.98 5.07
C PHE A 46 14.08 -6.15 4.26
N SER A 47 15.00 -5.20 4.36
CA SER A 47 16.25 -5.26 3.62
C SER A 47 17.21 -6.26 4.25
N GLU A 48 16.93 -6.64 5.49
CA GLU A 48 17.78 -7.58 6.21
C GLU A 48 17.38 -9.03 5.90
N LYS A 49 16.28 -9.19 5.19
CA LYS A 49 15.80 -10.52 4.82
C LYS A 49 16.60 -11.06 3.64
N GLN A 50 16.55 -10.33 2.52
CA GLN A 50 17.26 -10.70 1.30
C GLN A 50 16.98 -12.15 0.89
N PRO A 51 15.72 -12.46 0.54
CA PRO A 51 15.34 -13.82 0.13
C PRO A 51 15.90 -14.18 -1.23
N MET A 52 15.75 -13.27 -2.18
CA MET A 52 16.24 -13.48 -3.54
C MET A 52 17.40 -12.54 -3.84
N LEU A 53 17.79 -11.75 -2.83
CA LEU A 53 18.88 -10.78 -2.96
C LEU A 53 18.67 -9.86 -4.15
N ASP A 54 17.41 -9.50 -4.40
CA ASP A 54 17.07 -8.62 -5.50
C ASP A 54 16.27 -7.43 -4.99
N VAL A 55 16.61 -6.25 -5.47
CA VAL A 55 15.96 -5.01 -5.04
C VAL A 55 14.44 -4.99 -5.32
N PRO A 56 13.98 -5.31 -6.54
CA PRO A 56 12.53 -5.30 -6.86
C PRO A 56 11.73 -6.24 -5.96
N LYS A 57 12.38 -7.30 -5.49
CA LYS A 57 11.72 -8.28 -4.62
C LYS A 57 11.38 -7.65 -3.26
N LEU A 58 12.05 -6.56 -2.95
CA LEU A 58 11.84 -5.85 -1.71
C LEU A 58 10.65 -4.89 -1.83
N ALA A 59 10.74 -4.01 -2.82
CA ALA A 59 9.71 -3.02 -3.08
C ALA A 59 8.34 -3.63 -3.29
N VAL A 60 8.29 -4.71 -4.07
CA VAL A 60 7.02 -5.37 -4.34
C VAL A 60 6.49 -6.09 -3.09
N LEU A 61 7.38 -6.46 -2.20
CA LEU A 61 7.00 -7.14 -0.97
C LEU A 61 6.35 -6.15 0.00
N THR A 62 6.95 -4.97 0.10
CA THR A 62 6.42 -3.95 0.98
C THR A 62 5.09 -3.44 0.47
N ALA A 63 4.93 -3.44 -0.85
CA ALA A 63 3.70 -2.98 -1.49
C ALA A 63 2.51 -3.84 -1.06
N VAL A 64 2.65 -5.14 -1.22
CA VAL A 64 1.58 -6.07 -0.86
C VAL A 64 1.37 -6.14 0.65
N GLN A 65 2.44 -5.96 1.42
CA GLN A 65 2.34 -5.99 2.88
C GLN A 65 1.54 -4.81 3.40
N ILE A 66 1.79 -3.64 2.82
CA ILE A 66 1.10 -2.42 3.20
C ILE A 66 -0.36 -2.49 2.75
N ALA A 67 -0.58 -2.95 1.53
CA ALA A 67 -1.92 -3.05 0.97
C ALA A 67 -2.83 -3.97 1.78
N SER A 68 -2.32 -5.13 2.17
CA SER A 68 -3.13 -6.09 2.92
C SER A 68 -3.54 -5.54 4.29
N GLU A 69 -2.58 -4.98 5.01
CA GLU A 69 -2.83 -4.43 6.33
C GLU A 69 -3.82 -3.26 6.29
N TYR A 70 -3.80 -2.50 5.19
CA TYR A 70 -4.70 -1.37 5.04
C TYR A 70 -6.06 -1.81 4.50
N LEU A 71 -6.06 -2.86 3.69
CA LEU A 71 -7.30 -3.38 3.11
C LEU A 71 -8.22 -3.93 4.20
N LYS A 72 -7.61 -4.47 5.26
CA LYS A 72 -8.39 -5.03 6.36
C LYS A 72 -9.00 -3.90 7.21
N LEU A 73 -8.46 -2.70 7.06
CA LEU A 73 -8.93 -1.54 7.82
C LEU A 73 -10.08 -0.86 7.10
N LYS A 74 -10.03 -0.82 5.77
CA LYS A 74 -11.09 -0.17 4.99
C LYS A 74 -12.40 -0.95 5.09
N GLU A 75 -12.29 -2.26 5.35
CA GLU A 75 -13.48 -3.09 5.48
C GLU A 75 -14.09 -2.92 6.87
N GLU A 76 -13.26 -2.51 7.83
CA GLU A 76 -13.71 -2.30 9.20
C GLU A 76 -14.69 -1.13 9.24
N TYR A 77 -14.40 -0.11 8.45
CA TYR A 77 -15.23 1.08 8.37
C TYR A 77 -16.65 0.73 7.94
N GLN A 78 -16.75 0.04 6.81
CA GLN A 78 -18.05 -0.36 6.29
C GLN A 78 -18.72 -1.41 7.17
N ARG A 79 -17.91 -2.13 7.94
CA ARG A 79 -18.41 -3.17 8.83
C ARG A 79 -19.10 -2.54 10.03
N LEU A 80 -18.49 -1.47 10.53
CA LEU A 80 -19.01 -0.74 11.67
C LEU A 80 -20.24 0.08 11.29
N ARG A 81 -20.27 0.56 10.06
CA ARG A 81 -21.37 1.38 9.59
C ARG A 81 -22.60 0.56 9.22
N GLU A 82 -22.39 -0.63 8.64
CA GLU A 82 -23.51 -1.47 8.23
C GLU A 82 -24.31 -1.95 9.45
N GLN A 83 -23.61 -2.21 10.55
CA GLN A 83 -24.27 -2.65 11.77
C GLN A 83 -24.84 -1.47 12.53
N LEU A 84 -24.49 -0.26 12.09
CA LEU A 84 -24.95 0.97 12.73
C LEU A 84 -26.13 1.56 11.97
N LYS A 85 -26.69 0.76 11.07
CA LYS A 85 -27.84 1.17 10.27
C LYS A 85 -28.80 0.00 10.10
N LYS A 86 -29.94 0.26 9.48
CA LYS A 86 -30.93 -0.79 9.25
C LYS A 86 -30.52 -1.60 8.03
N GLY B 1 3.67 -37.44 11.75
CA GLY B 1 2.48 -37.28 12.60
C GLY B 1 1.77 -35.97 12.33
N SER B 2 0.45 -36.01 12.29
CA SER B 2 -0.35 -34.82 12.03
C SER B 2 -0.31 -33.87 13.22
N HIS B 3 -0.20 -32.58 12.95
CA HIS B 3 -0.16 -31.57 14.01
C HIS B 3 -1.48 -30.81 14.06
N MET B 4 -2.15 -30.89 15.20
CA MET B 4 -3.43 -30.22 15.39
C MET B 4 -3.28 -29.07 16.39
N THR B 5 -3.04 -27.88 15.87
CA THR B 5 -2.88 -26.70 16.71
C THR B 5 -3.91 -25.64 16.34
N GLU B 6 -3.84 -24.48 16.99
CA GLU B 6 -4.77 -23.38 16.73
C GLU B 6 -4.44 -22.71 15.41
N GLN B 7 -5.15 -21.62 15.09
CA GLN B 7 -4.92 -20.91 13.85
C GLN B 7 -4.50 -19.47 14.12
N PRO B 8 -3.20 -19.24 14.38
CA PRO B 8 -2.66 -17.92 14.65
C PRO B 8 -2.16 -17.25 13.38
N LYS B 9 -1.46 -16.12 13.51
CA LYS B 9 -0.92 -15.41 12.35
C LYS B 9 0.01 -16.33 11.55
N THR B 10 -0.49 -16.84 10.44
CA THR B 10 0.28 -17.73 9.60
C THR B 10 0.71 -17.03 8.32
N ARG B 11 1.61 -17.66 7.57
CA ARG B 11 2.10 -17.08 6.34
C ARG B 11 1.37 -17.70 5.14
N VAL B 12 1.25 -16.92 4.08
CA VAL B 12 0.59 -17.37 2.87
C VAL B 12 1.44 -17.02 1.66
N SER B 13 1.38 -17.85 0.64
CA SER B 13 2.14 -17.63 -0.57
C SER B 13 1.22 -17.07 -1.66
N VAL B 14 1.62 -15.96 -2.26
CA VAL B 14 0.84 -15.32 -3.30
C VAL B 14 1.70 -15.09 -4.54
N ARG B 15 1.08 -15.05 -5.70
CA ARG B 15 1.81 -14.85 -6.94
C ARG B 15 1.53 -13.47 -7.52
N ILE B 16 2.54 -12.60 -7.49
CA ILE B 16 2.41 -11.26 -8.03
C ILE B 16 3.51 -11.02 -9.05
N TYR B 17 3.12 -10.54 -10.23
CA TYR B 17 4.05 -10.27 -11.32
C TYR B 17 4.72 -11.57 -11.77
N GLY B 18 4.00 -12.67 -11.62
CA GLY B 18 4.51 -13.97 -12.02
C GLY B 18 5.42 -14.63 -11.00
N GLN B 19 5.84 -13.89 -10.00
CA GLN B 19 6.72 -14.43 -8.98
C GLN B 19 5.94 -14.78 -7.71
N ASP B 20 6.40 -15.81 -7.01
CA ASP B 20 5.75 -16.27 -5.79
C ASP B 20 6.36 -15.58 -4.56
N TYR B 21 5.53 -14.90 -3.78
CA TYR B 21 5.99 -14.20 -2.59
C TYR B 21 5.26 -14.73 -1.36
N THR B 22 5.92 -14.70 -0.22
CA THR B 22 5.33 -15.15 1.03
C THR B 22 5.05 -13.97 1.94
N ILE B 23 3.81 -13.87 2.41
CA ILE B 23 3.40 -12.79 3.30
C ILE B 23 2.60 -13.34 4.47
N VAL B 24 2.21 -12.47 5.39
CA VAL B 24 1.43 -12.90 6.56
C VAL B 24 -0.04 -12.53 6.38
N GLY B 25 -0.91 -13.52 6.44
CA GLY B 25 -2.33 -13.27 6.27
C GLY B 25 -3.12 -13.75 7.48
N ALA B 26 -3.52 -12.81 8.33
CA ALA B 26 -4.27 -13.15 9.53
C ALA B 26 -5.70 -12.61 9.49
N GLU B 27 -6.13 -12.16 8.31
CA GLU B 27 -7.47 -11.62 8.17
C GLU B 27 -8.40 -12.67 7.58
N SER B 28 -8.11 -13.07 6.34
CA SER B 28 -8.92 -14.05 5.64
C SER B 28 -8.19 -14.50 4.38
N PRO B 29 -8.23 -15.81 4.07
CA PRO B 29 -7.56 -16.35 2.88
C PRO B 29 -8.03 -15.69 1.58
N ALA B 30 -9.31 -15.32 1.54
CA ALA B 30 -9.87 -14.67 0.36
C ALA B 30 -9.47 -13.20 0.32
N HIS B 31 -9.46 -12.57 1.48
CA HIS B 31 -9.11 -11.16 1.61
C HIS B 31 -7.66 -10.92 1.17
N ILE B 32 -6.77 -11.77 1.67
CA ILE B 32 -5.36 -11.66 1.36
C ILE B 32 -5.05 -12.13 -0.06
N ARG B 33 -5.95 -12.89 -0.64
CA ARG B 33 -5.77 -13.41 -2.00
C ARG B 33 -6.00 -12.31 -3.03
N LEU B 34 -7.03 -11.50 -2.81
CA LEU B 34 -7.34 -10.41 -3.73
C LEU B 34 -6.29 -9.31 -3.67
N VAL B 35 -5.54 -9.27 -2.57
CA VAL B 35 -4.49 -8.26 -2.40
C VAL B 35 -3.42 -8.44 -3.47
N ALA B 36 -3.10 -9.70 -3.74
CA ALA B 36 -2.09 -10.04 -4.73
C ALA B 36 -2.46 -9.50 -6.11
N ALA B 37 -3.69 -9.78 -6.52
CA ALA B 37 -4.18 -9.34 -7.82
C ALA B 37 -4.29 -7.82 -7.88
N PHE B 38 -4.50 -7.20 -6.72
CA PHE B 38 -4.62 -5.75 -6.62
C PHE B 38 -3.28 -5.08 -6.92
N VAL B 39 -2.22 -5.63 -6.36
CA VAL B 39 -0.87 -5.10 -6.58
C VAL B 39 -0.44 -5.36 -8.02
N ASP B 40 -0.67 -6.59 -8.48
CA ASP B 40 -0.31 -6.99 -9.83
C ASP B 40 -1.03 -6.11 -10.85
N ASP B 41 -2.27 -5.75 -10.54
CA ASP B 41 -3.07 -4.90 -11.41
C ASP B 41 -2.44 -3.53 -11.59
N LYS B 42 -1.95 -2.96 -10.50
CA LYS B 42 -1.33 -1.64 -10.53
C LYS B 42 0.05 -1.68 -11.18
N MET B 43 0.80 -2.74 -10.93
CA MET B 43 2.14 -2.88 -11.51
C MET B 43 2.08 -3.15 -13.00
N HIS B 44 1.00 -3.79 -13.44
CA HIS B 44 0.85 -4.14 -14.85
C HIS B 44 0.43 -2.94 -15.71
N GLU B 45 0.01 -1.86 -15.08
CA GLU B 45 -0.40 -0.68 -15.82
C GLU B 45 0.70 0.38 -15.85
N PHE B 46 1.59 0.34 -14.87
CA PHE B 46 2.67 1.32 -14.81
C PHE B 46 3.88 0.85 -15.62
N SER B 47 3.91 -0.43 -15.97
CA SER B 47 5.01 -0.98 -16.75
C SER B 47 5.07 -0.34 -18.14
N GLU B 48 3.93 0.11 -18.62
CA GLU B 48 3.86 0.75 -19.94
C GLU B 48 4.47 2.15 -19.90
N LYS B 49 4.60 2.69 -18.69
CA LYS B 49 5.17 4.02 -18.52
C LYS B 49 6.68 3.93 -18.38
N GLN B 50 7.12 3.10 -17.43
CA GLN B 50 8.53 2.88 -17.15
C GLN B 50 9.33 4.18 -17.08
N PRO B 51 9.13 4.98 -16.01
CA PRO B 51 9.83 6.26 -15.84
C PRO B 51 11.35 6.10 -15.78
N MET B 52 11.80 5.09 -15.05
CA MET B 52 13.23 4.82 -14.92
C MET B 52 13.61 3.56 -15.67
N LEU B 53 12.63 2.94 -16.33
CA LEU B 53 12.82 1.71 -17.09
C LEU B 53 13.57 0.67 -16.25
N ASP B 54 13.13 0.54 -15.00
CA ASP B 54 13.73 -0.40 -14.06
C ASP B 54 12.65 -1.05 -13.20
N VAL B 55 12.75 -2.36 -13.01
CA VAL B 55 11.76 -3.11 -12.23
C VAL B 55 11.62 -2.61 -10.78
N PRO B 56 12.72 -2.51 -10.00
CA PRO B 56 12.65 -2.04 -8.61
C PRO B 56 12.06 -0.65 -8.47
N LYS B 57 12.26 0.18 -9.49
CA LYS B 57 11.75 1.55 -9.47
C LYS B 57 10.25 1.58 -9.75
N LEU B 58 9.72 0.48 -10.27
CA LEU B 58 8.31 0.36 -10.57
C LEU B 58 7.54 -0.20 -9.38
N ALA B 59 8.12 -1.22 -8.77
CA ALA B 59 7.50 -1.87 -7.62
C ALA B 59 7.37 -0.93 -6.43
N VAL B 60 8.30 0.00 -6.30
CA VAL B 60 8.26 0.96 -5.20
C VAL B 60 7.29 2.09 -5.51
N LEU B 61 7.07 2.33 -6.80
CA LEU B 61 6.17 3.39 -7.26
C LEU B 61 4.73 3.03 -6.92
N THR B 62 4.38 1.77 -7.14
CA THR B 62 3.04 1.29 -6.85
C THR B 62 2.78 1.26 -5.36
N ALA B 63 3.83 0.93 -4.59
CA ALA B 63 3.73 0.85 -3.14
C ALA B 63 3.39 2.21 -2.52
N VAL B 64 4.10 3.24 -2.93
CA VAL B 64 3.87 4.57 -2.39
C VAL B 64 2.54 5.16 -2.87
N GLN B 65 2.13 4.82 -4.09
CA GLN B 65 0.88 5.33 -4.63
C GLN B 65 -0.32 4.61 -4.00
N ILE B 66 -0.15 3.33 -3.73
CA ILE B 66 -1.21 2.55 -3.10
C ILE B 66 -1.35 2.93 -1.62
N ALA B 67 -0.29 3.48 -1.06
CA ALA B 67 -0.29 3.86 0.34
C ALA B 67 -0.81 5.28 0.55
N SER B 68 -0.53 6.18 -0.40
CA SER B 68 -0.98 7.56 -0.27
C SER B 68 -2.49 7.68 -0.23
N GLU B 69 -3.14 7.07 -1.21
CA GLU B 69 -4.59 7.12 -1.31
C GLU B 69 -5.26 6.33 -0.18
N TYR B 70 -4.61 5.25 0.25
CA TYR B 70 -5.15 4.41 1.31
C TYR B 70 -4.90 4.99 2.70
N LEU B 71 -3.84 5.78 2.84
CA LEU B 71 -3.54 6.41 4.12
C LEU B 71 -4.55 7.51 4.41
N LYS B 72 -5.16 8.01 3.35
CA LYS B 72 -6.17 9.05 3.47
C LYS B 72 -7.52 8.44 3.84
N LEU B 73 -7.65 7.13 3.61
CA LEU B 73 -8.88 6.41 3.92
C LEU B 73 -9.09 6.41 5.43
N LYS B 74 -8.04 6.08 6.18
CA LYS B 74 -8.13 6.03 7.64
C LYS B 74 -8.31 7.44 8.19
N GLU B 75 -7.79 8.44 7.48
CA GLU B 75 -7.92 9.82 7.90
C GLU B 75 -9.38 10.24 7.82
N GLU B 76 -10.01 9.87 6.71
CA GLU B 76 -11.42 10.17 6.49
C GLU B 76 -12.26 9.48 7.55
N TYR B 77 -11.90 8.23 7.84
CA TYR B 77 -12.59 7.42 8.84
C TYR B 77 -12.60 8.09 10.20
N GLN B 78 -11.41 8.41 10.71
CA GLN B 78 -11.28 9.05 12.01
C GLN B 78 -12.00 10.39 12.05
N ARG B 79 -11.90 11.12 10.95
CA ARG B 79 -12.51 12.45 10.83
C ARG B 79 -14.02 12.40 11.06
N LEU B 80 -14.71 11.55 10.32
CA LEU B 80 -16.17 11.46 10.42
C LEU B 80 -16.62 10.79 11.72
N ARG B 81 -15.75 9.97 12.30
CA ARG B 81 -16.09 9.28 13.53
C ARG B 81 -15.92 10.17 14.76
N GLU B 82 -14.89 11.01 14.76
CA GLU B 82 -14.66 11.89 15.89
C GLU B 82 -15.67 13.03 15.91
N GLN B 83 -16.12 13.46 14.74
CA GLN B 83 -17.10 14.54 14.63
C GLN B 83 -18.50 14.02 14.95
N LEU B 84 -18.59 12.75 15.31
CA LEU B 84 -19.85 12.13 15.65
C LEU B 84 -20.03 12.11 17.16
N LYS B 85 -19.05 12.68 17.87
CA LYS B 85 -19.09 12.73 19.32
C LYS B 85 -19.78 14.00 19.81
N LYS B 86 -19.63 15.07 19.04
CA LYS B 86 -20.23 16.35 19.38
C LYS B 86 -21.14 16.80 18.27
#